data_2RSE
#
_entry.id   2RSE
#
loop_
_entity.id
_entity.type
_entity.pdbx_description
1 polymer 'Peptidyl-prolyl cis-trans isomerase FKBP1A'
2 polymer 'Serine/threonine-protein kinase mTOR'
3 non-polymer 'TERBIUM(III) ION'
#
loop_
_entity_poly.entity_id
_entity_poly.type
_entity_poly.pdbx_seq_one_letter_code
_entity_poly.pdbx_strand_id
1 'polypeptide(L)'
;GVQVETISPGDGRTFPKRGQTCVVHYTGMLEDGKKFDSSRDRNKPFKFMLGKQEVIRGWEEGVAQMSVGQRAKLTISPDY
AYGATGHPGIIPPHATLVFDVELLKLE
;
A
2 'polypeptide(L)'
;VAILWHEMWHEGLEEASRLYFGERNVKGMFEVLEPLHAMMERGPQTLKETSFNQAYGRDLMEAQEWCRKYMKSGNVKDLT
QAWDLYYHVFRRIS
;
B
#
loop_
_chem_comp.id
_chem_comp.type
_chem_comp.name
_chem_comp.formula
TB non-polymer 'TERBIUM(III) ION' 'Tb 3'
#
# COMPACT_ATOMS: atom_id res chain seq x y z
N GLY A 1 2.36 -19.96 -10.18
CA GLY A 1 1.44 -19.04 -10.80
C GLY A 1 0.41 -18.59 -9.78
N VAL A 2 -0.81 -18.35 -10.26
CA VAL A 2 -1.95 -17.97 -9.45
C VAL A 2 -3.11 -18.87 -9.90
N GLN A 3 -3.74 -19.49 -8.93
CA GLN A 3 -4.92 -20.31 -9.19
C GLN A 3 -6.12 -19.48 -8.73
N VAL A 4 -7.21 -19.33 -9.48
CA VAL A 4 -8.36 -18.53 -9.09
C VAL A 4 -9.50 -19.54 -8.91
N GLU A 5 -10.03 -19.69 -7.71
CA GLU A 5 -11.16 -20.58 -7.46
C GLU A 5 -12.36 -19.74 -7.03
N THR A 6 -13.53 -19.81 -7.65
CA THR A 6 -14.67 -18.95 -7.34
C THR A 6 -15.36 -19.21 -6.01
N ILE A 7 -15.55 -18.19 -5.18
CA ILE A 7 -16.40 -18.31 -4.01
C ILE A 7 -17.84 -17.92 -4.40
N SER A 8 -18.06 -16.85 -5.16
CA SER A 8 -19.36 -16.41 -5.64
C SER A 8 -19.14 -15.82 -7.03
N PRO A 9 -19.95 -16.13 -8.01
CA PRO A 9 -19.77 -15.66 -9.37
C PRO A 9 -20.01 -14.17 -9.56
N GLY A 10 -19.23 -13.58 -10.45
CA GLY A 10 -19.48 -12.22 -10.87
C GLY A 10 -20.47 -12.23 -12.01
N ASP A 11 -20.54 -11.14 -12.76
CA ASP A 11 -21.46 -11.09 -13.86
C ASP A 11 -21.02 -11.83 -15.12
N GLY A 12 -19.76 -12.29 -15.17
CA GLY A 12 -19.23 -13.02 -16.32
C GLY A 12 -19.09 -12.19 -17.59
N ARG A 13 -19.14 -10.86 -17.51
CA ARG A 13 -19.14 -10.01 -18.68
C ARG A 13 -18.19 -8.83 -18.52
N THR A 14 -18.18 -8.20 -17.35
CA THR A 14 -17.38 -7.02 -17.06
C THR A 14 -16.09 -7.35 -16.35
N PHE A 15 -15.02 -7.30 -17.11
CA PHE A 15 -13.70 -7.67 -16.64
C PHE A 15 -12.84 -6.43 -16.62
N PRO A 16 -11.85 -6.25 -15.72
CA PRO A 16 -10.97 -5.08 -15.71
C PRO A 16 -10.17 -4.98 -17.00
N LYS A 17 -9.94 -3.73 -17.40
CA LYS A 17 -9.03 -3.40 -18.46
C LYS A 17 -7.77 -2.82 -17.78
N ARG A 18 -6.64 -2.96 -18.46
CA ARG A 18 -5.39 -2.33 -18.08
C ARG A 18 -5.64 -0.83 -17.95
N GLY A 19 -5.16 -0.29 -16.85
CA GLY A 19 -5.34 1.13 -16.59
C GLY A 19 -6.61 1.42 -15.80
N GLN A 20 -7.56 0.50 -15.67
CA GLN A 20 -8.72 0.78 -14.82
C GLN A 20 -8.35 0.58 -13.37
N THR A 21 -9.05 1.33 -12.53
CA THR A 21 -9.01 1.16 -11.09
C THR A 21 -9.97 0.05 -10.69
N CYS A 22 -9.42 -0.97 -10.06
CA CYS A 22 -10.25 -2.03 -9.47
C CYS A 22 -10.48 -1.67 -8.01
N VAL A 23 -11.74 -1.82 -7.56
CA VAL A 23 -12.10 -1.58 -6.16
C VAL A 23 -12.45 -2.95 -5.57
N VAL A 24 -11.71 -3.39 -4.54
CA VAL A 24 -11.83 -4.75 -4.03
C VAL A 24 -11.91 -4.79 -2.52
N HIS A 25 -12.47 -5.85 -1.95
CA HIS A 25 -12.19 -6.19 -0.56
C HIS A 25 -11.32 -7.42 -0.54
N TYR A 26 -10.38 -7.51 0.41
CA TYR A 26 -9.53 -8.67 0.52
C TYR A 26 -9.22 -9.04 1.96
N THR A 27 -8.91 -10.33 2.14
CA THR A 27 -8.30 -10.92 3.34
C THR A 27 -7.12 -11.71 2.80
N GLY A 28 -5.94 -11.55 3.40
CA GLY A 28 -4.76 -12.30 3.02
C GLY A 28 -4.29 -13.16 4.18
N MET A 29 -3.81 -14.36 3.87
CA MET A 29 -3.21 -15.24 4.85
C MET A 29 -2.10 -16.06 4.18
N LEU A 30 -1.18 -16.53 5.01
CA LEU A 30 -0.13 -17.44 4.56
C LEU A 30 -0.78 -18.82 4.36
N GLU A 31 -0.41 -19.61 3.34
CA GLU A 31 -1.01 -20.92 3.09
C GLU A 31 -0.88 -21.78 4.34
N ASP A 32 -2.05 -22.19 4.86
CA ASP A 32 -2.17 -22.88 6.14
C ASP A 32 -1.45 -22.24 7.32
N GLY A 33 -1.65 -20.92 7.36
CA GLY A 33 -1.00 -20.08 8.32
C GLY A 33 -1.87 -18.89 8.70
N LYS A 34 -1.12 -17.88 9.15
CA LYS A 34 -1.67 -16.71 9.79
C LYS A 34 -2.36 -15.79 8.78
N LYS A 35 -3.55 -15.28 9.11
CA LYS A 35 -4.07 -14.09 8.42
C LYS A 35 -3.19 -12.90 8.77
N PHE A 36 -2.76 -12.19 7.74
CA PHE A 36 -1.87 -11.07 7.97
C PHE A 36 -2.55 -9.75 7.61
N ASP A 37 -3.64 -9.70 6.82
CA ASP A 37 -4.28 -8.44 6.46
C ASP A 37 -5.71 -8.59 5.96
N SER A 38 -6.58 -7.61 6.14
CA SER A 38 -7.91 -7.63 5.58
C SER A 38 -8.36 -6.20 5.47
N SER A 39 -8.82 -5.81 4.30
CA SER A 39 -9.42 -4.49 4.16
C SER A 39 -10.80 -4.45 4.81
N ARG A 40 -11.43 -5.60 5.03
CA ARG A 40 -12.77 -5.66 5.60
C ARG A 40 -12.78 -5.13 7.02
N ASP A 41 -11.76 -5.48 7.81
CA ASP A 41 -11.51 -4.99 9.17
C ASP A 41 -11.54 -3.47 9.25
N ARG A 42 -10.90 -2.93 8.23
CA ARG A 42 -10.69 -1.50 8.12
C ARG A 42 -11.90 -0.77 7.60
N ASN A 43 -12.92 -1.51 7.16
CA ASN A 43 -14.16 -0.97 6.63
C ASN A 43 -13.90 -0.11 5.39
N LYS A 44 -12.70 -0.15 4.78
CA LYS A 44 -12.37 0.66 3.62
C LYS A 44 -11.89 -0.28 2.49
N PRO A 45 -12.42 -0.20 1.25
CA PRO A 45 -12.00 -1.02 0.14
C PRO A 45 -10.67 -0.48 -0.34
N PHE A 46 -9.92 -1.43 -0.91
CA PHE A 46 -8.61 -1.19 -1.45
C PHE A 46 -8.80 -0.91 -2.94
N LYS A 47 -8.05 0.04 -3.47
CA LYS A 47 -8.13 0.34 -4.88
C LYS A 47 -6.72 0.28 -5.42
N PHE A 48 -6.60 -0.25 -6.63
CA PHE A 48 -5.33 -0.24 -7.33
C PHE A 48 -5.62 -0.17 -8.82
N MET A 49 -4.62 0.29 -9.58
CA MET A 49 -4.78 0.41 -11.01
C MET A 49 -4.12 -0.80 -11.66
N LEU A 50 -4.93 -1.48 -12.45
CA LEU A 50 -4.49 -2.71 -13.08
C LEU A 50 -3.46 -2.35 -14.13
N GLY A 51 -2.40 -3.14 -14.18
CA GLY A 51 -1.39 -3.02 -15.22
C GLY A 51 -0.26 -2.07 -14.88
N LYS A 52 -0.27 -1.33 -13.77
CA LYS A 52 0.80 -0.37 -13.44
C LYS A 52 1.91 -0.93 -12.57
N GLN A 53 1.94 -2.27 -12.34
CA GLN A 53 2.83 -2.90 -11.37
C GLN A 53 2.84 -2.33 -9.95
N GLU A 54 1.66 -1.87 -9.51
CA GLU A 54 1.49 -1.42 -8.14
C GLU A 54 1.43 -2.58 -7.16
N VAL A 55 0.95 -3.75 -7.61
CA VAL A 55 0.75 -4.90 -6.74
C VAL A 55 1.49 -6.11 -7.28
N ILE A 56 1.60 -7.15 -6.46
CA ILE A 56 2.27 -8.38 -6.84
C ILE A 56 1.65 -9.02 -8.07
N ARG A 57 2.46 -9.79 -8.78
CA ARG A 57 2.08 -10.36 -10.07
C ARG A 57 0.82 -11.23 -10.04
N GLY A 58 0.68 -12.00 -8.97
CA GLY A 58 -0.48 -12.85 -8.78
C GLY A 58 -1.78 -12.09 -8.70
N TRP A 59 -1.76 -10.85 -8.17
CA TRP A 59 -2.92 -10.00 -8.15
C TRP A 59 -3.14 -9.46 -9.54
N GLU A 60 -2.09 -9.00 -10.24
CA GLU A 60 -2.23 -8.48 -11.59
C GLU A 60 -2.89 -9.50 -12.54
N GLU A 61 -2.43 -10.74 -12.49
CA GLU A 61 -3.01 -11.78 -13.30
C GLU A 61 -4.29 -12.36 -12.75
N GLY A 62 -4.41 -12.44 -11.44
CA GLY A 62 -5.57 -13.02 -10.80
C GLY A 62 -6.80 -12.15 -10.99
N VAL A 63 -6.68 -10.87 -10.63
CA VAL A 63 -7.82 -9.95 -10.72
C VAL A 63 -8.24 -9.68 -12.16
N ALA A 64 -7.31 -9.67 -13.12
CA ALA A 64 -7.66 -9.52 -14.52
C ALA A 64 -8.64 -10.55 -15.08
N GLN A 65 -8.72 -11.75 -14.49
CA GLN A 65 -9.66 -12.73 -15.01
C GLN A 65 -10.95 -12.76 -14.19
N MET A 66 -11.16 -11.77 -13.33
CA MET A 66 -12.36 -11.76 -12.52
C MET A 66 -13.31 -10.76 -13.15
N SER A 67 -14.60 -11.05 -13.04
CA SER A 67 -15.59 -10.07 -13.44
C SER A 67 -16.20 -9.33 -12.26
N VAL A 68 -16.87 -8.19 -12.49
CA VAL A 68 -17.44 -7.39 -11.43
C VAL A 68 -18.44 -8.22 -10.65
N GLY A 69 -18.32 -8.21 -9.33
CA GLY A 69 -19.19 -8.93 -8.41
C GLY A 69 -18.60 -10.26 -7.94
N GLN A 70 -17.55 -10.75 -8.61
CA GLN A 70 -17.03 -12.05 -8.30
C GLN A 70 -16.26 -11.98 -6.99
N ARG A 71 -16.35 -13.06 -6.21
CA ARG A 71 -15.50 -13.26 -5.05
C ARG A 71 -14.70 -14.51 -5.33
N ALA A 72 -13.38 -14.50 -5.16
CA ALA A 72 -12.54 -15.64 -5.47
C ALA A 72 -11.41 -15.87 -4.46
N LYS A 73 -10.99 -17.11 -4.33
CA LYS A 73 -9.82 -17.48 -3.57
C LYS A 73 -8.69 -17.52 -4.61
N LEU A 74 -7.66 -16.71 -4.38
CA LEU A 74 -6.46 -16.68 -5.22
C LEU A 74 -5.35 -17.38 -4.47
N THR A 75 -4.76 -18.47 -4.97
CA THR A 75 -3.59 -19.07 -4.34
C THR A 75 -2.37 -18.68 -5.18
N ILE A 76 -1.36 -18.07 -4.58
CA ILE A 76 -0.31 -17.42 -5.32
C ILE A 76 1.01 -18.04 -4.85
N SER A 77 1.77 -18.54 -5.81
CA SER A 77 3.05 -19.16 -5.50
C SER A 77 4.03 -18.07 -5.15
N PRO A 78 5.13 -18.29 -4.44
CA PRO A 78 6.07 -17.27 -3.99
C PRO A 78 6.64 -16.47 -5.13
N ASP A 79 6.90 -17.08 -6.28
CA ASP A 79 7.41 -16.35 -7.42
C ASP A 79 6.41 -15.37 -8.04
N TYR A 80 5.13 -15.47 -7.70
CA TYR A 80 4.12 -14.50 -8.14
C TYR A 80 3.76 -13.55 -7.01
N ALA A 81 4.47 -13.64 -5.89
CA ALA A 81 4.18 -12.91 -4.68
C ALA A 81 5.52 -12.29 -4.23
N TYR A 82 6.13 -12.58 -3.10
CA TYR A 82 7.33 -11.91 -2.63
C TYR A 82 8.59 -12.75 -2.73
N GLY A 83 8.52 -13.97 -3.26
CA GLY A 83 9.71 -14.71 -3.67
C GLY A 83 10.63 -15.08 -2.54
N ALA A 84 11.93 -15.12 -2.84
CA ALA A 84 12.86 -15.64 -1.85
C ALA A 84 13.18 -14.62 -0.79
N THR A 85 12.81 -13.36 -0.97
CA THR A 85 13.13 -12.32 -0.02
C THR A 85 12.01 -12.10 0.98
N GLY A 86 10.77 -12.28 0.54
CA GLY A 86 9.62 -12.04 1.39
C GLY A 86 9.38 -10.53 1.46
N HIS A 87 8.49 -10.15 2.38
CA HIS A 87 8.18 -8.76 2.58
C HIS A 87 8.56 -8.52 4.03
N PRO A 88 9.62 -7.75 4.28
CA PRO A 88 10.25 -7.58 5.59
C PRO A 88 9.27 -7.30 6.73
N GLY A 89 9.40 -8.12 7.76
CA GLY A 89 8.58 -7.98 8.93
C GLY A 89 7.28 -8.74 8.82
N ILE A 90 6.79 -9.10 7.63
CA ILE A 90 5.43 -9.58 7.48
C ILE A 90 5.45 -10.95 6.78
N ILE A 91 6.02 -11.07 5.58
CA ILE A 91 5.88 -12.30 4.79
C ILE A 91 7.29 -12.91 4.75
N PRO A 92 7.48 -14.16 5.16
CA PRO A 92 8.78 -14.87 5.11
C PRO A 92 9.19 -15.20 3.66
N PRO A 93 10.48 -15.53 3.39
CA PRO A 93 10.93 -16.09 2.13
C PRO A 93 10.11 -17.33 1.78
N HIS A 94 9.86 -17.42 0.47
CA HIS A 94 9.23 -18.60 -0.11
C HIS A 94 7.84 -18.87 0.47
N ALA A 95 7.04 -17.85 0.77
CA ALA A 95 5.69 -18.11 1.24
C ALA A 95 4.66 -18.14 0.09
N THR A 96 3.80 -19.17 0.12
CA THR A 96 2.60 -19.24 -0.71
C THR A 96 1.49 -18.41 -0.01
N LEU A 97 0.78 -17.55 -0.75
CA LEU A 97 -0.19 -16.63 -0.18
C LEU A 97 -1.56 -17.04 -0.69
N VAL A 98 -2.54 -16.99 0.19
CA VAL A 98 -3.91 -17.13 -0.26
C VAL A 98 -4.68 -15.86 0.10
N PHE A 99 -5.35 -15.32 -0.92
CA PHE A 99 -6.20 -14.14 -0.75
C PHE A 99 -7.65 -14.46 -1.08
N ASP A 100 -8.55 -13.92 -0.29
CA ASP A 100 -9.97 -13.88 -0.63
C ASP A 100 -10.21 -12.48 -1.21
N VAL A 101 -10.60 -12.33 -2.47
CA VAL A 101 -10.71 -11.06 -3.14
C VAL A 101 -12.10 -10.97 -3.73
N GLU A 102 -12.76 -9.84 -3.46
CA GLU A 102 -14.07 -9.58 -4.01
C GLU A 102 -13.98 -8.34 -4.90
N LEU A 103 -14.25 -8.45 -6.20
CA LEU A 103 -14.16 -7.30 -7.10
C LEU A 103 -15.48 -6.54 -7.05
N LEU A 104 -15.43 -5.44 -6.32
CA LEU A 104 -16.62 -4.62 -6.08
C LEU A 104 -17.06 -3.77 -7.27
N LYS A 105 -16.13 -3.09 -7.95
CA LYS A 105 -16.45 -1.99 -8.86
C LYS A 105 -15.19 -1.66 -9.63
N LEU A 106 -15.38 -1.10 -10.82
CA LEU A 106 -14.30 -0.59 -11.61
C LEU A 106 -14.52 0.93 -11.73
N GLU A 107 -13.46 1.71 -11.66
CA GLU A 107 -13.49 3.14 -11.93
C GLU A 107 -12.38 3.45 -12.95
N VAL B 1 10.80 28.39 -6.62
CA VAL B 1 10.09 27.02 -6.43
C VAL B 1 8.73 27.09 -5.71
N ALA B 2 7.75 26.77 -6.49
CA ALA B 2 6.30 26.89 -6.14
C ALA B 2 5.81 25.40 -6.25
N ILE B 3 5.42 24.83 -5.06
CA ILE B 3 4.83 23.49 -5.32
C ILE B 3 3.82 23.16 -4.21
N LEU B 4 2.70 22.52 -4.58
CA LEU B 4 1.69 22.38 -3.52
C LEU B 4 2.17 21.30 -2.52
N TRP B 5 1.70 21.41 -1.27
CA TRP B 5 2.17 20.46 -0.27
C TRP B 5 1.65 19.04 -0.65
N HIS B 6 0.54 18.86 -1.28
CA HIS B 6 -0.03 17.64 -1.81
C HIS B 6 1.01 16.96 -2.74
N GLU B 7 1.63 17.79 -3.64
CA GLU B 7 2.55 17.26 -4.63
C GLU B 7 3.86 16.86 -3.96
N MET B 8 4.24 17.76 -3.01
CA MET B 8 5.72 17.54 -2.55
C MET B 8 5.64 16.22 -1.72
N TRP B 9 4.56 16.03 -0.89
CA TRP B 9 4.45 14.75 -0.18
C TRP B 9 4.23 13.52 -1.06
N HIS B 10 3.44 13.61 -2.18
CA HIS B 10 3.16 12.41 -2.95
C HIS B 10 4.49 11.96 -3.55
N GLU B 11 5.24 12.92 -4.13
CA GLU B 11 6.51 12.58 -4.70
C GLU B 11 7.54 12.15 -3.68
N GLY B 12 7.62 12.82 -2.53
CA GLY B 12 8.57 12.53 -1.50
C GLY B 12 8.34 11.11 -0.87
N LEU B 13 7.07 10.74 -0.57
CA LEU B 13 6.74 9.42 0.02
C LEU B 13 7.11 8.34 -0.98
N GLU B 14 6.82 8.47 -2.23
CA GLU B 14 7.10 7.58 -3.30
C GLU B 14 8.59 7.33 -3.37
N GLU B 15 9.41 8.43 -3.32
CA GLU B 15 10.81 8.34 -3.46
C GLU B 15 11.44 7.70 -2.17
N ALA B 16 10.99 8.11 -1.02
CA ALA B 16 11.50 7.63 0.26
C ALA B 16 11.15 6.10 0.36
N SER B 17 9.92 5.74 0.03
CA SER B 17 9.62 4.28 0.00
C SER B 17 10.45 3.47 -0.95
N ARG B 18 10.77 4.08 -2.16
CA ARG B 18 11.70 3.34 -3.05
C ARG B 18 13.05 3.12 -2.49
N LEU B 19 13.68 4.13 -1.87
CA LEU B 19 14.94 3.98 -1.22
C LEU B 19 14.96 2.98 -0.10
N TYR B 20 13.86 2.96 0.72
CA TYR B 20 13.83 2.14 1.90
C TYR B 20 13.42 0.67 1.42
N PHE B 21 12.27 0.50 0.85
CA PHE B 21 11.81 -0.90 0.50
C PHE B 21 12.49 -1.55 -0.67
N GLY B 22 12.80 -0.78 -1.72
CA GLY B 22 13.42 -1.22 -2.90
C GLY B 22 14.94 -1.31 -2.68
N GLU B 23 15.55 -0.23 -2.19
CA GLU B 23 17.01 -0.21 -2.06
C GLU B 23 17.63 -0.62 -0.74
N ARG B 24 16.80 -0.83 0.29
CA ARG B 24 17.24 -1.06 1.64
C ARG B 24 18.12 0.14 2.12
N ASN B 25 17.83 1.35 1.63
CA ASN B 25 18.64 2.48 2.05
C ASN B 25 17.89 3.38 3.04
N VAL B 26 18.03 3.18 4.35
CA VAL B 26 17.33 3.87 5.38
C VAL B 26 17.92 5.30 5.45
N LYS B 27 19.27 5.42 5.35
CA LYS B 27 19.79 6.82 5.36
C LYS B 27 19.14 7.70 4.31
N GLY B 28 18.94 7.20 3.11
CA GLY B 28 18.45 7.98 1.94
C GLY B 28 16.94 8.30 2.20
N MET B 29 16.16 7.30 2.72
CA MET B 29 14.79 7.53 3.15
C MET B 29 14.59 8.61 4.16
N PHE B 30 15.47 8.73 5.17
CA PHE B 30 15.44 9.88 6.12
C PHE B 30 15.77 11.21 5.44
N GLU B 31 16.86 11.11 4.59
CA GLU B 31 17.25 12.30 3.95
C GLU B 31 16.06 12.93 3.18
N VAL B 32 15.31 12.10 2.53
CA VAL B 32 14.12 12.56 1.83
C VAL B 32 13.03 13.07 2.76
N LEU B 33 12.65 12.35 3.82
CA LEU B 33 11.51 12.68 4.67
C LEU B 33 11.85 13.84 5.61
N GLU B 34 13.11 14.08 6.00
CA GLU B 34 13.31 15.15 7.05
C GLU B 34 12.90 16.58 6.64
N PRO B 35 13.17 17.04 5.40
CA PRO B 35 12.81 18.36 4.94
C PRO B 35 11.30 18.48 4.74
N LEU B 36 10.65 17.28 4.43
CA LEU B 36 9.20 17.39 4.31
C LEU B 36 8.56 17.67 5.64
N HIS B 37 8.97 16.90 6.67
CA HIS B 37 8.46 17.21 7.96
C HIS B 37 8.85 18.65 8.42
N ALA B 38 10.02 19.03 8.10
CA ALA B 38 10.48 20.41 8.63
C ALA B 38 9.62 21.46 7.99
N MET B 39 9.22 21.30 6.74
CA MET B 39 8.17 22.27 6.28
C MET B 39 6.89 22.21 7.01
N MET B 40 6.25 21.11 7.36
CA MET B 40 5.08 21.12 8.21
C MET B 40 5.39 21.84 9.51
N GLU B 41 6.56 21.53 10.11
CA GLU B 41 6.90 22.21 11.36
C GLU B 41 6.84 23.73 11.24
N ARG B 42 7.29 24.26 10.13
CA ARG B 42 7.22 25.73 10.00
C ARG B 42 5.78 26.21 9.98
N GLY B 43 4.81 25.49 9.46
CA GLY B 43 3.40 25.91 9.50
C GLY B 43 2.86 26.27 8.14
N PRO B 44 1.55 26.15 7.86
CA PRO B 44 0.99 26.48 6.59
C PRO B 44 0.98 27.98 6.34
N GLN B 45 1.24 28.45 5.16
CA GLN B 45 1.15 29.87 4.81
C GLN B 45 0.18 30.20 3.65
N THR B 46 -0.48 29.16 3.08
CA THR B 46 -1.54 29.38 2.13
C THR B 46 -2.83 28.66 2.56
N LEU B 47 -3.95 29.05 1.98
CA LEU B 47 -5.22 28.29 2.29
C LEU B 47 -5.03 26.78 1.90
N LYS B 48 -4.46 26.45 0.76
CA LYS B 48 -4.21 25.11 0.26
C LYS B 48 -3.19 24.38 1.17
N GLU B 49 -2.30 25.09 1.74
CA GLU B 49 -1.33 24.47 2.69
C GLU B 49 -2.09 24.14 3.97
N THR B 50 -3.02 25.11 4.31
CA THR B 50 -3.72 24.96 5.61
C THR B 50 -4.69 23.73 5.54
N SER B 51 -5.34 23.63 4.41
CA SER B 51 -6.36 22.49 4.36
C SER B 51 -5.55 21.17 4.25
N PHE B 52 -4.40 21.13 3.56
CA PHE B 52 -3.57 19.91 3.57
C PHE B 52 -3.13 19.60 5.01
N ASN B 53 -2.69 20.63 5.74
CA ASN B 53 -2.29 20.41 7.15
C ASN B 53 -3.46 19.99 8.00
N GLN B 54 -4.64 20.59 7.86
CA GLN B 54 -5.83 20.06 8.55
C GLN B 54 -6.16 18.52 8.30
N ALA B 55 -6.06 18.11 7.02
CA ALA B 55 -6.43 16.71 6.75
C ALA B 55 -5.33 15.73 7.11
N TYR B 56 -4.05 16.06 6.85
CA TYR B 56 -2.98 15.06 7.00
C TYR B 56 -1.98 15.46 8.07
N GLY B 57 -2.10 16.55 8.78
CA GLY B 57 -0.95 17.04 9.61
C GLY B 57 -0.69 16.01 10.75
N ARG B 58 -1.83 15.69 11.45
CA ARG B 58 -1.70 14.78 12.58
C ARG B 58 -1.13 13.40 12.16
N ASP B 59 -1.62 12.79 11.06
CA ASP B 59 -1.04 11.50 10.64
C ASP B 59 0.45 11.63 10.37
N LEU B 60 0.82 12.73 9.67
CA LEU B 60 2.24 12.85 9.32
C LEU B 60 3.08 13.08 10.57
N MET B 61 2.57 13.87 11.54
CA MET B 61 3.27 14.05 12.79
C MET B 61 3.41 12.68 13.52
N GLU B 62 2.36 11.89 13.60
CA GLU B 62 2.46 10.52 14.14
C GLU B 62 3.45 9.63 13.36
N ALA B 63 3.48 9.68 12.03
CA ALA B 63 4.49 8.87 11.29
C ALA B 63 5.89 9.33 11.73
N GLN B 64 6.14 10.67 11.81
CA GLN B 64 7.39 11.11 12.37
C GLN B 64 7.64 10.63 13.81
N GLU B 65 6.66 10.56 14.76
CA GLU B 65 6.99 10.04 16.06
C GLU B 65 7.44 8.56 15.94
N TRP B 66 6.77 7.75 15.12
CA TRP B 66 7.27 6.37 14.96
C TRP B 66 8.70 6.34 14.42
N CYS B 67 8.93 7.18 13.36
CA CYS B 67 10.35 7.16 12.87
C CYS B 67 11.32 7.51 14.02
N ARG B 68 11.00 8.57 14.79
CA ARG B 68 11.86 8.94 15.91
C ARG B 68 11.92 7.78 16.91
N LYS B 69 10.84 6.98 17.08
CA LYS B 69 10.95 5.86 17.97
C LYS B 69 12.01 4.84 17.54
N TYR B 70 12.02 4.61 16.25
CA TYR B 70 12.97 3.74 15.61
C TYR B 70 14.46 4.21 15.77
N MET B 71 14.58 5.53 15.66
CA MET B 71 15.95 6.10 15.82
C MET B 71 16.49 5.65 17.13
N LYS B 72 15.69 5.66 18.15
CA LYS B 72 16.19 5.36 19.48
C LYS B 72 16.08 3.84 19.72
N SER B 73 15.07 3.13 19.31
CA SER B 73 14.93 1.69 19.55
C SER B 73 15.78 0.80 18.68
N GLY B 74 16.08 1.06 17.41
CA GLY B 74 16.71 0.10 16.47
C GLY B 74 15.71 -1.01 16.05
N ASN B 75 14.43 -0.85 16.30
CA ASN B 75 13.52 -1.98 15.95
C ASN B 75 12.76 -1.66 14.65
N VAL B 76 12.97 -2.27 13.52
CA VAL B 76 12.33 -2.04 12.25
C VAL B 76 10.83 -2.04 12.29
N LYS B 77 10.10 -2.71 13.19
CA LYS B 77 8.70 -2.64 13.40
C LYS B 77 8.20 -1.23 13.74
N ASP B 78 9.09 -0.44 14.41
CA ASP B 78 8.67 0.94 14.63
C ASP B 78 8.65 1.70 13.27
N LEU B 79 9.60 1.44 12.36
CA LEU B 79 9.53 2.13 11.07
C LEU B 79 8.44 1.59 10.21
N THR B 80 8.10 0.29 10.44
CA THR B 80 6.95 -0.13 9.50
C THR B 80 5.80 0.70 9.91
N GLN B 81 5.59 0.91 11.26
CA GLN B 81 4.32 1.58 11.73
C GLN B 81 4.21 3.00 11.12
N ALA B 82 5.46 3.51 10.99
CA ALA B 82 5.45 4.89 10.28
C ALA B 82 5.01 4.75 8.84
N TRP B 83 5.40 3.59 8.12
CA TRP B 83 5.00 3.49 6.72
C TRP B 83 3.52 3.21 6.59
N ASP B 84 2.83 2.66 7.61
CA ASP B 84 1.38 2.43 7.46
C ASP B 84 0.66 3.81 7.43
N LEU B 85 1.10 4.74 8.24
CA LEU B 85 0.54 6.09 8.28
C LEU B 85 1.00 6.86 7.03
N TYR B 86 2.25 6.64 6.58
CA TYR B 86 2.61 7.35 5.35
C TYR B 86 1.76 6.86 4.15
N TYR B 87 1.52 5.57 4.07
CA TYR B 87 0.81 5.00 2.89
C TYR B 87 -0.63 5.49 2.97
N HIS B 88 -1.24 5.52 4.20
CA HIS B 88 -2.67 6.03 4.27
C HIS B 88 -2.67 7.51 3.71
N VAL B 89 -1.73 8.35 4.16
CA VAL B 89 -1.65 9.67 3.55
C VAL B 89 -1.50 9.61 2.04
N PHE B 90 -0.54 8.79 1.55
CA PHE B 90 -0.26 8.74 0.14
C PHE B 90 -1.45 8.34 -0.71
N ARG B 91 -2.22 7.31 -0.22
CA ARG B 91 -3.39 6.90 -0.87
C ARG B 91 -4.43 8.05 -0.83
N ARG B 92 -4.58 8.72 0.26
CA ARG B 92 -5.61 9.81 0.33
C ARG B 92 -5.25 10.93 -0.63
N ILE B 93 -3.99 11.28 -0.73
CA ILE B 93 -3.51 12.31 -1.67
C ILE B 93 -3.72 11.87 -3.10
N SER B 94 -3.72 10.57 -3.38
CA SER B 94 -3.74 10.02 -4.69
C SER B 94 -5.17 9.99 -5.26
TB TB C . -1.12 -35.11 -5.88
TB TB D . -6.16 -35.37 -7.14
N GLY A 1 2.40 -20.03 -10.10
CA GLY A 1 1.47 -19.12 -10.74
C GLY A 1 0.45 -18.66 -9.72
N VAL A 2 -0.77 -18.42 -10.20
CA VAL A 2 -1.91 -18.04 -9.40
C VAL A 2 -3.07 -18.94 -9.85
N GLN A 3 -3.71 -19.56 -8.87
CA GLN A 3 -4.88 -20.38 -9.12
C GLN A 3 -6.09 -19.55 -8.68
N VAL A 4 -7.17 -19.42 -9.44
CA VAL A 4 -8.33 -18.61 -9.05
C VAL A 4 -9.47 -19.62 -8.87
N GLU A 5 -10.01 -19.77 -7.67
CA GLU A 5 -11.14 -20.65 -7.43
C GLU A 5 -12.33 -19.81 -6.99
N THR A 6 -13.50 -19.90 -7.62
CA THR A 6 -14.65 -19.03 -7.32
C THR A 6 -15.33 -19.28 -5.99
N ILE A 7 -15.54 -18.25 -5.17
CA ILE A 7 -16.39 -18.37 -4.00
C ILE A 7 -17.82 -17.98 -4.40
N SER A 8 -18.04 -16.92 -5.17
CA SER A 8 -19.35 -16.48 -5.66
C SER A 8 -19.11 -15.91 -7.05
N PRO A 9 -19.93 -16.23 -8.04
CA PRO A 9 -19.75 -15.78 -9.39
C PRO A 9 -19.99 -14.29 -9.60
N GLY A 10 -19.21 -13.70 -10.50
CA GLY A 10 -19.46 -12.34 -10.94
C GLY A 10 -20.44 -12.37 -12.07
N ASP A 11 -20.50 -11.28 -12.82
CA ASP A 11 -21.44 -11.25 -13.94
C ASP A 11 -20.98 -11.99 -15.19
N GLY A 12 -19.73 -12.45 -15.23
CA GLY A 12 -19.20 -13.19 -16.36
C GLY A 12 -19.05 -12.38 -17.65
N ARG A 13 -19.11 -11.05 -17.58
CA ARG A 13 -19.10 -10.20 -18.76
C ARG A 13 -18.16 -9.03 -18.61
N THR A 14 -18.15 -8.39 -17.44
CA THR A 14 -17.36 -7.19 -17.16
C THR A 14 -16.06 -7.51 -16.44
N PHE A 15 -14.99 -7.47 -17.21
CA PHE A 15 -13.68 -7.83 -16.72
C PHE A 15 -12.81 -6.59 -16.71
N PRO A 16 -11.83 -6.40 -15.81
CA PRO A 16 -10.96 -5.23 -15.80
C PRO A 16 -10.15 -5.13 -17.09
N LYS A 17 -9.92 -3.89 -17.50
CA LYS A 17 -9.00 -3.57 -18.57
C LYS A 17 -7.76 -2.98 -17.89
N ARG A 18 -6.61 -3.12 -18.57
CA ARG A 18 -5.38 -2.48 -18.19
C ARG A 18 -5.63 -0.99 -18.07
N GLY A 19 -5.15 -0.43 -16.96
CA GLY A 19 -5.34 0.98 -16.72
C GLY A 19 -6.61 1.28 -15.95
N GLN A 20 -7.56 0.36 -15.80
CA GLN A 20 -8.72 0.64 -14.97
C GLN A 20 -8.35 0.46 -13.51
N THR A 21 -9.06 1.21 -12.68
CA THR A 21 -9.02 1.06 -11.24
C THR A 21 -9.97 -0.05 -10.82
N CYS A 22 -9.44 -1.07 -10.18
CA CYS A 22 -10.25 -2.12 -9.59
C CYS A 22 -10.49 -1.75 -8.13
N VAL A 23 -11.75 -1.90 -7.69
CA VAL A 23 -12.13 -1.65 -6.30
C VAL A 23 -12.47 -3.01 -5.69
N VAL A 24 -11.73 -3.44 -4.66
CA VAL A 24 -11.84 -4.80 -4.14
C VAL A 24 -11.93 -4.82 -2.62
N HIS A 25 -12.49 -5.88 -2.05
CA HIS A 25 -12.21 -6.20 -0.65
C HIS A 25 -11.34 -7.43 -0.61
N TYR A 26 -10.41 -7.52 0.34
CA TYR A 26 -9.56 -8.68 0.46
C TYR A 26 -9.24 -9.03 1.90
N THR A 27 -8.93 -10.31 2.10
CA THR A 27 -8.33 -10.89 3.30
C THR A 27 -7.14 -11.68 2.77
N GLY A 28 -5.97 -11.51 3.38
CA GLY A 28 -4.78 -12.26 3.00
C GLY A 28 -4.31 -13.11 4.18
N MET A 29 -3.84 -14.32 3.88
CA MET A 29 -3.23 -15.19 4.87
C MET A 29 -2.12 -16.01 4.22
N LEU A 30 -1.20 -16.47 5.05
CA LEU A 30 -0.15 -17.39 4.60
C LEU A 30 -0.78 -18.76 4.42
N GLU A 31 -0.41 -19.56 3.40
CA GLU A 31 -1.01 -20.88 3.17
C GLU A 31 -0.89 -21.72 4.42
N ASP A 32 -2.05 -22.13 4.94
CA ASP A 32 -2.18 -22.81 6.23
C ASP A 32 -1.46 -22.15 7.40
N GLY A 33 -1.67 -20.84 7.43
CA GLY A 33 -1.01 -19.99 8.40
C GLY A 33 -1.89 -18.80 8.76
N LYS A 34 -1.15 -17.78 9.20
CA LYS A 34 -1.70 -16.60 9.83
C LYS A 34 -2.39 -15.71 8.80
N LYS A 35 -3.58 -15.19 9.12
CA LYS A 35 -4.11 -14.01 8.43
C LYS A 35 -3.23 -12.81 8.76
N PHE A 36 -2.79 -12.10 7.74
CA PHE A 36 -1.91 -10.98 7.95
C PHE A 36 -2.59 -9.68 7.57
N ASP A 37 -3.68 -9.64 6.80
CA ASP A 37 -4.32 -8.37 6.42
C ASP A 37 -5.74 -8.54 5.91
N SER A 38 -6.62 -7.55 6.08
CA SER A 38 -7.94 -7.58 5.52
C SER A 38 -8.39 -6.15 5.39
N SER A 39 -8.86 -5.77 4.22
CA SER A 39 -9.46 -4.47 4.06
C SER A 39 -10.84 -4.41 4.71
N ARG A 40 -11.48 -5.56 4.94
CA ARG A 40 -12.81 -5.62 5.50
C ARG A 40 -12.83 -5.08 6.91
N ASP A 41 -11.80 -5.42 7.71
CA ASP A 41 -11.57 -4.92 9.07
C ASP A 41 -11.59 -3.39 9.14
N ARG A 42 -10.96 -2.85 8.10
CA ARG A 42 -10.75 -1.44 7.99
C ARG A 42 -11.97 -0.71 7.46
N ASN A 43 -12.98 -1.46 7.02
CA ASN A 43 -14.22 -0.92 6.49
C ASN A 43 -13.96 -0.07 5.24
N LYS A 44 -12.75 -0.13 4.64
CA LYS A 44 -12.42 0.67 3.47
C LYS A 44 -11.94 -0.27 2.35
N PRO A 45 -12.47 -0.20 1.11
CA PRO A 45 -12.03 -1.04 0.00
C PRO A 45 -10.70 -0.50 -0.47
N PHE A 46 -9.95 -1.44 -1.04
CA PHE A 46 -8.64 -1.20 -1.58
C PHE A 46 -8.83 -0.95 -3.06
N LYS A 47 -8.07 0.01 -3.60
CA LYS A 47 -8.15 0.30 -5.02
C LYS A 47 -6.75 0.23 -5.56
N PHE A 48 -6.62 -0.31 -6.75
CA PHE A 48 -5.35 -0.30 -7.45
C PHE A 48 -5.63 -0.24 -8.95
N MET A 49 -4.63 0.20 -9.70
CA MET A 49 -4.78 0.31 -11.13
C MET A 49 -4.13 -0.89 -11.78
N LEU A 50 -4.93 -1.59 -12.56
CA LEU A 50 -4.49 -2.82 -13.18
C LEU A 50 -3.45 -2.47 -14.23
N GLY A 51 -2.39 -3.27 -14.27
CA GLY A 51 -1.38 -3.14 -15.30
C GLY A 51 -0.25 -2.18 -14.97
N LYS A 52 -0.26 -1.44 -13.87
CA LYS A 52 0.80 -0.48 -13.55
C LYS A 52 1.92 -1.02 -12.67
N GLN A 53 1.94 -2.35 -12.42
CA GLN A 53 2.83 -2.98 -11.45
C GLN A 53 2.83 -2.39 -10.03
N GLU A 54 1.66 -1.94 -9.60
CA GLU A 54 1.48 -1.48 -8.23
C GLU A 54 1.42 -2.63 -7.24
N VAL A 55 0.94 -3.80 -7.68
CA VAL A 55 0.74 -4.93 -6.81
C VAL A 55 1.49 -6.15 -7.33
N ILE A 56 1.60 -7.19 -6.50
CA ILE A 56 2.26 -8.42 -6.86
C ILE A 56 1.65 -9.07 -8.10
N ARG A 57 2.47 -9.84 -8.80
CA ARG A 57 2.09 -10.43 -10.08
C ARG A 57 0.84 -11.30 -10.05
N GLY A 58 0.70 -12.07 -8.97
CA GLY A 58 -0.46 -12.91 -8.77
C GLY A 58 -1.78 -12.14 -8.70
N TRP A 59 -1.75 -10.91 -8.19
CA TRP A 59 -2.91 -10.06 -8.18
C TRP A 59 -3.13 -9.53 -9.57
N GLU A 60 -2.08 -9.09 -10.28
CA GLU A 60 -2.23 -8.58 -11.63
C GLU A 60 -2.87 -9.60 -12.56
N GLU A 61 -2.41 -10.84 -12.50
CA GLU A 61 -2.98 -11.89 -13.31
C GLU A 61 -4.27 -12.47 -12.77
N GLY A 62 -4.39 -12.53 -11.45
CA GLY A 62 -5.55 -13.11 -10.80
C GLY A 62 -6.77 -12.24 -11.00
N VAL A 63 -6.66 -10.95 -10.66
CA VAL A 63 -7.80 -10.04 -10.76
C VAL A 63 -8.22 -9.79 -12.20
N ALA A 64 -7.29 -9.78 -13.16
CA ALA A 64 -7.63 -9.65 -14.56
C ALA A 64 -8.61 -10.69 -15.12
N GLN A 65 -8.68 -11.88 -14.51
CA GLN A 65 -9.62 -12.86 -15.02
C GLN A 65 -10.91 -12.90 -14.21
N MET A 66 -11.13 -11.89 -13.37
CA MET A 66 -12.34 -11.88 -12.56
C MET A 66 -13.28 -10.89 -13.20
N SER A 67 -14.58 -11.18 -13.09
CA SER A 67 -15.57 -10.22 -13.51
C SER A 67 -16.19 -9.46 -12.33
N VAL A 68 -16.86 -8.32 -12.58
CA VAL A 68 -17.44 -7.52 -11.52
C VAL A 68 -18.43 -8.34 -10.74
N GLY A 69 -18.31 -8.32 -9.41
CA GLY A 69 -19.18 -9.04 -8.50
C GLY A 69 -18.59 -10.36 -8.01
N GLN A 70 -17.54 -10.85 -8.68
CA GLN A 70 -17.02 -12.15 -8.36
C GLN A 70 -16.26 -12.07 -7.04
N ARG A 71 -16.34 -13.14 -6.25
CA ARG A 71 -15.49 -13.32 -5.09
C ARG A 71 -14.69 -14.58 -5.35
N ALA A 72 -13.37 -14.56 -5.17
CA ALA A 72 -12.53 -15.71 -5.48
C ALA A 72 -11.40 -15.91 -4.46
N LYS A 73 -10.98 -17.16 -4.32
CA LYS A 73 -9.81 -17.52 -3.55
C LYS A 73 -8.68 -17.56 -4.59
N LEU A 74 -7.65 -16.75 -4.36
CA LEU A 74 -6.45 -16.73 -5.19
C LEU A 74 -5.34 -17.42 -4.44
N THR A 75 -4.75 -18.50 -4.93
CA THR A 75 -3.57 -19.09 -4.29
C THR A 75 -2.36 -18.72 -5.14
N ILE A 76 -1.35 -18.09 -4.54
CA ILE A 76 -0.28 -17.45 -5.27
C ILE A 76 1.03 -18.06 -4.79
N SER A 77 1.79 -18.57 -5.75
CA SER A 77 3.06 -19.19 -5.43
C SER A 77 4.05 -18.08 -5.09
N PRO A 78 5.14 -18.31 -4.37
CA PRO A 78 6.08 -17.27 -3.93
C PRO A 78 6.66 -16.48 -5.07
N ASP A 79 6.92 -17.10 -6.22
CA ASP A 79 7.42 -16.38 -7.36
C ASP A 79 6.43 -15.40 -7.98
N TYR A 80 5.15 -15.51 -7.65
CA TYR A 80 4.15 -14.55 -8.10
C TYR A 80 3.76 -13.58 -6.98
N ALA A 81 4.46 -13.67 -5.86
CA ALA A 81 4.18 -12.92 -4.66
C ALA A 81 5.52 -12.29 -4.22
N TYR A 82 6.13 -12.58 -3.08
CA TYR A 82 7.32 -11.90 -2.61
C TYR A 82 8.59 -12.73 -2.70
N GLY A 83 8.52 -13.96 -3.22
CA GLY A 83 9.70 -14.70 -3.61
C GLY A 83 10.64 -15.07 -2.48
N ALA A 84 11.93 -15.10 -2.77
CA ALA A 84 12.85 -15.61 -1.78
C ALA A 84 13.18 -14.57 -0.72
N THR A 85 12.81 -13.32 -0.92
CA THR A 85 13.12 -12.28 0.02
C THR A 85 12.00 -12.04 1.01
N GLY A 86 10.75 -12.24 0.57
CA GLY A 86 9.60 -11.99 1.41
C GLY A 86 9.35 -10.47 1.48
N HIS A 87 8.47 -10.09 2.39
CA HIS A 87 8.14 -8.71 2.59
C HIS A 87 8.53 -8.45 4.02
N PRO A 88 9.58 -7.67 4.27
CA PRO A 88 10.20 -7.49 5.59
C PRO A 88 9.23 -7.20 6.71
N GLY A 89 9.35 -8.01 7.75
CA GLY A 89 8.53 -7.87 8.91
C GLY A 89 7.23 -8.63 8.81
N ILE A 90 6.75 -9.00 7.62
CA ILE A 90 5.39 -9.48 7.48
C ILE A 90 5.41 -10.86 6.79
N ILE A 91 5.99 -10.98 5.59
CA ILE A 91 5.86 -12.22 4.81
C ILE A 91 7.26 -12.83 4.77
N PRO A 92 7.47 -14.08 5.21
CA PRO A 92 8.75 -14.79 5.16
C PRO A 92 9.18 -15.13 3.71
N PRO A 93 10.47 -15.46 3.46
CA PRO A 93 10.92 -16.03 2.20
C PRO A 93 10.09 -17.27 1.86
N HIS A 94 9.85 -17.38 0.55
CA HIS A 94 9.23 -18.56 -0.03
C HIS A 94 7.85 -18.83 0.55
N ALA A 95 7.03 -17.80 0.84
CA ALA A 95 5.69 -18.06 1.31
C ALA A 95 4.66 -18.11 0.17
N THR A 96 3.80 -19.14 0.20
CA THR A 96 2.61 -19.21 -0.63
C THR A 96 1.50 -18.39 0.05
N LEU A 97 0.79 -17.53 -0.70
CA LEU A 97 -0.20 -16.62 -0.14
C LEU A 97 -1.55 -17.04 -0.65
N VAL A 98 -2.54 -16.97 0.23
CA VAL A 98 -3.90 -17.13 -0.22
C VAL A 98 -4.69 -15.86 0.12
N PHE A 99 -5.35 -15.33 -0.90
CA PHE A 99 -6.20 -14.15 -0.75
C PHE A 99 -7.65 -14.48 -1.09
N ASP A 100 -8.56 -13.92 -0.30
CA ASP A 100 -9.98 -13.89 -0.65
C ASP A 100 -10.22 -12.49 -1.24
N VAL A 101 -10.61 -12.36 -2.50
CA VAL A 101 -10.72 -11.10 -3.18
C VAL A 101 -12.11 -11.01 -3.77
N GLU A 102 -12.77 -9.88 -3.52
CA GLU A 102 -14.07 -9.63 -4.08
C GLU A 102 -13.99 -8.40 -4.98
N LEU A 103 -14.26 -8.52 -6.27
CA LEU A 103 -14.16 -7.38 -7.18
C LEU A 103 -15.49 -6.62 -7.14
N LEU A 104 -15.44 -5.51 -6.42
CA LEU A 104 -16.62 -4.69 -6.19
C LEU A 104 -17.07 -3.86 -7.40
N LYS A 105 -16.13 -3.18 -8.08
CA LYS A 105 -16.46 -2.09 -8.99
C LYS A 105 -15.20 -1.76 -9.76
N LEU A 106 -15.39 -1.23 -10.96
CA LEU A 106 -14.31 -0.70 -11.76
C LEU A 106 -14.53 0.80 -11.89
N GLU A 107 -13.46 1.60 -11.83
CA GLU A 107 -13.49 3.02 -12.11
C GLU A 107 -12.39 3.33 -13.13
N VAL B 1 10.82 28.42 -6.59
CA VAL B 1 10.09 27.06 -6.39
C VAL B 1 8.74 27.14 -5.66
N ALA B 2 7.75 26.83 -6.42
CA ALA B 2 6.31 26.96 -6.06
C ALA B 2 5.80 25.47 -6.17
N ILE B 3 5.42 24.91 -4.98
CA ILE B 3 4.82 23.58 -5.23
C ILE B 3 3.81 23.25 -4.11
N LEU B 4 2.69 22.61 -4.47
CA LEU B 4 1.69 22.49 -3.40
C LEU B 4 2.16 21.40 -2.41
N TRP B 5 1.71 21.52 -1.15
CA TRP B 5 2.19 20.55 -0.16
C TRP B 5 1.65 19.15 -0.54
N HIS B 6 0.54 18.97 -1.15
CA HIS B 6 -0.05 17.76 -1.69
C HIS B 6 0.97 17.08 -2.62
N GLU B 7 1.58 17.90 -3.54
CA GLU B 7 2.49 17.37 -4.54
C GLU B 7 3.80 16.94 -3.88
N MET B 8 4.19 17.84 -2.93
CA MET B 8 5.68 17.60 -2.49
C MET B 8 5.60 16.28 -1.67
N TRP B 9 4.53 16.11 -0.83
CA TRP B 9 4.41 14.84 -0.11
C TRP B 9 4.17 13.59 -1.00
N HIS B 10 3.37 13.70 -2.10
CA HIS B 10 3.07 12.51 -2.88
C HIS B 10 4.40 12.05 -3.49
N GLU B 11 5.14 13.01 -4.08
CA GLU B 11 6.40 12.65 -4.66
C GLU B 11 7.44 12.20 -3.66
N GLY B 12 7.54 12.88 -2.51
CA GLY B 12 8.50 12.56 -1.49
C GLY B 12 8.27 11.15 -0.85
N LEU B 13 6.99 10.80 -0.54
CA LEU B 13 6.66 9.48 0.05
C LEU B 13 7.00 8.40 -0.95
N GLU B 14 6.70 8.53 -2.21
CA GLU B 14 6.96 7.63 -3.29
C GLU B 14 8.45 7.37 -3.38
N GLU B 15 9.27 8.47 -3.32
CA GLU B 15 10.69 8.37 -3.48
C GLU B 15 11.32 7.71 -2.20
N ALA B 16 10.88 8.13 -1.03
CA ALA B 16 11.40 7.63 0.22
C ALA B 16 11.05 6.11 0.33
N SER B 17 9.81 5.76 0.01
CA SER B 17 9.49 4.31 -0.01
C SER B 17 10.30 3.50 -0.98
N ARG B 18 10.62 4.11 -2.20
CA ARG B 18 11.54 3.36 -3.10
C ARG B 18 12.89 3.12 -2.56
N LEU B 19 13.52 4.13 -1.94
CA LEU B 19 14.81 3.97 -1.30
C LEU B 19 14.82 2.95 -0.19
N TYR B 20 13.73 2.95 0.65
CA TYR B 20 13.70 2.12 1.82
C TYR B 20 13.28 0.66 1.35
N PHE B 21 12.12 0.49 0.80
CA PHE B 21 11.64 -0.89 0.45
C PHE B 21 12.30 -1.54 -0.73
N GLY B 22 12.61 -0.78 -1.79
CA GLY B 22 13.21 -1.22 -2.99
C GLY B 22 14.73 -1.33 -2.78
N GLU B 23 15.35 -0.25 -2.29
CA GLU B 23 16.81 -0.24 -2.18
C GLU B 23 17.45 -0.66 -0.87
N ARG B 24 16.63 -0.88 0.17
CA ARG B 24 17.08 -1.10 1.51
C ARG B 24 17.98 0.09 1.98
N ASN B 25 17.70 1.31 1.52
CA ASN B 25 18.52 2.42 1.93
C ASN B 25 17.79 3.33 2.92
N VAL B 26 17.94 3.13 4.24
CA VAL B 26 17.26 3.82 5.27
C VAL B 26 17.86 5.24 5.33
N LYS B 27 19.21 5.36 5.22
CA LYS B 27 19.75 6.74 5.24
C LYS B 27 19.09 7.63 4.19
N GLY B 28 18.88 7.14 2.99
CA GLY B 28 18.38 7.91 1.83
C GLY B 28 16.87 8.26 2.11
N MET B 29 16.09 7.26 2.63
CA MET B 29 14.72 7.50 3.08
C MET B 29 14.55 8.58 4.09
N PHE B 30 15.44 8.69 5.09
CA PHE B 30 15.43 9.84 6.05
C PHE B 30 15.76 11.17 5.37
N GLU B 31 16.85 11.06 4.50
CA GLU B 31 17.24 12.26 3.87
C GLU B 31 16.04 12.89 3.11
N VAL B 32 15.28 12.07 2.46
CA VAL B 32 14.08 12.54 1.77
C VAL B 32 13.02 13.05 2.72
N LEU B 33 12.64 12.34 3.78
CA LEU B 33 11.52 12.68 4.65
C LEU B 33 11.87 13.83 5.59
N GLU B 34 13.14 14.07 5.97
CA GLU B 34 13.36 15.13 7.02
C GLU B 34 12.97 16.55 6.62
N PRO B 35 13.22 17.02 5.37
CA PRO B 35 12.87 18.34 4.92
C PRO B 35 11.35 18.48 4.73
N LEU B 36 10.69 17.28 4.43
CA LEU B 36 9.24 17.42 4.32
C LEU B 36 8.62 17.69 5.67
N HIS B 37 9.03 16.91 6.68
CA HIS B 37 8.54 17.22 7.99
C HIS B 37 8.94 18.67 8.45
N ALA B 38 10.12 19.03 8.12
CA ALA B 38 10.59 20.40 8.63
C ALA B 38 9.74 21.47 8.01
N MET B 39 9.33 21.31 6.76
CA MET B 39 8.29 22.30 6.32
C MET B 39 7.01 22.25 7.06
N MET B 40 6.37 21.15 7.42
CA MET B 40 5.19 21.17 8.27
C MET B 40 5.53 21.88 9.58
N GLU B 41 6.70 21.56 10.17
CA GLU B 41 7.07 22.24 11.42
C GLU B 41 7.02 23.76 11.31
N ARG B 42 7.45 24.28 10.20
CA ARG B 42 7.40 25.75 10.06
C ARG B 42 5.96 26.25 10.06
N GLY B 43 4.98 25.53 9.54
CA GLY B 43 3.59 25.96 9.61
C GLY B 43 3.03 26.34 8.25
N PRO B 44 1.71 26.24 7.98
CA PRO B 44 1.14 26.56 6.73
C PRO B 44 1.14 28.06 6.47
N GLN B 45 1.38 28.54 5.30
CA GLN B 45 1.30 29.96 4.96
C GLN B 45 0.34 30.30 3.80
N THR B 46 -0.34 29.27 3.25
CA THR B 46 -1.42 29.50 2.31
C THR B 46 -2.70 28.79 2.75
N LEU B 47 -3.83 29.19 2.17
CA LEU B 47 -5.11 28.45 2.49
C LEU B 47 -4.93 26.94 2.11
N LYS B 48 -4.38 26.59 0.96
CA LYS B 48 -4.14 25.25 0.46
C LYS B 48 -3.13 24.52 1.35
N GLU B 49 -2.22 25.22 1.92
CA GLU B 49 -1.25 24.59 2.85
C GLU B 49 -1.99 24.26 4.13
N THR B 50 -2.91 25.23 4.50
CA THR B 50 -3.60 25.09 5.80
C THR B 50 -4.57 23.87 5.74
N SER B 51 -5.23 23.77 4.62
CA SER B 51 -6.27 22.65 4.56
C SER B 51 -5.48 21.32 4.45
N PHE B 52 -4.33 21.28 3.75
CA PHE B 52 -3.52 20.05 3.74
C PHE B 52 -3.05 19.73 5.17
N ASN B 53 -2.60 20.76 5.90
CA ASN B 53 -2.19 20.53 7.30
C ASN B 53 -3.34 20.10 8.17
N GLN B 54 -4.53 20.72 8.04
CA GLN B 54 -5.72 20.20 8.75
C GLN B 54 -6.06 18.66 8.49
N ALA B 55 -5.98 18.27 7.22
CA ALA B 55 -6.37 16.86 6.95
C ALA B 55 -5.27 15.87 7.28
N TYR B 56 -3.99 16.20 7.02
CA TYR B 56 -2.93 15.19 7.16
C TYR B 56 -1.91 15.57 8.21
N GLY B 57 -2.02 16.67 8.93
CA GLY B 57 -0.85 17.14 9.75
C GLY B 57 -0.60 16.09 10.88
N ARG B 58 -1.72 15.79 11.59
CA ARG B 58 -1.58 14.87 12.71
C ARG B 58 -1.04 13.50 12.29
N ASP B 59 -1.55 12.89 11.19
CA ASP B 59 -0.98 11.58 10.77
C ASP B 59 0.51 11.72 10.47
N LEU B 60 0.88 12.82 9.76
CA LEU B 60 2.29 12.92 9.41
C LEU B 60 3.15 13.14 10.64
N MET B 61 2.66 13.93 11.62
CA MET B 61 3.39 14.10 12.87
C MET B 61 3.51 12.72 13.59
N GLU B 62 2.46 11.95 13.68
CA GLU B 62 2.55 10.57 14.21
C GLU B 62 3.51 9.67 13.43
N ALA B 63 3.55 9.73 12.09
CA ALA B 63 4.54 8.92 11.33
C ALA B 63 5.95 9.35 11.77
N GLN B 64 6.21 10.70 11.85
CA GLN B 64 7.46 11.13 12.40
C GLN B 64 7.73 10.65 13.83
N GLU B 65 6.77 10.58 14.78
CA GLU B 65 7.10 10.05 16.09
C GLU B 65 7.53 8.56 15.95
N TRP B 66 6.85 7.77 15.15
CA TRP B 66 7.33 6.38 14.97
C TRP B 66 8.76 6.33 14.42
N CYS B 67 8.98 7.18 13.35
CA CYS B 67 10.39 7.15 12.85
C CYS B 67 11.38 7.49 13.99
N ARG B 68 11.08 8.55 14.77
CA ARG B 68 11.96 8.91 15.87
C ARG B 68 12.02 7.74 16.88
N LYS B 69 10.93 6.95 17.06
CA LYS B 69 11.04 5.82 17.93
C LYS B 69 12.08 4.80 17.50
N TYR B 70 12.08 4.57 16.21
CA TYR B 70 13.02 3.70 15.55
C TYR B 70 14.52 4.16 15.70
N MET B 71 14.64 5.47 15.59
CA MET B 71 16.01 6.03 15.73
C MET B 71 16.57 5.57 17.04
N LYS B 72 15.78 5.59 18.07
CA LYS B 72 16.29 5.28 19.39
C LYS B 72 16.18 3.76 19.62
N SER B 73 15.16 3.05 19.23
CA SER B 73 15.01 1.62 19.47
C SER B 73 15.83 0.73 18.57
N GLY B 74 16.12 0.98 17.31
CA GLY B 74 16.73 0.02 16.35
C GLY B 74 15.72 -1.08 15.95
N ASN B 75 14.44 -0.91 16.20
CA ASN B 75 13.52 -2.03 15.87
C ASN B 75 12.75 -1.70 14.57
N VAL B 76 12.93 -2.31 13.43
CA VAL B 76 12.29 -2.06 12.18
C VAL B 76 10.79 -2.05 12.23
N LYS B 77 10.07 -2.72 13.14
CA LYS B 77 8.67 -2.64 13.38
C LYS B 77 8.18 -1.22 13.72
N ASP B 78 9.09 -0.45 14.39
CA ASP B 78 8.68 0.94 14.61
C ASP B 78 8.66 1.71 13.24
N LEU B 79 9.59 1.43 12.33
CA LEU B 79 9.51 2.12 11.05
C LEU B 79 8.41 1.61 10.20
N THR B 80 8.07 0.30 10.42
CA THR B 80 6.89 -0.10 9.51
C THR B 80 5.75 0.74 9.92
N GLN B 81 5.57 0.94 11.28
CA GLN B 81 4.30 1.62 11.77
C GLN B 81 4.20 3.06 11.16
N ALA B 82 5.44 3.55 11.01
CA ALA B 82 5.45 4.91 10.31
C ALA B 82 4.98 4.79 8.88
N TRP B 83 5.36 3.64 8.14
CA TRP B 83 4.94 3.54 6.75
C TRP B 83 3.46 3.27 6.64
N ASP B 84 2.77 2.73 7.66
CA ASP B 84 1.31 2.52 7.53
C ASP B 84 0.62 3.90 7.50
N LEU B 85 1.07 4.83 8.31
CA LEU B 85 0.52 6.18 8.37
C LEU B 85 0.97 6.94 7.12
N TYR B 86 2.22 6.72 6.65
CA TYR B 86 2.57 7.43 5.42
C TYR B 86 1.70 6.95 4.23
N TYR B 87 1.45 5.65 4.15
CA TYR B 87 0.72 5.09 2.98
C TYR B 87 -0.71 5.60 3.08
N HIS B 88 -1.31 5.63 4.31
CA HIS B 88 -2.73 6.16 4.39
C HIS B 88 -2.73 7.64 3.84
N VAL B 89 -1.77 8.47 4.28
CA VAL B 89 -1.68 9.78 3.67
C VAL B 89 -1.55 9.73 2.16
N PHE B 90 -0.61 8.90 1.66
CA PHE B 90 -0.34 8.85 0.25
C PHE B 90 -1.55 8.47 -0.59
N ARG B 91 -2.32 7.45 -0.09
CA ARG B 91 -3.50 7.05 -0.73
C ARG B 91 -4.53 8.20 -0.69
N ARG B 92 -4.66 8.88 0.41
CA ARG B 92 -5.69 9.98 0.50
C ARG B 92 -5.33 11.10 -0.46
N ILE B 93 -4.06 11.44 -0.58
CA ILE B 93 -3.58 12.47 -1.51
C ILE B 93 -3.82 12.02 -2.95
N SER B 94 -3.82 10.73 -3.22
CA SER B 94 -3.87 10.18 -4.54
C SER B 94 -5.31 10.16 -5.09
TB TB C . -1.06 -35.15 -5.68
TB TB D . -6.09 -35.42 -6.95
N GLY A 1 2.21 -20.16 -10.15
CA GLY A 1 1.30 -19.23 -10.78
C GLY A 1 0.28 -18.76 -9.75
N VAL A 2 -0.94 -18.50 -10.23
CA VAL A 2 -2.07 -18.10 -9.43
C VAL A 2 -3.25 -18.98 -9.86
N GLN A 3 -3.89 -19.59 -8.88
CA GLN A 3 -5.07 -20.39 -9.13
C GLN A 3 -6.26 -19.55 -8.67
N VAL A 4 -7.35 -19.39 -9.43
CA VAL A 4 -8.50 -18.58 -9.04
C VAL A 4 -9.64 -19.56 -8.84
N GLU A 5 -10.18 -19.70 -7.65
CA GLU A 5 -11.32 -20.58 -7.39
C GLU A 5 -12.50 -19.72 -6.96
N THR A 6 -13.68 -19.78 -7.58
CA THR A 6 -14.80 -18.91 -7.27
C THR A 6 -15.48 -19.15 -5.94
N ILE A 7 -15.68 -18.11 -5.12
CA ILE A 7 -16.52 -18.22 -3.94
C ILE A 7 -17.94 -17.80 -4.33
N SER A 8 -18.15 -16.74 -5.10
CA SER A 8 -19.46 -16.29 -5.58
C SER A 8 -19.22 -15.71 -6.97
N PRO A 9 -20.05 -16.02 -7.96
CA PRO A 9 -19.86 -15.56 -9.30
C PRO A 9 -20.09 -14.07 -9.51
N GLY A 10 -19.31 -13.49 -10.41
CA GLY A 10 -19.54 -12.14 -10.84
C GLY A 10 -20.52 -12.15 -11.99
N ASP A 11 -20.57 -11.06 -12.73
CA ASP A 11 -21.51 -11.00 -13.84
C ASP A 11 -21.08 -11.75 -15.09
N GLY A 12 -19.83 -12.22 -15.15
CA GLY A 12 -19.31 -12.98 -16.28
C GLY A 12 -19.17 -12.16 -17.56
N ARG A 13 -19.20 -10.84 -17.50
CA ARG A 13 -19.18 -9.98 -18.66
C ARG A 13 -18.22 -8.83 -18.52
N THR A 14 -18.20 -8.19 -17.35
CA THR A 14 -17.39 -7.01 -17.07
C THR A 14 -16.09 -7.35 -16.36
N PHE A 15 -15.02 -7.32 -17.13
CA PHE A 15 -13.71 -7.70 -16.66
C PHE A 15 -12.83 -6.48 -16.65
N PRO A 16 -11.83 -6.29 -15.76
CA PRO A 16 -10.96 -5.14 -15.75
C PRO A 16 -10.14 -5.06 -17.04
N LYS A 17 -9.91 -3.83 -17.46
CA LYS A 17 -8.99 -3.51 -18.52
C LYS A 17 -7.73 -2.94 -17.85
N ARG A 18 -6.60 -3.10 -18.53
CA ARG A 18 -5.34 -2.47 -18.16
C ARG A 18 -5.57 -0.98 -18.04
N GLY A 19 -5.08 -0.43 -16.94
CA GLY A 19 -5.24 0.98 -16.70
C GLY A 19 -6.51 1.30 -15.91
N GLN A 20 -7.47 0.39 -15.76
CA GLN A 20 -8.61 0.69 -14.92
C GLN A 20 -8.25 0.50 -13.47
N THR A 21 -8.94 1.26 -12.63
CA THR A 21 -8.89 1.10 -11.19
C THR A 21 -9.86 0.02 -10.77
N CYS A 22 -9.34 -1.02 -10.14
CA CYS A 22 -10.16 -2.05 -9.54
C CYS A 22 -10.39 -1.68 -8.08
N VAL A 23 -11.65 -1.82 -7.63
CA VAL A 23 -12.00 -1.56 -6.24
C VAL A 23 -12.36 -2.91 -5.63
N VAL A 24 -11.63 -3.36 -4.60
CA VAL A 24 -11.77 -4.71 -4.08
C VAL A 24 -11.85 -4.74 -2.56
N HIS A 25 -12.41 -5.79 -1.99
CA HIS A 25 -12.14 -6.12 -0.59
C HIS A 25 -11.28 -7.36 -0.56
N TYR A 26 -10.34 -7.46 0.38
CA TYR A 26 -9.51 -8.64 0.49
C TYR A 26 -9.20 -9.00 1.94
N THR A 27 -8.90 -10.29 2.13
CA THR A 27 -8.30 -10.86 3.33
C THR A 27 -7.13 -11.69 2.79
N GLY A 28 -5.94 -11.54 3.39
CA GLY A 28 -4.78 -12.31 3.01
C GLY A 28 -4.31 -13.17 4.18
N MET A 29 -3.86 -14.38 3.87
CA MET A 29 -3.26 -15.26 4.86
C MET A 29 -2.16 -16.09 4.20
N LEU A 30 -1.25 -16.57 5.02
CA LEU A 30 -0.21 -17.50 4.57
C LEU A 30 -0.88 -18.86 4.39
N GLU A 31 -0.52 -19.67 3.38
CA GLU A 31 -1.14 -20.97 3.14
C GLU A 31 -1.03 -21.81 4.39
N ASP A 32 -2.19 -22.21 4.92
CA ASP A 32 -2.31 -22.90 6.20
C ASP A 32 -1.58 -22.24 7.37
N GLY A 33 -1.77 -20.94 7.41
CA GLY A 33 -1.10 -20.10 8.36
C GLY A 33 -1.96 -18.90 8.73
N LYS A 34 -1.20 -17.89 9.17
CA LYS A 34 -1.72 -16.70 9.80
C LYS A 34 -2.41 -15.79 8.79
N LYS A 35 -3.59 -15.25 9.12
CA LYS A 35 -4.10 -14.07 8.42
C LYS A 35 -3.20 -12.89 8.76
N PHE A 36 -2.76 -12.18 7.73
CA PHE A 36 -1.85 -11.08 7.94
C PHE A 36 -2.52 -9.76 7.58
N ASP A 37 -3.61 -9.71 6.79
CA ASP A 37 -4.23 -8.42 6.44
C ASP A 37 -5.67 -8.57 5.93
N SER A 38 -6.53 -7.57 6.10
CA SER A 38 -7.86 -7.58 5.54
C SER A 38 -8.29 -6.14 5.43
N SER A 39 -8.75 -5.74 4.25
CA SER A 39 -9.34 -4.43 4.11
C SER A 39 -10.70 -4.36 4.76
N ARG A 40 -11.36 -5.50 4.99
CA ARG A 40 -12.69 -5.54 5.56
C ARG A 40 -12.69 -5.00 6.98
N ASP A 41 -11.67 -5.36 7.77
CA ASP A 41 -11.42 -4.86 9.13
C ASP A 41 -11.43 -3.34 9.20
N ARG A 42 -10.79 -2.81 8.15
CA ARG A 42 -10.54 -1.39 8.04
C ARG A 42 -11.76 -0.64 7.53
N ASN A 43 -12.79 -1.39 7.09
CA ASN A 43 -14.02 -0.83 6.56
C ASN A 43 -13.76 0.02 5.31
N LYS A 44 -12.56 -0.04 4.70
CA LYS A 44 -12.22 0.75 3.53
C LYS A 44 -11.76 -0.20 2.42
N PRO A 45 -12.29 -0.12 1.18
CA PRO A 45 -11.88 -0.96 0.07
C PRO A 45 -10.54 -0.44 -0.42
N PHE A 46 -9.81 -1.39 -0.99
CA PHE A 46 -8.49 -1.18 -1.53
C PHE A 46 -8.69 -0.91 -3.02
N LYS A 47 -7.92 0.03 -3.56
CA LYS A 47 -8.00 0.32 -4.98
C LYS A 47 -6.60 0.24 -5.52
N PHE A 48 -6.49 -0.31 -6.72
CA PHE A 48 -5.23 -0.31 -7.43
C PHE A 48 -5.51 -0.25 -8.92
N MET A 49 -4.51 0.18 -9.67
CA MET A 49 -4.67 0.30 -11.11
C MET A 49 -4.04 -0.92 -11.76
N LEU A 50 -4.85 -1.61 -12.54
CA LEU A 50 -4.43 -2.83 -13.16
C LEU A 50 -3.40 -2.51 -14.21
N GLY A 51 -2.34 -3.31 -14.26
CA GLY A 51 -1.35 -3.20 -15.30
C GLY A 51 -0.19 -2.26 -14.99
N LYS A 52 -0.19 -1.51 -13.88
CA LYS A 52 0.89 -0.57 -13.56
C LYS A 52 2.00 -1.14 -12.68
N GLN A 53 2.01 -2.47 -12.44
CA GLN A 53 2.89 -3.11 -11.48
C GLN A 53 2.91 -2.53 -10.05
N GLU A 54 1.75 -2.05 -9.62
CA GLU A 54 1.58 -1.60 -8.25
C GLU A 54 1.51 -2.74 -7.25
N VAL A 55 1.02 -3.91 -7.70
CA VAL A 55 0.80 -5.04 -6.82
C VAL A 55 1.53 -6.27 -7.35
N ILE A 56 1.62 -7.31 -6.52
CA ILE A 56 2.27 -8.55 -6.89
C ILE A 56 1.64 -9.19 -8.12
N ARG A 57 2.45 -9.98 -8.84
CA ARG A 57 2.04 -10.54 -10.11
C ARG A 57 0.78 -11.40 -10.07
N GLY A 58 0.64 -12.17 -9.00
CA GLY A 58 -0.54 -13.00 -8.80
C GLY A 58 -1.84 -12.21 -8.72
N TRP A 59 -1.78 -10.97 -8.20
CA TRP A 59 -2.94 -10.12 -8.18
C TRP A 59 -3.15 -9.57 -9.57
N GLU A 60 -2.10 -9.14 -10.28
CA GLU A 60 -2.25 -8.63 -11.64
C GLU A 60 -2.91 -9.64 -12.57
N GLU A 61 -2.47 -10.89 -12.50
CA GLU A 61 -3.07 -11.93 -13.32
C GLU A 61 -4.35 -12.49 -12.77
N GLY A 62 -4.47 -12.56 -11.45
CA GLY A 62 -5.64 -13.11 -10.79
C GLY A 62 -6.85 -12.22 -10.99
N VAL A 63 -6.72 -10.94 -10.65
CA VAL A 63 -7.84 -10.01 -10.73
C VAL A 63 -8.27 -9.75 -12.18
N ALA A 64 -7.34 -9.76 -13.14
CA ALA A 64 -7.69 -9.62 -14.53
C ALA A 64 -8.68 -10.64 -15.09
N GLN A 65 -8.78 -11.83 -14.49
CA GLN A 65 -9.73 -12.81 -14.99
C GLN A 65 -11.02 -12.81 -14.18
N MET A 66 -11.22 -11.81 -13.32
CA MET A 66 -12.41 -11.77 -12.52
C MET A 66 -13.35 -10.77 -13.15
N SER A 67 -14.65 -11.04 -13.03
CA SER A 67 -15.63 -10.06 -13.44
C SER A 67 -16.23 -9.30 -12.26
N VAL A 68 -16.88 -8.15 -12.51
CA VAL A 68 -17.43 -7.34 -11.44
C VAL A 68 -18.44 -8.15 -10.65
N GLY A 69 -18.32 -8.13 -9.33
CA GLY A 69 -19.19 -8.83 -8.41
C GLY A 69 -18.62 -10.17 -7.93
N GLN A 70 -17.59 -10.67 -8.60
CA GLN A 70 -17.08 -11.98 -8.28
C GLN A 70 -16.31 -11.91 -6.98
N ARG A 71 -16.40 -12.98 -6.18
CA ARG A 71 -15.55 -13.18 -5.02
C ARG A 71 -14.77 -14.45 -5.30
N ALA A 72 -13.45 -14.45 -5.13
CA ALA A 72 -12.63 -15.61 -5.43
C ALA A 72 -11.49 -15.84 -4.43
N LYS A 73 -11.09 -17.09 -4.29
CA LYS A 73 -9.92 -17.47 -3.52
C LYS A 73 -8.80 -17.53 -4.57
N LEU A 74 -7.76 -16.73 -4.35
CA LEU A 74 -6.56 -16.73 -5.18
C LEU A 74 -5.45 -17.44 -4.44
N THR A 75 -4.88 -18.53 -4.93
CA THR A 75 -3.71 -19.14 -4.30
C THR A 75 -2.50 -18.78 -5.15
N ILE A 76 -1.48 -18.17 -4.56
CA ILE A 76 -0.40 -17.55 -5.30
C ILE A 76 0.89 -18.18 -4.83
N SER A 77 1.65 -18.70 -5.79
CA SER A 77 2.91 -19.33 -5.48
C SER A 77 3.92 -18.24 -5.14
N PRO A 78 5.01 -18.48 -4.43
CA PRO A 78 5.96 -17.47 -4.00
C PRO A 78 6.54 -16.68 -5.14
N ASP A 79 6.79 -17.30 -6.29
CA ASP A 79 7.30 -16.59 -7.43
C ASP A 79 6.33 -15.60 -8.04
N TYR A 80 5.04 -15.68 -7.72
CA TYR A 80 4.05 -14.70 -8.16
C TYR A 80 3.69 -13.74 -7.03
N ALA A 81 4.40 -13.83 -5.91
CA ALA A 81 4.13 -13.08 -4.70
C ALA A 81 5.48 -12.48 -4.27
N TYR A 82 6.09 -12.77 -3.13
CA TYR A 82 7.31 -12.12 -2.67
C TYR A 82 8.55 -12.96 -2.77
N GLY A 83 8.46 -14.19 -3.30
CA GLY A 83 9.63 -14.95 -3.69
C GLY A 83 10.56 -15.33 -2.57
N ALA A 84 11.86 -15.38 -2.86
CA ALA A 84 12.78 -15.90 -1.88
C ALA A 84 13.13 -14.88 -0.83
N THR A 85 12.77 -13.62 -1.02
CA THR A 85 13.11 -12.58 -0.08
C THR A 85 11.99 -12.34 0.93
N GLY A 86 10.74 -12.50 0.49
CA GLY A 86 9.60 -12.25 1.34
C GLY A 86 9.37 -10.73 1.41
N HIS A 87 8.50 -10.33 2.31
CA HIS A 87 8.20 -8.94 2.52
C HIS A 87 8.60 -8.69 3.96
N PRO A 88 9.66 -7.93 4.20
CA PRO A 88 10.29 -7.76 5.51
C PRO A 88 9.33 -7.46 6.65
N GLY A 89 9.44 -8.28 7.68
CA GLY A 89 8.63 -8.12 8.84
C GLY A 89 7.32 -8.86 8.75
N ILE A 90 6.83 -9.22 7.57
CA ILE A 90 5.45 -9.69 7.42
C ILE A 90 5.46 -11.05 6.73
N ILE A 91 6.02 -11.20 5.53
CA ILE A 91 5.88 -12.43 4.75
C ILE A 91 7.27 -13.05 4.71
N PRO A 92 7.45 -14.31 5.14
CA PRO A 92 8.73 -15.04 5.08
C PRO A 92 9.14 -15.39 3.63
N PRO A 93 10.43 -15.73 3.37
CA PRO A 93 10.86 -16.31 2.10
C PRO A 93 10.02 -17.53 1.77
N HIS A 94 9.76 -17.64 0.46
CA HIS A 94 9.12 -18.81 -0.12
C HIS A 94 7.73 -19.06 0.47
N ALA A 95 6.93 -18.01 0.77
CA ALA A 95 5.59 -18.25 1.25
C ALA A 95 4.56 -18.29 0.10
N THR A 96 3.68 -19.31 0.14
CA THR A 96 2.49 -19.37 -0.68
C THR A 96 1.38 -18.52 0.01
N LEU A 97 0.70 -17.65 -0.74
CA LEU A 97 -0.28 -16.72 -0.17
C LEU A 97 -1.65 -17.11 -0.68
N VAL A 98 -2.62 -17.04 0.21
CA VAL A 98 -4.00 -17.17 -0.23
C VAL A 98 -4.76 -15.90 0.11
N PHE A 99 -5.42 -15.34 -0.90
CA PHE A 99 -6.25 -14.16 -0.74
C PHE A 99 -7.71 -14.46 -1.06
N ASP A 100 -8.60 -13.90 -0.28
CA ASP A 100 -10.02 -13.83 -0.61
C ASP A 100 -10.24 -12.44 -1.20
N VAL A 101 -10.63 -12.30 -2.46
CA VAL A 101 -10.74 -11.03 -3.14
C VAL A 101 -12.12 -10.93 -3.73
N GLU A 102 -12.76 -9.79 -3.47
CA GLU A 102 -14.07 -9.51 -4.02
C GLU A 102 -13.97 -8.28 -4.91
N LEU A 103 -14.24 -8.40 -6.21
CA LEU A 103 -14.13 -7.26 -7.11
C LEU A 103 -15.45 -6.49 -7.07
N LEU A 104 -15.38 -5.37 -6.35
CA LEU A 104 -16.56 -4.54 -6.11
C LEU A 104 -17.00 -3.69 -7.31
N LYS A 105 -16.06 -3.02 -7.99
CA LYS A 105 -16.37 -1.93 -8.90
C LYS A 105 -15.11 -1.63 -9.69
N LEU A 106 -15.29 -1.08 -10.88
CA LEU A 106 -14.21 -0.57 -11.68
C LEU A 106 -14.41 0.94 -11.80
N GLU A 107 -13.33 1.71 -11.75
CA GLU A 107 -13.35 3.13 -12.03
C GLU A 107 -12.23 3.43 -13.05
N VAL B 1 10.69 28.56 -6.48
CA VAL B 1 9.98 27.18 -6.30
C VAL B 1 8.63 27.24 -5.59
N ALA B 2 7.66 26.91 -6.37
CA ALA B 2 6.21 27.02 -6.02
C ALA B 2 5.73 25.51 -6.15
N ILE B 3 5.34 24.94 -4.97
CA ILE B 3 4.77 23.60 -5.22
C ILE B 3 3.75 23.25 -4.13
N LEU B 4 2.64 22.59 -4.50
CA LEU B 4 1.63 22.44 -3.45
C LEU B 4 2.11 21.36 -2.45
N TRP B 5 1.63 21.46 -1.20
CA TRP B 5 2.12 20.51 -0.21
C TRP B 5 1.61 19.10 -0.59
N HIS B 6 0.51 18.90 -1.22
CA HIS B 6 -0.05 17.69 -1.77
C HIS B 6 0.99 17.02 -2.69
N GLU B 7 1.61 17.86 -3.60
CA GLU B 7 2.54 17.34 -4.59
C GLU B 7 3.84 16.94 -3.92
N MET B 8 4.22 17.85 -2.95
CA MET B 8 5.71 17.64 -2.49
C MET B 8 5.63 16.32 -1.68
N TRP B 9 4.55 16.11 -0.85
CA TRP B 9 4.45 14.83 -0.14
C TRP B 9 4.24 13.60 -1.03
N HIS B 10 3.45 13.69 -2.15
CA HIS B 10 3.20 12.49 -2.93
C HIS B 10 4.53 12.06 -3.53
N GLU B 11 5.28 13.03 -4.11
CA GLU B 11 6.54 12.70 -4.67
C GLU B 11 7.58 12.27 -3.65
N GLY B 12 7.65 12.95 -2.50
CA GLY B 12 8.59 12.65 -1.47
C GLY B 12 8.39 11.23 -0.84
N LEU B 13 7.12 10.83 -0.55
CA LEU B 13 6.79 9.52 0.03
C LEU B 13 7.18 8.45 -0.97
N GLU B 14 6.89 8.58 -2.22
CA GLU B 14 7.18 7.70 -3.30
C GLU B 14 8.68 7.46 -3.37
N GLU B 15 9.48 8.58 -3.31
CA GLU B 15 10.89 8.50 -3.44
C GLU B 15 11.52 7.86 -2.15
N ALA B 16 11.05 8.25 -0.99
CA ALA B 16 11.57 7.77 0.27
C ALA B 16 11.24 6.23 0.37
N SER B 17 10.01 5.87 0.03
CA SER B 17 9.72 4.40 -0.01
C SER B 17 10.57 3.61 -0.96
N ARG B 18 10.89 4.23 -2.16
CA ARG B 18 11.83 3.50 -3.05
C ARG B 18 13.18 3.29 -2.49
N LEU B 19 13.78 4.31 -1.86
CA LEU B 19 15.05 4.16 -1.21
C LEU B 19 15.07 3.16 -0.10
N TYR B 20 13.99 3.12 0.72
CA TYR B 20 13.94 2.29 1.89
C TYR B 20 13.56 0.82 1.41
N PHE B 21 12.41 0.63 0.83
CA PHE B 21 11.96 -0.76 0.48
C PHE B 21 12.66 -1.40 -0.70
N GLY B 22 12.96 -0.62 -1.75
CA GLY B 22 13.59 -1.04 -2.93
C GLY B 22 15.10 -1.12 -2.71
N GLU B 23 15.71 -0.03 -2.21
CA GLU B 23 17.16 0.00 -2.07
C GLU B 23 17.78 -0.41 -0.76
N ARG B 24 16.95 -0.64 0.27
CA ARG B 24 17.39 -0.87 1.63
C ARG B 24 18.26 0.33 2.10
N ASN B 25 17.97 1.55 1.64
CA ASN B 25 18.76 2.68 2.06
C ASN B 25 17.99 3.57 3.04
N VAL B 26 18.13 3.36 4.37
CA VAL B 26 17.42 4.05 5.40
C VAL B 26 18.00 5.47 5.47
N LYS B 27 19.34 5.61 5.38
CA LYS B 27 19.85 7.01 5.40
C LYS B 27 19.19 7.89 4.35
N GLY B 28 19.00 7.40 3.15
CA GLY B 28 18.51 8.17 1.98
C GLY B 28 16.99 8.47 2.25
N MET B 29 16.23 7.47 2.75
CA MET B 29 14.85 7.68 3.19
C MET B 29 14.64 8.75 4.19
N PHE B 30 15.51 8.88 5.20
CA PHE B 30 15.48 10.02 6.16
C PHE B 30 15.80 11.36 5.50
N GLU B 31 16.88 11.28 4.64
CA GLU B 31 17.27 12.48 4.01
C GLU B 31 16.06 13.10 3.24
N VAL B 32 15.33 12.27 2.58
CA VAL B 32 14.13 12.72 1.88
C VAL B 32 13.04 13.20 2.81
N LEU B 33 12.66 12.48 3.86
CA LEU B 33 11.52 12.79 4.71
C LEU B 33 11.84 13.95 5.66
N GLU B 34 13.11 14.21 6.06
CA GLU B 34 13.29 15.27 7.12
C GLU B 34 12.86 16.69 6.72
N PRO B 35 13.13 17.16 5.48
CA PRO B 35 12.76 18.49 5.03
C PRO B 35 11.25 18.59 4.82
N LEU B 36 10.62 17.38 4.50
CA LEU B 36 9.16 17.49 4.38
C LEU B 36 8.51 17.75 5.71
N HIS B 37 8.93 16.98 6.72
CA HIS B 37 8.41 17.27 8.02
C HIS B 37 8.78 18.72 8.50
N ALA B 38 9.96 19.11 8.19
CA ALA B 38 10.40 20.49 8.72
C ALA B 38 9.53 21.54 8.08
N MET B 39 9.15 21.38 6.82
CA MET B 39 8.09 22.35 6.37
C MET B 39 6.80 22.27 7.10
N MET B 40 6.17 21.15 7.44
CA MET B 40 4.99 21.15 8.28
C MET B 40 5.30 21.87 9.60
N GLU B 41 6.46 21.57 10.20
CA GLU B 41 6.80 22.24 11.45
C GLU B 41 6.72 23.77 11.34
N ARG B 42 7.17 24.30 10.24
CA ARG B 42 7.08 25.77 10.10
C ARG B 42 5.63 26.24 10.09
N GLY B 43 4.67 25.51 9.55
CA GLY B 43 3.27 25.92 9.60
C GLY B 43 2.72 26.29 8.23
N PRO B 44 1.41 26.15 7.95
CA PRO B 44 0.86 26.47 6.68
C PRO B 44 0.83 27.97 6.44
N GLN B 45 1.09 28.47 5.26
CA GLN B 45 0.99 29.88 4.93
C GLN B 45 0.03 30.21 3.76
N THR B 46 -0.62 29.16 3.19
CA THR B 46 -1.69 29.38 2.24
C THR B 46 -2.97 28.64 2.65
N LEU B 47 -4.09 29.03 2.06
CA LEU B 47 -5.37 28.26 2.36
C LEU B 47 -5.15 26.75 1.98
N LYS B 48 -4.58 26.43 0.84
CA LYS B 48 -4.30 25.10 0.33
C LYS B 48 -3.29 24.37 1.24
N GLU B 49 -2.40 25.08 1.82
CA GLU B 49 -1.44 24.48 2.76
C GLU B 49 -2.19 24.12 4.04
N THR B 50 -3.12 25.08 4.40
CA THR B 50 -3.83 24.92 5.68
C THR B 50 -4.79 23.68 5.60
N SER B 51 -5.43 23.57 4.46
CA SER B 51 -6.44 22.43 4.40
C SER B 51 -5.63 21.13 4.29
N PHE B 52 -4.47 21.10 3.60
CA PHE B 52 -3.63 19.88 3.61
C PHE B 52 -3.18 19.58 5.05
N ASN B 53 -2.76 20.60 5.78
CA ASN B 53 -2.36 20.38 7.19
C ASN B 53 -3.52 19.93 8.04
N GLN B 54 -4.72 20.52 7.89
CA GLN B 54 -5.91 19.98 8.58
C GLN B 54 -6.22 18.43 8.32
N ALA B 55 -6.11 18.04 7.05
CA ALA B 55 -6.46 16.64 6.76
C ALA B 55 -5.35 15.66 7.12
N TYR B 56 -4.09 16.01 6.87
CA TYR B 56 -3.00 15.03 7.01
C TYR B 56 -2.00 15.42 8.09
N GLY B 57 -2.14 16.52 8.81
CA GLY B 57 -1.00 17.00 9.65
C GLY B 57 -0.74 15.96 10.77
N ARG B 58 -1.87 15.63 11.47
CA ARG B 58 -1.73 14.72 12.59
C ARG B 58 -1.16 13.36 12.17
N ASP B 59 -1.63 12.74 11.07
CA ASP B 59 -1.05 11.45 10.65
C ASP B 59 0.45 11.60 10.37
N LEU B 60 0.81 12.72 9.68
CA LEU B 60 2.23 12.84 9.34
C LEU B 60 3.07 13.07 10.59
N MET B 61 2.54 13.85 11.55
CA MET B 61 3.24 14.04 12.82
C MET B 61 3.39 12.66 13.54
N GLU B 62 2.35 11.87 13.61
CA GLU B 62 2.46 10.49 14.13
C GLU B 62 3.45 9.62 13.37
N ALA B 63 3.50 9.68 12.03
CA ALA B 63 4.52 8.88 11.29
C ALA B 63 5.92 9.34 11.74
N GLN B 64 6.15 10.69 11.83
CA GLN B 64 7.38 11.14 12.40
C GLN B 64 7.64 10.66 13.83
N GLU B 65 6.66 10.58 14.78
CA GLU B 65 6.98 10.05 16.07
C GLU B 65 7.45 8.57 15.94
N TRP B 66 6.80 7.75 15.12
CA TRP B 66 7.30 6.39 14.95
C TRP B 66 8.74 6.36 14.42
N CYS B 67 8.96 7.22 13.36
CA CYS B 67 10.39 7.22 12.89
C CYS B 67 11.35 7.57 14.03
N ARG B 68 11.01 8.62 14.82
CA ARG B 68 11.87 8.99 15.93
C ARG B 68 11.93 7.83 16.94
N LYS B 69 10.87 7.02 17.10
CA LYS B 69 10.98 5.89 17.97
C LYS B 69 12.04 4.88 17.55
N TYR B 70 12.06 4.66 16.26
CA TYR B 70 13.02 3.80 15.61
C TYR B 70 14.52 4.28 15.78
N MET B 71 14.61 5.60 15.68
CA MET B 71 15.97 6.19 15.84
C MET B 71 16.52 5.73 17.16
N LYS B 72 15.73 5.73 18.17
CA LYS B 72 16.21 5.44 19.50
C LYS B 72 16.12 3.91 19.72
N SER B 73 15.13 3.19 19.31
CA SER B 73 15.00 1.75 19.55
C SER B 73 15.86 0.88 18.66
N GLY B 74 16.16 1.14 17.41
CA GLY B 74 16.80 0.19 16.46
C GLY B 74 15.82 -0.93 16.04
N ASN B 75 14.54 -0.77 16.27
CA ASN B 75 13.64 -1.91 15.92
C ASN B 75 12.88 -1.59 14.61
N VAL B 76 13.09 -2.20 13.48
CA VAL B 76 12.46 -1.96 12.22
C VAL B 76 10.96 -1.98 12.24
N LYS B 77 10.24 -2.66 13.14
CA LYS B 77 8.83 -2.60 13.35
C LYS B 77 8.32 -1.20 13.69
N ASP B 78 9.20 -0.41 14.37
CA ASP B 78 8.76 0.97 14.60
C ASP B 78 8.75 1.74 13.23
N LEU B 79 9.69 1.49 12.33
CA LEU B 79 9.63 2.19 11.05
C LEU B 79 8.54 1.64 10.18
N THR B 80 8.22 0.34 10.40
CA THR B 80 7.07 -0.09 9.46
C THR B 80 5.91 0.73 9.87
N GLN B 81 5.70 0.92 11.22
CA GLN B 81 4.41 1.58 11.70
C GLN B 81 4.29 3.01 11.08
N ALA B 82 5.53 3.53 10.96
CA ALA B 82 5.51 4.90 10.26
C ALA B 82 5.07 4.77 8.82
N TRP B 83 5.48 3.63 8.09
CA TRP B 83 5.09 3.53 6.69
C TRP B 83 3.61 3.23 6.56
N ASP B 84 2.92 2.67 7.57
CA ASP B 84 1.47 2.43 7.42
C ASP B 84 0.75 3.81 7.38
N LEU B 85 1.17 4.73 8.21
CA LEU B 85 0.60 6.08 8.25
C LEU B 85 1.05 6.86 7.01
N TYR B 86 2.31 6.65 6.56
CA TYR B 86 2.66 7.38 5.33
C TYR B 86 1.83 6.89 4.13
N TYR B 87 1.60 5.59 4.05
CA TYR B 87 0.90 5.02 2.86
C TYR B 87 -0.55 5.50 2.94
N HIS B 88 -1.17 5.51 4.17
CA HIS B 88 -2.59 6.01 4.23
C HIS B 88 -2.60 7.49 3.68
N VAL B 89 -1.67 8.34 4.14
CA VAL B 89 -1.60 9.66 3.53
C VAL B 89 -1.45 9.61 2.02
N PHE B 90 -0.49 8.81 1.53
CA PHE B 90 -0.20 8.75 0.13
C PHE B 90 -1.38 8.37 -0.73
N ARG B 91 -2.14 7.32 -0.25
CA ARG B 91 -3.31 6.90 -0.90
C ARG B 91 -4.36 8.04 -0.87
N ARG B 92 -4.52 8.70 0.23
CA ARG B 92 -5.56 9.79 0.30
C ARG B 92 -5.21 10.91 -0.65
N ILE B 93 -3.96 11.28 -0.74
CA ILE B 93 -3.48 12.31 -1.68
C ILE B 93 -3.69 11.88 -3.11
N SER B 94 -3.66 10.58 -3.40
CA SER B 94 -3.68 10.04 -4.71
C SER B 94 -5.11 9.99 -5.29
TB TB C . -1.45 -35.23 -5.73
TB TB D . -6.50 -35.42 -6.98
N GLY A 1 2.33 -20.04 -10.16
CA GLY A 1 1.40 -19.13 -10.78
C GLY A 1 0.38 -18.67 -9.76
N VAL A 2 -0.85 -18.43 -10.24
CA VAL A 2 -1.98 -18.04 -9.43
C VAL A 2 -3.14 -18.93 -9.87
N GLN A 3 -3.78 -19.55 -8.89
CA GLN A 3 -4.96 -20.37 -9.15
C GLN A 3 -6.15 -19.54 -8.69
N VAL A 4 -7.25 -19.40 -9.44
CA VAL A 4 -8.40 -18.60 -9.05
C VAL A 4 -9.54 -19.59 -8.86
N GLU A 5 -10.07 -19.74 -7.67
CA GLU A 5 -11.20 -20.62 -7.41
C GLU A 5 -12.39 -19.77 -6.98
N THR A 6 -13.57 -19.85 -7.60
CA THR A 6 -14.70 -18.99 -7.29
C THR A 6 -15.39 -19.24 -5.95
N ILE A 7 -15.58 -18.21 -5.13
CA ILE A 7 -16.43 -18.33 -3.96
C ILE A 7 -17.86 -17.94 -4.35
N SER A 8 -18.08 -16.87 -5.12
CA SER A 8 -19.39 -16.43 -5.59
C SER A 8 -19.16 -15.85 -6.99
N PRO A 9 -19.97 -16.16 -7.97
CA PRO A 9 -19.80 -15.70 -9.32
C PRO A 9 -20.04 -14.21 -9.52
N GLY A 10 -19.27 -13.63 -10.42
CA GLY A 10 -19.51 -12.27 -10.85
C GLY A 10 -20.50 -12.28 -11.99
N ASP A 11 -20.57 -11.19 -12.73
CA ASP A 11 -21.51 -11.15 -13.84
C ASP A 11 -21.05 -11.89 -15.11
N GLY A 12 -19.81 -12.35 -15.15
CA GLY A 12 -19.27 -13.10 -16.29
C GLY A 12 -19.14 -12.28 -17.57
N ARG A 13 -19.18 -10.95 -17.50
CA ARG A 13 -19.18 -10.10 -18.67
C ARG A 13 -18.23 -8.93 -18.51
N THR A 14 -18.21 -8.29 -17.35
CA THR A 14 -17.42 -7.11 -17.07
C THR A 14 -16.12 -7.43 -16.36
N PHE A 15 -15.05 -7.40 -17.12
CA PHE A 15 -13.73 -7.76 -16.65
C PHE A 15 -12.86 -6.52 -16.64
N PRO A 16 -11.87 -6.33 -15.75
CA PRO A 16 -11.00 -5.16 -15.74
C PRO A 16 -10.20 -5.08 -17.02
N LYS A 17 -9.97 -3.83 -17.44
CA LYS A 17 -9.06 -3.51 -18.51
C LYS A 17 -7.80 -2.93 -17.83
N ARG A 18 -6.67 -3.07 -18.52
CA ARG A 18 -5.42 -2.44 -18.14
C ARG A 18 -5.67 -0.94 -18.02
N GLY A 19 -5.18 -0.40 -16.92
CA GLY A 19 -5.36 1.02 -16.68
C GLY A 19 -6.63 1.32 -15.89
N GLN A 20 -7.58 0.40 -15.74
CA GLN A 20 -8.73 0.69 -14.90
C GLN A 20 -8.36 0.49 -13.45
N THR A 21 -9.07 1.25 -12.60
CA THR A 21 -9.01 1.09 -11.16
C THR A 21 -9.97 -0.02 -10.75
N CYS A 22 -9.43 -1.03 -10.12
CA CYS A 22 -10.26 -2.09 -9.53
C CYS A 22 -10.49 -1.72 -8.06
N VAL A 23 -11.74 -1.87 -7.61
CA VAL A 23 -12.10 -1.62 -6.22
C VAL A 23 -12.45 -2.97 -5.62
N VAL A 24 -11.71 -3.42 -4.59
CA VAL A 24 -11.83 -4.78 -4.07
C VAL A 24 -11.91 -4.80 -2.56
N HIS A 25 -12.46 -5.86 -1.98
CA HIS A 25 -12.18 -6.19 -0.58
C HIS A 25 -11.31 -7.43 -0.56
N TYR A 26 -10.38 -7.51 0.39
CA TYR A 26 -9.53 -8.68 0.50
C TYR A 26 -9.21 -9.04 1.95
N THR A 27 -8.90 -10.32 2.13
CA THR A 27 -8.29 -10.91 3.33
C THR A 27 -7.11 -11.70 2.80
N GLY A 28 -5.94 -11.55 3.39
CA GLY A 28 -4.77 -12.30 3.01
C GLY A 28 -4.28 -13.16 4.17
N MET A 29 -3.81 -14.36 3.87
CA MET A 29 -3.21 -15.23 4.86
C MET A 29 -2.10 -16.05 4.19
N LEU A 30 -1.18 -16.52 5.02
CA LEU A 30 -0.14 -17.45 4.57
C LEU A 30 -0.79 -18.82 4.37
N GLU A 31 -0.42 -19.61 3.36
CA GLU A 31 -1.03 -20.93 3.13
C GLU A 31 -0.90 -21.78 4.38
N ASP A 32 -2.06 -22.18 4.90
CA ASP A 32 -2.18 -22.86 6.19
C ASP A 32 -1.45 -22.22 7.36
N GLY A 33 -1.66 -20.90 7.39
CA GLY A 33 -0.99 -20.06 8.35
C GLY A 33 -1.87 -18.87 8.72
N LYS A 34 -1.13 -17.85 9.16
CA LYS A 34 -1.67 -16.67 9.80
C LYS A 34 -2.35 -15.77 8.79
N LYS A 35 -3.54 -15.24 9.10
CA LYS A 35 -4.06 -14.06 8.42
C LYS A 35 -3.18 -12.88 8.76
N PHE A 36 -2.74 -12.16 7.73
CA PHE A 36 -1.85 -11.05 7.95
C PHE A 36 -2.53 -9.73 7.59
N ASP A 37 -3.63 -9.69 6.80
CA ASP A 37 -4.26 -8.42 6.44
C ASP A 37 -5.69 -8.58 5.93
N SER A 38 -6.57 -7.59 6.11
CA SER A 38 -7.88 -7.61 5.55
C SER A 38 -8.33 -6.18 5.44
N SER A 39 -8.81 -5.78 4.26
CA SER A 39 -9.40 -4.48 4.13
C SER A 39 -10.78 -4.43 4.77
N ARG A 40 -11.41 -5.58 5.00
CA ARG A 40 -12.75 -5.62 5.57
C ARG A 40 -12.76 -5.09 6.99
N ASP A 41 -11.73 -5.44 7.78
CA ASP A 41 -11.49 -4.94 9.14
C ASP A 41 -11.51 -3.42 9.21
N ARG A 42 -10.87 -2.88 8.18
CA ARG A 42 -10.66 -1.47 8.07
C ARG A 42 -11.87 -0.73 7.54
N ASN A 43 -12.89 -1.48 7.11
CA ASN A 43 -14.13 -0.94 6.57
C ASN A 43 -13.87 -0.07 5.33
N LYS A 44 -12.67 -0.13 4.72
CA LYS A 44 -12.34 0.68 3.56
C LYS A 44 -11.87 -0.27 2.43
N PRO A 45 -12.41 -0.19 1.20
CA PRO A 45 -11.98 -1.03 0.08
C PRO A 45 -10.65 -0.50 -0.40
N PHE A 46 -9.91 -1.44 -0.97
CA PHE A 46 -8.60 -1.20 -1.51
C PHE A 46 -8.80 -0.94 -2.99
N LYS A 47 -8.04 0.02 -3.54
CA LYS A 47 -8.12 0.30 -4.96
C LYS A 47 -6.71 0.24 -5.49
N PHE A 48 -6.60 -0.30 -6.69
CA PHE A 48 -5.33 -0.29 -7.41
C PHE A 48 -5.62 -0.23 -8.90
N MET A 49 -4.62 0.22 -9.65
CA MET A 49 -4.78 0.32 -11.09
C MET A 49 -4.13 -0.88 -11.74
N LEU A 50 -4.94 -1.58 -12.52
CA LEU A 50 -4.51 -2.79 -13.14
C LEU A 50 -3.48 -2.45 -14.20
N GLY A 51 -2.42 -3.24 -14.24
CA GLY A 51 -1.42 -3.12 -15.28
C GLY A 51 -0.28 -2.18 -14.97
N LYS A 52 -0.29 -1.43 -13.85
CA LYS A 52 0.79 -0.48 -13.53
C LYS A 52 1.90 -1.04 -12.66
N GLN A 53 1.92 -2.35 -12.42
CA GLN A 53 2.82 -2.99 -11.46
C GLN A 53 2.83 -2.41 -10.02
N GLU A 54 1.66 -1.95 -9.59
CA GLU A 54 1.49 -1.50 -8.22
C GLU A 54 1.43 -2.65 -7.23
N VAL A 55 0.95 -3.81 -7.68
CA VAL A 55 0.74 -4.96 -6.81
C VAL A 55 1.48 -6.18 -7.34
N ILE A 56 1.59 -7.21 -6.51
CA ILE A 56 2.25 -8.45 -6.88
C ILE A 56 1.63 -9.09 -8.11
N ARG A 57 2.44 -9.87 -8.83
CA ARG A 57 2.05 -10.44 -10.10
C ARG A 57 0.80 -11.31 -10.07
N GLY A 58 0.66 -12.08 -8.99
CA GLY A 58 -0.51 -12.92 -8.79
C GLY A 58 -1.81 -12.16 -8.72
N TRP A 59 -1.78 -10.92 -8.19
CA TRP A 59 -2.94 -10.07 -8.18
C TRP A 59 -3.16 -9.53 -9.56
N GLU A 60 -2.12 -9.08 -10.27
CA GLU A 60 -2.26 -8.56 -11.63
C GLU A 60 -2.92 -9.59 -12.56
N GLU A 61 -2.46 -10.83 -12.51
CA GLU A 61 -3.04 -11.88 -13.32
C GLU A 61 -4.32 -12.45 -12.76
N GLY A 62 -4.44 -12.51 -11.45
CA GLY A 62 -5.61 -13.09 -10.79
C GLY A 62 -6.82 -12.22 -10.99
N VAL A 63 -6.71 -10.93 -10.65
CA VAL A 63 -7.84 -10.01 -10.73
C VAL A 63 -8.27 -9.76 -12.17
N ALA A 64 -7.34 -9.75 -13.14
CA ALA A 64 -7.69 -9.62 -14.53
C ALA A 64 -8.67 -10.64 -15.09
N GLN A 65 -8.75 -11.84 -14.49
CA GLN A 65 -9.70 -12.82 -15.00
C GLN A 65 -10.98 -12.85 -14.18
N MET A 66 -11.20 -11.84 -13.32
CA MET A 66 -12.38 -11.82 -12.52
C MET A 66 -13.35 -10.82 -13.15
N SER A 67 -14.63 -11.12 -13.03
CA SER A 67 -15.63 -10.15 -13.45
C SER A 67 -16.24 -9.39 -12.26
N VAL A 68 -16.90 -8.25 -12.50
CA VAL A 68 -17.47 -7.45 -11.43
C VAL A 68 -18.47 -8.27 -10.65
N GLY A 69 -18.33 -8.26 -9.33
CA GLY A 69 -19.20 -8.97 -8.41
C GLY A 69 -18.62 -10.30 -7.93
N GLN A 70 -17.57 -10.79 -8.60
CA GLN A 70 -17.05 -12.08 -8.29
C GLN A 70 -16.28 -12.02 -6.98
N ARG A 71 -16.37 -13.09 -6.19
CA ARG A 71 -15.52 -13.28 -5.03
C ARG A 71 -14.72 -14.54 -5.30
N ALA A 72 -13.40 -14.53 -5.14
CA ALA A 72 -12.57 -15.67 -5.44
C ALA A 72 -11.43 -15.89 -4.44
N LYS A 73 -11.02 -17.14 -4.30
CA LYS A 73 -9.84 -17.50 -3.54
C LYS A 73 -8.72 -17.55 -4.58
N LEU A 74 -7.69 -16.75 -4.36
CA LEU A 74 -6.49 -16.72 -5.19
C LEU A 74 -5.38 -17.43 -4.45
N THR A 75 -4.79 -18.51 -4.95
CA THR A 75 -3.61 -19.11 -4.32
C THR A 75 -2.40 -18.73 -5.17
N ILE A 76 -1.39 -18.11 -4.57
CA ILE A 76 -0.33 -17.47 -5.31
C ILE A 76 0.99 -18.09 -4.84
N SER A 77 1.75 -18.60 -5.81
CA SER A 77 3.01 -19.22 -5.49
C SER A 77 4.01 -18.13 -5.14
N PRO A 78 5.11 -18.36 -4.43
CA PRO A 78 6.05 -17.33 -4.00
C PRO A 78 6.61 -16.54 -5.14
N ASP A 79 6.87 -17.15 -6.29
CA ASP A 79 7.38 -16.43 -7.43
C ASP A 79 6.39 -15.45 -8.05
N TYR A 80 5.10 -15.55 -7.71
CA TYR A 80 4.10 -14.57 -8.16
C TYR A 80 3.73 -13.62 -7.02
N ALA A 81 4.44 -13.71 -5.90
CA ALA A 81 4.16 -12.96 -4.70
C ALA A 81 5.51 -12.35 -4.27
N TYR A 82 6.11 -12.63 -3.12
CA TYR A 82 7.33 -11.96 -2.67
C TYR A 82 8.58 -12.80 -2.76
N GLY A 83 8.50 -14.03 -3.29
CA GLY A 83 9.68 -14.77 -3.69
C GLY A 83 10.62 -15.15 -2.57
N ALA A 84 11.91 -15.18 -2.86
CA ALA A 84 12.83 -15.70 -1.88
C ALA A 84 13.18 -14.67 -0.82
N THR A 85 12.80 -13.42 -1.02
CA THR A 85 13.12 -12.37 -0.07
C THR A 85 12.01 -12.14 0.93
N GLY A 86 10.76 -12.33 0.49
CA GLY A 86 9.62 -12.08 1.34
C GLY A 86 9.37 -10.57 1.41
N HIS A 87 8.50 -10.18 2.32
CA HIS A 87 8.17 -8.79 2.53
C HIS A 87 8.57 -8.54 3.97
N PRO A 88 9.63 -7.77 4.22
CA PRO A 88 10.26 -7.60 5.52
C PRO A 88 9.29 -7.31 6.66
N GLY A 89 9.43 -8.12 7.69
CA GLY A 89 8.60 -7.98 8.87
C GLY A 89 7.31 -8.73 8.76
N ILE A 90 6.81 -9.09 7.58
CA ILE A 90 5.44 -9.57 7.44
C ILE A 90 5.46 -10.95 6.74
N ILE A 91 6.03 -11.07 5.54
CA ILE A 91 5.90 -12.31 4.75
C ILE A 91 7.30 -12.91 4.71
N PRO A 92 7.49 -14.18 5.14
CA PRO A 92 8.78 -14.88 5.09
C PRO A 92 9.19 -15.22 3.63
N PRO A 93 10.48 -15.56 3.37
CA PRO A 93 10.93 -16.12 2.10
C PRO A 93 10.09 -17.36 1.77
N HIS A 94 9.84 -17.46 0.45
CA HIS A 94 9.21 -18.65 -0.12
C HIS A 94 7.83 -18.90 0.47
N ALA A 95 7.02 -17.87 0.76
CA ALA A 95 5.67 -18.13 1.24
C ALA A 95 4.65 -18.17 0.10
N THR A 96 3.79 -19.20 0.13
CA THR A 96 2.59 -19.27 -0.70
C THR A 96 1.48 -18.43 0.00
N LEU A 97 0.77 -17.57 -0.75
CA LEU A 97 -0.21 -16.66 -0.18
C LEU A 97 -1.57 -17.06 -0.68
N VAL A 98 -2.55 -17.00 0.20
CA VAL A 98 -3.92 -17.16 -0.24
C VAL A 98 -4.69 -15.88 0.11
N PHE A 99 -5.37 -15.34 -0.90
CA PHE A 99 -6.21 -14.16 -0.74
C PHE A 99 -7.66 -14.48 -1.07
N ASP A 100 -8.56 -13.92 -0.28
CA ASP A 100 -9.98 -13.88 -0.63
C ASP A 100 -10.22 -12.49 -1.20
N VAL A 101 -10.61 -12.35 -2.47
CA VAL A 101 -10.72 -11.08 -3.14
C VAL A 101 -12.11 -10.99 -3.73
N GLU A 102 -12.76 -9.86 -3.47
CA GLU A 102 -14.07 -9.60 -4.02
C GLU A 102 -13.99 -8.37 -4.90
N LEU A 103 -14.26 -8.49 -6.20
CA LEU A 103 -14.16 -7.34 -7.11
C LEU A 103 -15.50 -6.58 -7.07
N LEU A 104 -15.44 -5.47 -6.33
CA LEU A 104 -16.61 -4.64 -6.10
C LEU A 104 -17.06 -3.81 -7.31
N LYS A 105 -16.13 -3.12 -7.98
CA LYS A 105 -16.46 -2.03 -8.89
C LYS A 105 -15.19 -1.71 -9.67
N LEU A 106 -15.39 -1.16 -10.86
CA LEU A 106 -14.31 -0.64 -11.66
C LEU A 106 -14.53 0.86 -11.79
N GLU A 107 -13.46 1.65 -11.72
CA GLU A 107 -13.49 3.07 -12.00
C GLU A 107 -12.38 3.38 -13.03
N VAL B 1 10.87 28.49 -6.50
CA VAL B 1 10.15 27.13 -6.31
C VAL B 1 8.78 27.19 -5.60
N ALA B 2 7.81 26.88 -6.38
CA ALA B 2 6.37 27.00 -6.03
C ALA B 2 5.86 25.50 -6.16
N ILE B 3 5.47 24.93 -4.98
CA ILE B 3 4.89 23.59 -5.24
C ILE B 3 3.86 23.26 -4.13
N LEU B 4 2.75 22.62 -4.51
CA LEU B 4 1.74 22.47 -3.45
C LEU B 4 2.21 21.39 -2.46
N TRP B 5 1.73 21.50 -1.20
CA TRP B 5 2.21 20.54 -0.21
C TRP B 5 1.69 19.13 -0.59
N HIS B 6 0.59 18.94 -1.23
CA HIS B 6 0.01 17.74 -1.77
C HIS B 6 1.05 17.06 -2.70
N GLU B 7 1.67 17.89 -3.60
CA GLU B 7 2.59 17.36 -4.60
C GLU B 7 3.90 16.95 -3.92
N MET B 8 4.28 17.86 -2.96
CA MET B 8 5.76 17.62 -2.49
C MET B 8 5.68 16.30 -1.68
N TRP B 9 4.60 16.11 -0.86
CA TRP B 9 4.48 14.84 -0.14
C TRP B 9 4.26 13.60 -1.04
N HIS B 10 3.47 13.70 -2.16
CA HIS B 10 3.20 12.51 -2.94
C HIS B 10 4.53 12.07 -3.54
N GLU B 11 5.28 13.03 -4.10
CA GLU B 11 6.55 12.68 -4.67
C GLU B 11 7.57 12.24 -3.66
N GLY B 12 7.65 12.91 -2.51
CA GLY B 12 8.60 12.62 -1.47
C GLY B 12 8.37 11.19 -0.84
N LEU B 13 7.10 10.82 -0.55
CA LEU B 13 6.77 9.50 0.02
C LEU B 13 7.13 8.42 -0.97
N GLU B 14 6.84 8.56 -2.23
CA GLU B 14 7.14 7.67 -3.30
C GLU B 14 8.62 7.42 -3.37
N GLU B 15 9.44 8.52 -3.31
CA GLU B 15 10.84 8.43 -3.44
C GLU B 15 11.47 7.78 -2.16
N ALA B 16 11.01 8.18 -0.99
CA ALA B 16 11.53 7.70 0.27
C ALA B 16 11.19 6.17 0.37
N SER B 17 9.94 5.81 0.04
CA SER B 17 9.65 4.35 -0.01
C SER B 17 10.47 3.55 -0.95
N ARG B 18 10.80 4.16 -2.17
CA ARG B 18 11.74 3.43 -3.06
C ARG B 18 13.08 3.20 -2.50
N LEU B 19 13.70 4.21 -1.87
CA LEU B 19 14.97 4.06 -1.21
C LEU B 19 14.98 3.04 -0.10
N TYR B 20 13.88 3.03 0.72
CA TYR B 20 13.84 2.19 1.89
C TYR B 20 13.44 0.73 1.41
N PHE B 21 12.29 0.55 0.83
CA PHE B 21 11.82 -0.83 0.48
C PHE B 21 12.51 -1.48 -0.70
N GLY B 22 12.82 -0.71 -1.75
CA GLY B 22 13.44 -1.13 -2.94
C GLY B 22 14.96 -1.22 -2.71
N GLU B 23 15.57 -0.14 -2.21
CA GLU B 23 17.03 -0.13 -2.08
C GLU B 23 17.65 -0.55 -0.75
N ARG B 24 16.81 -0.78 0.27
CA ARG B 24 17.25 -1.00 1.62
C ARG B 24 18.13 0.20 2.10
N ASN B 25 17.85 1.41 1.63
CA ASN B 25 18.65 2.54 2.07
C ASN B 25 17.90 3.43 3.04
N VAL B 26 18.03 3.23 4.36
CA VAL B 26 17.34 3.90 5.39
C VAL B 26 17.92 5.34 5.46
N LYS B 27 19.28 5.46 5.37
CA LYS B 27 19.80 6.86 5.40
C LYS B 27 19.15 7.74 4.34
N GLY B 28 18.96 7.25 3.14
CA GLY B 28 18.47 8.03 1.97
C GLY B 28 16.96 8.34 2.23
N MET B 29 16.17 7.35 2.75
CA MET B 29 14.80 7.58 3.18
C MET B 29 14.59 8.65 4.19
N PHE B 30 15.48 8.78 5.19
CA PHE B 30 15.45 9.91 6.15
C PHE B 30 15.79 11.25 5.48
N GLU B 31 16.88 11.15 4.63
CA GLU B 31 17.27 12.35 4.00
C GLU B 31 16.08 12.98 3.23
N VAL B 32 15.32 12.16 2.57
CA VAL B 32 14.14 12.62 1.87
C VAL B 32 13.06 13.12 2.80
N LEU B 33 12.67 12.40 3.86
CA LEU B 33 11.53 12.72 4.71
C LEU B 33 11.86 13.89 5.66
N GLU B 34 13.12 14.12 6.05
CA GLU B 34 13.32 15.19 7.11
C GLU B 34 12.92 16.60 6.70
N PRO B 35 13.19 17.08 5.46
CA PRO B 35 12.84 18.40 5.02
C PRO B 35 11.32 18.53 4.81
N LEU B 36 10.67 17.32 4.50
CA LEU B 36 9.22 17.44 4.37
C LEU B 36 8.57 17.72 5.70
N HIS B 37 8.99 16.93 6.72
CA HIS B 37 8.47 17.23 8.02
C HIS B 37 8.85 18.68 8.48
N ALA B 38 10.03 19.06 8.18
CA ALA B 38 10.49 20.44 8.70
C ALA B 38 9.63 21.49 8.07
N MET B 39 9.24 21.34 6.81
CA MET B 39 8.20 22.31 6.36
C MET B 39 6.91 22.26 7.09
N MET B 40 6.27 21.14 7.43
CA MET B 40 5.09 21.16 8.27
C MET B 40 5.40 21.87 9.59
N GLU B 41 6.56 21.55 10.19
CA GLU B 41 6.91 22.23 11.43
C GLU B 41 6.85 23.75 11.32
N ARG B 42 7.30 24.28 10.22
CA ARG B 42 7.23 25.75 10.09
C ARG B 42 5.79 26.24 10.08
N GLY B 43 4.82 25.52 9.55
CA GLY B 43 3.42 25.94 9.59
C GLY B 43 2.88 26.31 8.23
N PRO B 44 1.56 26.20 7.94
CA PRO B 44 1.01 26.52 6.67
C PRO B 44 1.01 28.02 6.43
N GLN B 45 1.26 28.51 5.26
CA GLN B 45 1.18 29.93 4.92
C GLN B 45 0.22 30.26 3.75
N THR B 46 -0.45 29.22 3.17
CA THR B 46 -1.51 29.45 2.23
C THR B 46 -2.79 28.73 2.64
N LEU B 47 -3.91 29.13 2.06
CA LEU B 47 -5.18 28.37 2.36
C LEU B 47 -4.99 26.86 1.97
N LYS B 48 -4.43 26.53 0.82
CA LYS B 48 -4.16 25.19 0.33
C LYS B 48 -3.16 24.45 1.24
N GLU B 49 -2.26 25.17 1.82
CA GLU B 49 -1.30 24.54 2.75
C GLU B 49 -2.06 24.20 4.03
N THR B 50 -2.98 25.16 4.38
CA THR B 50 -3.69 25.02 5.68
C THR B 50 -4.67 23.79 5.60
N SER B 51 -5.31 23.68 4.45
CA SER B 51 -6.33 22.55 4.40
C SER B 51 -5.53 21.23 4.29
N PHE B 52 -4.37 21.20 3.60
CA PHE B 52 -3.55 19.98 3.60
C PHE B 52 -3.11 19.67 5.05
N ASN B 53 -2.67 20.68 5.78
CA ASN B 53 -2.27 20.45 7.19
C ASN B 53 -3.44 20.03 8.03
N GLN B 54 -4.62 20.63 7.89
CA GLN B 54 -5.81 20.10 8.58
C GLN B 54 -6.14 18.56 8.32
N ALA B 55 -6.05 18.17 7.05
CA ALA B 55 -6.41 16.76 6.75
C ALA B 55 -5.31 15.78 7.11
N TYR B 56 -4.04 16.11 6.87
CA TYR B 56 -2.97 15.11 7.01
C TYR B 56 -1.97 15.49 8.09
N GLY B 57 -2.09 16.60 8.81
CA GLY B 57 -0.95 17.06 9.65
C GLY B 57 -0.70 16.03 10.78
N ARG B 58 -1.83 15.71 11.46
CA ARG B 58 -1.70 14.79 12.59
C ARG B 58 -1.14 13.42 12.17
N ASP B 59 -1.62 12.81 11.08
CA ASP B 59 -1.05 11.52 10.65
C ASP B 59 0.45 11.66 10.38
N LEU B 60 0.83 12.76 9.67
CA LEU B 60 2.24 12.88 9.34
C LEU B 60 3.08 13.10 10.58
N MET B 61 2.57 13.88 11.55
CA MET B 61 3.27 14.06 12.82
C MET B 61 3.40 12.68 13.54
N GLU B 62 2.36 11.91 13.61
CA GLU B 62 2.45 10.51 14.14
C GLU B 62 3.43 9.63 13.36
N ALA B 63 3.47 9.70 12.03
CA ALA B 63 4.49 8.90 11.28
C ALA B 63 5.89 9.34 11.74
N GLN B 64 6.14 10.69 11.82
CA GLN B 64 7.38 11.12 12.39
C GLN B 64 7.63 10.64 13.82
N GLU B 65 6.65 10.56 14.77
CA GLU B 65 6.97 10.03 16.07
C GLU B 65 7.42 8.55 15.95
N TRP B 66 6.75 7.75 15.13
CA TRP B 66 7.25 6.36 14.96
C TRP B 66 8.68 6.33 14.43
N CYS B 67 8.92 7.18 13.37
CA CYS B 67 10.33 7.17 12.89
C CYS B 67 11.31 7.51 14.03
N ARG B 68 10.99 8.56 14.81
CA ARG B 68 11.84 8.93 15.92
C ARG B 68 11.90 7.76 16.93
N LYS B 69 10.82 6.97 17.09
CA LYS B 69 10.92 5.83 17.97
C LYS B 69 11.98 4.82 17.54
N TYR B 70 11.99 4.59 16.25
CA TYR B 70 12.94 3.73 15.61
C TYR B 70 14.44 4.19 15.78
N MET B 71 14.55 5.51 15.68
CA MET B 71 15.92 6.08 15.83
C MET B 71 16.47 5.63 17.15
N LYS B 72 15.66 5.63 18.17
CA LYS B 72 16.15 5.32 19.50
C LYS B 72 16.05 3.79 19.72
N SER B 73 15.05 3.09 19.32
CA SER B 73 14.90 1.66 19.55
C SER B 73 15.74 0.77 18.66
N GLY B 74 16.05 1.03 17.41
CA GLY B 74 16.68 0.07 16.46
C GLY B 74 15.68 -1.04 16.04
N ASN B 75 14.40 -0.86 16.27
CA ASN B 75 13.49 -2.00 15.92
C ASN B 75 12.74 -1.67 14.62
N VAL B 76 12.94 -2.28 13.47
CA VAL B 76 12.31 -2.03 12.22
C VAL B 76 10.81 -2.04 12.24
N LYS B 77 10.08 -2.71 13.14
CA LYS B 77 8.68 -2.64 13.35
C LYS B 77 8.18 -1.23 13.70
N ASP B 78 9.07 -0.45 14.38
CA ASP B 78 8.64 0.94 14.59
C ASP B 78 8.64 1.70 13.24
N LEU B 79 9.58 1.44 12.34
CA LEU B 79 9.53 2.14 11.05
C LEU B 79 8.43 1.61 10.18
N THR B 80 8.09 0.31 10.40
CA THR B 80 6.94 -0.10 9.46
C THR B 80 5.78 0.72 9.86
N GLN B 81 5.58 0.92 11.22
CA GLN B 81 4.30 1.59 11.70
C GLN B 81 4.20 3.03 11.08
N ALA B 82 5.44 3.53 10.96
CA ALA B 82 5.44 4.90 10.26
C ALA B 82 5.00 4.77 8.82
N TRP B 83 5.40 3.63 8.09
CA TRP B 83 4.99 3.53 6.69
C TRP B 83 3.52 3.25 6.55
N ASP B 84 2.83 2.70 7.57
CA ASP B 84 1.37 2.47 7.42
C ASP B 84 0.66 3.86 7.39
N LEU B 85 1.10 4.77 8.20
CA LEU B 85 0.53 6.13 8.25
C LEU B 85 1.00 6.90 7.01
N TYR B 86 2.26 6.69 6.57
CA TYR B 86 2.61 7.41 5.33
C TYR B 86 1.78 6.92 4.14
N TYR B 87 1.53 5.62 4.05
CA TYR B 87 0.82 5.06 2.86
C TYR B 87 -0.62 5.56 2.94
N HIS B 88 -1.24 5.58 4.17
CA HIS B 88 -2.66 6.09 4.23
C HIS B 88 -2.65 7.57 3.69
N VAL B 89 -1.72 8.41 4.14
CA VAL B 89 -1.63 9.73 3.53
C VAL B 89 -1.48 9.69 2.02
N PHE B 90 -0.52 8.86 1.54
CA PHE B 90 -0.23 8.81 0.13
C PHE B 90 -1.43 8.43 -0.72
N ARG B 91 -2.19 7.40 -0.24
CA ARG B 91 -3.37 6.99 -0.90
C ARG B 91 -4.41 8.13 -0.87
N ARG B 92 -4.55 8.80 0.24
CA ARG B 92 -5.59 9.90 0.31
C ARG B 92 -5.23 11.02 -0.64
N ILE B 93 -3.97 11.37 -0.74
CA ILE B 93 -3.48 12.41 -1.67
C ILE B 93 -3.68 11.97 -3.12
N SER B 94 -3.69 10.67 -3.39
CA SER B 94 -3.71 10.13 -4.71
C SER B 94 -5.13 10.10 -5.28
TB TB C . -1.18 -35.16 -5.77
TB TB D . -6.21 -35.42 -7.02
N GLY A 1 2.27 -20.11 -10.15
CA GLY A 1 1.35 -19.18 -10.78
C GLY A 1 0.33 -18.71 -9.75
N VAL A 2 -0.88 -18.47 -10.24
CA VAL A 2 -2.02 -18.07 -9.42
C VAL A 2 -3.18 -18.96 -9.86
N GLN A 3 -3.82 -19.58 -8.88
CA GLN A 3 -5.01 -20.38 -9.14
C GLN A 3 -6.20 -19.55 -8.68
N VAL A 4 -7.29 -19.40 -9.43
CA VAL A 4 -8.44 -18.59 -9.04
C VAL A 4 -9.58 -19.59 -8.85
N GLU A 5 -10.11 -19.74 -7.65
CA GLU A 5 -11.25 -20.61 -7.39
C GLU A 5 -12.44 -19.75 -6.96
N THR A 6 -13.62 -19.83 -7.58
CA THR A 6 -14.75 -18.96 -7.28
C THR A 6 -15.44 -19.20 -5.94
N ILE A 7 -15.63 -18.17 -5.11
CA ILE A 7 -16.47 -18.28 -3.95
C ILE A 7 -17.90 -17.88 -4.34
N SER A 8 -18.11 -16.81 -5.11
CA SER A 8 -19.43 -16.37 -5.58
C SER A 8 -19.19 -15.80 -6.97
N PRO A 9 -20.01 -16.10 -7.96
CA PRO A 9 -19.83 -15.65 -9.32
C PRO A 9 -20.06 -14.16 -9.51
N GLY A 10 -19.28 -13.58 -10.42
CA GLY A 10 -19.52 -12.23 -10.85
C GLY A 10 -20.51 -12.24 -11.99
N ASP A 11 -20.57 -11.15 -12.74
CA ASP A 11 -21.51 -11.09 -13.85
C ASP A 11 -21.06 -11.84 -15.10
N GLY A 12 -19.82 -12.31 -15.15
CA GLY A 12 -19.29 -13.06 -16.29
C GLY A 12 -19.14 -12.25 -17.57
N ARG A 13 -19.19 -10.92 -17.50
CA ARG A 13 -19.18 -10.07 -18.68
C ARG A 13 -18.23 -8.90 -18.52
N THR A 14 -18.21 -8.26 -17.35
CA THR A 14 -17.41 -7.08 -17.08
C THR A 14 -16.11 -7.41 -16.37
N PHE A 15 -15.04 -7.38 -17.14
CA PHE A 15 -13.72 -7.75 -16.66
C PHE A 15 -12.84 -6.52 -16.65
N PRO A 16 -11.86 -6.34 -15.77
CA PRO A 16 -10.98 -5.18 -15.76
C PRO A 16 -10.17 -5.09 -17.04
N LYS A 17 -9.94 -3.85 -17.45
CA LYS A 17 -9.02 -3.53 -18.53
C LYS A 17 -7.77 -2.95 -17.85
N ARG A 18 -6.63 -3.10 -18.54
CA ARG A 18 -5.38 -2.47 -18.17
C ARG A 18 -5.62 -0.98 -18.04
N GLY A 19 -5.14 -0.43 -16.95
CA GLY A 19 -5.30 0.98 -16.70
C GLY A 19 -6.57 1.29 -15.92
N GLN A 20 -7.53 0.38 -15.76
CA GLN A 20 -8.67 0.68 -14.92
C GLN A 20 -8.31 0.48 -13.48
N THR A 21 -9.00 1.24 -12.64
CA THR A 21 -8.96 1.08 -11.19
C THR A 21 -9.92 -0.01 -10.77
N CYS A 22 -9.39 -1.04 -10.15
CA CYS A 22 -10.22 -2.07 -9.54
C CYS A 22 -10.45 -1.71 -8.08
N VAL A 23 -11.69 -1.85 -7.63
CA VAL A 23 -12.06 -1.59 -6.24
C VAL A 23 -12.41 -2.95 -5.63
N VAL A 24 -11.67 -3.39 -4.60
CA VAL A 24 -11.80 -4.75 -4.08
C VAL A 24 -11.88 -4.77 -2.56
N HIS A 25 -12.44 -5.84 -1.99
CA HIS A 25 -12.17 -6.15 -0.60
C HIS A 25 -11.31 -7.40 -0.57
N TYR A 26 -10.36 -7.49 0.38
CA TYR A 26 -9.52 -8.66 0.49
C TYR A 26 -9.21 -9.02 1.94
N THR A 27 -8.90 -10.30 2.12
CA THR A 27 -8.29 -10.88 3.33
C THR A 27 -7.12 -11.69 2.79
N GLY A 28 -5.94 -11.53 3.39
CA GLY A 28 -4.77 -12.29 3.00
C GLY A 28 -4.29 -13.15 4.17
N MET A 29 -3.83 -14.36 3.87
CA MET A 29 -3.23 -15.23 4.86
C MET A 29 -2.13 -16.06 4.20
N LEU A 30 -1.22 -16.54 5.03
CA LEU A 30 -0.17 -17.45 4.58
C LEU A 30 -0.84 -18.83 4.39
N GLU A 31 -0.47 -19.63 3.37
CA GLU A 31 -1.08 -20.94 3.14
C GLU A 31 -0.96 -21.79 4.40
N ASP A 32 -2.12 -22.18 4.91
CA ASP A 32 -2.24 -22.87 6.20
C ASP A 32 -1.51 -22.22 7.37
N GLY A 33 -1.71 -20.90 7.41
CA GLY A 33 -1.05 -20.07 8.37
C GLY A 33 -1.91 -18.86 8.74
N LYS A 34 -1.16 -17.86 9.17
CA LYS A 34 -1.70 -16.67 9.81
C LYS A 34 -2.39 -15.76 8.79
N LYS A 35 -3.56 -15.23 9.11
CA LYS A 35 -4.08 -14.06 8.42
C LYS A 35 -3.20 -12.87 8.76
N PHE A 36 -2.75 -12.16 7.73
CA PHE A 36 -1.86 -11.05 7.94
C PHE A 36 -2.53 -9.73 7.57
N ASP A 37 -3.63 -9.68 6.79
CA ASP A 37 -4.25 -8.41 6.43
C ASP A 37 -5.69 -8.56 5.92
N SER A 38 -6.55 -7.56 6.09
CA SER A 38 -7.87 -7.59 5.54
C SER A 38 -8.31 -6.16 5.42
N SER A 39 -8.78 -5.76 4.25
CA SER A 39 -9.38 -4.45 4.11
C SER A 39 -10.74 -4.39 4.76
N ARG A 40 -11.39 -5.54 4.98
CA ARG A 40 -12.73 -5.58 5.55
C ARG A 40 -12.73 -5.03 6.97
N ASP A 41 -11.70 -5.40 7.76
CA ASP A 41 -11.46 -4.89 9.12
C ASP A 41 -11.47 -3.37 9.20
N ARG A 42 -10.84 -2.84 8.15
CA ARG A 42 -10.61 -1.42 8.04
C ARG A 42 -11.82 -0.68 7.51
N ASN A 43 -12.85 -1.42 7.09
CA ASN A 43 -14.08 -0.87 6.55
C ASN A 43 -13.82 -0.02 5.30
N LYS A 44 -12.62 -0.09 4.70
CA LYS A 44 -12.29 0.72 3.53
C LYS A 44 -11.82 -0.23 2.41
N PRO A 45 -12.36 -0.16 1.17
CA PRO A 45 -11.93 -0.99 0.06
C PRO A 45 -10.60 -0.47 -0.43
N PHE A 46 -9.86 -1.42 -1.00
CA PHE A 46 -8.55 -1.19 -1.54
C PHE A 46 -8.74 -0.93 -3.02
N LYS A 47 -7.98 0.01 -3.57
CA LYS A 47 -8.07 0.31 -4.99
C LYS A 47 -6.66 0.23 -5.52
N PHE A 48 -6.55 -0.32 -6.72
CA PHE A 48 -5.28 -0.31 -7.43
C PHE A 48 -5.57 -0.24 -8.93
N MET A 49 -4.58 0.20 -9.68
CA MET A 49 -4.74 0.30 -11.11
C MET A 49 -4.08 -0.91 -11.76
N LEU A 50 -4.91 -1.60 -12.54
CA LEU A 50 -4.48 -2.82 -13.16
C LEU A 50 -3.44 -2.49 -14.22
N GLY A 51 -2.38 -3.29 -14.27
CA GLY A 51 -1.38 -3.17 -15.31
C GLY A 51 -0.23 -2.23 -14.99
N LYS A 52 -0.25 -1.48 -13.87
CA LYS A 52 0.83 -0.54 -13.56
C LYS A 52 1.94 -1.09 -12.68
N GLN A 53 1.97 -2.42 -12.45
CA GLN A 53 2.86 -3.05 -11.48
C GLN A 53 2.87 -2.47 -10.05
N GLU A 54 1.70 -2.00 -9.62
CA GLU A 54 1.53 -1.55 -8.24
C GLU A 54 1.47 -2.70 -7.25
N VAL A 55 0.97 -3.86 -7.71
CA VAL A 55 0.76 -5.00 -6.82
C VAL A 55 1.50 -6.23 -7.36
N ILE A 56 1.60 -7.26 -6.52
CA ILE A 56 2.25 -8.50 -6.90
C ILE A 56 1.63 -9.14 -8.12
N ARG A 57 2.44 -9.92 -8.84
CA ARG A 57 2.05 -10.49 -10.11
C ARG A 57 0.78 -11.36 -10.07
N GLY A 58 0.65 -12.13 -9.00
CA GLY A 58 -0.52 -12.96 -8.80
C GLY A 58 -1.82 -12.18 -8.71
N TRP A 59 -1.78 -10.95 -8.20
CA TRP A 59 -2.95 -10.09 -8.18
C TRP A 59 -3.16 -9.56 -9.58
N GLU A 60 -2.11 -9.12 -10.28
CA GLU A 60 -2.26 -8.61 -11.63
C GLU A 60 -2.91 -9.62 -12.57
N GLU A 61 -2.46 -10.87 -12.51
CA GLU A 61 -3.05 -11.92 -13.31
C GLU A 61 -4.34 -12.48 -12.77
N GLY A 62 -4.45 -12.54 -11.44
CA GLY A 62 -5.62 -13.10 -10.80
C GLY A 62 -6.84 -12.23 -10.99
N VAL A 63 -6.71 -10.95 -10.65
CA VAL A 63 -7.84 -10.02 -10.74
C VAL A 63 -8.27 -9.77 -12.18
N ALA A 64 -7.34 -9.77 -13.15
CA ALA A 64 -7.69 -9.63 -14.54
C ALA A 64 -8.68 -10.66 -15.09
N GLN A 65 -8.76 -11.85 -14.49
CA GLN A 65 -9.71 -12.83 -15.00
C GLN A 65 -10.99 -12.84 -14.18
N MET A 66 -11.20 -11.84 -13.33
CA MET A 66 -12.40 -11.81 -12.52
C MET A 66 -13.35 -10.81 -13.15
N SER A 67 -14.64 -11.09 -13.03
CA SER A 67 -15.63 -10.12 -13.45
C SER A 67 -16.23 -9.37 -12.26
N VAL A 68 -16.88 -8.22 -12.51
CA VAL A 68 -17.45 -7.41 -11.45
C VAL A 68 -18.46 -8.22 -10.66
N GLY A 69 -18.32 -8.21 -9.34
CA GLY A 69 -19.20 -8.91 -8.41
C GLY A 69 -18.62 -10.24 -7.93
N GLN A 70 -17.58 -10.74 -8.61
CA GLN A 70 -17.06 -12.05 -8.29
C GLN A 70 -16.29 -11.98 -6.98
N ARG A 71 -16.38 -13.04 -6.19
CA ARG A 71 -15.53 -13.23 -5.03
C ARG A 71 -14.74 -14.51 -5.30
N ALA A 72 -13.42 -14.49 -5.14
CA ALA A 72 -12.59 -15.65 -5.44
C ALA A 72 -11.46 -15.87 -4.44
N LYS A 73 -11.05 -17.12 -4.29
CA LYS A 73 -9.88 -17.49 -3.53
C LYS A 73 -8.76 -17.54 -4.58
N LEU A 74 -7.72 -16.74 -4.35
CA LEU A 74 -6.52 -16.73 -5.18
C LEU A 74 -5.41 -17.43 -4.44
N THR A 75 -4.83 -18.53 -4.94
CA THR A 75 -3.65 -19.13 -4.30
C THR A 75 -2.44 -18.75 -5.15
N ILE A 76 -1.43 -18.14 -4.56
CA ILE A 76 -0.37 -17.51 -5.30
C ILE A 76 0.94 -18.13 -4.83
N SER A 77 1.70 -18.64 -5.79
CA SER A 77 2.96 -19.27 -5.48
C SER A 77 3.97 -18.18 -5.14
N PRO A 78 5.06 -18.41 -4.42
CA PRO A 78 6.01 -17.39 -3.99
C PRO A 78 6.58 -16.60 -5.13
N ASP A 79 6.83 -17.22 -6.28
CA ASP A 79 7.35 -16.51 -7.42
C ASP A 79 6.36 -15.52 -8.04
N TYR A 80 5.08 -15.62 -7.70
CA TYR A 80 4.07 -14.64 -8.15
C TYR A 80 3.71 -13.68 -7.03
N ALA A 81 4.43 -13.76 -5.90
CA ALA A 81 4.14 -13.02 -4.69
C ALA A 81 5.49 -12.41 -4.27
N TYR A 82 6.10 -12.69 -3.13
CA TYR A 82 7.31 -12.03 -2.67
C TYR A 82 8.56 -12.87 -2.76
N GLY A 83 8.48 -14.10 -3.29
CA GLY A 83 9.66 -14.86 -3.69
C GLY A 83 10.59 -15.23 -2.57
N ALA A 84 11.88 -15.27 -2.86
CA ALA A 84 12.81 -15.80 -1.87
C ALA A 84 13.15 -14.76 -0.82
N THR A 85 12.78 -13.51 -1.02
CA THR A 85 13.12 -12.46 -0.07
C THR A 85 12.00 -12.22 0.93
N GLY A 86 10.75 -12.40 0.49
CA GLY A 86 9.60 -12.15 1.35
C GLY A 86 9.38 -10.63 1.41
N HIS A 87 8.50 -10.24 2.32
CA HIS A 87 8.19 -8.85 2.52
C HIS A 87 8.58 -8.60 3.96
N PRO A 88 9.64 -7.83 4.20
CA PRO A 88 10.27 -7.67 5.51
C PRO A 88 9.31 -7.37 6.64
N GLY A 89 9.42 -8.17 7.68
CA GLY A 89 8.61 -8.03 8.85
C GLY A 89 7.31 -8.78 8.76
N ILE A 90 6.81 -9.14 7.57
CA ILE A 90 5.45 -9.62 7.43
C ILE A 90 5.46 -10.98 6.73
N ILE A 91 6.02 -11.12 5.53
CA ILE A 91 5.88 -12.36 4.76
C ILE A 91 7.28 -12.97 4.71
N PRO A 92 7.48 -14.23 5.14
CA PRO A 92 8.75 -14.94 5.08
C PRO A 92 9.17 -15.29 3.64
N PRO A 93 10.45 -15.63 3.37
CA PRO A 93 10.89 -16.21 2.11
C PRO A 93 10.06 -17.43 1.77
N HIS A 94 9.80 -17.53 0.47
CA HIS A 94 9.17 -18.72 -0.11
C HIS A 94 7.78 -18.96 0.48
N ALA A 95 6.98 -17.93 0.78
CA ALA A 95 5.64 -18.18 1.25
C ALA A 95 4.61 -18.22 0.10
N THR A 96 3.74 -19.24 0.14
CA THR A 96 2.54 -19.31 -0.68
C THR A 96 1.44 -18.47 0.01
N LEU A 97 0.73 -17.61 -0.74
CA LEU A 97 -0.24 -16.68 -0.16
C LEU A 97 -1.60 -17.08 -0.68
N VAL A 98 -2.59 -17.02 0.21
CA VAL A 98 -3.96 -17.16 -0.23
C VAL A 98 -4.73 -15.89 0.12
N PHE A 99 -5.40 -15.34 -0.90
CA PHE A 99 -6.23 -14.16 -0.74
C PHE A 99 -7.68 -14.47 -1.07
N ASP A 100 -8.59 -13.91 -0.28
CA ASP A 100 -10.00 -13.86 -0.62
C ASP A 100 -10.23 -12.46 -1.21
N VAL A 101 -10.62 -12.32 -2.47
CA VAL A 101 -10.73 -11.06 -3.14
C VAL A 101 -12.12 -10.96 -3.73
N GLU A 102 -12.76 -9.83 -3.47
CA GLU A 102 -14.08 -9.56 -4.02
C GLU A 102 -13.97 -8.33 -4.92
N LEU A 103 -14.26 -8.45 -6.21
CA LEU A 103 -14.15 -7.31 -7.12
C LEU A 103 -15.48 -6.54 -7.08
N LEU A 104 -15.41 -5.42 -6.35
CA LEU A 104 -16.59 -4.60 -6.12
C LEU A 104 -17.04 -3.75 -7.32
N LYS A 105 -16.11 -3.08 -8.00
CA LYS A 105 -16.42 -1.99 -8.91
C LYS A 105 -15.15 -1.67 -9.70
N LEU A 106 -15.35 -1.14 -10.88
CA LEU A 106 -14.26 -0.62 -11.69
C LEU A 106 -14.47 0.88 -11.82
N GLU A 107 -13.40 1.67 -11.76
CA GLU A 107 -13.43 3.09 -12.04
C GLU A 107 -12.31 3.39 -13.06
N VAL B 1 10.78 28.52 -6.48
CA VAL B 1 10.07 27.16 -6.30
C VAL B 1 8.71 27.22 -5.59
N ALA B 2 7.74 26.90 -6.37
CA ALA B 2 6.29 27.01 -6.02
C ALA B 2 5.80 25.52 -6.14
N ILE B 3 5.41 24.95 -4.97
CA ILE B 3 4.83 23.61 -5.22
C ILE B 3 3.80 23.26 -4.12
N LEU B 4 2.70 22.62 -4.49
CA LEU B 4 1.69 22.47 -3.44
C LEU B 4 2.16 21.38 -2.44
N TRP B 5 1.68 21.49 -1.19
CA TRP B 5 2.17 20.53 -0.20
C TRP B 5 1.66 19.12 -0.58
N HIS B 6 0.55 18.92 -1.21
CA HIS B 6 -0.02 17.72 -1.76
C HIS B 6 1.02 17.05 -2.69
N GLU B 7 1.64 17.89 -3.59
CA GLU B 7 2.56 17.37 -4.58
C GLU B 7 3.87 16.96 -3.91
N MET B 8 4.25 17.86 -2.96
CA MET B 8 5.73 17.64 -2.49
C MET B 8 5.65 16.31 -1.68
N TRP B 9 4.58 16.12 -0.85
CA TRP B 9 4.46 14.83 -0.14
C TRP B 9 4.24 13.60 -1.03
N HIS B 10 3.45 13.70 -2.14
CA HIS B 10 3.19 12.51 -2.93
C HIS B 10 4.52 12.07 -3.53
N GLU B 11 5.27 13.03 -4.10
CA GLU B 11 6.54 12.69 -4.67
C GLU B 11 7.57 12.26 -3.66
N GLY B 12 7.64 12.93 -2.50
CA GLY B 12 8.59 12.64 -1.47
C GLY B 12 8.37 11.22 -0.84
N LEU B 13 7.10 10.83 -0.54
CA LEU B 13 6.77 9.51 0.04
C LEU B 13 7.14 8.44 -0.97
N GLU B 14 6.86 8.57 -2.22
CA GLU B 14 7.14 7.68 -3.30
C GLU B 14 8.64 7.44 -3.37
N GLU B 15 9.44 8.55 -3.31
CA GLU B 15 10.85 8.47 -3.45
C GLU B 15 11.48 7.82 -2.15
N ALA B 16 11.02 8.22 -1.00
CA ALA B 16 11.54 7.73 0.27
C ALA B 16 11.20 6.20 0.37
N SER B 17 9.97 5.83 0.03
CA SER B 17 9.67 4.38 0.00
C SER B 17 10.50 3.58 -0.96
N ARG B 18 10.84 4.19 -2.17
CA ARG B 18 11.76 3.46 -3.06
C ARG B 18 13.11 3.25 -2.50
N LEU B 19 13.73 4.25 -1.87
CA LEU B 19 15.00 4.11 -1.22
C LEU B 19 15.01 3.09 -0.11
N TYR B 20 13.92 3.07 0.71
CA TYR B 20 13.88 2.24 1.88
C TYR B 20 13.48 0.77 1.39
N PHE B 21 12.34 0.60 0.82
CA PHE B 21 11.88 -0.80 0.47
C PHE B 21 12.56 -1.44 -0.70
N GLY B 22 12.87 -0.67 -1.75
CA GLY B 22 13.49 -1.09 -2.94
C GLY B 22 15.01 -1.18 -2.71
N GLU B 23 15.62 -0.09 -2.22
CA GLU B 23 17.07 -0.07 -2.08
C GLU B 23 17.70 -0.49 -0.77
N ARG B 24 16.87 -0.71 0.26
CA ARG B 24 17.30 -0.93 1.61
C ARG B 24 18.18 0.25 2.10
N ASN B 25 17.89 1.47 1.62
CA ASN B 25 18.69 2.59 2.05
C ASN B 25 17.93 3.50 3.04
N VAL B 26 18.08 3.28 4.35
CA VAL B 26 17.37 3.97 5.38
C VAL B 26 17.95 5.39 5.46
N LYS B 27 19.30 5.53 5.37
CA LYS B 27 19.83 6.93 5.39
C LYS B 27 19.17 7.81 4.34
N GLY B 28 18.97 7.31 3.14
CA GLY B 28 18.48 8.09 1.97
C GLY B 28 16.97 8.41 2.23
N MET B 29 16.19 7.40 2.74
CA MET B 29 14.82 7.63 3.17
C MET B 29 14.61 8.70 4.18
N PHE B 30 15.50 8.82 5.19
CA PHE B 30 15.46 9.96 6.15
C PHE B 30 15.80 11.30 5.48
N GLU B 31 16.88 11.20 4.62
CA GLU B 31 17.27 12.40 4.00
C GLU B 31 16.07 13.04 3.23
N VAL B 32 15.32 12.20 2.57
CA VAL B 32 14.13 12.66 1.88
C VAL B 32 13.04 13.16 2.80
N LEU B 33 12.67 12.44 3.86
CA LEU B 33 11.53 12.76 4.71
C LEU B 33 11.85 13.91 5.66
N GLU B 34 13.12 14.16 6.06
CA GLU B 34 13.31 15.22 7.11
C GLU B 34 12.90 16.64 6.71
N PRO B 35 13.16 17.11 5.47
CA PRO B 35 12.82 18.44 5.02
C PRO B 35 11.29 18.56 4.81
N LEU B 36 10.65 17.35 4.50
CA LEU B 36 9.20 17.46 4.38
C LEU B 36 8.55 17.74 5.71
N HIS B 37 8.96 16.95 6.73
CA HIS B 37 8.45 17.25 8.03
C HIS B 37 8.82 18.70 8.50
N ALA B 38 10.00 19.08 8.18
CA ALA B 38 10.46 20.46 8.71
C ALA B 38 9.60 21.52 8.08
N MET B 39 9.20 21.36 6.82
CA MET B 39 8.15 22.32 6.37
C MET B 39 6.87 22.26 7.10
N MET B 40 6.24 21.15 7.44
CA MET B 40 5.05 21.15 8.28
C MET B 40 5.36 21.87 9.59
N GLU B 41 6.53 21.56 10.19
CA GLU B 41 6.87 22.24 11.44
C GLU B 41 6.80 23.76 11.34
N ARG B 42 7.25 24.29 10.24
CA ARG B 42 7.18 25.76 10.11
C ARG B 42 5.73 26.24 10.09
N GLY B 43 4.77 25.52 9.55
CA GLY B 43 3.36 25.93 9.60
C GLY B 43 2.82 26.30 8.24
N PRO B 44 1.51 26.18 7.96
CA PRO B 44 0.95 26.50 6.69
C PRO B 44 0.94 28.01 6.45
N GLN B 45 1.20 28.49 5.28
CA GLN B 45 1.09 29.91 4.94
C GLN B 45 0.14 30.24 3.78
N THR B 46 -0.52 29.20 3.20
CA THR B 46 -1.58 29.43 2.25
C THR B 46 -2.86 28.70 2.67
N LEU B 47 -3.99 29.09 2.09
CA LEU B 47 -5.26 28.33 2.38
C LEU B 47 -5.06 26.81 1.99
N LYS B 48 -4.49 26.49 0.85
CA LYS B 48 -4.23 25.16 0.36
C LYS B 48 -3.22 24.42 1.25
N GLU B 49 -2.32 25.14 1.83
CA GLU B 49 -1.36 24.51 2.78
C GLU B 49 -2.11 24.18 4.06
N THR B 50 -3.04 25.14 4.41
CA THR B 50 -3.76 24.98 5.70
C THR B 50 -4.72 23.75 5.62
N SER B 51 -5.36 23.64 4.48
CA SER B 51 -6.38 22.51 4.42
C SER B 51 -5.56 21.19 4.30
N PHE B 52 -4.41 21.16 3.62
CA PHE B 52 -3.59 19.94 3.62
C PHE B 52 -3.14 19.63 5.06
N ASN B 53 -2.70 20.66 5.80
CA ASN B 53 -2.31 20.42 7.20
C ASN B 53 -3.47 19.99 8.04
N GLN B 54 -4.66 20.59 7.90
CA GLN B 54 -5.85 20.05 8.60
C GLN B 54 -6.17 18.50 8.34
N ALA B 55 -6.07 18.12 7.06
CA ALA B 55 -6.43 16.72 6.77
C ALA B 55 -5.33 15.73 7.13
N TYR B 56 -4.06 16.08 6.89
CA TYR B 56 -2.98 15.08 7.02
C TYR B 56 -1.98 15.47 8.10
N GLY B 57 -2.11 16.56 8.82
CA GLY B 57 -0.96 17.04 9.66
C GLY B 57 -0.71 16.01 10.79
N ARG B 58 -1.84 15.68 11.48
CA ARG B 58 -1.70 14.76 12.60
C ARG B 58 -1.14 13.39 12.18
N ASP B 59 -1.62 12.78 11.08
CA ASP B 59 -1.04 11.50 10.66
C ASP B 59 0.45 11.64 10.38
N LEU B 60 0.83 12.74 9.69
CA LEU B 60 2.24 12.86 9.34
C LEU B 60 3.08 13.09 10.60
N MET B 61 2.57 13.87 11.57
CA MET B 61 3.27 14.05 12.82
C MET B 61 3.40 12.67 13.54
N GLU B 62 2.36 11.89 13.61
CA GLU B 62 2.46 10.51 14.14
C GLU B 62 3.45 9.63 13.37
N ALA B 63 3.50 9.69 12.03
CA ALA B 63 4.51 8.89 11.29
C ALA B 63 5.90 9.35 11.74
N GLN B 64 6.15 10.69 11.83
CA GLN B 64 7.39 11.13 12.40
C GLN B 64 7.65 10.65 13.83
N GLU B 65 6.67 10.56 14.77
CA GLU B 65 6.99 10.03 16.08
C GLU B 65 7.44 8.56 15.95
N TRP B 66 6.78 7.75 15.13
CA TRP B 66 7.28 6.37 14.96
C TRP B 66 8.71 6.34 14.42
N CYS B 67 8.94 7.20 13.36
CA CYS B 67 10.36 7.19 12.88
C CYS B 67 11.33 7.53 14.03
N ARG B 68 11.01 8.59 14.81
CA ARG B 68 11.86 8.95 15.93
C ARG B 68 11.92 7.79 16.94
N LYS B 69 10.85 6.99 17.09
CA LYS B 69 10.96 5.85 17.97
C LYS B 69 12.02 4.84 17.54
N TYR B 70 12.03 4.62 16.25
CA TYR B 70 12.99 3.76 15.61
C TYR B 70 14.48 4.23 15.78
N MET B 71 14.59 5.55 15.67
CA MET B 71 15.95 6.12 15.82
C MET B 71 16.50 5.67 17.14
N LYS B 72 15.70 5.66 18.17
CA LYS B 72 16.19 5.37 19.49
C LYS B 72 16.09 3.84 19.71
N SER B 73 15.09 3.13 19.31
CA SER B 73 14.95 1.70 19.54
C SER B 73 15.81 0.81 18.65
N GLY B 74 16.11 1.08 17.40
CA GLY B 74 16.74 0.12 16.44
C GLY B 74 15.75 -0.99 16.02
N ASN B 75 14.47 -0.82 16.26
CA ASN B 75 13.57 -1.96 15.91
C ASN B 75 12.81 -1.64 14.60
N VAL B 76 13.01 -2.24 13.47
CA VAL B 76 12.38 -2.00 12.21
C VAL B 76 10.88 -2.01 12.24
N LYS B 77 10.16 -2.68 13.14
CA LYS B 77 8.75 -2.63 13.35
C LYS B 77 8.25 -1.22 13.69
N ASP B 78 9.13 -0.43 14.38
CA ASP B 78 8.69 0.95 14.59
C ASP B 78 8.69 1.72 13.24
N LEU B 79 9.63 1.46 12.33
CA LEU B 79 9.57 2.16 11.05
C LEU B 79 8.48 1.62 10.18
N THR B 80 8.15 0.32 10.40
CA THR B 80 6.99 -0.09 9.46
C THR B 80 5.84 0.72 9.87
N GLN B 81 5.64 0.92 11.22
CA GLN B 81 4.36 1.59 11.70
C GLN B 81 4.24 3.02 11.09
N ALA B 82 5.48 3.53 10.96
CA ALA B 82 5.48 4.91 10.26
C ALA B 82 5.03 4.78 8.82
N TRP B 83 5.44 3.63 8.09
CA TRP B 83 5.03 3.54 6.69
C TRP B 83 3.56 3.24 6.56
N ASP B 84 2.86 2.69 7.57
CA ASP B 84 1.41 2.47 7.42
C ASP B 84 0.70 3.84 7.39
N LEU B 85 1.14 4.76 8.22
CA LEU B 85 0.57 6.11 8.26
C LEU B 85 1.03 6.89 7.02
N TYR B 86 2.28 6.68 6.57
CA TYR B 86 2.64 7.40 5.34
C TYR B 86 1.80 6.91 4.14
N TYR B 87 1.56 5.61 4.05
CA TYR B 87 0.85 5.05 2.87
C TYR B 87 -0.59 5.54 2.95
N HIS B 88 -1.21 5.56 4.18
CA HIS B 88 -2.63 6.07 4.24
C HIS B 88 -2.64 7.55 3.69
N VAL B 89 -1.70 8.38 4.15
CA VAL B 89 -1.62 9.70 3.54
C VAL B 89 -1.47 9.66 2.04
N PHE B 90 -0.51 8.84 1.55
CA PHE B 90 -0.22 8.80 0.14
C PHE B 90 -1.41 8.40 -0.72
N ARG B 91 -2.18 7.37 -0.24
CA ARG B 91 -3.35 6.96 -0.89
C ARG B 91 -4.39 8.10 -0.85
N ARG B 92 -4.55 8.77 0.25
CA ARG B 92 -5.58 9.86 0.33
C ARG B 92 -5.23 10.98 -0.63
N ILE B 93 -3.96 11.34 -0.73
CA ILE B 93 -3.49 12.38 -1.66
C ILE B 93 -3.69 11.95 -3.10
N SER B 94 -3.68 10.65 -3.38
CA SER B 94 -3.70 10.10 -4.70
C SER B 94 -5.13 10.07 -5.27
TB TB C . -1.30 -35.20 -5.73
TB TB D . -6.34 -35.43 -6.97
N GLY A 1 2.22 -20.15 -10.16
CA GLY A 1 1.31 -19.23 -10.79
C GLY A 1 0.28 -18.76 -9.76
N VAL A 2 -0.93 -18.51 -10.24
CA VAL A 2 -2.06 -18.11 -9.43
C VAL A 2 -3.24 -18.99 -9.86
N GLN A 3 -3.87 -19.61 -8.88
CA GLN A 3 -5.06 -20.42 -9.13
C GLN A 3 -6.25 -19.57 -8.67
N VAL A 4 -7.34 -19.43 -9.43
CA VAL A 4 -8.49 -18.61 -9.03
C VAL A 4 -9.63 -19.60 -8.84
N GLU A 5 -10.16 -19.74 -7.63
CA GLU A 5 -11.30 -20.61 -7.37
C GLU A 5 -12.49 -19.75 -6.94
N THR A 6 -13.66 -19.82 -7.56
CA THR A 6 -14.79 -18.95 -7.25
C THR A 6 -15.47 -19.19 -5.91
N ILE A 7 -15.66 -18.16 -5.09
CA ILE A 7 -16.51 -18.26 -3.92
C ILE A 7 -17.93 -17.86 -4.30
N SER A 8 -18.14 -16.78 -5.07
CA SER A 8 -19.45 -16.34 -5.54
C SER A 8 -19.21 -15.77 -6.93
N PRO A 9 -20.05 -16.07 -7.93
CA PRO A 9 -19.86 -15.62 -9.27
C PRO A 9 -20.09 -14.13 -9.48
N GLY A 10 -19.31 -13.55 -10.38
CA GLY A 10 -19.55 -12.20 -10.82
C GLY A 10 -20.54 -12.21 -11.95
N ASP A 11 -20.60 -11.12 -12.70
CA ASP A 11 -21.54 -11.07 -13.81
C ASP A 11 -21.11 -11.82 -15.06
N GLY A 12 -19.85 -12.29 -15.11
CA GLY A 12 -19.34 -13.04 -16.26
C GLY A 12 -19.20 -12.23 -17.53
N ARG A 13 -19.22 -10.90 -17.47
CA ARG A 13 -19.22 -10.05 -18.65
C ARG A 13 -18.27 -8.89 -18.50
N THR A 14 -18.23 -8.25 -17.33
CA THR A 14 -17.43 -7.07 -17.06
C THR A 14 -16.13 -7.41 -16.35
N PHE A 15 -15.06 -7.38 -17.12
CA PHE A 15 -13.75 -7.75 -16.65
C PHE A 15 -12.87 -6.53 -16.64
N PRO A 16 -11.88 -6.34 -15.75
CA PRO A 16 -10.99 -5.18 -15.75
C PRO A 16 -10.19 -5.10 -17.04
N LYS A 17 -9.95 -3.86 -17.46
CA LYS A 17 -9.04 -3.54 -18.53
C LYS A 17 -7.77 -2.98 -17.86
N ARG A 18 -6.65 -3.14 -18.54
CA ARG A 18 -5.39 -2.51 -18.17
C ARG A 18 -5.63 -1.01 -18.04
N GLY A 19 -5.14 -0.46 -16.96
CA GLY A 19 -5.30 0.96 -16.71
C GLY A 19 -6.57 1.27 -15.92
N GLN A 20 -7.52 0.36 -15.77
CA GLN A 20 -8.67 0.65 -14.92
C GLN A 20 -8.30 0.46 -13.47
N THR A 21 -8.99 1.23 -12.64
CA THR A 21 -8.94 1.08 -11.19
C THR A 21 -9.91 -0.02 -10.78
N CYS A 22 -9.37 -1.05 -10.14
CA CYS A 22 -10.21 -2.09 -9.55
C CYS A 22 -10.43 -1.71 -8.08
N VAL A 23 -11.68 -1.85 -7.63
CA VAL A 23 -12.04 -1.60 -6.23
C VAL A 23 -12.39 -2.95 -5.62
N VAL A 24 -11.66 -3.39 -4.59
CA VAL A 24 -11.78 -4.75 -4.07
C VAL A 24 -11.87 -4.76 -2.56
N HIS A 25 -12.42 -5.83 -1.98
CA HIS A 25 -12.15 -6.15 -0.59
C HIS A 25 -11.29 -7.39 -0.56
N TYR A 26 -10.34 -7.49 0.39
CA TYR A 26 -9.51 -8.66 0.49
C TYR A 26 -9.19 -9.02 1.94
N THR A 27 -8.89 -10.30 2.13
CA THR A 27 -8.28 -10.88 3.33
C THR A 27 -7.11 -11.69 2.79
N GLY A 28 -5.93 -11.55 3.38
CA GLY A 28 -4.76 -12.31 3.00
C GLY A 28 -4.29 -13.17 4.17
N MET A 29 -3.83 -14.38 3.86
CA MET A 29 -3.23 -15.26 4.86
C MET A 29 -2.14 -16.08 4.20
N LEU A 30 -1.22 -16.56 5.02
CA LEU A 30 -0.18 -17.49 4.57
C LEU A 30 -0.84 -18.86 4.38
N GLU A 31 -0.49 -19.66 3.37
CA GLU A 31 -1.10 -20.96 3.13
C GLU A 31 -0.98 -21.81 4.39
N ASP A 32 -2.14 -22.21 4.92
CA ASP A 32 -2.27 -22.89 6.21
C ASP A 32 -1.53 -22.24 7.37
N GLY A 33 -1.73 -20.93 7.40
CA GLY A 33 -1.05 -20.09 8.36
C GLY A 33 -1.91 -18.88 8.73
N LYS A 34 -1.16 -17.88 9.16
CA LYS A 34 -1.68 -16.69 9.80
C LYS A 34 -2.37 -15.78 8.78
N LYS A 35 -3.55 -15.25 9.11
CA LYS A 35 -4.07 -14.07 8.42
C LYS A 35 -3.18 -12.89 8.75
N PHE A 36 -2.73 -12.18 7.73
CA PHE A 36 -1.84 -11.07 7.94
C PHE A 36 -2.49 -9.75 7.56
N ASP A 37 -3.60 -9.70 6.78
CA ASP A 37 -4.22 -8.43 6.42
C ASP A 37 -5.65 -8.58 5.92
N SER A 38 -6.52 -7.58 6.09
CA SER A 38 -7.85 -7.60 5.54
C SER A 38 -8.28 -6.16 5.43
N SER A 39 -8.75 -5.76 4.25
CA SER A 39 -9.34 -4.45 4.10
C SER A 39 -10.71 -4.38 4.76
N ARG A 40 -11.35 -5.53 4.99
CA ARG A 40 -12.69 -5.56 5.57
C ARG A 40 -12.68 -5.02 6.98
N ASP A 41 -11.66 -5.38 7.77
CA ASP A 41 -11.42 -4.89 9.13
C ASP A 41 -11.42 -3.36 9.20
N ARG A 42 -10.79 -2.83 8.16
CA ARG A 42 -10.55 -1.41 8.04
C ARG A 42 -11.76 -0.67 7.52
N ASN A 43 -12.80 -1.41 7.10
CA ASN A 43 -14.03 -0.86 6.57
C ASN A 43 -13.77 0.00 5.32
N LYS A 44 -12.57 -0.07 4.71
CA LYS A 44 -12.24 0.73 3.53
C LYS A 44 -11.78 -0.23 2.42
N PRO A 45 -12.31 -0.16 1.18
CA PRO A 45 -11.90 -0.99 0.07
C PRO A 45 -10.57 -0.47 -0.42
N PHE A 46 -9.83 -1.42 -0.99
CA PHE A 46 -8.52 -1.19 -1.54
C PHE A 46 -8.71 -0.93 -3.02
N LYS A 47 -7.95 0.01 -3.57
CA LYS A 47 -8.04 0.30 -4.99
C LYS A 47 -6.63 0.22 -5.53
N PHE A 48 -6.53 -0.33 -6.73
CA PHE A 48 -5.26 -0.33 -7.44
C PHE A 48 -5.55 -0.27 -8.93
N MET A 49 -4.55 0.16 -9.69
CA MET A 49 -4.72 0.27 -11.12
C MET A 49 -4.08 -0.93 -11.77
N LEU A 50 -4.90 -1.63 -12.55
CA LEU A 50 -4.48 -2.85 -13.18
C LEU A 50 -3.44 -2.52 -14.23
N GLY A 51 -2.38 -3.32 -14.28
CA GLY A 51 -1.39 -3.22 -15.32
C GLY A 51 -0.24 -2.27 -15.01
N LYS A 52 -0.24 -1.53 -13.90
CA LYS A 52 0.84 -0.59 -13.58
C LYS A 52 1.95 -1.15 -12.70
N GLN A 53 1.97 -2.47 -12.47
CA GLN A 53 2.86 -3.11 -11.50
C GLN A 53 2.88 -2.53 -10.08
N GLU A 54 1.71 -2.05 -9.64
CA GLU A 54 1.54 -1.60 -8.28
C GLU A 54 1.48 -2.74 -7.28
N VAL A 55 0.98 -3.91 -7.73
CA VAL A 55 0.77 -5.05 -6.84
C VAL A 55 1.50 -6.27 -7.38
N ILE A 56 1.60 -7.30 -6.54
CA ILE A 56 2.25 -8.55 -6.92
C ILE A 56 1.63 -9.19 -8.14
N ARG A 57 2.43 -9.97 -8.86
CA ARG A 57 2.03 -10.55 -10.12
C ARG A 57 0.77 -11.41 -10.09
N GLY A 58 0.63 -12.18 -9.01
CA GLY A 58 -0.55 -13.01 -8.81
C GLY A 58 -1.84 -12.23 -8.72
N TRP A 59 -1.80 -10.99 -8.21
CA TRP A 59 -2.95 -10.12 -8.19
C TRP A 59 -3.18 -9.59 -9.58
N GLU A 60 -2.13 -9.16 -10.29
CA GLU A 60 -2.28 -8.65 -11.64
C GLU A 60 -2.94 -9.66 -12.58
N GLU A 61 -2.49 -10.91 -12.51
CA GLU A 61 -3.08 -11.95 -13.33
C GLU A 61 -4.37 -12.51 -12.77
N GLY A 62 -4.48 -12.57 -11.45
CA GLY A 62 -5.64 -13.14 -10.80
C GLY A 62 -6.86 -12.26 -10.98
N VAL A 63 -6.74 -10.97 -10.65
CA VAL A 63 -7.86 -10.05 -10.73
C VAL A 63 -8.30 -9.78 -12.18
N ALA A 64 -7.36 -9.79 -13.14
CA ALA A 64 -7.71 -9.65 -14.54
C ALA A 64 -8.71 -10.68 -15.09
N GLN A 65 -8.80 -11.87 -14.48
CA GLN A 65 -9.75 -12.84 -14.98
C GLN A 65 -11.03 -12.86 -14.16
N MET A 66 -11.24 -11.85 -13.32
CA MET A 66 -12.42 -11.81 -12.51
C MET A 66 -13.38 -10.81 -13.13
N SER A 67 -14.67 -11.09 -13.01
CA SER A 67 -15.65 -10.11 -13.43
C SER A 67 -16.25 -9.36 -12.24
N VAL A 68 -16.91 -8.20 -12.48
CA VAL A 68 -17.46 -7.39 -11.42
C VAL A 68 -18.47 -8.21 -10.63
N GLY A 69 -18.33 -8.19 -9.31
CA GLY A 69 -19.20 -8.89 -8.39
C GLY A 69 -18.63 -10.22 -7.90
N GLN A 70 -17.59 -10.73 -8.58
CA GLN A 70 -17.08 -12.03 -8.27
C GLN A 70 -16.32 -11.96 -6.95
N ARG A 71 -16.41 -13.03 -6.16
CA ARG A 71 -15.55 -13.22 -5.01
C ARG A 71 -14.76 -14.49 -5.27
N ALA A 72 -13.44 -14.50 -5.11
CA ALA A 72 -12.62 -15.64 -5.42
C ALA A 72 -11.48 -15.87 -4.42
N LYS A 73 -11.08 -17.12 -4.27
CA LYS A 73 -9.91 -17.50 -3.52
C LYS A 73 -8.79 -17.55 -4.56
N LEU A 74 -7.75 -16.75 -4.34
CA LEU A 74 -6.55 -16.75 -5.18
C LEU A 74 -5.44 -17.45 -4.44
N THR A 75 -4.86 -18.54 -4.93
CA THR A 75 -3.70 -19.15 -4.30
C THR A 75 -2.47 -18.79 -5.15
N ILE A 76 -1.46 -18.17 -4.56
CA ILE A 76 -0.40 -17.55 -5.31
C ILE A 76 0.91 -18.17 -4.84
N SER A 77 1.66 -18.69 -5.81
CA SER A 77 2.93 -19.32 -5.49
C SER A 77 3.94 -18.24 -5.16
N PRO A 78 5.03 -18.47 -4.45
CA PRO A 78 5.98 -17.45 -4.02
C PRO A 78 6.56 -16.67 -5.16
N ASP A 79 6.81 -17.29 -6.31
CA ASP A 79 7.31 -16.57 -7.46
C ASP A 79 6.33 -15.59 -8.07
N TYR A 80 5.04 -15.67 -7.74
CA TYR A 80 4.05 -14.70 -8.18
C TYR A 80 3.69 -13.73 -7.05
N ALA A 81 4.40 -13.82 -5.93
CA ALA A 81 4.13 -13.07 -4.72
C ALA A 81 5.48 -12.47 -4.30
N TYR A 82 6.09 -12.75 -3.16
CA TYR A 82 7.31 -12.09 -2.71
C TYR A 82 8.56 -12.94 -2.80
N GLY A 83 8.47 -14.17 -3.32
CA GLY A 83 9.64 -14.93 -3.72
C GLY A 83 10.58 -15.31 -2.60
N ALA A 84 11.87 -15.35 -2.90
CA ALA A 84 12.79 -15.87 -1.92
C ALA A 84 13.14 -14.84 -0.87
N THR A 85 12.79 -13.59 -1.06
CA THR A 85 13.11 -12.54 -0.11
C THR A 85 12.00 -12.31 0.89
N GLY A 86 10.75 -12.48 0.45
CA GLY A 86 9.61 -12.21 1.30
C GLY A 86 9.38 -10.70 1.37
N HIS A 87 8.51 -10.30 2.29
CA HIS A 87 8.20 -8.91 2.48
C HIS A 87 8.61 -8.66 3.92
N PRO A 88 9.67 -7.90 4.16
CA PRO A 88 10.30 -7.74 5.47
C PRO A 88 9.34 -7.43 6.61
N GLY A 89 9.46 -8.24 7.64
CA GLY A 89 8.64 -8.09 8.82
C GLY A 89 7.34 -8.83 8.72
N ILE A 90 6.84 -9.20 7.53
CA ILE A 90 5.47 -9.67 7.40
C ILE A 90 5.48 -11.03 6.71
N ILE A 91 6.05 -11.17 5.51
CA ILE A 91 5.90 -12.41 4.73
C ILE A 91 7.29 -13.02 4.68
N PRO A 92 7.48 -14.28 5.11
CA PRO A 92 8.76 -15.01 5.06
C PRO A 92 9.17 -15.36 3.60
N PRO A 93 10.45 -15.70 3.33
CA PRO A 93 10.89 -16.27 2.07
C PRO A 93 10.04 -17.50 1.74
N HIS A 94 9.79 -17.61 0.43
CA HIS A 94 9.14 -18.79 -0.15
C HIS A 94 7.76 -19.03 0.45
N ALA A 95 6.96 -17.99 0.75
CA ALA A 95 5.61 -18.24 1.22
C ALA A 95 4.59 -18.27 0.09
N THR A 96 3.71 -19.29 0.13
CA THR A 96 2.51 -19.35 -0.70
C THR A 96 1.42 -18.51 0.00
N LEU A 97 0.71 -17.65 -0.75
CA LEU A 97 -0.26 -16.72 -0.17
C LEU A 97 -1.62 -17.12 -0.68
N VAL A 98 -2.61 -17.05 0.21
CA VAL A 98 -3.97 -17.18 -0.23
C VAL A 98 -4.74 -15.90 0.12
N PHE A 99 -5.41 -15.36 -0.89
CA PHE A 99 -6.24 -14.17 -0.74
C PHE A 99 -7.69 -14.48 -1.06
N ASP A 100 -8.59 -13.91 -0.27
CA ASP A 100 -10.01 -13.86 -0.61
C ASP A 100 -10.24 -12.47 -1.20
N VAL A 101 -10.64 -12.33 -2.46
CA VAL A 101 -10.73 -11.06 -3.13
C VAL A 101 -12.12 -10.96 -3.71
N GLU A 102 -12.77 -9.83 -3.46
CA GLU A 102 -14.08 -9.55 -4.01
C GLU A 102 -13.97 -8.32 -4.90
N LEU A 103 -14.26 -8.45 -6.19
CA LEU A 103 -14.15 -7.30 -7.11
C LEU A 103 -15.47 -6.53 -7.06
N LEU A 104 -15.41 -5.42 -6.33
CA LEU A 104 -16.58 -4.58 -6.10
C LEU A 104 -17.02 -3.75 -7.31
N LYS A 105 -16.09 -3.07 -7.98
CA LYS A 105 -16.41 -1.98 -8.90
C LYS A 105 -15.14 -1.67 -9.68
N LEU A 106 -15.33 -1.13 -10.87
CA LEU A 106 -14.25 -0.62 -11.67
C LEU A 106 -14.46 0.89 -11.80
N GLU A 107 -13.38 1.66 -11.75
CA GLU A 107 -13.40 3.09 -12.03
C GLU A 107 -12.29 3.38 -13.06
N VAL B 1 10.81 28.60 -6.41
CA VAL B 1 10.09 27.23 -6.23
C VAL B 1 8.72 27.28 -5.53
N ALA B 2 7.76 26.97 -6.31
CA ALA B 2 6.31 27.07 -5.97
C ALA B 2 5.82 25.57 -6.11
N ILE B 3 5.44 24.99 -4.93
CA ILE B 3 4.87 23.65 -5.19
C ILE B 3 3.83 23.31 -4.10
N LEU B 4 2.73 22.66 -4.47
CA LEU B 4 1.71 22.51 -3.43
C LEU B 4 2.18 21.42 -2.44
N TRP B 5 1.70 21.52 -1.18
CA TRP B 5 2.18 20.56 -0.19
C TRP B 5 1.67 19.15 -0.59
N HIS B 6 0.57 18.96 -1.23
CA HIS B 6 0.01 17.75 -1.78
C HIS B 6 1.06 17.08 -2.71
N GLU B 7 1.67 17.92 -3.59
CA GLU B 7 2.61 17.40 -4.58
C GLU B 7 3.91 17.00 -3.90
N MET B 8 4.28 17.90 -2.94
CA MET B 8 5.76 17.68 -2.46
C MET B 8 5.68 16.35 -1.66
N TRP B 9 4.60 16.15 -0.84
CA TRP B 9 4.49 14.88 -0.14
C TRP B 9 4.28 13.65 -1.03
N HIS B 10 3.50 13.74 -2.15
CA HIS B 10 3.25 12.55 -2.94
C HIS B 10 4.58 12.12 -3.54
N GLU B 11 5.32 13.08 -4.10
CA GLU B 11 6.60 12.76 -4.66
C GLU B 11 7.62 12.31 -3.64
N GLY B 12 7.69 12.98 -2.49
CA GLY B 12 8.63 12.68 -1.45
C GLY B 12 8.41 11.26 -0.83
N LEU B 13 7.14 10.88 -0.54
CA LEU B 13 6.81 9.54 0.03
C LEU B 13 7.20 8.48 -0.97
N GLU B 14 6.91 8.61 -2.23
CA GLU B 14 7.21 7.74 -3.31
C GLU B 14 8.71 7.50 -3.37
N GLU B 15 9.50 8.61 -3.30
CA GLU B 15 10.92 8.53 -3.42
C GLU B 15 11.55 7.87 -2.14
N ALA B 16 11.08 8.27 -0.98
CA ALA B 16 11.59 7.78 0.29
C ALA B 16 11.25 6.25 0.38
N SER B 17 10.01 5.89 0.04
CA SER B 17 9.73 4.42 -0.01
C SER B 17 10.56 3.63 -0.96
N ARG B 18 10.91 4.25 -2.17
CA ARG B 18 11.84 3.53 -3.06
C ARG B 18 13.19 3.31 -2.50
N LEU B 19 13.79 4.33 -1.85
CA LEU B 19 15.06 4.17 -1.20
C LEU B 19 15.08 3.16 -0.08
N TYR B 20 13.98 3.12 0.73
CA TYR B 20 13.93 2.29 1.89
C TYR B 20 13.54 0.83 1.40
N PHE B 21 12.40 0.65 0.82
CA PHE B 21 11.94 -0.75 0.46
C PHE B 21 12.64 -1.38 -0.71
N GLY B 22 12.95 -0.60 -1.75
CA GLY B 22 13.58 -1.02 -2.94
C GLY B 22 15.09 -1.10 -2.70
N GLU B 23 15.71 -0.02 -2.20
CA GLU B 23 17.16 0.00 -2.06
C GLU B 23 17.77 -0.41 -0.75
N ARG B 24 16.94 -0.65 0.28
CA ARG B 24 17.36 -0.87 1.63
C ARG B 24 18.24 0.32 2.12
N ASN B 25 17.95 1.54 1.66
CA ASN B 25 18.74 2.66 2.10
C ASN B 25 17.98 3.56 3.08
N VAL B 26 18.11 3.35 4.39
CA VAL B 26 17.40 4.02 5.42
C VAL B 26 17.98 5.45 5.50
N LYS B 27 19.33 5.59 5.42
CA LYS B 27 19.85 6.98 5.46
C LYS B 27 19.20 7.87 4.39
N GLY B 28 19.01 7.38 3.20
CA GLY B 28 18.52 8.16 2.02
C GLY B 28 17.00 8.46 2.28
N MET B 29 16.23 7.46 2.79
CA MET B 29 14.85 7.69 3.21
C MET B 29 14.64 8.75 4.22
N PHE B 30 15.51 8.88 5.24
CA PHE B 30 15.47 10.01 6.20
C PHE B 30 15.79 11.35 5.53
N GLU B 31 16.90 11.26 4.68
CA GLU B 31 17.28 12.47 4.07
C GLU B 31 16.09 13.09 3.30
N VAL B 32 15.35 12.26 2.62
CA VAL B 32 14.16 12.71 1.92
C VAL B 32 13.07 13.21 2.85
N LEU B 33 12.68 12.49 3.89
CA LEU B 33 11.53 12.79 4.75
C LEU B 33 11.85 13.95 5.70
N GLU B 34 13.11 14.20 6.10
CA GLU B 34 13.30 15.26 7.16
C GLU B 34 12.88 16.68 6.76
N PRO B 35 13.15 17.16 5.52
CA PRO B 35 12.80 18.49 5.08
C PRO B 35 11.28 18.59 4.87
N LEU B 36 10.64 17.39 4.54
CA LEU B 36 9.19 17.50 4.41
C LEU B 36 8.54 17.77 5.74
N HIS B 37 8.95 16.99 6.75
CA HIS B 37 8.42 17.28 8.06
C HIS B 37 8.79 18.72 8.54
N ALA B 38 9.97 19.11 8.23
CA ALA B 38 10.42 20.48 8.76
C ALA B 38 9.56 21.55 8.13
N MET B 39 9.18 21.38 6.87
CA MET B 39 8.12 22.35 6.41
C MET B 39 6.83 22.28 7.13
N MET B 40 6.20 21.17 7.47
CA MET B 40 5.02 21.17 8.30
C MET B 40 5.32 21.87 9.63
N GLU B 41 6.48 21.57 10.23
CA GLU B 41 6.81 22.24 11.48
C GLU B 41 6.74 23.77 11.38
N ARG B 42 7.19 24.30 10.27
CA ARG B 42 7.12 25.77 10.16
C ARG B 42 5.67 26.25 10.13
N GLY B 43 4.71 25.52 9.59
CA GLY B 43 3.31 25.94 9.63
C GLY B 43 2.77 26.30 8.27
N PRO B 44 1.46 26.18 7.98
CA PRO B 44 0.91 26.51 6.71
C PRO B 44 0.90 28.01 6.47
N GLN B 45 1.15 28.50 5.30
CA GLN B 45 1.06 29.92 4.96
C GLN B 45 0.11 30.26 3.80
N THR B 46 -0.55 29.21 3.22
CA THR B 46 -1.62 29.43 2.26
C THR B 46 -2.90 28.70 2.66
N LEU B 47 -4.01 29.09 2.09
CA LEU B 47 -5.29 28.32 2.37
C LEU B 47 -5.08 26.82 1.98
N LYS B 48 -4.51 26.50 0.84
CA LYS B 48 -4.23 25.17 0.34
C LYS B 48 -3.22 24.44 1.25
N GLU B 49 -2.33 25.14 1.84
CA GLU B 49 -1.37 24.53 2.78
C GLU B 49 -2.14 24.18 4.05
N THR B 50 -3.07 25.13 4.40
CA THR B 50 -3.79 24.97 5.69
C THR B 50 -4.75 23.73 5.60
N SER B 51 -5.38 23.64 4.45
CA SER B 51 -6.40 22.50 4.39
C SER B 51 -5.58 21.18 4.27
N PHE B 52 -4.42 21.15 3.59
CA PHE B 52 -3.59 19.94 3.59
C PHE B 52 -3.15 19.63 5.04
N ASN B 53 -2.73 20.65 5.77
CA ASN B 53 -2.33 20.42 7.19
C ASN B 53 -3.50 19.97 8.02
N GLN B 54 -4.69 20.57 7.88
CA GLN B 54 -5.89 20.03 8.57
C GLN B 54 -6.20 18.49 8.30
N ALA B 55 -6.10 18.11 7.02
CA ALA B 55 -6.44 16.69 6.73
C ALA B 55 -5.34 15.72 7.08
N TYR B 56 -4.07 16.06 6.84
CA TYR B 56 -3.00 15.07 6.99
C TYR B 56 -1.99 15.46 8.07
N GLY B 57 -2.14 16.55 8.80
CA GLY B 57 -1.00 17.03 9.64
C GLY B 57 -0.74 16.00 10.77
N ARG B 58 -1.87 15.66 11.44
CA ARG B 58 -1.74 14.74 12.58
C ARG B 58 -1.17 13.38 12.15
N ASP B 59 -1.65 12.77 11.04
CA ASP B 59 -1.06 11.48 10.62
C ASP B 59 0.43 11.63 10.35
N LEU B 60 0.81 12.75 9.65
CA LEU B 60 2.22 12.87 9.33
C LEU B 60 3.05 13.09 10.58
N MET B 61 2.53 13.86 11.55
CA MET B 61 3.23 14.04 12.82
C MET B 61 3.37 12.66 13.54
N GLU B 62 2.32 11.88 13.60
CA GLU B 62 2.42 10.49 14.13
C GLU B 62 3.42 9.62 13.35
N ALA B 63 3.47 9.69 12.01
CA ALA B 63 4.49 8.90 11.28
C ALA B 63 5.89 9.35 11.73
N GLN B 64 6.12 10.69 11.83
CA GLN B 64 7.36 11.14 12.41
C GLN B 64 7.62 10.65 13.84
N GLU B 65 6.62 10.56 14.77
CA GLU B 65 6.94 10.03 16.08
C GLU B 65 7.40 8.56 15.94
N TRP B 66 6.75 7.75 15.12
CA TRP B 66 7.25 6.37 14.95
C TRP B 66 8.69 6.35 14.42
N CYS B 67 8.92 7.20 13.37
CA CYS B 67 10.34 7.21 12.89
C CYS B 67 11.30 7.54 14.04
N ARG B 68 10.97 8.59 14.83
CA ARG B 68 11.82 8.96 15.95
C ARG B 68 11.88 7.79 16.95
N LYS B 69 10.81 6.99 17.10
CA LYS B 69 10.91 5.85 17.97
C LYS B 69 11.98 4.85 17.55
N TYR B 70 12.00 4.63 16.26
CA TYR B 70 12.97 3.77 15.61
C TYR B 70 14.45 4.25 15.79
N MET B 71 14.56 5.56 15.70
CA MET B 71 15.92 6.15 15.86
C MET B 71 16.47 5.68 17.18
N LYS B 72 15.65 5.69 18.19
CA LYS B 72 16.14 5.37 19.52
C LYS B 72 16.04 3.85 19.74
N SER B 73 15.05 3.14 19.34
CA SER B 73 14.92 1.70 19.56
C SER B 73 15.77 0.82 18.68
N GLY B 74 16.07 1.10 17.42
CA GLY B 74 16.72 0.15 16.47
C GLY B 74 15.74 -0.97 16.04
N ASN B 75 14.45 -0.82 16.27
CA ASN B 75 13.55 -1.96 15.91
C ASN B 75 12.81 -1.62 14.60
N VAL B 76 13.01 -2.22 13.47
CA VAL B 76 12.38 -1.98 12.21
C VAL B 76 10.89 -1.99 12.22
N LYS B 77 10.16 -2.68 13.11
CA LYS B 77 8.76 -2.62 13.32
C LYS B 77 8.24 -1.22 13.67
N ASP B 78 9.12 -0.43 14.35
CA ASP B 78 8.69 0.95 14.58
C ASP B 78 8.68 1.73 13.22
N LEU B 79 9.63 1.47 12.32
CA LEU B 79 9.58 2.17 11.04
C LEU B 79 8.49 1.64 10.17
N THR B 80 8.16 0.33 10.38
CA THR B 80 7.01 -0.08 9.44
C THR B 80 5.85 0.73 9.84
N GLN B 81 5.64 0.92 11.19
CA GLN B 81 4.36 1.59 11.66
C GLN B 81 4.25 3.03 11.05
N ALA B 82 5.49 3.54 10.93
CA ALA B 82 5.48 4.91 10.24
C ALA B 82 5.04 4.78 8.80
N TRP B 83 5.45 3.64 8.07
CA TRP B 83 5.06 3.55 6.67
C TRP B 83 3.59 3.26 6.52
N ASP B 84 2.89 2.70 7.53
CA ASP B 84 1.44 2.46 7.37
C ASP B 84 0.72 3.84 7.34
N LEU B 85 1.14 4.76 8.17
CA LEU B 85 0.57 6.12 8.22
C LEU B 85 1.05 6.89 6.98
N TYR B 86 2.30 6.68 6.54
CA TYR B 86 2.65 7.41 5.31
C TYR B 86 1.83 6.93 4.10
N TYR B 87 1.59 5.63 4.02
CA TYR B 87 0.89 5.05 2.82
C TYR B 87 -0.55 5.55 2.89
N HIS B 88 -1.18 5.56 4.12
CA HIS B 88 -2.60 6.06 4.17
C HIS B 88 -2.61 7.55 3.64
N VAL B 89 -1.68 8.39 4.10
CA VAL B 89 -1.60 9.71 3.50
C VAL B 89 -1.44 9.68 1.99
N PHE B 90 -0.48 8.86 1.51
CA PHE B 90 -0.17 8.82 0.10
C PHE B 90 -1.36 8.43 -0.76
N ARG B 91 -2.13 7.39 -0.29
CA ARG B 91 -3.29 6.97 -0.95
C ARG B 91 -4.34 8.11 -0.92
N ARG B 92 -4.50 8.78 0.18
CA ARG B 92 -5.54 9.86 0.26
C ARG B 92 -5.18 10.99 -0.69
N ILE B 93 -3.92 11.35 -0.78
CA ILE B 93 -3.44 12.39 -1.70
C ILE B 93 -3.64 11.96 -3.15
N SER B 94 -3.62 10.66 -3.44
CA SER B 94 -3.64 10.12 -4.75
C SER B 94 -5.06 10.09 -5.33
TB TB C . -1.40 -35.24 -5.72
TB TB D . -6.44 -35.44 -6.95
N GLY A 1 2.24 -20.13 -10.17
CA GLY A 1 1.33 -19.20 -10.79
C GLY A 1 0.30 -18.74 -9.76
N VAL A 2 -0.91 -18.49 -10.24
CA VAL A 2 -2.05 -18.10 -9.43
C VAL A 2 -3.21 -18.98 -9.86
N GLN A 3 -3.85 -19.59 -8.88
CA GLN A 3 -5.03 -20.41 -9.13
C GLN A 3 -6.22 -19.56 -8.67
N VAL A 4 -7.31 -19.42 -9.43
CA VAL A 4 -8.47 -18.61 -9.03
C VAL A 4 -9.61 -19.61 -8.84
N GLU A 5 -10.14 -19.75 -7.64
CA GLU A 5 -11.27 -20.62 -7.38
C GLU A 5 -12.46 -19.77 -6.94
N THR A 6 -13.64 -19.84 -7.56
CA THR A 6 -14.77 -18.96 -7.25
C THR A 6 -15.44 -19.21 -5.91
N ILE A 7 -15.64 -18.17 -5.09
CA ILE A 7 -16.48 -18.29 -3.92
C ILE A 7 -17.91 -17.88 -4.30
N SER A 8 -18.13 -16.81 -5.07
CA SER A 8 -19.43 -16.37 -5.55
C SER A 8 -19.20 -15.80 -6.94
N PRO A 9 -20.03 -16.10 -7.92
CA PRO A 9 -19.86 -15.65 -9.27
C PRO A 9 -20.08 -14.15 -9.48
N GLY A 10 -19.31 -13.58 -10.38
CA GLY A 10 -19.53 -12.23 -10.81
C GLY A 10 -20.53 -12.23 -11.95
N ASP A 11 -20.59 -11.15 -12.70
CA ASP A 11 -21.54 -11.10 -13.81
C ASP A 11 -21.09 -11.85 -15.06
N GLY A 12 -19.84 -12.31 -15.11
CA GLY A 12 -19.33 -13.06 -16.25
C GLY A 12 -19.19 -12.25 -17.54
N ARG A 13 -19.22 -10.92 -17.47
CA ARG A 13 -19.21 -10.07 -18.64
C ARG A 13 -18.26 -8.91 -18.49
N THR A 14 -18.24 -8.26 -17.32
CA THR A 14 -17.44 -7.09 -17.06
C THR A 14 -16.13 -7.42 -16.35
N PHE A 15 -15.07 -7.39 -17.11
CA PHE A 15 -13.76 -7.76 -16.64
C PHE A 15 -12.88 -6.52 -16.64
N PRO A 16 -11.89 -6.34 -15.75
CA PRO A 16 -11.01 -5.18 -15.74
C PRO A 16 -10.21 -5.10 -17.03
N LYS A 17 -9.97 -3.87 -17.45
CA LYS A 17 -9.06 -3.55 -18.52
C LYS A 17 -7.80 -2.97 -17.85
N ARG A 18 -6.66 -3.12 -18.53
CA ARG A 18 -5.41 -2.49 -18.17
C ARG A 18 -5.65 -0.99 -18.04
N GLY A 19 -5.16 -0.45 -16.95
CA GLY A 19 -5.33 0.97 -16.70
C GLY A 19 -6.59 1.28 -15.92
N GLN A 20 -7.55 0.36 -15.76
CA GLN A 20 -8.69 0.66 -14.92
C GLN A 20 -8.33 0.47 -13.47
N THR A 21 -9.02 1.23 -12.63
CA THR A 21 -8.96 1.08 -11.18
C THR A 21 -9.93 -0.02 -10.76
N CYS A 22 -9.40 -1.05 -10.14
CA CYS A 22 -10.23 -2.09 -9.53
C CYS A 22 -10.45 -1.73 -8.08
N VAL A 23 -11.70 -1.86 -7.62
CA VAL A 23 -12.06 -1.60 -6.23
C VAL A 23 -12.41 -2.96 -5.62
N VAL A 24 -11.67 -3.40 -4.59
CA VAL A 24 -11.80 -4.76 -4.07
C VAL A 24 -11.88 -4.78 -2.56
N HIS A 25 -12.43 -5.84 -1.97
CA HIS A 25 -12.15 -6.16 -0.59
C HIS A 25 -11.29 -7.40 -0.55
N TYR A 26 -10.35 -7.50 0.39
CA TYR A 26 -9.52 -8.67 0.50
C TYR A 26 -9.20 -9.02 1.95
N THR A 27 -8.89 -10.31 2.14
CA THR A 27 -8.28 -10.89 3.34
C THR A 27 -7.11 -11.69 2.79
N GLY A 28 -5.93 -11.55 3.38
CA GLY A 28 -4.75 -12.30 3.01
C GLY A 28 -4.28 -13.17 4.17
N MET A 29 -3.82 -14.37 3.87
CA MET A 29 -3.22 -15.25 4.86
C MET A 29 -2.12 -16.07 4.19
N LEU A 30 -1.19 -16.55 5.02
CA LEU A 30 -0.16 -17.47 4.56
C LEU A 30 -0.82 -18.85 4.38
N GLU A 31 -0.46 -19.64 3.37
CA GLU A 31 -1.07 -20.95 3.13
C GLU A 31 -0.95 -21.80 4.38
N ASP A 32 -2.11 -22.20 4.91
CA ASP A 32 -2.23 -22.88 6.20
C ASP A 32 -1.50 -22.23 7.37
N GLY A 33 -1.70 -20.92 7.40
CA GLY A 33 -1.03 -20.07 8.36
C GLY A 33 -1.89 -18.88 8.72
N LYS A 34 -1.13 -17.87 9.16
CA LYS A 34 -1.67 -16.68 9.80
C LYS A 34 -2.35 -15.78 8.79
N LYS A 35 -3.54 -15.24 9.10
CA LYS A 35 -4.06 -14.07 8.43
C LYS A 35 -3.16 -12.88 8.76
N PHE A 36 -2.73 -12.17 7.73
CA PHE A 36 -1.83 -11.06 7.94
C PHE A 36 -2.50 -9.74 7.57
N ASP A 37 -3.60 -9.69 6.78
CA ASP A 37 -4.23 -8.43 6.43
C ASP A 37 -5.66 -8.57 5.93
N SER A 38 -6.52 -7.57 6.10
CA SER A 38 -7.85 -7.59 5.54
C SER A 38 -8.28 -6.17 5.43
N SER A 39 -8.76 -5.77 4.26
CA SER A 39 -9.35 -4.46 4.11
C SER A 39 -10.72 -4.40 4.77
N ARG A 40 -11.36 -5.54 5.00
CA ARG A 40 -12.70 -5.58 5.57
C ARG A 40 -12.69 -5.04 6.99
N ASP A 41 -11.68 -5.40 7.78
CA ASP A 41 -11.42 -4.89 9.14
C ASP A 41 -11.43 -3.37 9.21
N ARG A 42 -10.80 -2.84 8.17
CA ARG A 42 -10.57 -1.43 8.05
C ARG A 42 -11.78 -0.69 7.53
N ASN A 43 -12.81 -1.43 7.11
CA ASN A 43 -14.05 -0.88 6.57
C ASN A 43 -13.79 -0.02 5.32
N LYS A 44 -12.59 -0.08 4.71
CA LYS A 44 -12.26 0.72 3.54
C LYS A 44 -11.79 -0.24 2.42
N PRO A 45 -12.33 -0.17 1.19
CA PRO A 45 -11.91 -1.00 0.07
C PRO A 45 -10.58 -0.47 -0.42
N PHE A 46 -9.85 -1.43 -0.99
CA PHE A 46 -8.54 -1.20 -1.53
C PHE A 46 -8.73 -0.94 -3.01
N LYS A 47 -7.98 0.01 -3.56
CA LYS A 47 -8.07 0.30 -4.98
C LYS A 47 -6.65 0.22 -5.52
N PHE A 48 -6.55 -0.33 -6.72
CA PHE A 48 -5.29 -0.32 -7.43
C PHE A 48 -5.57 -0.26 -8.92
N MET A 49 -4.58 0.17 -9.68
CA MET A 49 -4.74 0.28 -11.11
C MET A 49 -4.10 -0.93 -11.76
N LEU A 50 -4.92 -1.62 -12.55
CA LEU A 50 -4.49 -2.84 -13.17
C LEU A 50 -3.46 -2.51 -14.23
N GLY A 51 -2.41 -3.30 -14.27
CA GLY A 51 -1.41 -3.19 -15.31
C GLY A 51 -0.26 -2.25 -15.00
N LYS A 52 -0.26 -1.50 -13.88
CA LYS A 52 0.81 -0.56 -13.58
C LYS A 52 1.93 -1.12 -12.70
N GLN A 53 1.95 -2.44 -12.46
CA GLN A 53 2.84 -3.08 -11.50
C GLN A 53 2.86 -2.49 -10.07
N GLU A 54 1.69 -2.03 -9.63
CA GLU A 54 1.52 -1.57 -8.27
C GLU A 54 1.47 -2.72 -7.27
N VAL A 55 0.97 -3.88 -7.72
CA VAL A 55 0.76 -5.02 -6.84
C VAL A 55 1.50 -6.25 -7.38
N ILE A 56 1.60 -7.28 -6.54
CA ILE A 56 2.25 -8.52 -6.92
C ILE A 56 1.62 -9.17 -8.14
N ARG A 57 2.43 -9.95 -8.85
CA ARG A 57 2.03 -10.52 -10.12
C ARG A 57 0.77 -11.38 -10.08
N GLY A 58 0.64 -12.15 -9.01
CA GLY A 58 -0.53 -12.98 -8.81
C GLY A 58 -1.83 -12.21 -8.72
N TRP A 59 -1.79 -10.97 -8.21
CA TRP A 59 -2.95 -10.11 -8.19
C TRP A 59 -3.17 -9.58 -9.58
N GLU A 60 -2.12 -9.14 -10.29
CA GLU A 60 -2.28 -8.63 -11.65
C GLU A 60 -2.94 -9.64 -12.57
N GLU A 61 -2.48 -10.89 -12.52
CA GLU A 61 -3.07 -11.93 -13.32
C GLU A 61 -4.36 -12.50 -12.77
N GLY A 62 -4.48 -12.56 -11.45
CA GLY A 62 -5.64 -13.12 -10.80
C GLY A 62 -6.86 -12.25 -10.98
N VAL A 63 -6.73 -10.96 -10.65
CA VAL A 63 -7.85 -10.04 -10.73
C VAL A 63 -8.30 -9.78 -12.18
N ALA A 64 -7.36 -9.78 -13.14
CA ALA A 64 -7.71 -9.65 -14.54
C ALA A 64 -8.70 -10.67 -15.09
N GLN A 65 -8.79 -11.86 -14.48
CA GLN A 65 -9.75 -12.84 -14.99
C GLN A 65 -11.03 -12.86 -14.16
N MET A 66 -11.23 -11.85 -13.31
CA MET A 66 -12.42 -11.83 -12.50
C MET A 66 -13.37 -10.82 -13.13
N SER A 67 -14.66 -11.10 -13.01
CA SER A 67 -15.65 -10.12 -13.42
C SER A 67 -16.25 -9.37 -12.24
N VAL A 68 -16.91 -8.22 -12.48
CA VAL A 68 -17.47 -7.42 -11.41
C VAL A 68 -18.47 -8.23 -10.63
N GLY A 69 -18.33 -8.21 -9.30
CA GLY A 69 -19.21 -8.92 -8.38
C GLY A 69 -18.63 -10.25 -7.91
N GLN A 70 -17.59 -10.75 -8.57
CA GLN A 70 -17.08 -12.05 -8.26
C GLN A 70 -16.31 -11.98 -6.95
N ARG A 71 -16.39 -13.04 -6.16
CA ARG A 71 -15.55 -13.24 -5.00
C ARG A 71 -14.75 -14.51 -5.27
N ALA A 72 -13.43 -14.51 -5.11
CA ALA A 72 -12.60 -15.65 -5.42
C ALA A 72 -11.47 -15.88 -4.42
N LYS A 73 -11.06 -17.13 -4.27
CA LYS A 73 -9.88 -17.49 -3.52
C LYS A 73 -8.77 -17.55 -4.56
N LEU A 74 -7.73 -16.76 -4.34
CA LEU A 74 -6.53 -16.75 -5.18
C LEU A 74 -5.42 -17.45 -4.44
N THR A 75 -4.85 -18.54 -4.93
CA THR A 75 -3.67 -19.14 -4.31
C THR A 75 -2.46 -18.77 -5.15
N ILE A 76 -1.44 -18.15 -4.56
CA ILE A 76 -0.38 -17.53 -5.31
C ILE A 76 0.93 -18.15 -4.84
N SER A 77 1.68 -18.67 -5.81
CA SER A 77 2.96 -19.29 -5.50
C SER A 77 3.96 -18.21 -5.16
N PRO A 78 5.05 -18.43 -4.44
CA PRO A 78 6.01 -17.41 -4.02
C PRO A 78 6.57 -16.63 -5.17
N ASP A 79 6.82 -17.25 -6.31
CA ASP A 79 7.33 -16.53 -7.46
C ASP A 79 6.34 -15.55 -8.07
N TYR A 80 5.06 -15.64 -7.73
CA TYR A 80 4.06 -14.67 -8.17
C TYR A 80 3.70 -13.71 -7.05
N ALA A 81 4.41 -13.78 -5.93
CA ALA A 81 4.14 -13.04 -4.72
C ALA A 81 5.49 -12.43 -4.30
N TYR A 82 6.10 -12.71 -3.16
CA TYR A 82 7.32 -12.06 -2.70
C TYR A 82 8.57 -12.90 -2.80
N GLY A 83 8.47 -14.13 -3.32
CA GLY A 83 9.65 -14.88 -3.72
C GLY A 83 10.59 -15.26 -2.60
N ALA A 84 11.89 -15.30 -2.91
CA ALA A 84 12.80 -15.82 -1.91
C ALA A 84 13.15 -14.80 -0.86
N THR A 85 12.79 -13.54 -1.06
CA THR A 85 13.12 -12.49 -0.11
C THR A 85 12.01 -12.25 0.89
N GLY A 86 10.76 -12.43 0.46
CA GLY A 86 9.62 -12.17 1.30
C GLY A 86 9.38 -10.66 1.37
N HIS A 87 8.51 -10.26 2.29
CA HIS A 87 8.20 -8.88 2.49
C HIS A 87 8.60 -8.62 3.93
N PRO A 88 9.67 -7.86 4.16
CA PRO A 88 10.29 -7.69 5.48
C PRO A 88 9.34 -7.40 6.61
N GLY A 89 9.46 -8.20 7.64
CA GLY A 89 8.64 -8.05 8.82
C GLY A 89 7.34 -8.80 8.72
N ILE A 90 6.85 -9.16 7.54
CA ILE A 90 5.47 -9.63 7.40
C ILE A 90 5.49 -11.00 6.71
N ILE A 91 6.05 -11.14 5.50
CA ILE A 91 5.90 -12.38 4.73
C ILE A 91 7.29 -12.99 4.68
N PRO A 92 7.49 -14.25 5.11
CA PRO A 92 8.77 -14.97 5.05
C PRO A 92 9.18 -15.32 3.61
N PRO A 93 10.46 -15.66 3.34
CA PRO A 93 10.90 -16.23 2.08
C PRO A 93 10.06 -17.46 1.74
N HIS A 94 9.80 -17.57 0.43
CA HIS A 94 9.17 -18.74 -0.15
C HIS A 94 7.78 -18.99 0.45
N ALA A 95 6.98 -17.96 0.74
CA ALA A 95 5.64 -18.21 1.22
C ALA A 95 4.61 -18.25 0.09
N THR A 96 3.73 -19.26 0.12
CA THR A 96 2.53 -19.33 -0.70
C THR A 96 1.43 -18.49 0.00
N LEU A 97 0.73 -17.62 -0.75
CA LEU A 97 -0.23 -16.70 -0.18
C LEU A 97 -1.60 -17.11 -0.68
N VAL A 98 -2.58 -17.04 0.20
CA VAL A 98 -3.96 -17.17 -0.23
C VAL A 98 -4.73 -15.90 0.11
N PHE A 99 -5.39 -15.35 -0.90
CA PHE A 99 -6.23 -14.17 -0.74
C PHE A 99 -7.68 -14.48 -1.07
N ASP A 100 -8.58 -13.92 -0.27
CA ASP A 100 -10.00 -13.87 -0.60
C ASP A 100 -10.23 -12.47 -1.19
N VAL A 101 -10.62 -12.33 -2.46
CA VAL A 101 -10.73 -11.07 -3.13
C VAL A 101 -12.12 -10.97 -3.72
N GLU A 102 -12.76 -9.84 -3.45
CA GLU A 102 -14.08 -9.57 -4.00
C GLU A 102 -13.98 -8.34 -4.90
N LEU A 103 -14.26 -8.46 -6.19
CA LEU A 103 -14.16 -7.32 -7.10
C LEU A 103 -15.48 -6.55 -7.06
N LEU A 104 -15.42 -5.43 -6.32
CA LEU A 104 -16.59 -4.61 -6.09
C LEU A 104 -17.04 -3.76 -7.30
N LYS A 105 -16.11 -3.09 -7.98
CA LYS A 105 -16.42 -2.00 -8.89
C LYS A 105 -15.16 -1.69 -9.67
N LEU A 106 -15.35 -1.14 -10.86
CA LEU A 106 -14.28 -0.63 -11.67
C LEU A 106 -14.49 0.87 -11.80
N GLU A 107 -13.42 1.65 -11.74
CA GLU A 107 -13.43 3.08 -12.02
C GLU A 107 -12.32 3.38 -13.05
N VAL B 1 10.84 28.58 -6.41
CA VAL B 1 10.12 27.21 -6.23
C VAL B 1 8.77 27.27 -5.53
N ALA B 2 7.79 26.96 -6.31
CA ALA B 2 6.35 27.06 -5.97
C ALA B 2 5.86 25.56 -6.11
N ILE B 3 5.47 24.99 -4.94
CA ILE B 3 4.90 23.65 -5.20
C ILE B 3 3.85 23.30 -4.10
N LEU B 4 2.76 22.66 -4.48
CA LEU B 4 1.74 22.51 -3.44
C LEU B 4 2.21 21.42 -2.44
N TRP B 5 1.73 21.53 -1.18
CA TRP B 5 2.20 20.57 -0.20
C TRP B 5 1.68 19.16 -0.59
N HIS B 6 0.58 18.96 -1.23
CA HIS B 6 0.03 17.75 -1.78
C HIS B 6 1.07 17.08 -2.70
N GLU B 7 1.69 17.92 -3.60
CA GLU B 7 2.62 17.41 -4.59
C GLU B 7 3.93 17.00 -3.90
N MET B 8 4.29 17.90 -2.95
CA MET B 8 5.78 17.67 -2.48
C MET B 8 5.70 16.35 -1.67
N TRP B 9 4.61 16.15 -0.84
CA TRP B 9 4.49 14.87 -0.13
C TRP B 9 4.28 13.64 -1.04
N HIS B 10 3.50 13.74 -2.15
CA HIS B 10 3.25 12.54 -2.95
C HIS B 10 4.58 12.12 -3.54
N GLU B 11 5.33 13.07 -4.11
CA GLU B 11 6.60 12.75 -4.66
C GLU B 11 7.62 12.30 -3.65
N GLY B 12 7.70 12.97 -2.49
CA GLY B 12 8.63 12.67 -1.45
C GLY B 12 8.41 11.25 -0.84
N LEU B 13 7.14 10.87 -0.54
CA LEU B 13 6.81 9.54 0.03
C LEU B 13 7.19 8.47 -0.98
N GLU B 14 6.91 8.60 -2.23
CA GLU B 14 7.21 7.73 -3.31
C GLU B 14 8.70 7.49 -3.37
N GLU B 15 9.50 8.59 -3.30
CA GLU B 15 10.91 8.51 -3.42
C GLU B 15 11.54 7.86 -2.14
N ALA B 16 11.07 8.25 -0.99
CA ALA B 16 11.58 7.76 0.28
C ALA B 16 11.24 6.24 0.37
N SER B 17 10.00 5.87 0.03
CA SER B 17 9.71 4.42 0.00
C SER B 17 10.55 3.62 -0.97
N ARG B 18 10.89 4.24 -2.16
CA ARG B 18 11.82 3.51 -3.06
C ARG B 18 13.17 3.29 -2.48
N LEU B 19 13.78 4.30 -1.84
CA LEU B 19 15.05 4.15 -1.20
C LEU B 19 15.06 3.13 -0.08
N TYR B 20 13.96 3.11 0.73
CA TYR B 20 13.91 2.28 1.90
C TYR B 20 13.52 0.80 1.40
N PHE B 21 12.38 0.63 0.83
CA PHE B 21 11.91 -0.76 0.47
C PHE B 21 12.61 -1.40 -0.71
N GLY B 22 12.93 -0.62 -1.76
CA GLY B 22 13.55 -1.04 -2.94
C GLY B 22 15.07 -1.13 -2.70
N GLU B 23 15.67 -0.05 -2.20
CA GLU B 23 17.13 -0.03 -2.06
C GLU B 23 17.74 -0.44 -0.74
N ARG B 24 16.90 -0.68 0.28
CA ARG B 24 17.34 -0.90 1.63
C ARG B 24 18.21 0.29 2.13
N ASN B 25 17.92 1.51 1.66
CA ASN B 25 18.72 2.63 2.10
C ASN B 25 17.96 3.52 3.08
N VAL B 26 18.09 3.32 4.39
CA VAL B 26 17.38 3.99 5.42
C VAL B 26 17.97 5.41 5.50
N LYS B 27 19.31 5.55 5.42
CA LYS B 27 19.83 6.95 5.46
C LYS B 27 19.18 7.83 4.40
N GLY B 28 18.99 7.34 3.20
CA GLY B 28 18.50 8.13 2.03
C GLY B 28 16.99 8.43 2.28
N MET B 29 16.22 7.43 2.79
CA MET B 29 14.84 7.66 3.21
C MET B 29 14.63 8.73 4.22
N PHE B 30 15.51 8.85 5.23
CA PHE B 30 15.47 9.99 6.20
C PHE B 30 15.80 11.32 5.53
N GLU B 31 16.89 11.24 4.69
CA GLU B 31 17.28 12.43 4.07
C GLU B 31 16.09 13.06 3.29
N VAL B 32 15.34 12.23 2.62
CA VAL B 32 14.16 12.69 1.92
C VAL B 32 13.07 13.19 2.84
N LEU B 33 12.68 12.47 3.90
CA LEU B 33 11.53 12.78 4.74
C LEU B 33 11.85 13.94 5.69
N GLU B 34 13.12 14.18 6.10
CA GLU B 34 13.31 15.24 7.16
C GLU B 34 12.90 16.66 6.77
N PRO B 35 13.17 17.14 5.53
CA PRO B 35 12.81 18.46 5.08
C PRO B 35 11.30 18.57 4.86
N LEU B 36 10.65 17.37 4.54
CA LEU B 36 9.20 17.48 4.41
C LEU B 36 8.55 17.75 5.74
N HIS B 37 8.95 16.97 6.75
CA HIS B 37 8.43 17.26 8.05
C HIS B 37 8.80 18.71 8.53
N ALA B 38 9.99 19.09 8.23
CA ALA B 38 10.44 20.46 8.76
C ALA B 38 9.58 21.53 8.12
N MET B 39 9.19 21.38 6.87
CA MET B 39 8.15 22.34 6.41
C MET B 39 6.86 22.27 7.13
N MET B 40 6.23 21.16 7.47
CA MET B 40 5.03 21.16 8.30
C MET B 40 5.33 21.88 9.62
N GLU B 41 6.49 21.56 10.23
CA GLU B 41 6.84 22.23 11.48
C GLU B 41 6.76 23.76 11.38
N ARG B 42 7.21 24.30 10.28
CA ARG B 42 7.15 25.76 10.16
C ARG B 42 5.70 26.24 10.12
N GLY B 43 4.73 25.51 9.59
CA GLY B 43 3.33 25.93 9.62
C GLY B 43 2.80 26.31 8.26
N PRO B 44 1.49 26.19 7.97
CA PRO B 44 0.94 26.51 6.71
C PRO B 44 0.93 28.01 6.46
N GLN B 45 1.19 28.51 5.29
CA GLN B 45 1.10 29.92 4.96
C GLN B 45 0.14 30.27 3.79
N THR B 46 -0.52 29.22 3.21
CA THR B 46 -1.57 29.45 2.26
C THR B 46 -2.85 28.72 2.66
N LEU B 47 -3.97 29.11 2.08
CA LEU B 47 -5.26 28.34 2.37
C LEU B 47 -5.04 26.84 1.97
N LYS B 48 -4.47 26.51 0.83
CA LYS B 48 -4.20 25.18 0.33
C LYS B 48 -3.20 24.45 1.23
N GLU B 49 -2.31 25.16 1.82
CA GLU B 49 -1.35 24.53 2.76
C GLU B 49 -2.11 24.19 4.05
N THR B 50 -3.04 25.15 4.39
CA THR B 50 -3.76 24.99 5.67
C THR B 50 -4.72 23.76 5.59
N SER B 51 -5.36 23.65 4.45
CA SER B 51 -6.37 22.52 4.37
C SER B 51 -5.56 21.20 4.27
N PHE B 52 -4.41 21.17 3.58
CA PHE B 52 -3.57 19.95 3.59
C PHE B 52 -3.14 19.64 5.03
N ASN B 53 -2.71 20.66 5.77
CA ASN B 53 -2.31 20.42 7.17
C ASN B 53 -3.49 19.99 8.01
N GLN B 54 -4.67 20.59 7.87
CA GLN B 54 -5.87 20.05 8.56
C GLN B 54 -6.19 18.50 8.29
N ALA B 55 -6.08 18.12 7.01
CA ALA B 55 -6.44 16.72 6.72
C ALA B 55 -5.34 15.74 7.08
N TYR B 56 -4.06 16.08 6.84
CA TYR B 56 -2.99 15.09 6.98
C TYR B 56 -1.99 15.47 8.07
N GLY B 57 -2.13 16.56 8.79
CA GLY B 57 -0.99 17.05 9.64
C GLY B 57 -0.74 16.00 10.77
N ARG B 58 -1.87 15.67 11.44
CA ARG B 58 -1.74 14.75 12.56
C ARG B 58 -1.17 13.39 12.14
N ASP B 59 -1.64 12.77 11.04
CA ASP B 59 -1.06 11.49 10.61
C ASP B 59 0.43 11.64 10.35
N LEU B 60 0.81 12.75 9.65
CA LEU B 60 2.22 12.87 9.33
C LEU B 60 3.05 13.09 10.58
N MET B 61 2.53 13.86 11.55
CA MET B 61 3.23 14.04 12.82
C MET B 61 3.36 12.66 13.53
N GLU B 62 2.32 11.88 13.60
CA GLU B 62 2.42 10.49 14.12
C GLU B 62 3.41 9.62 13.35
N ALA B 63 3.47 9.69 12.02
CA ALA B 63 4.48 8.89 11.28
C ALA B 63 5.88 9.34 11.73
N GLN B 64 6.12 10.70 11.82
CA GLN B 64 7.35 11.13 12.40
C GLN B 64 7.60 10.64 13.83
N GLU B 65 6.62 10.55 14.77
CA GLU B 65 6.93 10.02 16.08
C GLU B 65 7.39 8.54 15.95
N TRP B 66 6.73 7.74 15.12
CA TRP B 66 7.23 6.36 14.95
C TRP B 66 8.67 6.33 14.42
N CYS B 67 8.91 7.19 13.37
CA CYS B 67 10.33 7.19 12.89
C CYS B 67 11.30 7.53 14.05
N ARG B 68 10.96 8.58 14.82
CA ARG B 68 11.81 8.94 15.95
C ARG B 68 11.87 7.78 16.94
N LYS B 69 10.79 6.97 17.11
CA LYS B 69 10.89 5.84 17.98
C LYS B 69 11.96 4.83 17.55
N TYR B 70 11.98 4.61 16.25
CA TYR B 70 12.94 3.75 15.62
C TYR B 70 14.43 4.22 15.79
N MET B 71 14.55 5.55 15.70
CA MET B 71 15.90 6.12 15.87
C MET B 71 16.45 5.66 17.19
N LYS B 72 15.64 5.66 18.20
CA LYS B 72 16.12 5.35 19.53
C LYS B 72 16.02 3.82 19.75
N SER B 73 15.02 3.11 19.33
CA SER B 73 14.88 1.68 19.56
C SER B 73 15.74 0.79 18.67
N GLY B 74 16.05 1.07 17.42
CA GLY B 74 16.69 0.12 16.47
C GLY B 74 15.70 -1.00 16.05
N ASN B 75 14.42 -0.84 16.27
CA ASN B 75 13.51 -1.97 15.91
C ASN B 75 12.77 -1.65 14.60
N VAL B 76 12.98 -2.25 13.47
CA VAL B 76 12.36 -2.00 12.20
C VAL B 76 10.86 -2.00 12.23
N LYS B 77 10.13 -2.69 13.11
CA LYS B 77 8.72 -2.63 13.32
C LYS B 77 8.21 -1.22 13.66
N ASP B 78 9.09 -0.44 14.35
CA ASP B 78 8.65 0.94 14.58
C ASP B 78 8.65 1.72 13.22
N LEU B 79 9.60 1.46 12.32
CA LEU B 79 9.55 2.16 11.04
C LEU B 79 8.47 1.62 10.16
N THR B 80 8.13 0.32 10.38
CA THR B 80 6.99 -0.09 9.44
C THR B 80 5.83 0.73 9.84
N GLN B 81 5.61 0.92 11.19
CA GLN B 81 4.33 1.59 11.66
C GLN B 81 4.22 3.02 11.05
N ALA B 82 5.46 3.54 10.93
CA ALA B 82 5.46 4.91 10.24
C ALA B 82 5.02 4.78 8.79
N TRP B 83 5.43 3.64 8.06
CA TRP B 83 5.04 3.55 6.66
C TRP B 83 3.57 3.26 6.51
N ASP B 84 2.87 2.70 7.52
CA ASP B 84 1.41 2.47 7.36
C ASP B 84 0.70 3.84 7.34
N LEU B 85 1.12 4.77 8.16
CA LEU B 85 0.56 6.12 8.21
C LEU B 85 1.02 6.90 6.97
N TYR B 86 2.28 6.69 6.53
CA TYR B 86 2.65 7.41 5.30
C TYR B 86 1.81 6.92 4.10
N TYR B 87 1.58 5.63 4.01
CA TYR B 87 0.87 5.06 2.82
C TYR B 87 -0.56 5.56 2.89
N HIS B 88 -1.19 5.57 4.11
CA HIS B 88 -2.62 6.08 4.17
C HIS B 88 -2.62 7.56 3.63
N VAL B 89 -1.69 8.39 4.09
CA VAL B 89 -1.60 9.72 3.50
C VAL B 89 -1.45 9.68 1.98
N PHE B 90 -0.49 8.87 1.50
CA PHE B 90 -0.18 8.82 0.09
C PHE B 90 -1.37 8.43 -0.77
N ARG B 91 -2.14 7.40 -0.30
CA ARG B 91 -3.31 6.99 -0.96
C ARG B 91 -4.35 8.12 -0.93
N ARG B 92 -4.51 8.79 0.18
CA ARG B 92 -5.55 9.88 0.25
C ARG B 92 -5.19 11.00 -0.70
N ILE B 93 -3.92 11.37 -0.78
CA ILE B 93 -3.45 12.40 -1.71
C ILE B 93 -3.64 11.97 -3.16
N SER B 94 -3.63 10.67 -3.45
CA SER B 94 -3.64 10.14 -4.76
C SER B 94 -5.06 10.11 -5.35
TB TB C . -1.33 -35.22 -5.72
TB TB D . -6.38 -35.43 -6.96
N GLY A 1 2.30 -20.08 -10.18
CA GLY A 1 1.38 -19.15 -10.80
C GLY A 1 0.35 -18.69 -9.78
N VAL A 2 -0.86 -18.46 -10.25
CA VAL A 2 -2.00 -18.07 -9.43
C VAL A 2 -3.16 -18.96 -9.87
N GLN A 3 -3.80 -19.58 -8.89
CA GLN A 3 -4.98 -20.40 -9.14
C GLN A 3 -6.18 -19.56 -8.68
N VAL A 4 -7.26 -19.42 -9.43
CA VAL A 4 -8.42 -18.62 -9.05
C VAL A 4 -9.56 -19.62 -8.85
N GLU A 5 -10.09 -19.77 -7.65
CA GLU A 5 -11.22 -20.65 -7.40
C GLU A 5 -12.41 -19.80 -6.97
N THR A 6 -13.59 -19.87 -7.58
CA THR A 6 -14.72 -19.01 -7.26
C THR A 6 -15.40 -19.26 -5.93
N ILE A 7 -15.59 -18.24 -5.10
CA ILE A 7 -16.44 -18.35 -3.92
C ILE A 7 -17.87 -17.95 -4.31
N SER A 8 -18.08 -16.88 -5.08
CA SER A 8 -19.40 -16.45 -5.55
C SER A 8 -19.17 -15.86 -6.95
N PRO A 9 -19.99 -16.18 -7.92
CA PRO A 9 -19.82 -15.73 -9.28
C PRO A 9 -20.05 -14.23 -9.49
N GLY A 10 -19.29 -13.65 -10.39
CA GLY A 10 -19.53 -12.29 -10.81
C GLY A 10 -20.52 -12.32 -11.95
N ASP A 11 -20.59 -11.23 -12.70
CA ASP A 11 -21.53 -11.18 -13.81
C ASP A 11 -21.09 -11.92 -15.07
N GLY A 12 -19.84 -12.38 -15.12
CA GLY A 12 -19.31 -13.12 -16.26
C GLY A 12 -19.17 -12.31 -17.53
N ARG A 13 -19.22 -10.98 -17.48
CA ARG A 13 -19.22 -10.12 -18.64
C ARG A 13 -18.27 -8.96 -18.49
N THR A 14 -18.25 -8.33 -17.32
CA THR A 14 -17.45 -7.13 -17.05
C THR A 14 -16.15 -7.46 -16.34
N PHE A 15 -15.08 -7.42 -17.11
CA PHE A 15 -13.77 -7.79 -16.64
C PHE A 15 -12.90 -6.55 -16.62
N PRO A 16 -11.91 -6.36 -15.74
CA PRO A 16 -11.03 -5.20 -15.73
C PRO A 16 -10.23 -5.11 -17.02
N LYS A 17 -10.00 -3.86 -17.44
CA LYS A 17 -9.09 -3.54 -18.51
C LYS A 17 -7.83 -2.97 -17.84
N ARG A 18 -6.70 -3.11 -18.52
CA ARG A 18 -5.45 -2.47 -18.15
C ARG A 18 -5.70 -0.98 -18.02
N GLY A 19 -5.21 -0.43 -16.93
CA GLY A 19 -5.39 0.98 -16.68
C GLY A 19 -6.66 1.28 -15.89
N GLN A 20 -7.60 0.37 -15.74
CA GLN A 20 -8.76 0.66 -14.90
C GLN A 20 -8.38 0.47 -13.45
N THR A 21 -9.09 1.23 -12.60
CA THR A 21 -9.03 1.06 -11.16
C THR A 21 -10.00 -0.04 -10.74
N CYS A 22 -9.45 -1.06 -10.11
CA CYS A 22 -10.27 -2.11 -9.52
C CYS A 22 -10.50 -1.75 -8.06
N VAL A 23 -11.75 -1.88 -7.60
CA VAL A 23 -12.11 -1.64 -6.21
C VAL A 23 -12.45 -2.99 -5.60
N VAL A 24 -11.71 -3.44 -4.59
CA VAL A 24 -11.83 -4.80 -4.06
C VAL A 24 -11.91 -4.82 -2.54
N HIS A 25 -12.46 -5.88 -1.97
CA HIS A 25 -12.18 -6.21 -0.57
C HIS A 25 -11.31 -7.45 -0.55
N TYR A 26 -10.37 -7.54 0.40
CA TYR A 26 -9.53 -8.70 0.50
C TYR A 26 -9.21 -9.06 1.95
N THR A 27 -8.90 -10.34 2.14
CA THR A 27 -8.28 -10.92 3.33
C THR A 27 -7.10 -11.72 2.79
N GLY A 28 -5.93 -11.56 3.39
CA GLY A 28 -4.74 -12.32 3.00
C GLY A 28 -4.27 -13.17 4.17
N MET A 29 -3.80 -14.38 3.87
CA MET A 29 -3.19 -15.25 4.85
C MET A 29 -2.09 -16.07 4.18
N LEU A 30 -1.16 -16.54 5.01
CA LEU A 30 -0.12 -17.47 4.56
C LEU A 30 -0.78 -18.83 4.37
N GLU A 31 -0.41 -19.63 3.35
CA GLU A 31 -1.01 -20.95 3.12
C GLU A 31 -0.88 -21.80 4.37
N ASP A 32 -2.05 -22.20 4.89
CA ASP A 32 -2.16 -22.88 6.18
C ASP A 32 -1.43 -22.23 7.35
N GLY A 33 -1.64 -20.92 7.38
CA GLY A 33 -0.97 -20.08 8.34
C GLY A 33 -1.84 -18.88 8.72
N LYS A 34 -1.10 -17.87 9.14
CA LYS A 34 -1.63 -16.69 9.79
C LYS A 34 -2.33 -15.79 8.78
N LYS A 35 -3.51 -15.26 9.10
CA LYS A 35 -4.04 -14.08 8.41
C LYS A 35 -3.15 -12.90 8.76
N PHE A 36 -2.72 -12.18 7.73
CA PHE A 36 -1.83 -11.06 7.94
C PHE A 36 -2.51 -9.75 7.57
N ASP A 37 -3.61 -9.71 6.78
CA ASP A 37 -4.24 -8.43 6.44
C ASP A 37 -5.67 -8.59 5.93
N SER A 38 -6.54 -7.60 6.10
CA SER A 38 -7.86 -7.63 5.55
C SER A 38 -8.31 -6.20 5.44
N SER A 39 -8.79 -5.80 4.27
CA SER A 39 -9.38 -4.50 4.13
C SER A 39 -10.75 -4.45 4.78
N ARG A 40 -11.40 -5.59 5.01
CA ARG A 40 -12.73 -5.64 5.59
C ARG A 40 -12.73 -5.10 6.99
N ASP A 41 -11.70 -5.45 7.78
CA ASP A 41 -11.46 -4.95 9.14
C ASP A 41 -11.47 -3.43 9.22
N ARG A 42 -10.84 -2.89 8.19
CA ARG A 42 -10.62 -1.48 8.06
C ARG A 42 -11.85 -0.74 7.54
N ASN A 43 -12.87 -1.49 7.12
CA ASN A 43 -14.10 -0.94 6.59
C ASN A 43 -13.85 -0.09 5.35
N LYS A 44 -12.65 -0.15 4.74
CA LYS A 44 -12.33 0.66 3.56
C LYS A 44 -11.86 -0.29 2.44
N PRO A 45 -12.40 -0.22 1.20
CA PRO A 45 -11.97 -1.04 0.10
C PRO A 45 -10.64 -0.51 -0.40
N PHE A 46 -9.90 -1.46 -0.97
CA PHE A 46 -8.59 -1.22 -1.51
C PHE A 46 -8.79 -0.97 -3.00
N LYS A 47 -8.03 -0.01 -3.54
CA LYS A 47 -8.13 0.28 -4.96
C LYS A 47 -6.71 0.22 -5.50
N PHE A 48 -6.61 -0.33 -6.70
CA PHE A 48 -5.34 -0.32 -7.42
C PHE A 48 -5.63 -0.26 -8.91
N MET A 49 -4.64 0.19 -9.66
CA MET A 49 -4.80 0.30 -11.10
C MET A 49 -4.15 -0.90 -11.75
N LEU A 50 -4.96 -1.60 -12.53
CA LEU A 50 -4.53 -2.82 -13.15
C LEU A 50 -3.50 -2.49 -14.21
N GLY A 51 -2.44 -3.28 -14.26
CA GLY A 51 -1.45 -3.16 -15.30
C GLY A 51 -0.30 -2.21 -14.98
N LYS A 52 -0.30 -1.46 -13.87
CA LYS A 52 0.77 -0.51 -13.56
C LYS A 52 1.88 -1.07 -12.69
N GLN A 53 1.90 -2.38 -12.44
CA GLN A 53 2.80 -3.02 -11.48
C GLN A 53 2.82 -2.44 -10.05
N GLU A 54 1.64 -1.98 -9.62
CA GLU A 54 1.48 -1.53 -8.25
C GLU A 54 1.42 -2.69 -7.26
N VAL A 55 0.93 -3.84 -7.71
CA VAL A 55 0.73 -4.99 -6.83
C VAL A 55 1.48 -6.21 -7.36
N ILE A 56 1.58 -7.24 -6.53
CA ILE A 56 2.24 -8.47 -6.90
C ILE A 56 1.62 -9.12 -8.13
N ARG A 57 2.43 -9.90 -8.85
CA ARG A 57 2.03 -10.46 -10.12
C ARG A 57 0.77 -11.34 -10.08
N GLY A 58 0.64 -12.10 -9.01
CA GLY A 58 -0.52 -12.95 -8.81
C GLY A 58 -1.82 -12.18 -8.73
N TRP A 59 -1.79 -10.94 -8.20
CA TRP A 59 -2.96 -10.10 -8.19
C TRP A 59 -3.18 -9.55 -9.58
N GLU A 60 -2.13 -9.11 -10.28
CA GLU A 60 -2.29 -8.60 -11.64
C GLU A 60 -2.94 -9.62 -12.57
N GLU A 61 -2.49 -10.86 -12.51
CA GLU A 61 -3.07 -11.91 -13.32
C GLU A 61 -4.35 -12.48 -12.77
N GLY A 62 -4.46 -12.55 -11.45
CA GLY A 62 -5.63 -13.11 -10.80
C GLY A 62 -6.84 -12.25 -10.99
N VAL A 63 -6.73 -10.96 -10.65
CA VAL A 63 -7.85 -10.05 -10.73
C VAL A 63 -8.29 -9.78 -12.17
N ALA A 64 -7.36 -9.78 -13.13
CA ALA A 64 -7.72 -9.64 -14.53
C ALA A 64 -8.69 -10.67 -15.09
N GLN A 65 -8.78 -11.86 -14.48
CA GLN A 65 -9.73 -12.85 -14.99
C GLN A 65 -11.01 -12.88 -14.16
N MET A 66 -11.22 -11.87 -13.31
CA MET A 66 -12.41 -11.85 -12.50
C MET A 66 -13.37 -10.86 -13.13
N SER A 67 -14.66 -11.14 -13.01
CA SER A 67 -15.65 -10.18 -13.42
C SER A 67 -16.26 -9.42 -12.24
N VAL A 68 -16.92 -8.27 -12.48
CA VAL A 68 -17.49 -7.47 -11.41
C VAL A 68 -18.48 -8.30 -10.62
N GLY A 69 -18.35 -8.28 -9.30
CA GLY A 69 -19.22 -8.99 -8.38
C GLY A 69 -18.63 -10.32 -7.91
N GLN A 70 -17.59 -10.81 -8.58
CA GLN A 70 -17.07 -12.10 -8.26
C GLN A 70 -16.29 -12.04 -6.95
N ARG A 71 -16.38 -13.10 -6.17
CA ARG A 71 -15.53 -13.29 -5.01
C ARG A 71 -14.73 -14.56 -5.28
N ALA A 72 -13.41 -14.55 -5.11
CA ALA A 72 -12.57 -15.70 -5.43
C ALA A 72 -11.44 -15.92 -4.42
N LYS A 73 -11.02 -17.16 -4.28
CA LYS A 73 -9.85 -17.53 -3.52
C LYS A 73 -8.74 -17.57 -4.57
N LEU A 74 -7.69 -16.76 -4.35
CA LEU A 74 -6.50 -16.75 -5.19
C LEU A 74 -5.38 -17.45 -4.44
N THR A 75 -4.80 -18.54 -4.94
CA THR A 75 -3.62 -19.13 -4.32
C THR A 75 -2.41 -18.76 -5.17
N ILE A 76 -1.40 -18.14 -4.57
CA ILE A 76 -0.34 -17.50 -5.32
C ILE A 76 0.98 -18.11 -4.85
N SER A 77 1.73 -18.63 -5.82
CA SER A 77 3.00 -19.25 -5.51
C SER A 77 3.99 -18.16 -5.17
N PRO A 78 5.10 -18.38 -4.45
CA PRO A 78 6.04 -17.35 -4.02
C PRO A 78 6.61 -16.56 -5.17
N ASP A 79 6.86 -17.18 -6.32
CA ASP A 79 7.37 -16.46 -7.47
C ASP A 79 6.37 -15.48 -8.08
N TYR A 80 5.09 -15.58 -7.75
CA TYR A 80 4.09 -14.61 -8.18
C TYR A 80 3.71 -13.65 -7.05
N ALA A 81 4.43 -13.74 -5.93
CA ALA A 81 4.15 -12.99 -4.72
C ALA A 81 5.50 -12.37 -4.30
N TYR A 82 6.11 -12.65 -3.15
CA TYR A 82 7.33 -11.99 -2.70
C TYR A 82 8.58 -12.83 -2.80
N GLY A 83 8.49 -14.05 -3.32
CA GLY A 83 9.68 -14.80 -3.72
C GLY A 83 10.62 -15.17 -2.61
N ALA A 84 11.90 -15.20 -2.90
CA ALA A 84 12.84 -15.73 -1.93
C ALA A 84 13.17 -14.70 -0.87
N THR A 85 12.81 -13.45 -1.06
CA THR A 85 13.13 -12.39 -0.11
C THR A 85 12.02 -12.17 0.89
N GLY A 86 10.76 -12.34 0.45
CA GLY A 86 9.63 -12.10 1.31
C GLY A 86 9.39 -10.59 1.37
N HIS A 87 8.51 -10.20 2.29
CA HIS A 87 8.19 -8.81 2.49
C HIS A 87 8.58 -8.56 3.94
N PRO A 88 9.65 -7.79 4.18
CA PRO A 88 10.28 -7.62 5.48
C PRO A 88 9.31 -7.33 6.62
N GLY A 89 9.44 -8.14 7.65
CA GLY A 89 8.63 -7.99 8.83
C GLY A 89 7.33 -8.76 8.73
N ILE A 90 6.84 -9.12 7.54
CA ILE A 90 5.47 -9.60 7.41
C ILE A 90 5.49 -10.96 6.71
N ILE A 91 6.05 -11.09 5.51
CA ILE A 91 5.91 -12.33 4.73
C ILE A 91 7.31 -12.93 4.68
N PRO A 92 7.50 -14.20 5.11
CA PRO A 92 8.79 -14.90 5.04
C PRO A 92 9.20 -15.25 3.60
N PRO A 93 10.49 -15.59 3.33
CA PRO A 93 10.93 -16.15 2.07
C PRO A 93 10.10 -17.38 1.72
N HIS A 94 9.84 -17.49 0.42
CA HIS A 94 9.21 -18.67 -0.15
C HIS A 94 7.83 -18.93 0.43
N ALA A 95 7.03 -17.90 0.73
CA ALA A 95 5.68 -18.16 1.21
C ALA A 95 4.66 -18.19 0.07
N THR A 96 3.78 -19.22 0.11
CA THR A 96 2.59 -19.29 -0.71
C THR A 96 1.48 -18.46 -0.01
N LEU A 97 0.77 -17.60 -0.76
CA LEU A 97 -0.20 -16.68 -0.18
C LEU A 97 -1.57 -17.09 -0.69
N VAL A 98 -2.55 -17.03 0.20
CA VAL A 98 -3.92 -17.18 -0.24
C VAL A 98 -4.69 -15.90 0.11
N PHE A 99 -5.36 -15.36 -0.91
CA PHE A 99 -6.20 -14.18 -0.74
C PHE A 99 -7.66 -14.50 -1.06
N ASP A 100 -8.56 -13.95 -0.28
CA ASP A 100 -9.97 -13.90 -0.60
C ASP A 100 -10.22 -12.51 -1.20
N VAL A 101 -10.61 -12.37 -2.45
CA VAL A 101 -10.73 -11.10 -3.13
C VAL A 101 -12.11 -11.00 -3.71
N GLU A 102 -12.77 -9.88 -3.45
CA GLU A 102 -14.08 -9.61 -4.00
C GLU A 102 -13.99 -8.39 -4.89
N LEU A 103 -14.27 -8.51 -6.19
CA LEU A 103 -14.18 -7.37 -7.09
C LEU A 103 -15.50 -6.60 -7.05
N LEU A 104 -15.45 -5.48 -6.32
CA LEU A 104 -16.62 -4.67 -6.08
C LEU A 104 -17.08 -3.82 -7.29
N LYS A 105 -16.15 -3.15 -7.97
CA LYS A 105 -16.47 -2.05 -8.87
C LYS A 105 -15.21 -1.73 -9.65
N LEU A 106 -15.41 -1.18 -10.85
CA LEU A 106 -14.33 -0.67 -11.65
C LEU A 106 -14.55 0.83 -11.77
N GLU A 107 -13.49 1.63 -11.72
CA GLU A 107 -13.51 3.05 -11.99
C GLU A 107 -12.41 3.36 -13.03
N VAL B 1 10.94 28.56 -6.41
CA VAL B 1 10.22 27.20 -6.24
C VAL B 1 8.85 27.25 -5.54
N ALA B 2 7.89 26.95 -6.31
CA ALA B 2 6.44 27.06 -5.98
C ALA B 2 5.93 25.57 -6.11
N ILE B 3 5.54 25.00 -4.94
CA ILE B 3 4.96 23.66 -5.20
C ILE B 3 3.93 23.32 -4.11
N LEU B 4 2.82 22.68 -4.48
CA LEU B 4 1.80 22.54 -3.44
C LEU B 4 2.26 21.44 -2.44
N TRP B 5 1.78 21.55 -1.18
CA TRP B 5 2.25 20.59 -0.20
C TRP B 5 1.73 19.18 -0.60
N HIS B 6 0.63 18.99 -1.23
CA HIS B 6 0.06 17.79 -1.79
C HIS B 6 1.10 17.11 -2.70
N GLU B 7 1.73 17.95 -3.61
CA GLU B 7 2.66 17.43 -4.59
C GLU B 7 3.96 17.02 -3.91
N MET B 8 4.34 17.91 -2.95
CA MET B 8 5.81 17.67 -2.47
C MET B 8 5.72 16.36 -1.67
N TRP B 9 4.64 16.16 -0.84
CA TRP B 9 4.51 14.88 -0.14
C TRP B 9 4.30 13.65 -1.04
N HIS B 10 3.52 13.75 -2.16
CA HIS B 10 3.26 12.56 -2.95
C HIS B 10 4.58 12.12 -3.55
N GLU B 11 5.34 13.08 -4.11
CA GLU B 11 6.61 12.74 -4.67
C GLU B 11 7.63 12.30 -3.65
N GLY B 12 7.70 12.97 -2.49
CA GLY B 12 8.64 12.66 -1.46
C GLY B 12 8.42 11.24 -0.83
N LEU B 13 7.14 10.87 -0.54
CA LEU B 13 6.80 9.54 0.03
C LEU B 13 7.17 8.47 -0.97
N GLU B 14 6.89 8.61 -2.24
CA GLU B 14 7.19 7.72 -3.32
C GLU B 14 8.68 7.48 -3.38
N GLU B 15 9.49 8.58 -3.30
CA GLU B 15 10.90 8.48 -3.43
C GLU B 15 11.52 7.83 -2.14
N ALA B 16 11.06 8.23 -0.98
CA ALA B 16 11.56 7.74 0.28
C ALA B 16 11.20 6.21 0.38
N SER B 17 9.97 5.85 0.03
CA SER B 17 9.67 4.39 -0.01
C SER B 17 10.50 3.60 -0.96
N ARG B 18 10.85 4.22 -2.16
CA ARG B 18 11.78 3.48 -3.06
C ARG B 18 13.13 3.26 -2.49
N LEU B 19 13.74 4.26 -1.85
CA LEU B 19 15.01 4.10 -1.19
C LEU B 19 15.01 3.09 -0.08
N TYR B 20 13.91 3.07 0.73
CA TYR B 20 13.86 2.23 1.90
C TYR B 20 13.46 0.76 1.41
N PHE B 21 12.32 0.59 0.82
CA PHE B 21 11.84 -0.80 0.46
C PHE B 21 12.55 -1.43 -0.72
N GLY B 22 12.86 -0.66 -1.76
CA GLY B 22 13.49 -1.08 -2.95
C GLY B 22 15.01 -1.18 -2.70
N GLU B 23 15.61 -0.10 -2.20
CA GLU B 23 17.07 -0.08 -2.06
C GLU B 23 17.68 -0.50 -0.74
N ARG B 24 16.84 -0.73 0.28
CA ARG B 24 17.27 -0.96 1.64
C ARG B 24 18.15 0.22 2.13
N ASN B 25 17.87 1.44 1.66
CA ASN B 25 18.68 2.56 2.09
C ASN B 25 17.91 3.46 3.07
N VAL B 26 18.04 3.25 4.39
CA VAL B 26 17.34 3.93 5.42
C VAL B 26 17.92 5.35 5.50
N LYS B 27 19.28 5.48 5.43
CA LYS B 27 19.80 6.88 5.45
C LYS B 27 19.16 7.77 4.40
N GLY B 28 18.97 7.28 3.20
CA GLY B 28 18.48 8.06 2.03
C GLY B 28 16.98 8.38 2.28
N MET B 29 16.19 7.38 2.79
CA MET B 29 14.82 7.61 3.22
C MET B 29 14.62 8.68 4.22
N PHE B 30 15.49 8.80 5.24
CA PHE B 30 15.45 9.94 6.20
C PHE B 30 15.79 11.26 5.53
N GLU B 31 16.89 11.17 4.70
CA GLU B 31 17.28 12.37 4.06
C GLU B 31 16.10 13.00 3.29
N VAL B 32 15.35 12.19 2.62
CA VAL B 32 14.17 12.65 1.92
C VAL B 32 13.08 13.15 2.85
N LEU B 33 12.69 12.43 3.90
CA LEU B 33 11.54 12.74 4.74
C LEU B 33 11.87 13.91 5.69
N GLU B 34 13.13 14.14 6.11
CA GLU B 34 13.33 15.20 7.16
C GLU B 34 12.93 16.62 6.76
N PRO B 35 13.19 17.10 5.53
CA PRO B 35 12.85 18.43 5.08
C PRO B 35 11.33 18.55 4.86
N LEU B 36 10.68 17.35 4.54
CA LEU B 36 9.23 17.47 4.41
C LEU B 36 8.58 17.74 5.74
N HIS B 37 8.99 16.96 6.75
CA HIS B 37 8.46 17.25 8.06
C HIS B 37 8.85 18.70 8.53
N ALA B 38 10.03 19.07 8.23
CA ALA B 38 10.48 20.45 8.76
C ALA B 38 9.64 21.51 8.12
N MET B 39 9.25 21.36 6.87
CA MET B 39 8.21 22.33 6.41
C MET B 39 6.91 22.27 7.13
N MET B 40 6.28 21.17 7.47
CA MET B 40 5.08 21.17 8.30
C MET B 40 5.40 21.88 9.62
N GLU B 41 6.55 21.56 10.23
CA GLU B 41 6.90 22.23 11.48
C GLU B 41 6.83 23.75 11.37
N ARG B 42 7.28 24.29 10.28
CA ARG B 42 7.22 25.76 10.15
C ARG B 42 5.78 26.25 10.13
N GLY B 43 4.81 25.52 9.59
CA GLY B 43 3.41 25.95 9.63
C GLY B 43 2.88 26.33 8.26
N PRO B 44 1.57 26.21 7.97
CA PRO B 44 1.02 26.54 6.71
C PRO B 44 1.02 28.04 6.46
N GLN B 45 1.29 28.54 5.30
CA GLN B 45 1.20 29.95 4.95
C GLN B 45 0.25 30.30 3.78
N THR B 46 -0.42 29.26 3.20
CA THR B 46 -1.47 29.49 2.25
C THR B 46 -2.76 28.77 2.65
N LEU B 47 -3.88 29.17 2.07
CA LEU B 47 -5.16 28.41 2.36
C LEU B 47 -4.96 26.90 1.96
N LYS B 48 -4.39 26.58 0.82
CA LYS B 48 -4.12 25.24 0.33
C LYS B 48 -3.12 24.50 1.23
N GLU B 49 -2.23 25.21 1.82
CA GLU B 49 -1.27 24.57 2.76
C GLU B 49 -2.04 24.23 4.03
N THR B 50 -2.97 25.20 4.38
CA THR B 50 -3.68 25.05 5.67
C THR B 50 -4.65 23.81 5.58
N SER B 51 -5.29 23.72 4.44
CA SER B 51 -6.31 22.59 4.37
C SER B 51 -5.51 21.27 4.26
N PHE B 52 -4.35 21.23 3.58
CA PHE B 52 -3.53 20.01 3.58
C PHE B 52 -3.08 19.70 5.03
N ASN B 53 -2.66 20.71 5.77
CA ASN B 53 -2.27 20.48 7.17
C ASN B 53 -3.44 20.05 8.01
N GLN B 54 -4.63 20.65 7.87
CA GLN B 54 -5.82 20.12 8.55
C GLN B 54 -6.15 18.57 8.27
N ALA B 55 -6.05 18.19 7.00
CA ALA B 55 -6.41 16.80 6.71
C ALA B 55 -5.31 15.80 7.07
N TYR B 56 -4.04 16.14 6.83
CA TYR B 56 -2.97 15.14 6.98
C TYR B 56 -1.97 15.52 8.07
N GLY B 57 -2.11 16.61 8.78
CA GLY B 57 -0.96 17.09 9.63
C GLY B 57 -0.72 16.04 10.75
N ARG B 58 -1.85 15.72 11.44
CA ARG B 58 -1.72 14.79 12.56
C ARG B 58 -1.17 13.43 12.14
N ASP B 59 -1.65 12.83 11.03
CA ASP B 59 -1.07 11.53 10.61
C ASP B 59 0.42 11.67 10.35
N LEU B 60 0.81 12.78 9.65
CA LEU B 60 2.23 12.90 9.32
C LEU B 60 3.06 13.11 10.58
N MET B 61 2.54 13.89 11.54
CA MET B 61 3.24 14.06 12.82
C MET B 61 3.37 12.69 13.53
N GLU B 62 2.32 11.90 13.59
CA GLU B 62 2.40 10.52 14.12
C GLU B 62 3.40 9.63 13.35
N ALA B 63 3.45 9.70 12.01
CA ALA B 63 4.46 8.89 11.27
C ALA B 63 5.86 9.34 11.73
N GLN B 64 6.11 10.70 11.82
CA GLN B 64 7.35 11.12 12.40
C GLN B 64 7.60 10.63 13.83
N GLU B 65 6.61 10.55 14.77
CA GLU B 65 6.91 10.02 16.07
C GLU B 65 7.37 8.54 15.95
N TRP B 66 6.71 7.74 15.12
CA TRP B 66 7.19 6.36 14.94
C TRP B 66 8.64 6.33 14.42
N CYS B 67 8.88 7.18 13.36
CA CYS B 67 10.30 7.17 12.89
C CYS B 67 11.27 7.50 14.04
N ARG B 68 10.93 8.55 14.83
CA ARG B 68 11.79 8.92 15.95
C ARG B 68 11.84 7.75 16.95
N LYS B 69 10.76 6.95 17.10
CA LYS B 69 10.86 5.81 17.98
C LYS B 69 11.92 4.80 17.55
N TYR B 70 11.94 4.57 16.26
CA TYR B 70 12.89 3.71 15.62
C TYR B 70 14.39 4.18 15.79
N MET B 71 14.50 5.50 15.70
CA MET B 71 15.87 6.06 15.87
C MET B 71 16.41 5.60 17.19
N LYS B 72 15.59 5.60 18.20
CA LYS B 72 16.08 5.30 19.52
C LYS B 72 15.97 3.77 19.74
N SER B 73 14.97 3.07 19.34
CA SER B 73 14.82 1.63 19.56
C SER B 73 15.68 0.74 18.68
N GLY B 74 15.99 1.02 17.43
CA GLY B 74 16.62 0.06 16.47
C GLY B 74 15.63 -1.05 16.05
N ASN B 75 14.34 -0.88 16.28
CA ASN B 75 13.44 -2.01 15.91
C ASN B 75 12.69 -1.68 14.60
N VAL B 76 12.90 -2.29 13.46
CA VAL B 76 12.27 -2.03 12.20
C VAL B 76 10.78 -2.04 12.22
N LYS B 77 10.04 -2.71 13.11
CA LYS B 77 8.64 -2.64 13.31
C LYS B 77 8.13 -1.23 13.66
N ASP B 78 9.01 -0.45 14.35
CA ASP B 78 8.59 0.93 14.57
C ASP B 78 8.59 1.71 13.21
N LEU B 79 9.55 1.44 12.32
CA LEU B 79 9.50 2.14 11.04
C LEU B 79 8.40 1.62 10.17
N THR B 80 8.07 0.31 10.37
CA THR B 80 6.92 -0.09 9.42
C THR B 80 5.76 0.74 9.82
N GLN B 81 5.55 0.92 11.18
CA GLN B 81 4.27 1.60 11.65
C GLN B 81 4.17 3.03 11.04
N ALA B 82 5.42 3.54 10.93
CA ALA B 82 5.42 4.91 10.23
C ALA B 82 4.99 4.79 8.79
N TRP B 83 5.39 3.65 8.06
CA TRP B 83 5.00 3.55 6.66
C TRP B 83 3.52 3.28 6.52
N ASP B 84 2.82 2.72 7.52
CA ASP B 84 1.36 2.50 7.36
C ASP B 84 0.66 3.88 7.33
N LEU B 85 1.09 4.79 8.16
CA LEU B 85 0.52 6.16 8.20
C LEU B 85 1.00 6.92 6.97
N TYR B 86 2.25 6.71 6.53
CA TYR B 86 2.62 7.43 5.29
C TYR B 86 1.79 6.95 4.10
N TYR B 87 1.54 5.66 4.01
CA TYR B 87 0.84 5.10 2.81
C TYR B 87 -0.60 5.59 2.88
N HIS B 88 -1.23 5.61 4.11
CA HIS B 88 -2.64 6.13 4.16
C HIS B 88 -2.64 7.62 3.62
N VAL B 89 -1.71 8.44 4.09
CA VAL B 89 -1.61 9.77 3.48
C VAL B 89 -1.45 9.72 1.98
N PHE B 90 -0.50 8.90 1.50
CA PHE B 90 -0.20 8.86 0.08
C PHE B 90 -1.39 8.48 -0.78
N ARG B 91 -2.16 7.45 -0.30
CA ARG B 91 -3.32 7.05 -0.96
C ARG B 91 -4.36 8.19 -0.93
N ARG B 92 -4.52 8.86 0.17
CA ARG B 92 -5.55 9.95 0.24
C ARG B 92 -5.19 11.07 -0.71
N ILE B 93 -3.92 11.42 -0.79
CA ILE B 93 -3.43 12.46 -1.72
C ILE B 93 -3.63 12.03 -3.17
N SER B 94 -3.63 10.74 -3.45
CA SER B 94 -3.64 10.20 -4.77
C SER B 94 -5.07 10.17 -5.35
TB TB C . -1.20 -35.19 -5.77
TB TB D . -6.23 -35.44 -7.00
N GLY A 1 2.26 -20.11 -10.18
CA GLY A 1 1.35 -19.18 -10.81
C GLY A 1 0.33 -18.73 -9.77
N VAL A 2 -0.89 -18.48 -10.25
CA VAL A 2 -2.02 -18.08 -9.44
C VAL A 2 -3.19 -18.98 -9.87
N GLN A 3 -3.83 -19.59 -8.89
CA GLN A 3 -5.01 -20.41 -9.14
C GLN A 3 -6.20 -19.57 -8.68
N VAL A 4 -7.29 -19.43 -9.43
CA VAL A 4 -8.44 -18.62 -9.03
C VAL A 4 -9.58 -19.62 -8.84
N GLU A 5 -10.11 -19.76 -7.65
CA GLU A 5 -11.24 -20.64 -7.38
C GLU A 5 -12.44 -19.78 -6.95
N THR A 6 -13.61 -19.86 -7.57
CA THR A 6 -14.74 -19.00 -7.25
C THR A 6 -15.43 -19.25 -5.91
N ILE A 7 -15.62 -18.22 -5.09
CA ILE A 7 -16.45 -18.33 -3.91
C ILE A 7 -17.89 -17.93 -4.31
N SER A 8 -18.11 -16.86 -5.06
CA SER A 8 -19.42 -16.42 -5.53
C SER A 8 -19.19 -15.84 -6.93
N PRO A 9 -20.02 -16.16 -7.92
CA PRO A 9 -19.84 -15.70 -9.27
C PRO A 9 -20.08 -14.21 -9.47
N GLY A 10 -19.30 -13.62 -10.38
CA GLY A 10 -19.54 -12.28 -10.80
C GLY A 10 -20.53 -12.29 -11.94
N ASP A 11 -20.60 -11.20 -12.69
CA ASP A 11 -21.54 -11.15 -13.79
C ASP A 11 -21.10 -11.90 -15.05
N GLY A 12 -19.85 -12.35 -15.11
CA GLY A 12 -19.33 -13.11 -16.25
C GLY A 12 -19.19 -12.29 -17.53
N ARG A 13 -19.23 -10.96 -17.46
CA ARG A 13 -19.23 -10.11 -18.63
C ARG A 13 -18.28 -8.95 -18.49
N THR A 14 -18.25 -8.30 -17.32
CA THR A 14 -17.46 -7.12 -17.05
C THR A 14 -16.15 -7.45 -16.33
N PHE A 15 -15.09 -7.41 -17.11
CA PHE A 15 -13.77 -7.78 -16.63
C PHE A 15 -12.90 -6.55 -16.62
N PRO A 16 -11.91 -6.36 -15.74
CA PRO A 16 -11.03 -5.20 -15.73
C PRO A 16 -10.23 -5.11 -17.02
N LYS A 17 -9.99 -3.88 -17.44
CA LYS A 17 -9.09 -3.54 -18.52
C LYS A 17 -7.83 -2.97 -17.84
N ARG A 18 -6.70 -3.12 -18.53
CA ARG A 18 -5.44 -2.49 -18.16
C ARG A 18 -5.69 -1.00 -18.03
N GLY A 19 -5.20 -0.44 -16.94
CA GLY A 19 -5.37 0.98 -16.69
C GLY A 19 -6.64 1.28 -15.90
N GLN A 20 -7.59 0.36 -15.75
CA GLN A 20 -8.74 0.65 -14.91
C GLN A 20 -8.37 0.46 -13.45
N THR A 21 -9.06 1.21 -12.61
CA THR A 21 -9.00 1.06 -11.17
C THR A 21 -9.97 -0.04 -10.75
N CYS A 22 -9.42 -1.07 -10.12
CA CYS A 22 -10.26 -2.11 -9.52
C CYS A 22 -10.47 -1.75 -8.06
N VAL A 23 -11.73 -1.88 -7.61
CA VAL A 23 -12.09 -1.63 -6.21
C VAL A 23 -12.44 -2.99 -5.61
N VAL A 24 -11.70 -3.42 -4.58
CA VAL A 24 -11.81 -4.78 -4.06
C VAL A 24 -11.89 -4.81 -2.55
N HIS A 25 -12.45 -5.87 -1.97
CA HIS A 25 -12.17 -6.19 -0.57
C HIS A 25 -11.30 -7.43 -0.55
N TYR A 26 -10.36 -7.53 0.40
CA TYR A 26 -9.52 -8.69 0.51
C TYR A 26 -9.20 -9.05 1.94
N THR A 27 -8.88 -10.33 2.14
CA THR A 27 -8.27 -10.91 3.34
C THR A 27 -7.10 -11.72 2.79
N GLY A 28 -5.92 -11.56 3.38
CA GLY A 28 -4.74 -12.32 3.00
C GLY A 28 -4.27 -13.18 4.17
N MET A 29 -3.81 -14.39 3.87
CA MET A 29 -3.20 -15.26 4.85
C MET A 29 -2.10 -16.08 4.19
N LEU A 30 -1.17 -16.56 5.01
CA LEU A 30 -0.13 -17.47 4.56
C LEU A 30 -0.79 -18.85 4.37
N GLU A 31 -0.43 -19.65 3.35
CA GLU A 31 -1.04 -20.96 3.12
C GLU A 31 -0.92 -21.81 4.38
N ASP A 32 -2.07 -22.21 4.90
CA ASP A 32 -2.19 -22.89 6.19
C ASP A 32 -1.45 -22.24 7.35
N GLY A 33 -1.66 -20.93 7.39
CA GLY A 33 -0.99 -20.08 8.35
C GLY A 33 -1.85 -18.89 8.71
N LYS A 34 -1.10 -17.87 9.15
CA LYS A 34 -1.65 -16.69 9.80
C LYS A 34 -2.34 -15.78 8.78
N LYS A 35 -3.52 -15.26 9.11
CA LYS A 35 -4.04 -14.08 8.41
C LYS A 35 -3.15 -12.90 8.76
N PHE A 36 -2.72 -12.18 7.73
CA PHE A 36 -1.82 -11.07 7.93
C PHE A 36 -2.50 -9.76 7.56
N ASP A 37 -3.60 -9.71 6.79
CA ASP A 37 -4.23 -8.44 6.43
C ASP A 37 -5.66 -8.59 5.92
N SER A 38 -6.53 -7.60 6.10
CA SER A 38 -7.85 -7.62 5.55
C SER A 38 -8.30 -6.18 5.44
N SER A 39 -8.77 -5.80 4.26
CA SER A 39 -9.36 -4.49 4.12
C SER A 39 -10.73 -4.43 4.78
N ARG A 40 -11.38 -5.58 5.00
CA ARG A 40 -12.71 -5.63 5.58
C ARG A 40 -12.71 -5.08 7.00
N ASP A 41 -11.68 -5.44 7.79
CA ASP A 41 -11.43 -4.93 9.15
C ASP A 41 -11.45 -3.42 9.21
N ARG A 42 -10.82 -2.88 8.17
CA ARG A 42 -10.59 -1.46 8.06
C ARG A 42 -11.81 -0.72 7.54
N ASN A 43 -12.84 -1.47 7.12
CA ASN A 43 -14.07 -0.92 6.59
C ASN A 43 -13.81 -0.07 5.34
N LYS A 44 -12.62 -0.13 4.72
CA LYS A 44 -12.30 0.68 3.56
C LYS A 44 -11.83 -0.27 2.44
N PRO A 45 -12.36 -0.20 1.20
CA PRO A 45 -11.95 -1.03 0.09
C PRO A 45 -10.61 -0.50 -0.40
N PHE A 46 -9.88 -1.45 -0.97
CA PHE A 46 -8.57 -1.22 -1.52
C PHE A 46 -8.76 -0.96 -3.00
N LYS A 47 -8.01 0.00 -3.55
CA LYS A 47 -8.10 0.28 -4.97
C LYS A 47 -6.69 0.21 -5.51
N PHE A 48 -6.59 -0.33 -6.71
CA PHE A 48 -5.32 -0.33 -7.42
C PHE A 48 -5.60 -0.27 -8.92
N MET A 49 -4.62 0.18 -9.67
CA MET A 49 -4.78 0.29 -11.11
C MET A 49 -4.13 -0.92 -11.76
N LEU A 50 -4.95 -1.62 -12.54
CA LEU A 50 -4.52 -2.83 -13.16
C LEU A 50 -3.49 -2.50 -14.22
N GLY A 51 -2.43 -3.29 -14.27
CA GLY A 51 -1.44 -3.18 -15.31
C GLY A 51 -0.29 -2.24 -14.99
N LYS A 52 -0.29 -1.48 -13.88
CA LYS A 52 0.78 -0.54 -13.57
C LYS A 52 1.89 -1.09 -12.70
N GLN A 53 1.92 -2.42 -12.46
CA GLN A 53 2.81 -3.06 -11.50
C GLN A 53 2.83 -2.48 -10.07
N GLU A 54 1.66 -2.01 -9.63
CA GLU A 54 1.49 -1.56 -8.26
C GLU A 54 1.44 -2.70 -7.27
N VAL A 55 0.94 -3.87 -7.72
CA VAL A 55 0.74 -5.01 -6.84
C VAL A 55 1.47 -6.23 -7.37
N ILE A 56 1.59 -7.26 -6.54
CA ILE A 56 2.24 -8.51 -6.92
C ILE A 56 1.62 -9.15 -8.14
N ARG A 57 2.42 -9.93 -8.85
CA ARG A 57 2.03 -10.50 -10.13
C ARG A 57 0.77 -11.37 -10.09
N GLY A 58 0.63 -12.14 -9.01
CA GLY A 58 -0.53 -12.97 -8.81
C GLY A 58 -1.84 -12.20 -8.73
N TRP A 59 -1.79 -10.96 -8.21
CA TRP A 59 -2.96 -10.11 -8.19
C TRP A 59 -3.19 -9.57 -9.58
N GLU A 60 -2.13 -9.13 -10.29
CA GLU A 60 -2.29 -8.62 -11.65
C GLU A 60 -2.95 -9.64 -12.58
N GLU A 61 -2.49 -10.87 -12.51
CA GLU A 61 -3.08 -11.93 -13.33
C GLU A 61 -4.37 -12.49 -12.77
N GLY A 62 -4.47 -12.55 -11.45
CA GLY A 62 -5.64 -13.12 -10.80
C GLY A 62 -6.86 -12.25 -10.98
N VAL A 63 -6.74 -10.97 -10.65
CA VAL A 63 -7.86 -10.05 -10.73
C VAL A 63 -8.30 -9.79 -12.18
N ALA A 64 -7.38 -9.79 -13.14
CA ALA A 64 -7.72 -9.65 -14.53
C ALA A 64 -8.71 -10.68 -15.08
N GLN A 65 -8.80 -11.87 -14.48
CA GLN A 65 -9.75 -12.85 -14.99
C GLN A 65 -11.02 -12.87 -14.16
N MET A 66 -11.24 -11.87 -13.31
CA MET A 66 -12.43 -11.84 -12.50
C MET A 66 -13.38 -10.85 -13.12
N SER A 67 -14.67 -11.13 -13.00
CA SER A 67 -15.66 -10.16 -13.42
C SER A 67 -16.26 -9.40 -12.23
N VAL A 68 -16.92 -8.26 -12.47
CA VAL A 68 -17.49 -7.46 -11.41
C VAL A 68 -18.48 -8.28 -10.62
N GLY A 69 -18.35 -8.25 -9.29
CA GLY A 69 -19.22 -8.96 -8.37
C GLY A 69 -18.63 -10.29 -7.89
N GLN A 70 -17.59 -10.79 -8.56
CA GLN A 70 -17.08 -12.09 -8.26
C GLN A 70 -16.31 -12.03 -6.94
N ARG A 71 -16.39 -13.09 -6.16
CA ARG A 71 -15.54 -13.28 -5.00
C ARG A 71 -14.74 -14.54 -5.27
N ALA A 72 -13.42 -14.54 -5.11
CA ALA A 72 -12.59 -15.69 -5.41
C ALA A 72 -11.46 -15.90 -4.42
N LYS A 73 -11.04 -17.15 -4.27
CA LYS A 73 -9.87 -17.52 -3.52
C LYS A 73 -8.75 -17.57 -4.56
N LEU A 74 -7.71 -16.77 -4.35
CA LEU A 74 -6.52 -16.75 -5.19
C LEU A 74 -5.41 -17.46 -4.44
N THR A 75 -4.82 -18.54 -4.94
CA THR A 75 -3.64 -19.14 -4.31
C THR A 75 -2.43 -18.77 -5.16
N ILE A 76 -1.42 -18.15 -4.57
CA ILE A 76 -0.36 -17.53 -5.32
C ILE A 76 0.96 -18.14 -4.85
N SER A 77 1.70 -18.65 -5.82
CA SER A 77 2.98 -19.27 -5.51
C SER A 77 3.97 -18.18 -5.17
N PRO A 78 5.08 -18.41 -4.46
CA PRO A 78 6.02 -17.39 -4.03
C PRO A 78 6.59 -16.60 -5.18
N ASP A 79 6.84 -17.22 -6.33
CA ASP A 79 7.34 -16.50 -7.47
C ASP A 79 6.36 -15.52 -8.08
N TYR A 80 5.06 -15.62 -7.75
CA TYR A 80 4.07 -14.64 -8.19
C TYR A 80 3.70 -13.69 -7.05
N ALA A 81 4.42 -13.77 -5.94
CA ALA A 81 4.14 -13.02 -4.73
C ALA A 81 5.49 -12.41 -4.30
N TYR A 82 6.11 -12.69 -3.17
CA TYR A 82 7.32 -12.03 -2.71
C TYR A 82 8.57 -12.87 -2.81
N GLY A 83 8.49 -14.09 -3.33
CA GLY A 83 9.66 -14.84 -3.74
C GLY A 83 10.60 -15.22 -2.62
N ALA A 84 11.89 -15.26 -2.92
CA ALA A 84 12.82 -15.77 -1.93
C ALA A 84 13.17 -14.75 -0.88
N THR A 85 12.80 -13.50 -1.07
CA THR A 85 13.13 -12.45 -0.13
C THR A 85 12.02 -12.21 0.88
N GLY A 86 10.77 -12.40 0.44
CA GLY A 86 9.62 -12.14 1.30
C GLY A 86 9.39 -10.63 1.36
N HIS A 87 8.51 -10.24 2.28
CA HIS A 87 8.20 -8.85 2.48
C HIS A 87 8.59 -8.60 3.92
N PRO A 88 9.66 -7.83 4.16
CA PRO A 88 10.29 -7.66 5.46
C PRO A 88 9.33 -7.37 6.61
N GLY A 89 9.45 -8.18 7.64
CA GLY A 89 8.64 -8.03 8.81
C GLY A 89 7.34 -8.78 8.72
N ILE A 90 6.85 -9.14 7.53
CA ILE A 90 5.48 -9.62 7.40
C ILE A 90 5.49 -10.98 6.70
N ILE A 91 6.05 -11.13 5.50
CA ILE A 91 5.91 -12.36 4.72
C ILE A 91 7.30 -12.96 4.67
N PRO A 92 7.50 -14.23 5.09
CA PRO A 92 8.79 -14.94 5.04
C PRO A 92 9.20 -15.28 3.59
N PRO A 93 10.48 -15.63 3.32
CA PRO A 93 10.92 -16.19 2.06
C PRO A 93 10.09 -17.43 1.72
N HIS A 94 9.83 -17.53 0.41
CA HIS A 94 9.20 -18.71 -0.15
C HIS A 94 7.81 -18.96 0.43
N ALA A 95 7.00 -17.94 0.73
CA ALA A 95 5.66 -18.19 1.20
C ALA A 95 4.63 -18.23 0.07
N THR A 96 3.76 -19.24 0.11
CA THR A 96 2.56 -19.32 -0.70
C THR A 96 1.46 -18.48 -0.01
N LEU A 97 0.75 -17.62 -0.76
CA LEU A 97 -0.22 -16.70 -0.18
C LEU A 97 -1.59 -17.10 -0.69
N VAL A 98 -2.56 -17.03 0.19
CA VAL A 98 -3.93 -17.18 -0.24
C VAL A 98 -4.70 -15.91 0.11
N PHE A 99 -5.38 -15.36 -0.90
CA PHE A 99 -6.21 -14.19 -0.74
C PHE A 99 -7.66 -14.50 -1.06
N ASP A 100 -8.56 -13.94 -0.27
CA ASP A 100 -9.98 -13.89 -0.60
C ASP A 100 -10.22 -12.50 -1.19
N VAL A 101 -10.63 -12.36 -2.45
CA VAL A 101 -10.72 -11.09 -3.13
C VAL A 101 -12.12 -11.00 -3.71
N GLU A 102 -12.77 -9.87 -3.46
CA GLU A 102 -14.08 -9.60 -4.00
C GLU A 102 -13.98 -8.38 -4.89
N LEU A 103 -14.28 -8.49 -6.19
CA LEU A 103 -14.17 -7.35 -7.09
C LEU A 103 -15.50 -6.58 -7.04
N LEU A 104 -15.43 -5.47 -6.32
CA LEU A 104 -16.61 -4.64 -6.08
C LEU A 104 -17.06 -3.80 -7.29
N LYS A 105 -16.13 -3.13 -7.96
CA LYS A 105 -16.46 -2.03 -8.87
C LYS A 105 -15.19 -1.72 -9.66
N LEU A 106 -15.39 -1.17 -10.85
CA LEU A 106 -14.31 -0.66 -11.65
C LEU A 106 -14.53 0.85 -11.78
N GLU A 107 -13.46 1.63 -11.72
CA GLU A 107 -13.48 3.06 -12.01
C GLU A 107 -12.37 3.36 -13.04
N VAL B 1 10.92 28.59 -6.38
CA VAL B 1 10.20 27.22 -6.22
C VAL B 1 8.84 27.27 -5.52
N ALA B 2 7.87 26.97 -6.30
CA ALA B 2 6.42 27.08 -5.96
C ALA B 2 5.93 25.58 -6.09
N ILE B 3 5.53 25.01 -4.93
CA ILE B 3 4.96 23.67 -5.18
C ILE B 3 3.92 23.33 -4.09
N LEU B 4 2.81 22.68 -4.47
CA LEU B 4 1.79 22.54 -3.43
C LEU B 4 2.25 21.46 -2.44
N TRP B 5 1.77 21.55 -1.19
CA TRP B 5 2.24 20.59 -0.20
C TRP B 5 1.73 19.18 -0.59
N HIS B 6 0.62 18.99 -1.23
CA HIS B 6 0.06 17.79 -1.79
C HIS B 6 1.10 17.11 -2.70
N GLU B 7 1.73 17.97 -3.60
CA GLU B 7 2.66 17.44 -4.59
C GLU B 7 3.96 17.03 -3.91
N MET B 8 4.34 17.92 -2.94
CA MET B 8 5.82 17.69 -2.46
C MET B 8 5.72 16.37 -1.66
N TRP B 9 4.64 16.17 -0.84
CA TRP B 9 4.52 14.89 -0.14
C TRP B 9 4.30 13.66 -1.04
N HIS B 10 3.53 13.76 -2.16
CA HIS B 10 3.26 12.57 -2.95
C HIS B 10 4.60 12.13 -3.54
N GLU B 11 5.35 13.10 -4.10
CA GLU B 11 6.62 12.76 -4.66
C GLU B 11 7.65 12.31 -3.64
N GLY B 12 7.71 12.99 -2.49
CA GLY B 12 8.65 12.68 -1.45
C GLY B 12 8.43 11.26 -0.83
N LEU B 13 7.15 10.88 -0.54
CA LEU B 13 6.81 9.55 0.03
C LEU B 13 7.19 8.48 -0.98
N GLU B 14 6.92 8.62 -2.23
CA GLU B 14 7.20 7.74 -3.31
C GLU B 14 8.71 7.50 -3.37
N GLU B 15 9.51 8.60 -3.30
CA GLU B 15 10.91 8.51 -3.42
C GLU B 15 11.54 7.85 -2.13
N ALA B 16 11.07 8.25 -0.97
CA ALA B 16 11.58 7.76 0.29
C ALA B 16 11.23 6.23 0.38
N SER B 17 10.00 5.87 0.03
CA SER B 17 9.70 4.41 -0.01
C SER B 17 10.54 3.62 -0.96
N ARG B 18 10.88 4.24 -2.17
CA ARG B 18 11.81 3.51 -3.05
C ARG B 18 13.16 3.29 -2.49
N LEU B 19 13.77 4.29 -1.85
CA LEU B 19 15.04 4.13 -1.18
C LEU B 19 15.04 3.12 -0.08
N TYR B 20 13.95 3.10 0.73
CA TYR B 20 13.89 2.26 1.90
C TYR B 20 13.50 0.79 1.40
N PHE B 21 12.35 0.63 0.83
CA PHE B 21 11.89 -0.77 0.47
C PHE B 21 12.58 -1.41 -0.72
N GLY B 22 12.90 -0.63 -1.75
CA GLY B 22 13.53 -1.06 -2.94
C GLY B 22 15.04 -1.15 -2.70
N GLU B 23 15.65 -0.06 -2.19
CA GLU B 23 17.11 -0.05 -2.05
C GLU B 23 17.72 -0.47 -0.73
N ARG B 24 16.88 -0.70 0.29
CA ARG B 24 17.31 -0.93 1.65
C ARG B 24 18.19 0.26 2.14
N ASN B 25 17.90 1.48 1.67
CA ASN B 25 18.71 2.60 2.11
C ASN B 25 17.94 3.50 3.09
N VAL B 26 18.07 3.28 4.41
CA VAL B 26 17.35 3.97 5.43
C VAL B 26 17.94 5.39 5.51
N LYS B 27 19.29 5.52 5.43
CA LYS B 27 19.82 6.92 5.47
C LYS B 27 19.18 7.80 4.41
N GLY B 28 18.99 7.32 3.22
CA GLY B 28 18.50 8.10 2.04
C GLY B 28 16.99 8.42 2.30
N MET B 29 16.21 7.41 2.80
CA MET B 29 14.83 7.64 3.22
C MET B 29 14.62 8.71 4.23
N PHE B 30 15.50 8.83 5.25
CA PHE B 30 15.46 9.96 6.21
C PHE B 30 15.79 11.30 5.55
N GLU B 31 16.89 11.20 4.70
CA GLU B 31 17.29 12.40 4.08
C GLU B 31 16.10 13.04 3.31
N VAL B 32 15.35 12.22 2.64
CA VAL B 32 14.17 12.68 1.94
C VAL B 32 13.08 13.18 2.85
N LEU B 33 12.69 12.45 3.91
CA LEU B 33 11.55 12.77 4.75
C LEU B 33 11.86 13.92 5.71
N GLU B 34 13.13 14.16 6.12
CA GLU B 34 13.32 15.22 7.17
C GLU B 34 12.91 16.64 6.78
N PRO B 35 13.19 17.12 5.54
CA PRO B 35 12.84 18.45 5.09
C PRO B 35 11.32 18.57 4.87
N LEU B 36 10.68 17.37 4.56
CA LEU B 36 9.23 17.49 4.42
C LEU B 36 8.57 17.75 5.74
N HIS B 37 8.97 16.97 6.76
CA HIS B 37 8.45 17.27 8.07
C HIS B 37 8.83 18.71 8.55
N ALA B 38 10.01 19.09 8.24
CA ALA B 38 10.47 20.46 8.77
C ALA B 38 9.61 21.52 8.14
N MET B 39 9.23 21.36 6.88
CA MET B 39 8.18 22.34 6.42
C MET B 39 6.89 22.28 7.14
N MET B 40 6.25 21.17 7.48
CA MET B 40 5.06 21.17 8.31
C MET B 40 5.37 21.88 9.63
N GLU B 41 6.53 21.57 10.23
CA GLU B 41 6.87 22.24 11.50
C GLU B 41 6.80 23.76 11.39
N ARG B 42 7.25 24.29 10.29
CA ARG B 42 7.19 25.77 10.17
C ARG B 42 5.74 26.25 10.14
N GLY B 43 4.78 25.53 9.60
CA GLY B 43 3.38 25.95 9.63
C GLY B 43 2.85 26.33 8.27
N PRO B 44 1.53 26.20 7.97
CA PRO B 44 0.98 26.54 6.71
C PRO B 44 0.98 28.05 6.47
N GLN B 45 1.25 28.53 5.30
CA GLN B 45 1.15 29.95 4.97
C GLN B 45 0.21 30.29 3.79
N THR B 46 -0.45 29.25 3.22
CA THR B 46 -1.51 29.49 2.25
C THR B 46 -2.79 28.76 2.66
N LEU B 47 -3.91 29.16 2.07
CA LEU B 47 -5.19 28.39 2.36
C LEU B 47 -4.99 26.89 1.96
N LYS B 48 -4.41 26.57 0.82
CA LYS B 48 -4.15 25.23 0.33
C LYS B 48 -3.15 24.49 1.23
N GLU B 49 -2.25 25.20 1.83
CA GLU B 49 -1.30 24.58 2.77
C GLU B 49 -2.07 24.22 4.03
N THR B 50 -2.99 25.19 4.38
CA THR B 50 -3.71 25.04 5.67
C THR B 50 -4.68 23.80 5.58
N SER B 51 -5.31 23.71 4.43
CA SER B 51 -6.34 22.57 4.36
C SER B 51 -5.53 21.26 4.26
N PHE B 52 -4.36 21.21 3.57
CA PHE B 52 -3.54 19.99 3.58
C PHE B 52 -3.11 19.68 5.02
N ASN B 53 -2.68 20.70 5.76
CA ASN B 53 -2.29 20.46 7.17
C ASN B 53 -3.46 20.03 8.00
N GLN B 54 -4.64 20.63 7.86
CA GLN B 54 -5.85 20.10 8.54
C GLN B 54 -6.17 18.56 8.27
N ALA B 55 -6.06 18.17 6.99
CA ALA B 55 -6.43 16.77 6.70
C ALA B 55 -5.32 15.79 7.06
N TYR B 56 -4.05 16.12 6.82
CA TYR B 56 -2.98 15.12 6.96
C TYR B 56 -1.98 15.50 8.06
N GLY B 57 -2.12 16.60 8.78
CA GLY B 57 -0.98 17.07 9.62
C GLY B 57 -0.73 16.03 10.75
N ARG B 58 -1.86 15.71 11.43
CA ARG B 58 -1.74 14.78 12.55
C ARG B 58 -1.17 13.41 12.13
N ASP B 59 -1.65 12.81 11.03
CA ASP B 59 -1.07 11.52 10.60
C ASP B 59 0.43 11.66 10.34
N LEU B 60 0.80 12.77 9.64
CA LEU B 60 2.22 12.89 9.33
C LEU B 60 3.05 13.11 10.58
N MET B 61 2.53 13.88 11.55
CA MET B 61 3.23 14.06 12.81
C MET B 61 3.35 12.68 13.53
N GLU B 62 2.31 11.89 13.58
CA GLU B 62 2.40 10.51 14.11
C GLU B 62 3.40 9.63 13.35
N ALA B 63 3.45 9.71 12.00
CA ALA B 63 4.46 8.89 11.27
C ALA B 63 5.86 9.35 11.73
N GLN B 64 6.10 10.70 11.83
CA GLN B 64 7.34 11.13 12.40
C GLN B 64 7.59 10.64 13.84
N GLU B 65 6.59 10.56 14.77
CA GLU B 65 6.91 10.02 16.07
C GLU B 65 7.36 8.54 15.94
N TRP B 66 6.71 7.74 15.12
CA TRP B 66 7.20 6.36 14.95
C TRP B 66 8.64 6.33 14.42
N CYS B 67 8.88 7.19 13.36
CA CYS B 67 10.31 7.18 12.89
C CYS B 67 11.27 7.52 14.05
N ARG B 68 10.94 8.56 14.83
CA ARG B 68 11.78 8.93 15.95
C ARG B 68 11.84 7.76 16.96
N LYS B 69 10.76 6.96 17.11
CA LYS B 69 10.86 5.82 17.98
C LYS B 69 11.92 4.81 17.55
N TYR B 70 11.94 4.59 16.26
CA TYR B 70 12.90 3.73 15.62
C TYR B 70 14.39 4.19 15.80
N MET B 71 14.51 5.52 15.71
CA MET B 71 15.87 6.08 15.88
C MET B 71 16.41 5.62 17.19
N LYS B 72 15.60 5.62 18.21
CA LYS B 72 16.08 5.31 19.54
C LYS B 72 15.97 3.79 19.75
N SER B 73 14.97 3.08 19.34
CA SER B 73 14.83 1.65 19.56
C SER B 73 15.69 0.76 18.68
N GLY B 74 15.99 1.03 17.42
CA GLY B 74 16.63 0.08 16.48
C GLY B 74 15.64 -1.03 16.05
N ASN B 75 14.36 -0.87 16.28
CA ASN B 75 13.46 -2.00 15.91
C ASN B 75 12.71 -1.67 14.60
N VAL B 76 12.93 -2.28 13.46
CA VAL B 76 12.30 -2.02 12.20
C VAL B 76 10.80 -2.02 12.22
N LYS B 77 10.07 -2.70 13.11
CA LYS B 77 8.66 -2.64 13.31
C LYS B 77 8.16 -1.23 13.65
N ASP B 78 9.03 -0.45 14.35
CA ASP B 78 8.61 0.94 14.57
C ASP B 78 8.60 1.72 13.22
N LEU B 79 9.57 1.45 12.31
CA LEU B 79 9.52 2.15 11.03
C LEU B 79 8.42 1.63 10.16
N THR B 80 8.09 0.33 10.37
CA THR B 80 6.94 -0.09 9.42
C THR B 80 5.79 0.74 9.83
N GLN B 81 5.57 0.93 11.18
CA GLN B 81 4.29 1.60 11.64
C GLN B 81 4.18 3.04 11.04
N ALA B 82 5.43 3.53 10.92
CA ALA B 82 5.43 4.91 10.24
C ALA B 82 5.00 4.80 8.78
N TRP B 83 5.40 3.65 8.06
CA TRP B 83 5.01 3.56 6.65
C TRP B 83 3.54 3.28 6.51
N ASP B 84 2.84 2.72 7.51
CA ASP B 84 1.38 2.49 7.35
C ASP B 84 0.67 3.87 7.32
N LEU B 85 1.10 4.79 8.15
CA LEU B 85 0.54 6.15 8.19
C LEU B 85 1.01 6.92 6.96
N TYR B 86 2.27 6.71 6.52
CA TYR B 86 2.64 7.44 5.29
C TYR B 86 1.80 6.96 4.09
N TYR B 87 1.56 5.66 3.99
CA TYR B 87 0.86 5.10 2.80
C TYR B 87 -0.58 5.59 2.87
N HIS B 88 -1.21 5.60 4.09
CA HIS B 88 -2.63 6.12 4.15
C HIS B 88 -2.63 7.60 3.61
N VAL B 89 -1.69 8.44 4.08
CA VAL B 89 -1.60 9.76 3.47
C VAL B 89 -1.45 9.72 1.97
N PHE B 90 -0.48 8.90 1.48
CA PHE B 90 -0.18 8.86 0.07
C PHE B 90 -1.37 8.47 -0.79
N ARG B 91 -2.14 7.44 -0.31
CA ARG B 91 -3.30 7.03 -0.99
C ARG B 91 -4.35 8.17 -0.94
N ARG B 92 -4.51 8.84 0.16
CA ARG B 92 -5.55 9.94 0.23
C ARG B 92 -5.17 11.06 -0.72
N ILE B 93 -3.91 11.42 -0.81
CA ILE B 93 -3.42 12.46 -1.73
C ILE B 93 -3.62 12.03 -3.17
N SER B 94 -3.61 10.73 -3.47
CA SER B 94 -3.62 10.19 -4.78
C SER B 94 -5.05 10.16 -5.36
TB TB C . -1.26 -35.21 -5.75
TB TB D . -6.30 -35.44 -6.98
N GLY A 1 2.22 -20.16 -10.17
CA GLY A 1 1.30 -19.23 -10.80
C GLY A 1 0.29 -18.76 -9.77
N VAL A 2 -0.93 -18.51 -10.25
CA VAL A 2 -2.06 -18.11 -9.43
C VAL A 2 -3.24 -19.00 -9.86
N GLN A 3 -3.87 -19.62 -8.88
CA GLN A 3 -5.06 -20.42 -9.13
C GLN A 3 -6.25 -19.58 -8.67
N VAL A 4 -7.34 -19.44 -9.42
CA VAL A 4 -8.49 -18.63 -9.02
C VAL A 4 -9.63 -19.62 -8.83
N GLU A 5 -10.15 -19.75 -7.64
CA GLU A 5 -11.30 -20.63 -7.37
C GLU A 5 -12.48 -19.77 -6.93
N THR A 6 -13.66 -19.84 -7.56
CA THR A 6 -14.79 -18.97 -7.24
C THR A 6 -15.47 -19.21 -5.90
N ILE A 7 -15.66 -18.18 -5.08
CA ILE A 7 -16.50 -18.29 -3.90
C ILE A 7 -17.92 -17.88 -4.28
N SER A 8 -18.14 -16.81 -5.05
CA SER A 8 -19.44 -16.37 -5.53
C SER A 8 -19.21 -15.79 -6.93
N PRO A 9 -20.04 -16.10 -7.90
CA PRO A 9 -19.87 -15.65 -9.26
C PRO A 9 -20.09 -14.16 -9.46
N GLY A 10 -19.32 -13.58 -10.37
CA GLY A 10 -19.55 -12.23 -10.80
C GLY A 10 -20.55 -12.24 -11.94
N ASP A 11 -20.61 -11.15 -12.68
CA ASP A 11 -21.55 -11.09 -13.79
C ASP A 11 -21.11 -11.85 -15.05
N GLY A 12 -19.87 -12.31 -15.09
CA GLY A 12 -19.35 -13.07 -16.23
C GLY A 12 -19.21 -12.26 -17.52
N ARG A 13 -19.24 -10.92 -17.46
CA ARG A 13 -19.24 -10.07 -18.63
C ARG A 13 -18.29 -8.91 -18.48
N THR A 14 -18.26 -8.27 -17.31
CA THR A 14 -17.45 -7.09 -17.04
C THR A 14 -16.16 -7.42 -16.33
N PHE A 15 -15.08 -7.39 -17.11
CA PHE A 15 -13.77 -7.77 -16.63
C PHE A 15 -12.89 -6.54 -16.63
N PRO A 16 -11.90 -6.35 -15.74
CA PRO A 16 -11.03 -5.20 -15.74
C PRO A 16 -10.21 -5.11 -17.03
N LYS A 17 -9.98 -3.87 -17.44
CA LYS A 17 -9.08 -3.56 -18.53
C LYS A 17 -7.81 -2.99 -17.85
N ARG A 18 -6.67 -3.14 -18.54
CA ARG A 18 -5.42 -2.52 -18.16
C ARG A 18 -5.66 -1.02 -18.05
N GLY A 19 -5.17 -0.47 -16.96
CA GLY A 19 -5.33 0.95 -16.71
C GLY A 19 -6.60 1.26 -15.92
N GLN A 20 -7.55 0.35 -15.77
CA GLN A 20 -8.70 0.64 -14.92
C GLN A 20 -8.33 0.45 -13.47
N THR A 21 -9.02 1.22 -12.62
CA THR A 21 -8.96 1.07 -11.19
C THR A 21 -9.93 -0.03 -10.77
N CYS A 22 -9.39 -1.06 -10.13
CA CYS A 22 -10.22 -2.10 -9.53
C CYS A 22 -10.45 -1.73 -8.08
N VAL A 23 -11.69 -1.86 -7.62
CA VAL A 23 -12.06 -1.61 -6.22
C VAL A 23 -12.41 -2.97 -5.61
N VAL A 24 -11.66 -3.40 -4.59
CA VAL A 24 -11.79 -4.77 -4.06
C VAL A 24 -11.87 -4.79 -2.55
N HIS A 25 -12.43 -5.85 -1.97
CA HIS A 25 -12.14 -6.17 -0.58
C HIS A 25 -11.29 -7.41 -0.55
N TYR A 26 -10.35 -7.50 0.39
CA TYR A 26 -9.50 -8.67 0.50
C TYR A 26 -9.20 -9.03 1.94
N THR A 27 -8.89 -10.31 2.14
CA THR A 27 -8.28 -10.90 3.33
C THR A 27 -7.10 -11.71 2.79
N GLY A 28 -5.93 -11.56 3.39
CA GLY A 28 -4.75 -12.32 3.00
C GLY A 28 -4.28 -13.18 4.16
N MET A 29 -3.81 -14.38 3.86
CA MET A 29 -3.21 -15.26 4.85
C MET A 29 -2.12 -16.09 4.18
N LEU A 30 -1.19 -16.57 5.02
CA LEU A 30 -0.16 -17.49 4.56
C LEU A 30 -0.83 -18.86 4.38
N GLU A 31 -0.46 -19.66 3.36
CA GLU A 31 -1.08 -20.97 3.14
C GLU A 31 -0.96 -21.82 4.38
N ASP A 32 -2.12 -22.22 4.91
CA ASP A 32 -2.24 -22.90 6.20
C ASP A 32 -1.50 -22.25 7.36
N GLY A 33 -1.70 -20.93 7.39
CA GLY A 33 -1.02 -20.10 8.36
C GLY A 33 -1.88 -18.90 8.72
N LYS A 34 -1.13 -17.88 9.15
CA LYS A 34 -1.66 -16.70 9.80
C LYS A 34 -2.35 -15.79 8.78
N LYS A 35 -3.54 -15.26 9.11
CA LYS A 35 -4.05 -14.08 8.42
C LYS A 35 -3.15 -12.90 8.76
N PHE A 36 -2.72 -12.19 7.72
CA PHE A 36 -1.82 -11.08 7.93
C PHE A 36 -2.48 -9.76 7.56
N ASP A 37 -3.58 -9.71 6.78
CA ASP A 37 -4.22 -8.43 6.42
C ASP A 37 -5.64 -8.59 5.92
N SER A 38 -6.51 -7.59 6.10
CA SER A 38 -7.84 -7.61 5.54
C SER A 38 -8.28 -6.17 5.43
N SER A 39 -8.75 -5.77 4.25
CA SER A 39 -9.33 -4.47 4.11
C SER A 39 -10.71 -4.40 4.77
N ARG A 40 -11.35 -5.55 5.00
CA ARG A 40 -12.68 -5.58 5.58
C ARG A 40 -12.68 -5.04 6.99
N ASP A 41 -11.65 -5.41 7.78
CA ASP A 41 -11.40 -4.90 9.14
C ASP A 41 -11.41 -3.38 9.21
N ARG A 42 -10.78 -2.85 8.17
CA ARG A 42 -10.55 -1.43 8.05
C ARG A 42 -11.76 -0.68 7.54
N ASN A 43 -12.79 -1.43 7.11
CA ASN A 43 -14.02 -0.88 6.57
C ASN A 43 -13.77 -0.03 5.32
N LYS A 44 -12.57 -0.09 4.71
CA LYS A 44 -12.24 0.71 3.54
C LYS A 44 -11.77 -0.25 2.43
N PRO A 45 -12.32 -0.17 1.19
CA PRO A 45 -11.91 -1.00 0.08
C PRO A 45 -10.58 -0.48 -0.41
N PHE A 46 -9.84 -1.44 -0.98
CA PHE A 46 -8.53 -1.21 -1.53
C PHE A 46 -8.72 -0.95 -3.01
N LYS A 47 -7.97 0.00 -3.57
CA LYS A 47 -8.06 0.29 -4.98
C LYS A 47 -6.65 0.21 -5.53
N PHE A 48 -6.54 -0.34 -6.72
CA PHE A 48 -5.27 -0.34 -7.44
C PHE A 48 -5.56 -0.28 -8.94
N MET A 49 -4.58 0.16 -9.69
CA MET A 49 -4.74 0.27 -11.13
C MET A 49 -4.10 -0.95 -11.77
N LEU A 50 -4.92 -1.64 -12.55
CA LEU A 50 -4.49 -2.86 -13.17
C LEU A 50 -3.47 -2.54 -14.24
N GLY A 51 -2.41 -3.33 -14.28
CA GLY A 51 -1.42 -3.22 -15.32
C GLY A 51 -0.27 -2.27 -15.01
N LYS A 52 -0.26 -1.53 -13.90
CA LYS A 52 0.81 -0.59 -13.59
C LYS A 52 1.92 -1.15 -12.72
N GLN A 53 1.95 -2.47 -12.48
CA GLN A 53 2.84 -3.11 -11.51
C GLN A 53 2.86 -2.52 -10.09
N GLU A 54 1.69 -2.06 -9.65
CA GLU A 54 1.53 -1.60 -8.29
C GLU A 54 1.47 -2.75 -7.28
N VAL A 55 0.97 -3.91 -7.73
CA VAL A 55 0.76 -5.04 -6.85
C VAL A 55 1.49 -6.27 -7.38
N ILE A 56 1.60 -7.30 -6.56
CA ILE A 56 2.24 -8.55 -6.93
C ILE A 56 1.61 -9.19 -8.15
N ARG A 57 2.41 -9.98 -8.86
CA ARG A 57 2.02 -10.55 -10.13
C ARG A 57 0.76 -11.41 -10.09
N GLY A 58 0.62 -12.18 -9.02
CA GLY A 58 -0.55 -13.01 -8.81
C GLY A 58 -1.85 -12.23 -8.73
N TRP A 59 -1.80 -10.99 -8.22
CA TRP A 59 -2.96 -10.13 -8.19
C TRP A 59 -3.18 -9.60 -9.58
N GLU A 60 -2.14 -9.16 -10.30
CA GLU A 60 -2.29 -8.65 -11.65
C GLU A 60 -2.95 -9.66 -12.58
N GLU A 61 -2.50 -10.91 -12.52
CA GLU A 61 -3.09 -11.96 -13.32
C GLU A 61 -4.38 -12.52 -12.77
N GLY A 62 -4.49 -12.58 -11.45
CA GLY A 62 -5.66 -13.14 -10.80
C GLY A 62 -6.87 -12.27 -10.99
N VAL A 63 -6.74 -10.97 -10.65
CA VAL A 63 -7.87 -10.06 -10.73
C VAL A 63 -8.30 -9.80 -12.17
N ALA A 64 -7.38 -9.79 -13.14
CA ALA A 64 -7.73 -9.66 -14.53
C ALA A 64 -8.72 -10.68 -15.09
N GLN A 65 -8.81 -11.88 -14.48
CA GLN A 65 -9.77 -12.86 -14.98
C GLN A 65 -11.05 -12.87 -14.16
N MET A 66 -11.25 -11.86 -13.31
CA MET A 66 -12.43 -11.83 -12.49
C MET A 66 -13.39 -10.84 -13.12
N SER A 67 -14.68 -11.11 -13.00
CA SER A 67 -15.67 -10.14 -13.41
C SER A 67 -16.26 -9.37 -12.23
N VAL A 68 -16.92 -8.23 -12.47
CA VAL A 68 -17.48 -7.42 -11.40
C VAL A 68 -18.48 -8.23 -10.61
N GLY A 69 -18.34 -8.22 -9.29
CA GLY A 69 -19.22 -8.91 -8.36
C GLY A 69 -18.64 -10.24 -7.89
N GLN A 70 -17.60 -10.75 -8.57
CA GLN A 70 -17.09 -12.05 -8.24
C GLN A 70 -16.32 -11.99 -6.94
N ARG A 71 -16.41 -13.05 -6.15
CA ARG A 71 -15.55 -13.24 -4.99
C ARG A 71 -14.76 -14.51 -5.26
N ALA A 72 -13.44 -14.50 -5.10
CA ALA A 72 -12.62 -15.67 -5.41
C ALA A 72 -11.48 -15.89 -4.41
N LYS A 73 -11.08 -17.14 -4.26
CA LYS A 73 -9.90 -17.51 -3.51
C LYS A 73 -8.79 -17.56 -4.56
N LEU A 74 -7.74 -16.77 -4.34
CA LEU A 74 -6.55 -16.76 -5.18
C LEU A 74 -5.44 -17.47 -4.43
N THR A 75 -4.86 -18.56 -4.94
CA THR A 75 -3.69 -19.16 -4.31
C THR A 75 -2.48 -18.80 -5.15
N ILE A 76 -1.46 -18.18 -4.57
CA ILE A 76 -0.40 -17.56 -5.32
C ILE A 76 0.92 -18.18 -4.85
N SER A 77 1.66 -18.70 -5.82
CA SER A 77 2.94 -19.32 -5.51
C SER A 77 3.94 -18.23 -5.17
N PRO A 78 5.04 -18.47 -4.45
CA PRO A 78 5.99 -17.45 -4.03
C PRO A 78 6.56 -16.66 -5.18
N ASP A 79 6.81 -17.28 -6.32
CA ASP A 79 7.32 -16.57 -7.48
C ASP A 79 6.33 -15.58 -8.08
N TYR A 80 5.04 -15.67 -7.75
CA TYR A 80 4.05 -14.70 -8.19
C TYR A 80 3.68 -13.73 -7.06
N ALA A 81 4.40 -13.82 -5.94
CA ALA A 81 4.13 -13.07 -4.73
C ALA A 81 5.48 -12.46 -4.32
N TYR A 82 6.09 -12.75 -3.17
CA TYR A 82 7.31 -12.09 -2.72
C TYR A 82 8.56 -12.94 -2.81
N GLY A 83 8.47 -14.16 -3.34
CA GLY A 83 9.64 -14.92 -3.75
C GLY A 83 10.58 -15.30 -2.62
N ALA A 84 11.87 -15.34 -2.92
CA ALA A 84 12.79 -15.86 -1.94
C ALA A 84 13.15 -14.83 -0.89
N THR A 85 12.78 -13.58 -1.09
CA THR A 85 13.12 -12.53 -0.15
C THR A 85 12.01 -12.29 0.86
N GLY A 86 10.75 -12.47 0.43
CA GLY A 86 9.63 -12.21 1.28
C GLY A 86 9.38 -10.69 1.35
N HIS A 87 8.52 -10.30 2.27
CA HIS A 87 8.21 -8.91 2.47
C HIS A 87 8.61 -8.65 3.91
N PRO A 88 9.67 -7.89 4.14
CA PRO A 88 10.31 -7.72 5.45
C PRO A 88 9.35 -7.42 6.59
N GLY A 89 9.47 -8.23 7.62
CA GLY A 89 8.65 -8.08 8.80
C GLY A 89 7.35 -8.83 8.70
N ILE A 90 6.85 -9.19 7.51
CA ILE A 90 5.49 -9.66 7.39
C ILE A 90 5.49 -11.03 6.70
N ILE A 91 6.06 -11.17 5.49
CA ILE A 91 5.91 -12.40 4.72
C ILE A 91 7.30 -13.02 4.67
N PRO A 92 7.49 -14.28 5.09
CA PRO A 92 8.77 -15.01 5.03
C PRO A 92 9.18 -15.35 3.58
N PRO A 93 10.46 -15.69 3.31
CA PRO A 93 10.89 -16.27 2.05
C PRO A 93 10.06 -17.49 1.72
N HIS A 94 9.80 -17.60 0.42
CA HIS A 94 9.16 -18.77 -0.16
C HIS A 94 7.77 -19.02 0.44
N ALA A 95 6.97 -17.99 0.73
CA ALA A 95 5.63 -18.24 1.20
C ALA A 95 4.60 -18.27 0.07
N THR A 96 3.72 -19.29 0.11
CA THR A 96 2.51 -19.36 -0.71
C THR A 96 1.42 -18.51 -0.01
N LEU A 97 0.72 -17.65 -0.76
CA LEU A 97 -0.25 -16.72 -0.18
C LEU A 97 -1.62 -17.12 -0.68
N VAL A 98 -2.60 -17.05 0.20
CA VAL A 98 -3.97 -17.19 -0.23
C VAL A 98 -4.73 -15.91 0.11
N PHE A 99 -5.40 -15.36 -0.90
CA PHE A 99 -6.23 -14.18 -0.74
C PHE A 99 -7.69 -14.49 -1.06
N ASP A 100 -8.58 -13.94 -0.27
CA ASP A 100 -10.00 -13.87 -0.60
C ASP A 100 -10.24 -12.48 -1.19
N VAL A 101 -10.63 -12.34 -2.45
CA VAL A 101 -10.73 -11.08 -3.13
C VAL A 101 -12.13 -10.98 -3.71
N GLU A 102 -12.76 -9.84 -3.45
CA GLU A 102 -14.08 -9.57 -4.00
C GLU A 102 -13.98 -8.35 -4.88
N LEU A 103 -14.27 -8.47 -6.19
CA LEU A 103 -14.16 -7.32 -7.10
C LEU A 103 -15.49 -6.55 -7.05
N LEU A 104 -15.42 -5.44 -6.32
CA LEU A 104 -16.59 -4.61 -6.08
C LEU A 104 -17.04 -3.77 -7.29
N LYS A 105 -16.10 -3.09 -7.97
CA LYS A 105 -16.43 -1.99 -8.88
C LYS A 105 -15.17 -1.69 -9.66
N LEU A 106 -15.36 -1.15 -10.86
CA LEU A 106 -14.27 -0.64 -11.66
C LEU A 106 -14.49 0.87 -11.80
N GLU A 107 -13.42 1.65 -11.74
CA GLU A 107 -13.43 3.07 -12.02
C GLU A 107 -12.32 3.38 -13.05
N VAL B 1 10.86 28.63 -6.37
CA VAL B 1 10.15 27.26 -6.20
C VAL B 1 8.78 27.31 -5.50
N ALA B 2 7.82 26.99 -6.28
CA ALA B 2 6.37 27.09 -5.95
C ALA B 2 5.88 25.60 -6.09
N ILE B 3 5.49 25.02 -4.91
CA ILE B 3 4.92 23.69 -5.17
C ILE B 3 3.88 23.33 -4.09
N LEU B 4 2.77 22.69 -4.47
CA LEU B 4 1.75 22.53 -3.43
C LEU B 4 2.22 21.45 -2.43
N TRP B 5 1.73 21.54 -1.18
CA TRP B 5 2.21 20.59 -0.19
C TRP B 5 1.70 19.18 -0.59
N HIS B 6 0.60 18.99 -1.23
CA HIS B 6 0.04 17.78 -1.78
C HIS B 6 1.09 17.11 -2.71
N GLU B 7 1.71 17.96 -3.60
CA GLU B 7 2.65 17.44 -4.59
C GLU B 7 3.95 17.03 -3.90
N MET B 8 4.32 17.92 -2.94
CA MET B 8 5.80 17.70 -2.46
C MET B 8 5.72 16.38 -1.65
N TRP B 9 4.63 16.17 -0.84
CA TRP B 9 4.51 14.89 -0.13
C TRP B 9 4.30 13.67 -1.04
N HIS B 10 3.53 13.77 -2.16
CA HIS B 10 3.27 12.58 -2.95
C HIS B 10 4.61 12.14 -3.54
N GLU B 11 5.36 13.11 -4.10
CA GLU B 11 6.63 12.78 -4.66
C GLU B 11 7.65 12.34 -3.64
N GLY B 12 7.72 13.01 -2.48
CA GLY B 12 8.66 12.70 -1.44
C GLY B 12 8.44 11.29 -0.82
N LEU B 13 7.17 10.89 -0.54
CA LEU B 13 6.83 9.57 0.03
C LEU B 13 7.22 8.50 -0.97
N GLU B 14 6.93 8.64 -2.23
CA GLU B 14 7.23 7.76 -3.32
C GLU B 14 8.73 7.52 -3.36
N GLU B 15 9.54 8.63 -3.30
CA GLU B 15 10.94 8.54 -3.41
C GLU B 15 11.57 7.89 -2.12
N ALA B 16 11.09 8.29 -0.97
CA ALA B 16 11.61 7.80 0.29
C ALA B 16 11.26 6.26 0.39
N SER B 17 10.03 5.91 0.04
CA SER B 17 9.74 4.44 -0.01
C SER B 17 10.58 3.65 -0.96
N ARG B 18 10.92 4.28 -2.16
CA ARG B 18 11.85 3.55 -3.05
C ARG B 18 13.21 3.32 -2.48
N LEU B 19 13.82 4.34 -1.84
CA LEU B 19 15.08 4.18 -1.18
C LEU B 19 15.08 3.17 -0.07
N TYR B 20 13.98 3.15 0.73
CA TYR B 20 13.93 2.30 1.90
C TYR B 20 13.55 0.84 1.41
N PHE B 21 12.40 0.66 0.82
CA PHE B 21 11.95 -0.73 0.46
C PHE B 21 12.65 -1.36 -0.72
N GLY B 22 12.96 -0.59 -1.75
CA GLY B 22 13.60 -1.01 -2.94
C GLY B 22 15.12 -1.09 -2.70
N GLU B 23 15.71 -0.01 -2.19
CA GLU B 23 17.17 0.01 -2.05
C GLU B 23 17.79 -0.40 -0.73
N ARG B 24 16.95 -0.64 0.29
CA ARG B 24 17.36 -0.87 1.65
C ARG B 24 18.24 0.32 2.15
N ASN B 25 17.95 1.54 1.68
CA ASN B 25 18.74 2.67 2.12
C ASN B 25 17.99 3.56 3.10
N VAL B 26 18.10 3.35 4.42
CA VAL B 26 17.39 4.02 5.44
C VAL B 26 17.97 5.45 5.53
N LYS B 27 19.32 5.59 5.45
CA LYS B 27 19.84 6.99 5.49
C LYS B 27 19.20 7.86 4.43
N GLY B 28 19.01 7.38 3.23
CA GLY B 28 18.52 8.16 2.05
C GLY B 28 17.02 8.47 2.31
N MET B 29 16.23 7.46 2.81
CA MET B 29 14.86 7.69 3.24
C MET B 29 14.64 8.75 4.24
N PHE B 30 15.51 8.88 5.26
CA PHE B 30 15.47 10.01 6.22
C PHE B 30 15.80 11.35 5.56
N GLU B 31 16.90 11.26 4.72
CA GLU B 31 17.29 12.47 4.10
C GLU B 31 16.10 13.09 3.32
N VAL B 32 15.35 12.26 2.65
CA VAL B 32 14.18 12.73 1.95
C VAL B 32 13.08 13.22 2.87
N LEU B 33 12.69 12.49 3.92
CA LEU B 33 11.54 12.80 4.76
C LEU B 33 11.86 13.96 5.71
N GLU B 34 13.12 14.20 6.13
CA GLU B 34 13.31 15.26 7.19
C GLU B 34 12.89 16.68 6.79
N PRO B 35 13.17 17.16 5.56
CA PRO B 35 12.81 18.49 5.11
C PRO B 35 11.30 18.60 4.89
N LEU B 36 10.66 17.40 4.56
CA LEU B 36 9.21 17.51 4.43
C LEU B 36 8.55 17.77 5.76
N HIS B 37 8.96 16.98 6.77
CA HIS B 37 8.42 17.28 8.08
C HIS B 37 8.80 18.72 8.55
N ALA B 38 9.98 19.11 8.25
CA ALA B 38 10.43 20.48 8.79
C ALA B 38 9.57 21.54 8.15
N MET B 39 9.19 21.39 6.90
CA MET B 39 8.14 22.36 6.43
C MET B 39 6.85 22.29 7.15
N MET B 40 6.21 21.17 7.49
CA MET B 40 5.02 21.18 8.31
C MET B 40 5.33 21.88 9.64
N GLU B 41 6.48 21.57 10.25
CA GLU B 41 6.81 22.24 11.50
C GLU B 41 6.74 23.77 11.40
N ARG B 42 7.20 24.30 10.30
CA ARG B 42 7.12 25.77 10.18
C ARG B 42 5.68 26.25 10.16
N GLY B 43 4.72 25.53 9.60
CA GLY B 43 3.31 25.94 9.65
C GLY B 43 2.78 26.32 8.28
N PRO B 44 1.47 26.20 7.99
CA PRO B 44 0.92 26.53 6.72
C PRO B 44 0.92 28.03 6.48
N GLN B 45 1.18 28.53 5.31
CA GLN B 45 1.08 29.94 4.98
C GLN B 45 0.14 30.28 3.81
N THR B 46 -0.52 29.23 3.22
CA THR B 46 -1.58 29.46 2.27
C THR B 46 -2.86 28.73 2.66
N LEU B 47 -3.98 29.12 2.08
CA LEU B 47 -5.25 28.35 2.37
C LEU B 47 -5.05 26.85 1.97
N LYS B 48 -4.46 26.53 0.83
CA LYS B 48 -4.19 25.19 0.33
C LYS B 48 -3.19 24.46 1.23
N GLU B 49 -2.30 25.17 1.82
CA GLU B 49 -1.35 24.55 2.77
C GLU B 49 -2.12 24.20 4.04
N THR B 50 -3.05 25.16 4.39
CA THR B 50 -3.77 25.00 5.68
C THR B 50 -4.73 23.76 5.58
N SER B 51 -5.35 23.66 4.44
CA SER B 51 -6.38 22.52 4.36
C SER B 51 -5.56 21.21 4.25
N PHE B 52 -4.40 21.18 3.58
CA PHE B 52 -3.58 19.96 3.58
C PHE B 52 -3.13 19.65 5.02
N ASN B 53 -2.71 20.67 5.76
CA ASN B 53 -2.32 20.44 7.18
C ASN B 53 -3.49 20.00 8.01
N GLN B 54 -4.68 20.59 7.86
CA GLN B 54 -5.88 20.06 8.54
C GLN B 54 -6.20 18.50 8.26
N ALA B 55 -6.09 18.12 6.99
CA ALA B 55 -6.44 16.72 6.70
C ALA B 55 -5.34 15.74 7.05
N TYR B 56 -4.06 16.08 6.82
CA TYR B 56 -2.99 15.10 6.97
C TYR B 56 -2.00 15.48 8.05
N GLY B 57 -2.14 16.57 8.78
CA GLY B 57 -1.00 17.05 9.62
C GLY B 57 -0.75 16.01 10.75
N ARG B 58 -1.89 15.67 11.43
CA ARG B 58 -1.76 14.74 12.55
C ARG B 58 -1.19 13.38 12.12
N ASP B 59 -1.66 12.78 11.02
CA ASP B 59 -1.08 11.49 10.59
C ASP B 59 0.42 11.64 10.33
N LEU B 60 0.79 12.75 9.64
CA LEU B 60 2.22 12.88 9.32
C LEU B 60 3.05 13.10 10.58
N MET B 61 2.52 13.87 11.54
CA MET B 61 3.21 14.05 12.82
C MET B 61 3.34 12.66 13.52
N GLU B 62 2.30 11.88 13.59
CA GLU B 62 2.40 10.50 14.11
C GLU B 62 3.40 9.62 13.34
N ALA B 63 3.46 9.69 12.00
CA ALA B 63 4.47 8.89 11.27
C ALA B 63 5.87 9.35 11.72
N GLN B 64 6.10 10.70 11.83
CA GLN B 64 7.34 11.13 12.40
C GLN B 64 7.59 10.65 13.84
N GLU B 65 6.59 10.56 14.77
CA GLU B 65 6.91 10.02 16.08
C GLU B 65 7.37 8.54 15.95
N TRP B 66 6.72 7.74 15.12
CA TRP B 66 7.22 6.36 14.94
C TRP B 66 8.65 6.34 14.42
N CYS B 67 8.89 7.20 13.37
CA CYS B 67 10.32 7.20 12.90
C CYS B 67 11.28 7.53 14.06
N ARG B 68 10.94 8.59 14.84
CA ARG B 68 11.79 8.95 15.96
C ARG B 68 11.85 7.78 16.96
N LYS B 69 10.77 6.98 17.11
CA LYS B 69 10.88 5.83 17.98
C LYS B 69 11.94 4.83 17.55
N TYR B 70 11.96 4.61 16.27
CA TYR B 70 12.93 3.75 15.62
C TYR B 70 14.41 4.23 15.80
N MET B 71 14.53 5.56 15.72
CA MET B 71 15.89 6.13 15.88
C MET B 71 16.43 5.67 17.20
N LYS B 72 15.61 5.66 18.22
CA LYS B 72 16.09 5.35 19.55
C LYS B 72 16.00 3.83 19.76
N SER B 73 15.00 3.12 19.35
CA SER B 73 14.86 1.68 19.57
C SER B 73 15.73 0.80 18.68
N GLY B 74 16.04 1.07 17.43
CA GLY B 74 16.68 0.12 16.49
C GLY B 74 15.69 -0.98 16.05
N ASN B 75 14.41 -0.83 16.28
CA ASN B 75 13.50 -1.96 15.91
C ASN B 75 12.76 -1.64 14.60
N VAL B 76 12.97 -2.24 13.46
CA VAL B 76 12.35 -1.99 12.20
C VAL B 76 10.86 -1.99 12.21
N LYS B 77 10.13 -2.68 13.10
CA LYS B 77 8.72 -2.62 13.31
C LYS B 77 8.20 -1.22 13.65
N ASP B 78 9.08 -0.44 14.35
CA ASP B 78 8.65 0.94 14.56
C ASP B 78 8.64 1.72 13.21
N LEU B 79 9.61 1.47 12.32
CA LEU B 79 9.55 2.17 11.03
C LEU B 79 8.47 1.64 10.16
N THR B 80 8.14 0.33 10.37
CA THR B 80 6.99 -0.08 9.41
C THR B 80 5.83 0.74 9.81
N GLN B 81 5.62 0.93 11.16
CA GLN B 81 4.33 1.60 11.64
C GLN B 81 4.23 3.03 11.03
N ALA B 82 5.46 3.55 10.92
CA ALA B 82 5.46 4.91 10.23
C ALA B 82 5.03 4.79 8.78
N TRP B 83 5.44 3.66 8.05
CA TRP B 83 5.05 3.56 6.65
C TRP B 83 3.59 3.27 6.50
N ASP B 84 2.88 2.71 7.50
CA ASP B 84 1.43 2.47 7.35
C ASP B 84 0.71 3.85 7.31
N LEU B 85 1.14 4.77 8.14
CA LEU B 85 0.56 6.13 8.18
C LEU B 85 1.04 6.91 6.96
N TYR B 86 2.29 6.70 6.51
CA TYR B 86 2.66 7.43 5.29
C TYR B 86 1.83 6.95 4.09
N TYR B 87 1.59 5.65 3.99
CA TYR B 87 0.90 5.08 2.79
C TYR B 87 -0.55 5.57 2.87
N HIS B 88 -1.17 5.58 4.08
CA HIS B 88 -2.60 6.09 4.14
C HIS B 88 -2.61 7.57 3.61
N VAL B 89 -1.67 8.42 4.07
CA VAL B 89 -1.59 9.74 3.46
C VAL B 89 -1.43 9.70 1.96
N PHE B 90 -0.47 8.89 1.48
CA PHE B 90 -0.16 8.84 0.07
C PHE B 90 -1.35 8.45 -0.79
N ARG B 91 -2.11 7.42 -0.32
CA ARG B 91 -3.27 7.00 -0.99
C ARG B 91 -4.32 8.14 -0.96
N ARG B 92 -4.48 8.81 0.14
CA ARG B 92 -5.53 9.90 0.22
C ARG B 92 -5.16 11.02 -0.73
N ILE B 93 -3.89 11.39 -0.81
CA ILE B 93 -3.41 12.43 -1.74
C ILE B 93 -3.61 12.00 -3.18
N SER B 94 -3.59 10.70 -3.47
CA SER B 94 -3.60 10.16 -4.78
C SER B 94 -5.03 10.13 -5.37
TB TB C . -1.37 -35.24 -5.73
TB TB D . -6.42 -35.45 -6.95
N GLY A 1 2.22 -20.14 -10.18
CA GLY A 1 1.30 -19.22 -10.80
C GLY A 1 0.28 -18.75 -9.77
N VAL A 2 -0.93 -18.50 -10.25
CA VAL A 2 -2.07 -18.10 -9.44
C VAL A 2 -3.23 -18.99 -9.87
N GLN A 3 -3.87 -19.61 -8.89
CA GLN A 3 -5.06 -20.41 -9.13
C GLN A 3 -6.25 -19.57 -8.67
N VAL A 4 -7.34 -19.42 -9.43
CA VAL A 4 -8.49 -18.61 -9.03
C VAL A 4 -9.63 -19.60 -8.84
N GLU A 5 -10.16 -19.74 -7.63
CA GLU A 5 -11.30 -20.62 -7.37
C GLU A 5 -12.49 -19.75 -6.94
N THR A 6 -13.66 -19.83 -7.55
CA THR A 6 -14.79 -18.95 -7.25
C THR A 6 -15.47 -19.20 -5.90
N ILE A 7 -15.66 -18.17 -5.08
CA ILE A 7 -16.49 -18.28 -3.90
C ILE A 7 -17.93 -17.87 -4.29
N SER A 8 -18.14 -16.79 -5.06
CA SER A 8 -19.45 -16.35 -5.53
C SER A 8 -19.22 -15.78 -6.93
N PRO A 9 -20.05 -16.08 -7.91
CA PRO A 9 -19.87 -15.63 -9.26
C PRO A 9 -20.09 -14.14 -9.47
N GLY A 10 -19.32 -13.56 -10.36
CA GLY A 10 -19.55 -12.21 -10.79
C GLY A 10 -20.55 -12.21 -11.93
N ASP A 11 -20.60 -11.13 -12.68
CA ASP A 11 -21.55 -11.07 -13.79
C ASP A 11 -21.12 -11.82 -15.04
N GLY A 12 -19.86 -12.29 -15.10
CA GLY A 12 -19.35 -13.04 -16.24
C GLY A 12 -19.21 -12.23 -17.52
N ARG A 13 -19.24 -10.90 -17.45
CA ARG A 13 -19.23 -10.05 -18.62
C ARG A 13 -18.28 -8.89 -18.48
N THR A 14 -18.25 -8.25 -17.31
CA THR A 14 -17.45 -7.07 -17.04
C THR A 14 -16.15 -7.40 -16.34
N PHE A 15 -15.08 -7.37 -17.10
CA PHE A 15 -13.77 -7.75 -16.63
C PHE A 15 -12.88 -6.52 -16.63
N PRO A 16 -11.89 -6.33 -15.74
CA PRO A 16 -11.02 -5.18 -15.74
C PRO A 16 -10.21 -5.09 -17.03
N LYS A 17 -9.97 -3.86 -17.45
CA LYS A 17 -9.06 -3.54 -18.51
C LYS A 17 -7.80 -2.97 -17.84
N ARG A 18 -6.67 -3.12 -18.53
CA ARG A 18 -5.42 -2.50 -18.16
C ARG A 18 -5.65 -1.00 -18.04
N GLY A 19 -5.16 -0.45 -16.95
CA GLY A 19 -5.32 0.97 -16.70
C GLY A 19 -6.59 1.28 -15.91
N GLN A 20 -7.55 0.37 -15.76
CA GLN A 20 -8.69 0.66 -14.92
C GLN A 20 -8.32 0.47 -13.47
N THR A 21 -9.02 1.23 -12.62
CA THR A 21 -8.96 1.07 -11.18
C THR A 21 -9.92 -0.02 -10.76
N CYS A 22 -9.39 -1.05 -10.12
CA CYS A 22 -10.22 -2.08 -9.52
C CYS A 22 -10.44 -1.72 -8.06
N VAL A 23 -11.70 -1.85 -7.61
CA VAL A 23 -12.06 -1.60 -6.21
C VAL A 23 -12.41 -2.96 -5.60
N VAL A 24 -11.66 -3.39 -4.59
CA VAL A 24 -11.79 -4.75 -4.06
C VAL A 24 -11.87 -4.77 -2.55
N HIS A 25 -12.42 -5.84 -1.97
CA HIS A 25 -12.15 -6.16 -0.57
C HIS A 25 -11.29 -7.40 -0.54
N TYR A 26 -10.35 -7.49 0.40
CA TYR A 26 -9.50 -8.66 0.50
C TYR A 26 -9.20 -9.02 1.95
N THR A 27 -8.89 -10.31 2.14
CA THR A 27 -8.28 -10.89 3.34
C THR A 27 -7.10 -11.71 2.80
N GLY A 28 -5.92 -11.55 3.39
CA GLY A 28 -4.76 -12.31 3.01
C GLY A 28 -4.28 -13.18 4.17
N MET A 29 -3.83 -14.38 3.87
CA MET A 29 -3.21 -15.26 4.85
C MET A 29 -2.12 -16.08 4.19
N LEU A 30 -1.20 -16.57 5.01
CA LEU A 30 -0.16 -17.49 4.56
C LEU A 30 -0.83 -18.85 4.38
N GLU A 31 -0.47 -19.66 3.35
CA GLU A 31 -1.09 -20.97 3.13
C GLU A 31 -0.96 -21.82 4.38
N ASP A 32 -2.13 -22.22 4.91
CA ASP A 32 -2.25 -22.89 6.20
C ASP A 32 -1.51 -22.25 7.36
N GLY A 33 -1.70 -20.93 7.39
CA GLY A 33 -1.03 -20.10 8.35
C GLY A 33 -1.89 -18.89 8.72
N LYS A 34 -1.14 -17.88 9.15
CA LYS A 34 -1.67 -16.69 9.80
C LYS A 34 -2.35 -15.79 8.78
N LYS A 35 -3.53 -15.25 9.11
CA LYS A 35 -4.05 -14.08 8.42
C LYS A 35 -3.15 -12.90 8.76
N PHE A 36 -2.72 -12.18 7.73
CA PHE A 36 -1.83 -11.08 7.93
C PHE A 36 -2.49 -9.76 7.57
N ASP A 37 -3.59 -9.71 6.78
CA ASP A 37 -4.22 -8.43 6.42
C ASP A 37 -5.65 -8.59 5.93
N SER A 38 -6.51 -7.59 6.10
CA SER A 38 -7.84 -7.60 5.54
C SER A 38 -8.27 -6.16 5.43
N SER A 39 -8.75 -5.77 4.26
CA SER A 39 -9.34 -4.45 4.12
C SER A 39 -10.71 -4.40 4.78
N ARG A 40 -11.35 -5.54 5.00
CA ARG A 40 -12.69 -5.58 5.59
C ARG A 40 -12.69 -5.04 7.00
N ASP A 41 -11.66 -5.39 7.79
CA ASP A 41 -11.40 -4.90 9.14
C ASP A 41 -11.41 -3.37 9.21
N ARG A 42 -10.77 -2.84 8.17
CA ARG A 42 -10.55 -1.42 8.06
C ARG A 42 -11.76 -0.68 7.54
N ASN A 43 -12.79 -1.43 7.12
CA ASN A 43 -14.03 -0.87 6.58
C ASN A 43 -13.77 -0.01 5.33
N LYS A 44 -12.57 -0.08 4.72
CA LYS A 44 -12.24 0.72 3.55
C LYS A 44 -11.77 -0.24 2.43
N PRO A 45 -12.32 -0.16 1.20
CA PRO A 45 -11.90 -0.99 0.09
C PRO A 45 -10.57 -0.48 -0.41
N PHE A 46 -9.84 -1.43 -0.98
CA PHE A 46 -8.53 -1.19 -1.52
C PHE A 46 -8.73 -0.94 -3.01
N LYS A 47 -7.97 0.01 -3.56
CA LYS A 47 -8.05 0.30 -4.97
C LYS A 47 -6.64 0.22 -5.52
N PHE A 48 -6.53 -0.33 -6.72
CA PHE A 48 -5.27 -0.33 -7.44
C PHE A 48 -5.56 -0.27 -8.93
N MET A 49 -4.57 0.17 -9.68
CA MET A 49 -4.73 0.28 -11.12
C MET A 49 -4.10 -0.93 -11.76
N LEU A 50 -4.91 -1.62 -12.54
CA LEU A 50 -4.49 -2.84 -13.16
C LEU A 50 -3.46 -2.51 -14.23
N GLY A 51 -2.41 -3.31 -14.27
CA GLY A 51 -1.41 -3.21 -15.32
C GLY A 51 -0.27 -2.26 -15.00
N LYS A 52 -0.26 -1.52 -13.89
CA LYS A 52 0.82 -0.57 -13.58
C LYS A 52 1.93 -1.13 -12.71
N GLN A 53 1.95 -2.45 -12.47
CA GLN A 53 2.84 -3.10 -11.51
C GLN A 53 2.86 -2.51 -10.08
N GLU A 54 1.70 -2.05 -9.64
CA GLU A 54 1.53 -1.59 -8.28
C GLU A 54 1.47 -2.74 -7.28
N VAL A 55 0.97 -3.90 -7.73
CA VAL A 55 0.77 -5.03 -6.84
C VAL A 55 1.50 -6.26 -7.38
N ILE A 56 1.60 -7.29 -6.55
CA ILE A 56 2.24 -8.54 -6.92
C ILE A 56 1.62 -9.18 -8.14
N ARG A 57 2.42 -9.96 -8.87
CA ARG A 57 2.02 -10.54 -10.13
C ARG A 57 0.76 -11.40 -10.09
N GLY A 58 0.62 -12.16 -9.01
CA GLY A 58 -0.55 -13.00 -8.82
C GLY A 58 -1.85 -12.22 -8.73
N TRP A 59 -1.80 -10.98 -8.21
CA TRP A 59 -2.96 -10.12 -8.19
C TRP A 59 -3.19 -9.58 -9.58
N GLU A 60 -2.13 -9.15 -10.30
CA GLU A 60 -2.28 -8.63 -11.65
C GLU A 60 -2.95 -9.65 -12.58
N GLU A 61 -2.50 -10.90 -12.52
CA GLU A 61 -3.09 -11.95 -13.33
C GLU A 61 -4.38 -12.50 -12.77
N GLY A 62 -4.49 -12.57 -11.45
CA GLY A 62 -5.65 -13.12 -10.80
C GLY A 62 -6.87 -12.25 -10.98
N VAL A 63 -6.74 -10.96 -10.64
CA VAL A 63 -7.87 -10.04 -10.72
C VAL A 63 -8.30 -9.78 -12.17
N ALA A 64 -7.37 -9.78 -13.14
CA ALA A 64 -7.72 -9.64 -14.53
C ALA A 64 -8.72 -10.67 -15.08
N GLN A 65 -8.81 -11.86 -14.48
CA GLN A 65 -9.76 -12.84 -14.98
C GLN A 65 -11.04 -12.85 -14.16
N MET A 66 -11.25 -11.84 -13.30
CA MET A 66 -12.44 -11.82 -12.49
C MET A 66 -13.38 -10.82 -13.12
N SER A 67 -14.68 -11.09 -12.99
CA SER A 67 -15.67 -10.12 -13.41
C SER A 67 -16.26 -9.36 -12.22
N VAL A 68 -16.92 -8.21 -12.46
CA VAL A 68 -17.47 -7.40 -11.40
C VAL A 68 -18.47 -8.21 -10.61
N GLY A 69 -18.35 -8.19 -9.29
CA GLY A 69 -19.22 -8.90 -8.37
C GLY A 69 -18.64 -10.23 -7.89
N GLN A 70 -17.60 -10.73 -8.56
CA GLN A 70 -17.09 -12.03 -8.25
C GLN A 70 -16.32 -11.97 -6.94
N ARG A 71 -16.41 -13.04 -6.14
CA ARG A 71 -15.55 -13.23 -4.99
C ARG A 71 -14.76 -14.50 -5.26
N ALA A 72 -13.44 -14.49 -5.10
CA ALA A 72 -12.61 -15.65 -5.42
C ALA A 72 -11.48 -15.88 -4.41
N LYS A 73 -11.07 -17.13 -4.26
CA LYS A 73 -9.90 -17.50 -3.51
C LYS A 73 -8.79 -17.55 -4.55
N LEU A 74 -7.75 -16.75 -4.34
CA LEU A 74 -6.55 -16.75 -5.18
C LEU A 74 -5.44 -17.45 -4.44
N THR A 75 -4.86 -18.55 -4.94
CA THR A 75 -3.69 -19.15 -4.31
C THR A 75 -2.47 -18.79 -5.15
N ILE A 76 -1.46 -18.17 -4.57
CA ILE A 76 -0.40 -17.54 -5.31
C ILE A 76 0.92 -18.17 -4.84
N SER A 77 1.66 -18.68 -5.81
CA SER A 77 2.94 -19.31 -5.51
C SER A 77 3.94 -18.23 -5.17
N PRO A 78 5.04 -18.46 -4.46
CA PRO A 78 5.98 -17.44 -4.03
C PRO A 78 6.56 -16.65 -5.18
N ASP A 79 6.80 -17.27 -6.33
CA ASP A 79 7.31 -16.56 -7.47
C ASP A 79 6.32 -15.57 -8.09
N TYR A 80 5.04 -15.66 -7.75
CA TYR A 80 4.04 -14.68 -8.19
C TYR A 80 3.68 -13.72 -7.06
N ALA A 81 4.40 -13.81 -5.94
CA ALA A 81 4.13 -13.06 -4.73
C ALA A 81 5.48 -12.46 -4.31
N TYR A 82 6.09 -12.75 -3.17
CA TYR A 82 7.31 -12.08 -2.71
C TYR A 82 8.56 -12.93 -2.81
N GLY A 83 8.47 -14.15 -3.34
CA GLY A 83 9.64 -14.91 -3.74
C GLY A 83 10.58 -15.29 -2.62
N ALA A 84 11.88 -15.34 -2.92
CA ALA A 84 12.79 -15.86 -1.94
C ALA A 84 13.14 -14.83 -0.88
N THR A 85 12.78 -13.58 -1.08
CA THR A 85 13.12 -12.53 -0.14
C THR A 85 12.01 -12.29 0.87
N GLY A 86 10.75 -12.46 0.44
CA GLY A 86 9.62 -12.20 1.29
C GLY A 86 9.38 -10.69 1.35
N HIS A 87 8.51 -10.29 2.27
CA HIS A 87 8.21 -8.91 2.47
C HIS A 87 8.61 -8.65 3.91
N PRO A 88 9.67 -7.89 4.15
CA PRO A 88 10.31 -7.72 5.46
C PRO A 88 9.35 -7.42 6.60
N GLY A 89 9.47 -8.23 7.63
CA GLY A 89 8.65 -8.08 8.80
C GLY A 89 7.35 -8.83 8.71
N ILE A 90 6.86 -9.19 7.53
CA ILE A 90 5.48 -9.66 7.39
C ILE A 90 5.49 -11.03 6.70
N ILE A 91 6.06 -11.17 5.49
CA ILE A 91 5.91 -12.40 4.72
C ILE A 91 7.30 -13.02 4.67
N PRO A 92 7.49 -14.28 5.09
CA PRO A 92 8.77 -15.00 5.04
C PRO A 92 9.18 -15.35 3.59
N PRO A 93 10.46 -15.69 3.31
CA PRO A 93 10.89 -16.27 2.06
C PRO A 93 10.06 -17.49 1.72
N HIS A 94 9.79 -17.60 0.41
CA HIS A 94 9.16 -18.77 -0.16
C HIS A 94 7.77 -19.02 0.43
N ALA A 95 6.97 -17.99 0.73
CA ALA A 95 5.62 -18.23 1.21
C ALA A 95 4.60 -18.26 0.08
N THR A 96 3.72 -19.28 0.11
CA THR A 96 2.52 -19.35 -0.71
C THR A 96 1.42 -18.51 -0.01
N LEU A 97 0.72 -17.64 -0.76
CA LEU A 97 -0.25 -16.72 -0.18
C LEU A 97 -1.62 -17.11 -0.69
N VAL A 98 -2.59 -17.04 0.20
CA VAL A 98 -3.97 -17.18 -0.24
C VAL A 98 -4.73 -15.91 0.11
N PHE A 99 -5.41 -15.36 -0.89
CA PHE A 99 -6.23 -14.17 -0.74
C PHE A 99 -7.68 -14.48 -1.06
N ASP A 100 -8.59 -13.92 -0.26
CA ASP A 100 -10.00 -13.87 -0.60
C ASP A 100 -10.23 -12.47 -1.19
N VAL A 101 -10.63 -12.33 -2.45
CA VAL A 101 -10.73 -11.07 -3.13
C VAL A 101 -12.13 -10.97 -3.71
N GLU A 102 -12.76 -9.83 -3.44
CA GLU A 102 -14.08 -9.56 -3.99
C GLU A 102 -13.98 -8.33 -4.89
N LEU A 103 -14.26 -8.44 -6.18
CA LEU A 103 -14.16 -7.31 -7.09
C LEU A 103 -15.49 -6.53 -7.04
N LEU A 104 -15.42 -5.42 -6.32
CA LEU A 104 -16.59 -4.60 -6.07
C LEU A 104 -17.04 -3.75 -7.28
N LYS A 105 -16.10 -3.08 -7.97
CA LYS A 105 -16.43 -1.98 -8.88
C LYS A 105 -15.16 -1.67 -9.66
N LEU A 106 -15.35 -1.13 -10.85
CA LEU A 106 -14.27 -0.62 -11.66
C LEU A 106 -14.48 0.89 -11.79
N GLU A 107 -13.41 1.66 -11.72
CA GLU A 107 -13.42 3.09 -12.01
C GLU A 107 -12.32 3.38 -13.04
N VAL B 1 10.84 28.61 -6.38
CA VAL B 1 10.13 27.23 -6.21
C VAL B 1 8.76 27.28 -5.51
N ALA B 2 7.80 26.97 -6.30
CA ALA B 2 6.35 27.08 -5.96
C ALA B 2 5.86 25.58 -6.10
N ILE B 3 5.47 25.00 -4.93
CA ILE B 3 4.90 23.66 -5.19
C ILE B 3 3.87 23.30 -4.10
N LEU B 4 2.76 22.66 -4.48
CA LEU B 4 1.74 22.51 -3.44
C LEU B 4 2.21 21.42 -2.44
N TRP B 5 1.72 21.53 -1.19
CA TRP B 5 2.20 20.57 -0.20
C TRP B 5 1.69 19.15 -0.60
N HIS B 6 0.59 18.96 -1.24
CA HIS B 6 0.03 17.75 -1.80
C HIS B 6 1.09 17.09 -2.71
N GLU B 7 1.71 17.93 -3.61
CA GLU B 7 2.64 17.41 -4.60
C GLU B 7 3.94 17.00 -3.91
N MET B 8 4.31 17.90 -2.95
CA MET B 8 5.79 17.68 -2.47
C MET B 8 5.71 16.36 -1.66
N TRP B 9 4.63 16.15 -0.85
CA TRP B 9 4.51 14.88 -0.14
C TRP B 9 4.30 13.65 -1.04
N HIS B 10 3.53 13.74 -2.16
CA HIS B 10 3.27 12.56 -2.95
C HIS B 10 4.61 12.12 -3.55
N GLU B 11 5.35 13.09 -4.11
CA GLU B 11 6.64 12.75 -4.66
C GLU B 11 7.65 12.32 -3.65
N GLY B 12 7.72 12.98 -2.48
CA GLY B 12 8.66 12.69 -1.45
C GLY B 12 8.44 11.27 -0.83
N LEU B 13 7.17 10.88 -0.54
CA LEU B 13 6.84 9.55 0.03
C LEU B 13 7.22 8.48 -0.98
N GLU B 14 6.94 8.62 -2.23
CA GLU B 14 7.25 7.73 -3.31
C GLU B 14 8.74 7.51 -3.36
N GLU B 15 9.54 8.62 -3.29
CA GLU B 15 10.95 8.53 -3.42
C GLU B 15 11.57 7.88 -2.13
N ALA B 16 11.10 8.28 -0.97
CA ALA B 16 11.61 7.79 0.30
C ALA B 16 11.27 6.26 0.39
N SER B 17 10.04 5.89 0.04
CA SER B 17 9.75 4.43 0.00
C SER B 17 10.60 3.64 -0.95
N ARG B 18 10.94 4.27 -2.15
CA ARG B 18 11.88 3.54 -3.05
C ARG B 18 13.22 3.32 -2.48
N LEU B 19 13.82 4.33 -1.83
CA LEU B 19 15.09 4.18 -1.17
C LEU B 19 15.10 3.16 -0.06
N TYR B 20 14.00 3.13 0.75
CA TYR B 20 13.94 2.30 1.91
C TYR B 20 13.57 0.83 1.42
N PHE B 21 12.43 0.65 0.83
CA PHE B 21 11.97 -0.73 0.47
C PHE B 21 12.67 -1.37 -0.71
N GLY B 22 12.98 -0.60 -1.75
CA GLY B 22 13.62 -1.02 -2.93
C GLY B 22 15.13 -1.09 -2.68
N GLU B 23 15.73 -0.01 -2.18
CA GLU B 23 17.19 0.01 -2.04
C GLU B 23 17.80 -0.41 -0.72
N ARG B 24 16.96 -0.65 0.30
CA ARG B 24 17.39 -0.87 1.66
C ARG B 24 18.26 0.32 2.16
N ASN B 25 17.97 1.54 1.69
CA ASN B 25 18.76 2.67 2.13
C ASN B 25 17.99 3.56 3.11
N VAL B 26 18.12 3.35 4.42
CA VAL B 26 17.41 4.02 5.45
C VAL B 26 17.98 5.45 5.54
N LYS B 27 19.33 5.59 5.45
CA LYS B 27 19.85 6.99 5.49
C LYS B 27 19.20 7.87 4.43
N GLY B 28 19.02 7.39 3.24
CA GLY B 28 18.53 8.16 2.06
C GLY B 28 17.02 8.47 2.31
N MET B 29 16.24 7.46 2.81
CA MET B 29 14.86 7.69 3.24
C MET B 29 14.65 8.76 4.24
N PHE B 30 15.52 8.87 5.25
CA PHE B 30 15.47 10.01 6.22
C PHE B 30 15.80 11.35 5.56
N GLU B 31 16.90 11.27 4.72
CA GLU B 31 17.29 12.47 4.10
C GLU B 31 16.10 13.09 3.32
N VAL B 32 15.35 12.26 2.65
CA VAL B 32 14.17 12.72 1.95
C VAL B 32 13.08 13.22 2.86
N LEU B 33 12.69 12.49 3.92
CA LEU B 33 11.54 12.79 4.76
C LEU B 33 11.85 13.95 5.72
N GLU B 34 13.11 14.20 6.13
CA GLU B 34 13.30 15.26 7.19
C GLU B 34 12.88 16.67 6.78
N PRO B 35 13.16 17.16 5.55
CA PRO B 35 12.81 18.49 5.10
C PRO B 35 11.28 18.59 4.88
N LEU B 36 10.65 17.39 4.56
CA LEU B 36 9.19 17.50 4.42
C LEU B 36 8.54 17.76 5.75
N HIS B 37 8.95 16.98 6.77
CA HIS B 37 8.42 17.27 8.06
C HIS B 37 8.79 18.71 8.55
N ALA B 38 9.96 19.11 8.24
CA ALA B 38 10.41 20.48 8.78
C ALA B 38 9.55 21.54 8.14
N MET B 39 9.18 21.39 6.88
CA MET B 39 8.12 22.35 6.42
C MET B 39 6.83 22.29 7.14
N MET B 40 6.20 21.17 7.48
CA MET B 40 5.00 21.16 8.31
C MET B 40 5.30 21.87 9.63
N GLU B 41 6.46 21.56 10.24
CA GLU B 41 6.80 22.24 11.49
C GLU B 41 6.73 23.76 11.39
N ARG B 42 7.17 24.30 10.29
CA ARG B 42 7.10 25.77 10.17
C ARG B 42 5.66 26.24 10.14
N GLY B 43 4.69 25.52 9.60
CA GLY B 43 3.29 25.93 9.63
C GLY B 43 2.76 26.31 8.26
N PRO B 44 1.45 26.18 7.97
CA PRO B 44 0.91 26.50 6.70
C PRO B 44 0.89 28.01 6.46
N GLN B 45 1.16 28.50 5.29
CA GLN B 45 1.05 29.91 4.96
C GLN B 45 0.10 30.26 3.79
N THR B 46 -0.54 29.21 3.21
CA THR B 46 -1.60 29.44 2.24
C THR B 46 -2.89 28.69 2.65
N LEU B 47 -4.00 29.10 2.05
CA LEU B 47 -5.27 28.32 2.34
C LEU B 47 -5.07 26.81 1.95
N LYS B 48 -4.49 26.50 0.81
CA LYS B 48 -4.22 25.17 0.31
C LYS B 48 -3.21 24.44 1.22
N GLU B 49 -2.32 25.14 1.81
CA GLU B 49 -1.36 24.52 2.75
C GLU B 49 -2.14 24.17 4.02
N THR B 50 -3.07 25.13 4.37
CA THR B 50 -3.79 24.97 5.65
C THR B 50 -4.75 23.73 5.56
N SER B 51 -5.38 23.63 4.42
CA SER B 51 -6.39 22.49 4.35
C SER B 51 -5.58 21.18 4.24
N PHE B 52 -4.41 21.14 3.56
CA PHE B 52 -3.59 19.94 3.57
C PHE B 52 -3.14 19.62 5.01
N ASN B 53 -2.73 20.65 5.75
CA ASN B 53 -2.34 20.41 7.15
C ASN B 53 -3.51 19.97 8.00
N GLN B 54 -4.70 20.56 7.84
CA GLN B 54 -5.90 20.03 8.53
C GLN B 54 -6.21 18.48 8.25
N ALA B 55 -6.10 18.09 6.98
CA ALA B 55 -6.45 16.69 6.69
C ALA B 55 -5.34 15.71 7.05
N TYR B 56 -4.07 16.06 6.80
CA TYR B 56 -2.99 15.06 6.95
C TYR B 56 -2.00 15.46 8.05
N GLY B 57 -2.15 16.55 8.77
CA GLY B 57 -1.01 17.03 9.61
C GLY B 57 -0.76 15.99 10.75
N ARG B 58 -1.89 15.65 11.41
CA ARG B 58 -1.76 14.73 12.55
C ARG B 58 -1.20 13.37 12.13
N ASP B 59 -1.66 12.76 11.01
CA ASP B 59 -1.08 11.47 10.59
C ASP B 59 0.42 11.63 10.33
N LEU B 60 0.79 12.74 9.64
CA LEU B 60 2.21 12.86 9.32
C LEU B 60 3.04 13.09 10.56
N MET B 61 2.52 13.85 11.54
CA MET B 61 3.21 14.04 12.81
C MET B 61 3.34 12.66 13.52
N GLU B 62 2.31 11.87 13.58
CA GLU B 62 2.40 10.48 14.10
C GLU B 62 3.39 9.61 13.34
N ALA B 63 3.46 9.68 12.01
CA ALA B 63 4.47 8.88 11.26
C ALA B 63 5.86 9.34 11.72
N GLN B 64 6.10 10.69 11.82
CA GLN B 64 7.34 11.13 12.40
C GLN B 64 7.59 10.64 13.84
N GLU B 65 6.59 10.56 14.77
CA GLU B 65 6.91 10.02 16.08
C GLU B 65 7.37 8.54 15.95
N TRP B 66 6.72 7.74 15.11
CA TRP B 66 7.22 6.36 14.94
C TRP B 66 8.66 6.34 14.42
N CYS B 67 8.90 7.20 13.36
CA CYS B 67 10.32 7.19 12.90
C CYS B 67 11.28 7.54 14.06
N ARG B 68 10.94 8.59 14.84
CA ARG B 68 11.79 8.96 15.95
C ARG B 68 11.85 7.79 16.96
N LYS B 69 10.77 6.98 17.11
CA LYS B 69 10.88 5.84 17.98
C LYS B 69 11.95 4.83 17.56
N TYR B 70 11.97 4.62 16.27
CA TYR B 70 12.94 3.76 15.63
C TYR B 70 14.43 4.25 15.81
N MET B 71 14.54 5.56 15.72
CA MET B 71 15.89 6.14 15.89
C MET B 71 16.43 5.68 17.21
N LYS B 72 15.62 5.68 18.22
CA LYS B 72 16.10 5.37 19.55
C LYS B 72 16.00 3.84 19.77
N SER B 73 15.01 3.13 19.35
CA SER B 73 14.87 1.70 19.57
C SER B 73 15.74 0.82 18.69
N GLY B 74 16.05 1.09 17.45
CA GLY B 74 16.69 0.14 16.49
C GLY B 74 15.71 -0.98 16.05
N ASN B 75 14.42 -0.81 16.28
CA ASN B 75 13.52 -1.96 15.92
C ASN B 75 12.78 -1.63 14.61
N VAL B 76 12.99 -2.23 13.47
CA VAL B 76 12.37 -1.98 12.21
C VAL B 76 10.87 -2.00 12.22
N LYS B 77 10.15 -2.68 13.11
CA LYS B 77 8.74 -2.62 13.32
C LYS B 77 8.22 -1.22 13.66
N ASP B 78 9.10 -0.43 14.36
CA ASP B 78 8.67 0.94 14.57
C ASP B 78 8.66 1.72 13.22
N LEU B 79 9.62 1.47 12.32
CA LEU B 79 9.57 2.17 11.04
C LEU B 79 8.48 1.64 10.17
N THR B 80 8.15 0.33 10.38
CA THR B 80 7.01 -0.08 9.42
C THR B 80 5.85 0.73 9.82
N GLN B 81 5.63 0.91 11.17
CA GLN B 81 4.34 1.58 11.64
C GLN B 81 4.23 3.02 11.03
N ALA B 82 5.48 3.53 10.92
CA ALA B 82 5.47 4.91 10.23
C ALA B 82 5.04 4.78 8.78
N TRP B 83 5.45 3.64 8.06
CA TRP B 83 5.06 3.55 6.65
C TRP B 83 3.59 3.26 6.50
N ASP B 84 2.89 2.69 7.51
CA ASP B 84 1.44 2.46 7.34
C ASP B 84 0.73 3.84 7.31
N LEU B 85 1.15 4.76 8.14
CA LEU B 85 0.57 6.11 8.18
C LEU B 85 1.04 6.89 6.95
N TYR B 86 2.29 6.68 6.52
CA TYR B 86 2.66 7.40 5.29
C TYR B 86 1.83 6.92 4.09
N TYR B 87 1.60 5.63 3.99
CA TYR B 87 0.91 5.06 2.80
C TYR B 87 -0.54 5.55 2.87
N HIS B 88 -1.17 5.55 4.08
CA HIS B 88 -2.59 6.06 4.14
C HIS B 88 -2.60 7.54 3.60
N VAL B 89 -1.67 8.38 4.07
CA VAL B 89 -1.59 9.71 3.47
C VAL B 89 -1.42 9.67 1.96
N PHE B 90 -0.46 8.86 1.47
CA PHE B 90 -0.15 8.82 0.06
C PHE B 90 -1.34 8.43 -0.80
N ARG B 91 -2.11 7.39 -0.32
CA ARG B 91 -3.27 6.97 -0.99
C ARG B 91 -4.32 8.11 -0.96
N ARG B 92 -4.48 8.77 0.14
CA ARG B 92 -5.52 9.86 0.21
C ARG B 92 -5.16 10.99 -0.74
N ILE B 93 -3.90 11.35 -0.82
CA ILE B 93 -3.42 12.39 -1.74
C ILE B 93 -3.60 11.97 -3.19
N SER B 94 -3.59 10.67 -3.47
CA SER B 94 -3.60 10.13 -4.79
C SER B 94 -5.02 10.09 -5.38
TB TB C . -1.38 -35.23 -5.73
TB TB D . -6.42 -35.44 -6.97
N GLY A 1 2.21 -20.15 -10.18
CA GLY A 1 1.30 -19.23 -10.80
C GLY A 1 0.28 -18.76 -9.77
N VAL A 2 -0.93 -18.51 -10.25
CA VAL A 2 -2.07 -18.12 -9.43
C VAL A 2 -3.24 -19.00 -9.86
N GLN A 3 -3.87 -19.62 -8.88
CA GLN A 3 -5.06 -20.42 -9.13
C GLN A 3 -6.25 -19.58 -8.67
N VAL A 4 -7.34 -19.44 -9.42
CA VAL A 4 -8.49 -18.62 -9.03
C VAL A 4 -9.63 -19.62 -8.83
N GLU A 5 -10.16 -19.76 -7.63
CA GLU A 5 -11.30 -20.63 -7.37
C GLU A 5 -12.48 -19.77 -6.93
N THR A 6 -13.67 -19.84 -7.55
CA THR A 6 -14.79 -18.97 -7.24
C THR A 6 -15.47 -19.21 -5.90
N ILE A 7 -15.65 -18.18 -5.08
CA ILE A 7 -16.50 -18.29 -3.90
C ILE A 7 -17.92 -17.88 -4.28
N SER A 8 -18.14 -16.81 -5.05
CA SER A 8 -19.45 -16.37 -5.52
C SER A 8 -19.22 -15.79 -6.92
N PRO A 9 -20.04 -16.10 -7.90
CA PRO A 9 -19.87 -15.65 -9.26
C PRO A 9 -20.09 -14.16 -9.46
N GLY A 10 -19.32 -13.58 -10.37
CA GLY A 10 -19.56 -12.22 -10.79
C GLY A 10 -20.56 -12.23 -11.93
N ASP A 11 -20.61 -11.15 -12.68
CA ASP A 11 -21.56 -11.10 -13.78
C ASP A 11 -21.12 -11.85 -15.04
N GLY A 12 -19.87 -12.32 -15.09
CA GLY A 12 -19.36 -13.06 -16.24
C GLY A 12 -19.22 -12.25 -17.51
N ARG A 13 -19.25 -10.93 -17.45
CA ARG A 13 -19.24 -10.08 -18.62
C ARG A 13 -18.29 -8.92 -18.48
N THR A 14 -18.26 -8.27 -17.31
CA THR A 14 -17.45 -7.09 -17.04
C THR A 14 -16.16 -7.43 -16.33
N PHE A 15 -15.09 -7.40 -17.11
CA PHE A 15 -13.77 -7.77 -16.63
C PHE A 15 -12.90 -6.54 -16.63
N PRO A 16 -11.91 -6.36 -15.74
CA PRO A 16 -11.03 -5.20 -15.74
C PRO A 16 -10.23 -5.11 -17.03
N LYS A 17 -9.98 -3.88 -17.44
CA LYS A 17 -9.08 -3.56 -18.53
C LYS A 17 -7.82 -2.99 -17.85
N ARG A 18 -6.69 -3.14 -18.54
CA ARG A 18 -5.43 -2.52 -18.17
C ARG A 18 -5.66 -1.02 -18.05
N GLY A 19 -5.17 -0.47 -16.95
CA GLY A 19 -5.33 0.95 -16.71
C GLY A 19 -6.60 1.26 -15.92
N GLN A 20 -7.56 0.34 -15.77
CA GLN A 20 -8.70 0.64 -14.92
C GLN A 20 -8.33 0.46 -13.47
N THR A 21 -9.03 1.21 -12.63
CA THR A 21 -8.97 1.06 -11.19
C THR A 21 -9.93 -0.03 -10.76
N CYS A 22 -9.39 -1.06 -10.13
CA CYS A 22 -10.23 -2.10 -9.53
C CYS A 22 -10.45 -1.74 -8.07
N VAL A 23 -11.70 -1.87 -7.62
CA VAL A 23 -12.06 -1.61 -6.22
C VAL A 23 -12.41 -2.97 -5.61
N VAL A 24 -11.67 -3.41 -4.60
CA VAL A 24 -11.79 -4.77 -4.06
C VAL A 24 -11.87 -4.79 -2.55
N HIS A 25 -12.43 -5.85 -1.97
CA HIS A 25 -12.14 -6.17 -0.58
C HIS A 25 -11.29 -7.41 -0.55
N TYR A 26 -10.35 -7.50 0.39
CA TYR A 26 -9.50 -8.67 0.50
C TYR A 26 -9.19 -9.03 1.95
N THR A 27 -8.89 -10.32 2.14
CA THR A 27 -8.28 -10.90 3.33
C THR A 27 -7.10 -11.72 2.79
N GLY A 28 -5.93 -11.56 3.39
CA GLY A 28 -4.76 -12.33 3.00
C GLY A 28 -4.27 -13.18 4.17
N MET A 29 -3.82 -14.39 3.86
CA MET A 29 -3.21 -15.26 4.85
C MET A 29 -2.12 -16.09 4.18
N LEU A 30 -1.19 -16.57 5.02
CA LEU A 30 -0.16 -17.49 4.56
C LEU A 30 -0.83 -18.87 4.37
N GLU A 31 -0.46 -19.67 3.36
CA GLU A 31 -1.08 -20.97 3.13
C GLU A 31 -0.96 -21.82 4.38
N ASP A 32 -2.12 -22.22 4.91
CA ASP A 32 -2.24 -22.90 6.20
C ASP A 32 -1.50 -22.25 7.36
N GLY A 33 -1.70 -20.93 7.39
CA GLY A 33 -1.02 -20.10 8.36
C GLY A 33 -1.88 -18.90 8.72
N LYS A 34 -1.13 -17.88 9.15
CA LYS A 34 -1.66 -16.70 9.79
C LYS A 34 -2.35 -15.79 8.78
N LYS A 35 -3.53 -15.26 9.10
CA LYS A 35 -4.05 -14.08 8.42
C LYS A 35 -3.15 -12.90 8.76
N PHE A 36 -2.72 -12.19 7.72
CA PHE A 36 -1.82 -11.08 7.93
C PHE A 36 -2.48 -9.76 7.56
N ASP A 37 -3.58 -9.71 6.78
CA ASP A 37 -4.21 -8.44 6.42
C ASP A 37 -5.64 -8.59 5.92
N SER A 38 -6.51 -7.59 6.10
CA SER A 38 -7.83 -7.61 5.55
C SER A 38 -8.28 -6.17 5.43
N SER A 39 -8.75 -5.77 4.25
CA SER A 39 -9.33 -4.47 4.11
C SER A 39 -10.71 -4.40 4.77
N ARG A 40 -11.35 -5.55 5.00
CA ARG A 40 -12.68 -5.58 5.58
C ARG A 40 -12.68 -5.04 6.99
N ASP A 41 -11.65 -5.41 7.78
CA ASP A 41 -11.40 -4.90 9.14
C ASP A 41 -11.41 -3.38 9.21
N ARG A 42 -10.78 -2.85 8.17
CA ARG A 42 -10.55 -1.43 8.05
C ARG A 42 -11.76 -0.68 7.54
N ASN A 43 -12.79 -1.43 7.11
CA ASN A 43 -14.02 -0.88 6.57
C ASN A 43 -13.77 -0.03 5.32
N LYS A 44 -12.57 -0.09 4.71
CA LYS A 44 -12.24 0.71 3.54
C LYS A 44 -11.77 -0.25 2.43
N PRO A 45 -12.32 -0.17 1.19
CA PRO A 45 -11.91 -1.00 0.08
C PRO A 45 -10.58 -0.48 -0.41
N PHE A 46 -9.84 -1.44 -0.98
CA PHE A 46 -8.53 -1.21 -1.53
C PHE A 46 -8.72 -0.95 -3.01
N LYS A 47 -7.97 0.00 -3.57
CA LYS A 47 -8.06 0.29 -4.98
C LYS A 47 -6.65 0.21 -5.53
N PHE A 48 -6.54 -0.34 -6.72
CA PHE A 48 -5.28 -0.34 -7.43
C PHE A 48 -5.57 -0.28 -8.93
N MET A 49 -4.58 0.16 -9.69
CA MET A 49 -4.74 0.27 -11.12
C MET A 49 -4.10 -0.95 -11.77
N LEU A 50 -4.92 -1.64 -12.55
CA LEU A 50 -4.51 -2.86 -13.18
C LEU A 50 -3.48 -2.53 -14.23
N GLY A 51 -2.42 -3.33 -14.28
CA GLY A 51 -1.43 -3.22 -15.33
C GLY A 51 -0.27 -2.28 -15.01
N LYS A 52 -0.27 -1.53 -13.90
CA LYS A 52 0.81 -0.59 -13.59
C LYS A 52 1.92 -1.15 -12.72
N GLN A 53 1.94 -2.47 -12.48
CA GLN A 53 2.83 -3.11 -11.52
C GLN A 53 2.85 -2.52 -10.09
N GLU A 54 1.69 -2.06 -9.65
CA GLU A 54 1.53 -1.60 -8.29
C GLU A 54 1.46 -2.75 -7.29
N VAL A 55 0.96 -3.91 -7.74
CA VAL A 55 0.76 -5.04 -6.85
C VAL A 55 1.49 -6.28 -7.38
N ILE A 56 1.59 -7.31 -6.55
CA ILE A 56 2.24 -8.55 -6.93
C ILE A 56 1.61 -9.19 -8.15
N ARG A 57 2.41 -9.98 -8.86
CA ARG A 57 2.01 -10.55 -10.13
C ARG A 57 0.75 -11.40 -10.10
N GLY A 58 0.61 -12.17 -9.02
CA GLY A 58 -0.55 -13.00 -8.81
C GLY A 58 -1.85 -12.23 -8.73
N TRP A 59 -1.80 -10.99 -8.22
CA TRP A 59 -2.96 -10.13 -8.19
C TRP A 59 -3.19 -9.59 -9.58
N GLU A 60 -2.14 -9.16 -10.30
CA GLU A 60 -2.30 -8.65 -11.65
C GLU A 60 -2.95 -9.67 -12.58
N GLU A 61 -2.50 -10.91 -12.52
CA GLU A 61 -3.09 -11.96 -13.32
C GLU A 61 -4.39 -12.52 -12.78
N GLY A 62 -4.49 -12.58 -11.45
CA GLY A 62 -5.66 -13.14 -10.80
C GLY A 62 -6.87 -12.27 -10.99
N VAL A 63 -6.74 -10.97 -10.65
CA VAL A 63 -7.87 -10.06 -10.73
C VAL A 63 -8.31 -9.80 -12.17
N ALA A 64 -7.38 -9.79 -13.14
CA ALA A 64 -7.74 -9.66 -14.53
C ALA A 64 -8.73 -10.69 -15.09
N GLN A 65 -8.82 -11.88 -14.47
CA GLN A 65 -9.77 -12.86 -14.98
C GLN A 65 -11.05 -12.87 -14.16
N MET A 66 -11.25 -11.86 -13.31
CA MET A 66 -12.45 -11.84 -12.50
C MET A 66 -13.39 -10.84 -13.12
N SER A 67 -14.68 -11.11 -13.00
CA SER A 67 -15.67 -10.14 -13.41
C SER A 67 -16.27 -9.38 -12.22
N VAL A 68 -16.92 -8.23 -12.47
CA VAL A 68 -17.48 -7.42 -11.40
C VAL A 68 -18.48 -8.23 -10.61
N GLY A 69 -18.34 -8.22 -9.29
CA GLY A 69 -19.22 -8.92 -8.36
C GLY A 69 -18.65 -10.25 -7.89
N GLN A 70 -17.61 -10.75 -8.56
CA GLN A 70 -17.09 -12.05 -8.24
C GLN A 70 -16.32 -11.99 -6.94
N ARG A 71 -16.41 -13.05 -6.15
CA ARG A 71 -15.55 -13.24 -4.99
C ARG A 71 -14.76 -14.51 -5.26
N ALA A 72 -13.44 -14.51 -5.09
CA ALA A 72 -12.62 -15.67 -5.41
C ALA A 72 -11.48 -15.89 -4.41
N LYS A 73 -11.08 -17.14 -4.26
CA LYS A 73 -9.90 -17.51 -3.51
C LYS A 73 -8.79 -17.56 -4.56
N LEU A 74 -7.74 -16.77 -4.34
CA LEU A 74 -6.55 -16.76 -5.18
C LEU A 74 -5.44 -17.47 -4.43
N THR A 75 -4.86 -18.56 -4.94
CA THR A 75 -3.69 -19.16 -4.31
C THR A 75 -2.47 -18.80 -5.16
N ILE A 76 -1.46 -18.18 -4.57
CA ILE A 76 -0.40 -17.56 -5.32
C ILE A 76 0.92 -18.18 -4.85
N SER A 77 1.66 -18.70 -5.82
CA SER A 77 2.94 -19.32 -5.51
C SER A 77 3.93 -18.24 -5.17
N PRO A 78 5.04 -18.47 -4.45
CA PRO A 78 5.98 -17.45 -4.03
C PRO A 78 6.56 -16.66 -5.18
N ASP A 79 6.81 -17.28 -6.33
CA ASP A 79 7.32 -16.57 -7.48
C ASP A 79 6.32 -15.58 -8.09
N TYR A 80 5.04 -15.67 -7.75
CA TYR A 80 4.05 -14.70 -8.19
C TYR A 80 3.68 -13.73 -7.06
N ALA A 81 4.40 -13.82 -5.94
CA ALA A 81 4.13 -13.07 -4.74
C ALA A 81 5.48 -12.46 -4.32
N TYR A 82 6.09 -12.75 -3.17
CA TYR A 82 7.31 -12.09 -2.72
C TYR A 82 8.56 -12.94 -2.82
N GLY A 83 8.46 -14.16 -3.35
CA GLY A 83 9.64 -14.92 -3.75
C GLY A 83 10.58 -15.30 -2.62
N ALA A 84 11.87 -15.34 -2.92
CA ALA A 84 12.79 -15.86 -1.94
C ALA A 84 13.15 -14.83 -0.89
N THR A 85 12.78 -13.58 -1.09
CA THR A 85 13.12 -12.53 -0.15
C THR A 85 12.01 -12.29 0.86
N GLY A 86 10.75 -12.47 0.43
CA GLY A 86 9.62 -12.21 1.28
C GLY A 86 9.39 -10.70 1.35
N HIS A 87 8.52 -10.30 2.27
CA HIS A 87 8.21 -8.91 2.47
C HIS A 87 8.61 -8.65 3.90
N PRO A 88 9.67 -7.89 4.14
CA PRO A 88 10.31 -7.72 5.45
C PRO A 88 9.35 -7.42 6.59
N GLY A 89 9.47 -8.23 7.62
CA GLY A 89 8.66 -8.08 8.79
C GLY A 89 7.35 -8.83 8.70
N ILE A 90 6.85 -9.19 7.51
CA ILE A 90 5.49 -9.66 7.39
C ILE A 90 5.49 -11.03 6.69
N ILE A 91 6.06 -11.17 5.49
CA ILE A 91 5.91 -12.40 4.71
C ILE A 91 7.30 -13.02 4.66
N PRO A 92 7.49 -14.28 5.08
CA PRO A 92 8.77 -15.01 5.03
C PRO A 92 9.18 -15.35 3.58
N PRO A 93 10.46 -15.69 3.31
CA PRO A 93 10.89 -16.27 2.05
C PRO A 93 10.06 -17.50 1.71
N HIS A 94 9.79 -17.60 0.40
CA HIS A 94 9.16 -18.77 -0.16
C HIS A 94 7.77 -19.02 0.44
N ALA A 95 6.98 -17.99 0.73
CA ALA A 95 5.63 -18.24 1.20
C ALA A 95 4.60 -18.27 0.07
N THR A 96 3.72 -19.29 0.11
CA THR A 96 2.52 -19.36 -0.71
C THR A 96 1.42 -18.51 -0.01
N LEU A 97 0.72 -17.65 -0.76
CA LEU A 97 -0.25 -16.73 -0.19
C LEU A 97 -1.62 -17.12 -0.68
N VAL A 98 -2.60 -17.05 0.20
CA VAL A 98 -3.97 -17.19 -0.23
C VAL A 98 -4.73 -15.91 0.11
N PHE A 99 -5.41 -15.37 -0.90
CA PHE A 99 -6.23 -14.18 -0.74
C PHE A 99 -7.69 -14.49 -1.06
N ASP A 100 -8.58 -13.94 -0.27
CA ASP A 100 -10.00 -13.88 -0.60
C ASP A 100 -10.24 -12.48 -1.19
N VAL A 101 -10.63 -12.34 -2.45
CA VAL A 101 -10.73 -11.08 -3.13
C VAL A 101 -12.13 -10.98 -3.71
N GLU A 102 -12.77 -9.85 -3.45
CA GLU A 102 -14.08 -9.57 -4.00
C GLU A 102 -13.98 -8.35 -4.88
N LEU A 103 -14.27 -8.46 -6.18
CA LEU A 103 -14.17 -7.33 -7.09
C LEU A 103 -15.49 -6.55 -7.05
N LEU A 104 -15.42 -5.44 -6.32
CA LEU A 104 -16.59 -4.61 -6.08
C LEU A 104 -17.04 -3.77 -7.29
N LYS A 105 -16.11 -3.10 -7.96
CA LYS A 105 -16.43 -2.00 -8.88
C LYS A 105 -15.17 -1.69 -9.66
N LEU A 106 -15.36 -1.15 -10.85
CA LEU A 106 -14.27 -0.64 -11.66
C LEU A 106 -14.49 0.87 -11.79
N GLU A 107 -13.42 1.64 -11.74
CA GLU A 107 -13.43 3.07 -12.02
C GLU A 107 -12.33 3.37 -13.05
N VAL B 1 10.88 28.63 -6.36
CA VAL B 1 10.16 27.26 -6.18
C VAL B 1 8.80 27.31 -5.49
N ALA B 2 7.83 27.00 -6.27
CA ALA B 2 6.38 27.10 -5.94
C ALA B 2 5.90 25.61 -6.08
N ILE B 3 5.50 25.03 -4.91
CA ILE B 3 4.92 23.69 -5.17
C ILE B 3 3.88 23.34 -4.09
N LEU B 4 2.78 22.70 -4.47
CA LEU B 4 1.77 22.54 -3.43
C LEU B 4 2.23 21.45 -2.44
N TRP B 5 1.75 21.55 -1.18
CA TRP B 5 2.22 20.59 -0.19
C TRP B 5 1.70 19.18 -0.59
N HIS B 6 0.61 18.99 -1.24
CA HIS B 6 0.05 17.79 -1.78
C HIS B 6 1.09 17.12 -2.71
N GLU B 7 1.72 17.96 -3.60
CA GLU B 7 2.66 17.44 -4.59
C GLU B 7 3.96 17.03 -3.90
N MET B 8 4.32 17.93 -2.94
CA MET B 8 5.81 17.71 -2.46
C MET B 8 5.72 16.38 -1.65
N TRP B 9 4.64 16.18 -0.84
CA TRP B 9 4.52 14.90 -0.13
C TRP B 9 4.31 13.67 -1.03
N HIS B 10 3.53 13.77 -2.16
CA HIS B 10 3.28 12.58 -2.96
C HIS B 10 4.61 12.14 -3.54
N GLU B 11 5.37 13.11 -4.10
CA GLU B 11 6.64 12.78 -4.66
C GLU B 11 7.67 12.34 -3.64
N GLY B 12 7.72 13.00 -2.48
CA GLY B 12 8.66 12.70 -1.44
C GLY B 12 8.44 11.29 -0.82
N LEU B 13 7.17 10.90 -0.54
CA LEU B 13 6.84 9.56 0.03
C LEU B 13 7.22 8.51 -0.97
N GLU B 14 6.95 8.64 -2.23
CA GLU B 14 7.24 7.77 -3.31
C GLU B 14 8.74 7.53 -3.37
N GLU B 15 9.55 8.64 -3.29
CA GLU B 15 10.96 8.55 -3.41
C GLU B 15 11.57 7.90 -2.12
N ALA B 16 11.10 8.30 -0.97
CA ALA B 16 11.61 7.80 0.30
C ALA B 16 11.27 6.27 0.38
N SER B 17 10.03 5.91 0.04
CA SER B 17 9.75 4.45 -0.01
C SER B 17 10.59 3.66 -0.96
N ARG B 18 10.93 4.28 -2.16
CA ARG B 18 11.87 3.56 -3.05
C ARG B 18 13.21 3.33 -2.48
N LEU B 19 13.82 4.34 -1.84
CA LEU B 19 15.09 4.19 -1.18
C LEU B 19 15.10 3.17 -0.07
N TYR B 20 13.99 3.14 0.74
CA TYR B 20 13.94 2.31 1.90
C TYR B 20 13.55 0.84 1.41
N PHE B 21 12.42 0.67 0.82
CA PHE B 21 11.95 -0.73 0.46
C PHE B 21 12.65 -1.36 -0.72
N GLY B 22 12.97 -0.58 -1.75
CA GLY B 22 13.60 -1.00 -2.94
C GLY B 22 15.12 -1.09 -2.70
N GLU B 23 15.72 0.00 -2.19
CA GLU B 23 17.18 0.02 -2.05
C GLU B 23 17.79 -0.39 -0.72
N ARG B 24 16.95 -0.63 0.29
CA ARG B 24 17.38 -0.86 1.65
C ARG B 24 18.24 0.33 2.15
N ASN B 25 17.96 1.55 1.68
CA ASN B 25 18.76 2.67 2.12
C ASN B 25 17.99 3.56 3.10
N VAL B 26 18.12 3.35 4.42
CA VAL B 26 17.40 4.03 5.45
C VAL B 26 17.97 5.46 5.53
N LYS B 27 19.33 5.58 5.45
CA LYS B 27 19.85 6.98 5.49
C LYS B 27 19.20 7.87 4.44
N GLY B 28 19.02 7.38 3.24
CA GLY B 28 18.53 8.16 2.07
C GLY B 28 17.01 8.47 2.31
N MET B 29 16.24 7.46 2.82
CA MET B 29 14.86 7.69 3.24
C MET B 29 14.65 8.76 4.25
N PHE B 30 15.52 8.88 5.26
CA PHE B 30 15.47 10.01 6.23
C PHE B 30 15.79 11.35 5.57
N GLU B 31 16.90 11.27 4.72
CA GLU B 31 17.30 12.47 4.11
C GLU B 31 16.11 13.10 3.33
N VAL B 32 15.36 12.27 2.66
CA VAL B 32 14.18 12.73 1.95
C VAL B 32 13.08 13.23 2.87
N LEU B 33 12.69 12.50 3.92
CA LEU B 33 11.55 12.80 4.76
C LEU B 33 11.86 13.96 5.73
N GLU B 34 13.12 14.20 6.13
CA GLU B 34 13.31 15.26 7.19
C GLU B 34 12.89 16.68 6.79
N PRO B 35 13.17 17.17 5.56
CA PRO B 35 12.82 18.49 5.12
C PRO B 35 11.30 18.60 4.90
N LEU B 36 10.65 17.40 4.57
CA LEU B 36 9.21 17.51 4.43
C LEU B 36 8.55 17.77 5.76
N HIS B 37 8.96 17.00 6.78
CA HIS B 37 8.42 17.28 8.08
C HIS B 37 8.80 18.72 8.55
N ALA B 38 9.98 19.11 8.25
CA ALA B 38 10.43 20.48 8.79
C ALA B 38 9.57 21.55 8.16
N MET B 39 9.19 21.39 6.90
CA MET B 39 8.13 22.36 6.44
C MET B 39 6.84 22.29 7.16
N MET B 40 6.21 21.17 7.49
CA MET B 40 5.02 21.18 8.32
C MET B 40 5.32 21.89 9.63
N GLU B 41 6.48 21.57 10.25
CA GLU B 41 6.81 22.24 11.50
C GLU B 41 6.74 23.77 11.40
N ARG B 42 7.20 24.31 10.31
CA ARG B 42 7.12 25.78 10.19
C ARG B 42 5.68 26.25 10.16
N GLY B 43 4.71 25.52 9.61
CA GLY B 43 3.31 25.94 9.65
C GLY B 43 2.78 26.32 8.28
N PRO B 44 1.47 26.20 7.99
CA PRO B 44 0.92 26.53 6.72
C PRO B 44 0.91 28.02 6.47
N GLN B 45 1.18 28.53 5.31
CA GLN B 45 1.08 29.94 4.98
C GLN B 45 0.14 30.28 3.81
N THR B 46 -0.52 29.23 3.22
CA THR B 46 -1.58 29.46 2.27
C THR B 46 -2.86 28.73 2.66
N LEU B 47 -3.98 29.12 2.08
CA LEU B 47 -5.25 28.36 2.37
C LEU B 47 -5.05 26.85 1.97
N LYS B 48 -4.46 26.53 0.83
CA LYS B 48 -4.19 25.19 0.33
C LYS B 48 -3.19 24.46 1.23
N GLU B 49 -2.30 25.17 1.82
CA GLU B 49 -1.34 24.55 2.76
C GLU B 49 -2.12 24.20 4.04
N THR B 50 -3.04 25.17 4.39
CA THR B 50 -3.77 24.99 5.67
C THR B 50 -4.73 23.76 5.58
N SER B 51 -5.36 23.66 4.43
CA SER B 51 -6.37 22.53 4.36
C SER B 51 -5.56 21.21 4.25
N PHE B 52 -4.39 21.18 3.57
CA PHE B 52 -3.57 19.96 3.57
C PHE B 52 -3.14 19.65 5.01
N ASN B 53 -2.71 20.67 5.76
CA ASN B 53 -2.33 20.43 7.16
C ASN B 53 -3.50 19.99 8.01
N GLN B 54 -4.69 20.59 7.85
CA GLN B 54 -5.88 20.06 8.54
C GLN B 54 -6.20 18.50 8.26
N ALA B 55 -6.09 18.12 6.99
CA ALA B 55 -6.44 16.72 6.68
C ALA B 55 -5.33 15.73 7.05
N TYR B 56 -4.06 16.08 6.81
CA TYR B 56 -2.99 15.09 6.96
C TYR B 56 -2.00 15.48 8.05
N GLY B 57 -2.14 16.57 8.77
CA GLY B 57 -1.00 17.05 9.62
C GLY B 57 -0.75 16.00 10.75
N ARG B 58 -1.89 15.67 11.42
CA ARG B 58 -1.76 14.74 12.55
C ARG B 58 -1.19 13.38 12.12
N ASP B 59 -1.66 12.78 11.02
CA ASP B 59 -1.07 11.49 10.59
C ASP B 59 0.42 11.64 10.33
N LEU B 60 0.80 12.75 9.64
CA LEU B 60 2.22 12.88 9.31
C LEU B 60 3.05 13.10 10.58
N MET B 61 2.52 13.87 11.54
CA MET B 61 3.21 14.05 12.82
C MET B 61 3.34 12.66 13.52
N GLU B 62 2.30 11.88 13.59
CA GLU B 62 2.39 10.49 14.11
C GLU B 62 3.40 9.62 13.34
N ALA B 63 3.46 9.69 12.00
CA ALA B 63 4.47 8.89 11.26
C ALA B 63 5.87 9.35 11.72
N GLN B 64 6.10 10.70 11.83
CA GLN B 64 7.34 11.14 12.41
C GLN B 64 7.58 10.64 13.84
N GLU B 65 6.59 10.56 14.77
CA GLU B 65 6.90 10.02 16.07
C GLU B 65 7.37 8.54 15.95
N TRP B 66 6.71 7.74 15.12
CA TRP B 66 7.21 6.37 14.94
C TRP B 66 8.65 6.34 14.42
N CYS B 67 8.89 7.20 13.37
CA CYS B 67 10.32 7.20 12.90
C CYS B 67 11.28 7.53 14.06
N ARG B 68 10.94 8.59 14.85
CA ARG B 68 11.78 8.96 15.96
C ARG B 68 11.84 7.78 16.97
N LYS B 69 10.77 6.97 17.12
CA LYS B 69 10.86 5.84 17.99
C LYS B 69 11.93 4.83 17.56
N TYR B 70 11.96 4.61 16.27
CA TYR B 70 12.92 3.76 15.63
C TYR B 70 14.41 4.23 15.81
N MET B 71 14.53 5.56 15.72
CA MET B 71 15.89 6.13 15.89
C MET B 71 16.42 5.66 17.21
N LYS B 72 15.60 5.66 18.22
CA LYS B 72 16.09 5.35 19.54
C LYS B 72 15.99 3.82 19.77
N SER B 73 15.00 3.12 19.35
CA SER B 73 14.86 1.68 19.57
C SER B 73 15.72 0.80 18.69
N GLY B 74 16.03 1.08 17.44
CA GLY B 74 16.68 0.12 16.49
C GLY B 74 15.69 -0.98 16.05
N ASN B 75 14.41 -0.83 16.28
CA ASN B 75 13.50 -1.96 15.91
C ASN B 75 12.76 -1.64 14.60
N VAL B 76 12.97 -2.24 13.46
CA VAL B 76 12.36 -1.99 12.20
C VAL B 76 10.86 -1.99 12.21
N LYS B 77 10.13 -2.68 13.10
CA LYS B 77 8.72 -2.62 13.31
C LYS B 77 8.20 -1.22 13.65
N ASP B 78 9.08 -0.44 14.35
CA ASP B 78 8.64 0.94 14.57
C ASP B 78 8.64 1.72 13.21
N LEU B 79 9.60 1.47 12.31
CA LEU B 79 9.55 2.17 11.03
C LEU B 79 8.47 1.64 10.16
N THR B 80 8.14 0.33 10.37
CA THR B 80 6.99 -0.08 9.41
C THR B 80 5.83 0.74 9.81
N GLN B 81 5.62 0.93 11.16
CA GLN B 81 4.33 1.60 11.63
C GLN B 81 4.23 3.03 11.03
N ALA B 82 5.46 3.55 10.92
CA ALA B 82 5.46 4.92 10.22
C ALA B 82 5.02 4.80 8.77
N TRP B 83 5.44 3.66 8.05
CA TRP B 83 5.05 3.56 6.65
C TRP B 83 3.59 3.27 6.50
N ASP B 84 2.88 2.71 7.50
CA ASP B 84 1.43 2.48 7.34
C ASP B 84 0.71 3.85 7.31
N LEU B 85 1.13 4.77 8.14
CA LEU B 85 0.56 6.13 8.18
C LEU B 85 1.03 6.91 6.95
N TYR B 86 2.29 6.70 6.51
CA TYR B 86 2.66 7.42 5.28
C TYR B 86 1.83 6.94 4.08
N TYR B 87 1.60 5.64 3.98
CA TYR B 87 0.90 5.08 2.79
C TYR B 87 -0.54 5.58 2.86
N HIS B 88 -1.17 5.59 4.08
CA HIS B 88 -2.60 6.09 4.13
C HIS B 88 -2.60 7.58 3.60
N VAL B 89 -1.67 8.41 4.06
CA VAL B 89 -1.59 9.74 3.46
C VAL B 89 -1.42 9.70 1.96
N PHE B 90 -0.45 8.88 1.48
CA PHE B 90 -0.15 8.85 0.06
C PHE B 90 -1.34 8.46 -0.80
N ARG B 91 -2.10 7.42 -0.33
CA ARG B 91 -3.27 7.01 -0.99
C ARG B 91 -4.32 8.15 -0.97
N ARG B 92 -4.48 8.82 0.14
CA ARG B 92 -5.52 9.89 0.21
C ARG B 92 -5.16 11.02 -0.73
N ILE B 93 -3.89 11.38 -0.82
CA ILE B 93 -3.40 12.43 -1.74
C ILE B 93 -3.61 12.00 -3.19
N SER B 94 -3.58 10.71 -3.48
CA SER B 94 -3.60 10.17 -4.79
C SER B 94 -5.02 10.13 -5.38
TB TB C . -1.37 -35.24 -5.73
TB TB D . -6.42 -35.45 -6.95
N GLY A 1 2.21 -20.16 -10.17
CA GLY A 1 1.29 -19.24 -10.80
C GLY A 1 0.27 -18.77 -9.76
N VAL A 2 -0.94 -18.51 -10.25
CA VAL A 2 -2.08 -18.12 -9.43
C VAL A 2 -3.25 -19.00 -9.87
N GLN A 3 -3.88 -19.61 -8.88
CA GLN A 3 -5.07 -20.42 -9.14
C GLN A 3 -6.26 -19.57 -8.68
N VAL A 4 -7.35 -19.42 -9.42
CA VAL A 4 -8.50 -18.61 -9.03
C VAL A 4 -9.65 -19.60 -8.84
N GLU A 5 -10.17 -19.75 -7.63
CA GLU A 5 -11.30 -20.62 -7.37
C GLU A 5 -12.50 -19.76 -6.94
N THR A 6 -13.67 -19.83 -7.55
CA THR A 6 -14.80 -18.95 -7.24
C THR A 6 -15.48 -19.20 -5.91
N ILE A 7 -15.67 -18.16 -5.08
CA ILE A 7 -16.51 -18.27 -3.90
C ILE A 7 -17.93 -17.86 -4.29
N SER A 8 -18.14 -16.79 -5.06
CA SER A 8 -19.46 -16.34 -5.53
C SER A 8 -19.22 -15.77 -6.93
N PRO A 9 -20.05 -16.08 -7.90
CA PRO A 9 -19.88 -15.63 -9.26
C PRO A 9 -20.10 -14.13 -9.46
N GLY A 10 -19.32 -13.56 -10.36
CA GLY A 10 -19.56 -12.20 -10.80
C GLY A 10 -20.55 -12.21 -11.93
N ASP A 11 -20.61 -11.13 -12.68
CA ASP A 11 -21.55 -11.07 -13.79
C ASP A 11 -21.12 -11.82 -15.04
N GLY A 12 -19.87 -12.29 -15.10
CA GLY A 12 -19.35 -13.04 -16.23
C GLY A 12 -19.21 -12.22 -17.52
N ARG A 13 -19.24 -10.90 -17.45
CA ARG A 13 -19.24 -10.05 -18.62
C ARG A 13 -18.28 -8.89 -18.48
N THR A 14 -18.25 -8.25 -17.31
CA THR A 14 -17.44 -7.07 -17.04
C THR A 14 -16.15 -7.40 -16.34
N PHE A 15 -15.08 -7.37 -17.11
CA PHE A 15 -13.76 -7.76 -16.63
C PHE A 15 -12.88 -6.52 -16.63
N PRO A 16 -11.90 -6.34 -15.74
CA PRO A 16 -11.01 -5.18 -15.74
C PRO A 16 -10.21 -5.10 -17.03
N LYS A 17 -9.97 -3.87 -17.44
CA LYS A 17 -9.06 -3.55 -18.52
C LYS A 17 -7.80 -2.98 -17.85
N ARG A 18 -6.66 -3.13 -18.53
CA ARG A 18 -5.41 -2.50 -18.16
C ARG A 18 -5.65 -1.01 -18.05
N GLY A 19 -5.15 -0.46 -16.96
CA GLY A 19 -5.32 0.95 -16.71
C GLY A 19 -6.58 1.26 -15.91
N GLN A 20 -7.54 0.36 -15.76
CA GLN A 20 -8.68 0.66 -14.92
C GLN A 20 -8.31 0.46 -13.47
N THR A 21 -9.00 1.22 -12.62
CA THR A 21 -8.95 1.07 -11.19
C THR A 21 -9.92 -0.03 -10.77
N CYS A 22 -9.39 -1.05 -10.13
CA CYS A 22 -10.22 -2.09 -9.53
C CYS A 22 -10.43 -1.72 -8.07
N VAL A 23 -11.69 -1.85 -7.62
CA VAL A 23 -12.05 -1.59 -6.22
C VAL A 23 -12.40 -2.95 -5.61
N VAL A 24 -11.66 -3.39 -4.59
CA VAL A 24 -11.78 -4.75 -4.07
C VAL A 24 -11.87 -4.78 -2.55
N HIS A 25 -12.42 -5.83 -1.97
CA HIS A 25 -12.14 -6.16 -0.58
C HIS A 25 -11.28 -7.40 -0.55
N TYR A 26 -10.34 -7.49 0.39
CA TYR A 26 -9.51 -8.67 0.51
C TYR A 26 -9.20 -9.02 1.95
N THR A 27 -8.89 -10.31 2.14
CA THR A 27 -8.28 -10.89 3.34
C THR A 27 -7.11 -11.70 2.80
N GLY A 28 -5.93 -11.56 3.39
CA GLY A 28 -4.76 -12.31 3.01
C GLY A 28 -4.28 -13.18 4.17
N MET A 29 -3.83 -14.39 3.87
CA MET A 29 -3.23 -15.27 4.85
C MET A 29 -2.13 -16.09 4.19
N LEU A 30 -1.20 -16.58 5.01
CA LEU A 30 -0.17 -17.50 4.55
C LEU A 30 -0.84 -18.86 4.37
N GLU A 31 -0.48 -19.67 3.36
CA GLU A 31 -1.10 -20.98 3.13
C GLU A 31 -0.97 -21.83 4.38
N ASP A 32 -2.14 -22.22 4.90
CA ASP A 32 -2.26 -22.91 6.19
C ASP A 32 -1.52 -22.26 7.37
N GLY A 33 -1.71 -20.94 7.40
CA GLY A 33 -1.04 -20.10 8.35
C GLY A 33 -1.90 -18.90 8.73
N LYS A 34 -1.14 -17.89 9.15
CA LYS A 34 -1.67 -16.70 9.80
C LYS A 34 -2.36 -15.79 8.78
N LYS A 35 -3.55 -15.26 9.10
CA LYS A 35 -4.05 -14.08 8.42
C LYS A 35 -3.16 -12.89 8.75
N PHE A 36 -2.72 -12.19 7.73
CA PHE A 36 -1.83 -11.08 7.93
C PHE A 36 -2.48 -9.76 7.56
N ASP A 37 -3.60 -9.72 6.78
CA ASP A 37 -4.22 -8.43 6.42
C ASP A 37 -5.65 -8.59 5.93
N SER A 38 -6.51 -7.59 6.10
CA SER A 38 -7.84 -7.60 5.54
C SER A 38 -8.27 -6.16 5.43
N SER A 39 -8.74 -5.78 4.26
CA SER A 39 -9.32 -4.46 4.11
C SER A 39 -10.70 -4.39 4.77
N ARG A 40 -11.35 -5.54 5.00
CA ARG A 40 -12.68 -5.57 5.58
C ARG A 40 -12.68 -5.03 7.00
N ASP A 41 -11.65 -5.40 7.78
CA ASP A 41 -11.40 -4.89 9.14
C ASP A 41 -11.41 -3.37 9.21
N ARG A 42 -10.77 -2.84 8.17
CA ARG A 42 -10.54 -1.43 8.06
C ARG A 42 -11.76 -0.68 7.53
N ASN A 43 -12.78 -1.42 7.11
CA ASN A 43 -14.02 -0.87 6.57
C ASN A 43 -13.75 -0.02 5.33
N LYS A 44 -12.56 -0.09 4.72
CA LYS A 44 -12.23 0.72 3.55
C LYS A 44 -11.77 -0.24 2.42
N PRO A 45 -12.31 -0.16 1.19
CA PRO A 45 -11.89 -1.00 0.08
C PRO A 45 -10.57 -0.48 -0.41
N PHE A 46 -9.83 -1.43 -0.98
CA PHE A 46 -8.52 -1.20 -1.53
C PHE A 46 -8.71 -0.94 -3.01
N LYS A 47 -7.96 0.00 -3.56
CA LYS A 47 -8.05 0.29 -4.98
C LYS A 47 -6.64 0.21 -5.53
N PHE A 48 -6.53 -0.33 -6.72
CA PHE A 48 -5.26 -0.33 -7.44
C PHE A 48 -5.55 -0.28 -8.93
N MET A 49 -4.56 0.17 -9.68
CA MET A 49 -4.73 0.27 -11.12
C MET A 49 -4.09 -0.94 -11.77
N LEU A 50 -4.91 -1.63 -12.55
CA LEU A 50 -4.49 -2.86 -13.17
C LEU A 50 -3.46 -2.53 -14.23
N GLY A 51 -2.40 -3.33 -14.28
CA GLY A 51 -1.40 -3.22 -15.32
C GLY A 51 -0.26 -2.27 -15.01
N LYS A 52 -0.25 -1.53 -13.89
CA LYS A 52 0.82 -0.58 -13.59
C LYS A 52 1.94 -1.16 -12.71
N GLN A 53 1.96 -2.47 -12.47
CA GLN A 53 2.85 -3.12 -11.51
C GLN A 53 2.87 -2.53 -10.08
N GLU A 54 1.70 -2.06 -9.64
CA GLU A 54 1.54 -1.60 -8.28
C GLU A 54 1.48 -2.75 -7.28
N VAL A 55 0.98 -3.92 -7.73
CA VAL A 55 0.77 -5.05 -6.85
C VAL A 55 1.49 -6.28 -7.38
N ILE A 56 1.60 -7.31 -6.55
CA ILE A 56 2.24 -8.55 -6.93
C ILE A 56 1.62 -9.19 -8.15
N ARG A 57 2.41 -9.98 -8.86
CA ARG A 57 2.02 -10.55 -10.13
C ARG A 57 0.76 -11.41 -10.09
N GLY A 58 0.62 -12.18 -9.02
CA GLY A 58 -0.55 -13.00 -8.81
C GLY A 58 -1.85 -12.23 -8.73
N TRP A 59 -1.81 -10.99 -8.21
CA TRP A 59 -2.96 -10.13 -8.19
C TRP A 59 -3.18 -9.60 -9.58
N GLU A 60 -2.14 -9.16 -10.30
CA GLU A 60 -2.28 -8.64 -11.65
C GLU A 60 -2.95 -9.66 -12.58
N GLU A 61 -2.50 -10.91 -12.52
CA GLU A 61 -3.09 -11.96 -13.32
C GLU A 61 -4.39 -12.52 -12.77
N GLY A 62 -4.49 -12.58 -11.45
CA GLY A 62 -5.66 -13.13 -10.79
C GLY A 62 -6.87 -12.26 -10.99
N VAL A 63 -6.74 -10.97 -10.65
CA VAL A 63 -7.86 -10.05 -10.73
C VAL A 63 -8.30 -9.79 -12.17
N ALA A 64 -7.38 -9.79 -13.14
CA ALA A 64 -7.72 -9.65 -14.53
C ALA A 64 -8.72 -10.67 -15.09
N GLN A 65 -8.81 -11.87 -14.48
CA GLN A 65 -9.77 -12.85 -14.98
C GLN A 65 -11.04 -12.86 -14.16
N MET A 66 -11.25 -11.85 -13.31
CA MET A 66 -12.44 -11.82 -12.49
C MET A 66 -13.39 -10.81 -13.13
N SER A 67 -14.68 -11.09 -12.99
CA SER A 67 -15.67 -10.12 -13.41
C SER A 67 -16.27 -9.36 -12.23
N VAL A 68 -16.92 -8.21 -12.47
CA VAL A 68 -17.47 -7.40 -11.40
C VAL A 68 -18.48 -8.21 -10.62
N GLY A 69 -18.34 -8.19 -9.30
CA GLY A 69 -19.22 -8.89 -8.37
C GLY A 69 -18.64 -10.23 -7.89
N GLN A 70 -17.60 -10.73 -8.56
CA GLN A 70 -17.09 -12.03 -8.25
C GLN A 70 -16.32 -11.97 -6.94
N ARG A 71 -16.41 -13.04 -6.14
CA ARG A 71 -15.55 -13.23 -4.99
C ARG A 71 -14.77 -14.50 -5.26
N ALA A 72 -13.44 -14.49 -5.10
CA ALA A 72 -12.62 -15.65 -5.41
C ALA A 72 -11.49 -15.87 -4.41
N LYS A 73 -11.08 -17.12 -4.27
CA LYS A 73 -9.91 -17.50 -3.52
C LYS A 73 -8.80 -17.56 -4.56
N LEU A 74 -7.75 -16.76 -4.34
CA LEU A 74 -6.55 -16.75 -5.18
C LEU A 74 -5.45 -17.46 -4.44
N THR A 75 -4.87 -18.55 -4.94
CA THR A 75 -3.69 -19.16 -4.31
C THR A 75 -2.49 -18.79 -5.16
N ILE A 76 -1.47 -18.18 -4.57
CA ILE A 76 -0.40 -17.55 -5.31
C ILE A 76 0.90 -18.18 -4.84
N SER A 77 1.65 -18.70 -5.82
CA SER A 77 2.93 -19.33 -5.51
C SER A 77 3.93 -18.25 -5.17
N PRO A 78 5.02 -18.48 -4.46
CA PRO A 78 5.98 -17.46 -4.03
C PRO A 78 6.55 -16.67 -5.17
N ASP A 79 6.79 -17.30 -6.33
CA ASP A 79 7.31 -16.57 -7.47
C ASP A 79 6.32 -15.59 -8.09
N TYR A 80 5.04 -15.68 -7.75
CA TYR A 80 4.04 -14.70 -8.18
C TYR A 80 3.68 -13.74 -7.06
N ALA A 81 4.40 -13.82 -5.94
CA ALA A 81 4.12 -13.08 -4.73
C ALA A 81 5.48 -12.47 -4.31
N TYR A 82 6.09 -12.76 -3.17
CA TYR A 82 7.31 -12.10 -2.72
C TYR A 82 8.56 -12.95 -2.81
N GLY A 83 8.46 -14.17 -3.33
CA GLY A 83 9.64 -14.93 -3.74
C GLY A 83 10.58 -15.31 -2.62
N ALA A 84 11.86 -15.36 -2.92
CA ALA A 84 12.79 -15.88 -1.94
C ALA A 84 13.14 -14.85 -0.89
N THR A 85 12.78 -13.60 -1.08
CA THR A 85 13.12 -12.55 -0.14
C THR A 85 12.00 -12.31 0.87
N GLY A 86 10.75 -12.48 0.43
CA GLY A 86 9.62 -12.23 1.28
C GLY A 86 9.39 -10.71 1.35
N HIS A 87 8.51 -10.31 2.27
CA HIS A 87 8.21 -8.92 2.47
C HIS A 87 8.61 -8.67 3.92
N PRO A 88 9.67 -7.91 4.15
CA PRO A 88 10.31 -7.74 5.45
C PRO A 88 9.35 -7.45 6.60
N GLY A 89 9.47 -8.25 7.63
CA GLY A 89 8.66 -8.09 8.81
C GLY A 89 7.36 -8.84 8.71
N ILE A 90 6.86 -9.20 7.52
CA ILE A 90 5.48 -9.67 7.39
C ILE A 90 5.48 -11.05 6.70
N ILE A 91 6.05 -11.18 5.49
CA ILE A 91 5.90 -12.42 4.72
C ILE A 91 7.30 -13.04 4.67
N PRO A 92 7.48 -14.30 5.09
CA PRO A 92 8.76 -15.01 5.04
C PRO A 92 9.18 -15.36 3.59
N PRO A 93 10.45 -15.71 3.32
CA PRO A 93 10.89 -16.29 2.05
C PRO A 93 10.04 -17.51 1.72
N HIS A 94 9.78 -17.62 0.41
CA HIS A 94 9.15 -18.79 -0.15
C HIS A 94 7.76 -19.04 0.43
N ALA A 95 6.96 -18.01 0.73
CA ALA A 95 5.62 -18.24 1.21
C ALA A 95 4.59 -18.28 0.08
N THR A 96 3.72 -19.30 0.11
CA THR A 96 2.51 -19.37 -0.70
C THR A 96 1.41 -18.52 -0.01
N LEU A 97 0.71 -17.66 -0.75
CA LEU A 97 -0.25 -16.72 -0.18
C LEU A 97 -1.62 -17.13 -0.68
N VAL A 98 -2.60 -17.05 0.20
CA VAL A 98 -3.97 -17.19 -0.24
C VAL A 98 -4.74 -15.91 0.11
N PHE A 99 -5.41 -15.36 -0.89
CA PHE A 99 -6.23 -14.18 -0.74
C PHE A 99 -7.70 -14.49 -1.06
N ASP A 100 -8.59 -13.92 -0.26
CA ASP A 100 -10.00 -13.87 -0.60
C ASP A 100 -10.23 -12.47 -1.19
N VAL A 101 -10.64 -12.34 -2.46
CA VAL A 101 -10.73 -11.07 -3.13
C VAL A 101 -12.13 -10.97 -3.71
N GLU A 102 -12.76 -9.83 -3.45
CA GLU A 102 -14.08 -9.56 -3.99
C GLU A 102 -13.98 -8.33 -4.89
N LEU A 103 -14.26 -8.44 -6.18
CA LEU A 103 -14.16 -7.31 -7.09
C LEU A 103 -15.48 -6.53 -7.05
N LEU A 104 -15.41 -5.42 -6.32
CA LEU A 104 -16.58 -4.59 -6.08
C LEU A 104 -17.03 -3.75 -7.29
N LYS A 105 -16.10 -3.08 -7.97
CA LYS A 105 -16.42 -1.99 -8.87
C LYS A 105 -15.15 -1.67 -9.66
N LEU A 106 -15.34 -1.14 -10.86
CA LEU A 106 -14.27 -0.62 -11.67
C LEU A 106 -14.47 0.89 -11.80
N GLU A 107 -13.40 1.67 -11.73
CA GLU A 107 -13.42 3.09 -12.02
C GLU A 107 -12.31 3.39 -13.05
N VAL B 1 10.84 28.62 -6.38
CA VAL B 1 10.12 27.25 -6.20
C VAL B 1 8.75 27.30 -5.51
N ALA B 2 7.79 26.99 -6.29
CA ALA B 2 6.35 27.09 -5.95
C ALA B 2 5.86 25.59 -6.10
N ILE B 3 5.46 25.01 -4.92
CA ILE B 3 4.89 23.67 -5.18
C ILE B 3 3.86 23.32 -4.10
N LEU B 4 2.76 22.67 -4.47
CA LEU B 4 1.74 22.52 -3.43
C LEU B 4 2.21 21.43 -2.44
N TRP B 5 1.72 21.53 -1.19
CA TRP B 5 2.20 20.57 -0.20
C TRP B 5 1.69 19.16 -0.59
N HIS B 6 0.59 18.96 -1.24
CA HIS B 6 0.03 17.76 -1.79
C HIS B 6 1.08 17.09 -2.71
N GLU B 7 1.71 17.94 -3.60
CA GLU B 7 2.64 17.42 -4.59
C GLU B 7 3.94 17.01 -3.92
N MET B 8 4.31 17.91 -2.94
CA MET B 8 5.78 17.69 -2.47
C MET B 8 5.71 16.37 -1.66
N TRP B 9 4.63 16.16 -0.84
CA TRP B 9 4.51 14.88 -0.14
C TRP B 9 4.30 13.66 -1.04
N HIS B 10 3.52 13.75 -2.16
CA HIS B 10 3.27 12.57 -2.95
C HIS B 10 4.60 12.13 -3.54
N GLU B 11 5.35 13.10 -4.10
CA GLU B 11 6.63 12.77 -4.66
C GLU B 11 7.65 12.33 -3.65
N GLY B 12 7.71 13.00 -2.48
CA GLY B 12 8.66 12.70 -1.44
C GLY B 12 8.44 11.28 -0.82
N LEU B 13 7.17 10.89 -0.54
CA LEU B 13 6.84 9.56 0.03
C LEU B 13 7.22 8.49 -0.98
N GLU B 14 6.94 8.63 -2.23
CA GLU B 14 7.24 7.75 -3.31
C GLU B 14 8.74 7.52 -3.37
N GLU B 15 9.54 8.63 -3.29
CA GLU B 15 10.95 8.54 -3.41
C GLU B 15 11.57 7.89 -2.12
N ALA B 16 11.10 8.29 -0.97
CA ALA B 16 11.61 7.80 0.30
C ALA B 16 11.28 6.27 0.39
N SER B 17 10.04 5.90 0.04
CA SER B 17 9.76 4.44 0.00
C SER B 17 10.59 3.66 -0.96
N ARG B 18 10.93 4.28 -2.16
CA ARG B 18 11.88 3.55 -3.05
C ARG B 18 13.22 3.33 -2.47
N LEU B 19 13.83 4.35 -1.83
CA LEU B 19 15.09 4.20 -1.18
C LEU B 19 15.10 3.18 -0.07
N TYR B 20 14.00 3.15 0.74
CA TYR B 20 13.95 2.32 1.91
C TYR B 20 13.57 0.84 1.41
N PHE B 21 12.42 0.66 0.83
CA PHE B 21 11.97 -0.73 0.46
C PHE B 21 12.67 -1.36 -0.71
N GLY B 22 12.99 -0.58 -1.75
CA GLY B 22 13.62 -1.01 -2.93
C GLY B 22 15.14 -1.09 -2.69
N GLU B 23 15.74 0.00 -2.19
CA GLU B 23 17.20 0.02 -2.04
C GLU B 23 17.81 -0.39 -0.72
N ARG B 24 16.96 -0.63 0.30
CA ARG B 24 17.39 -0.85 1.65
C ARG B 24 18.26 0.35 2.15
N ASN B 25 17.97 1.55 1.69
CA ASN B 25 18.76 2.68 2.12
C ASN B 25 18.00 3.58 3.11
N VAL B 26 18.12 3.36 4.42
CA VAL B 26 17.41 4.04 5.44
C VAL B 26 17.99 5.46 5.53
N LYS B 27 19.33 5.60 5.45
CA LYS B 27 19.86 7.00 5.49
C LYS B 27 19.20 7.88 4.43
N GLY B 28 19.03 7.40 3.23
CA GLY B 28 18.54 8.18 2.05
C GLY B 28 17.01 8.48 2.31
N MET B 29 16.25 7.48 2.81
CA MET B 29 14.86 7.69 3.24
C MET B 29 14.65 8.77 4.24
N PHE B 30 15.52 8.89 5.26
CA PHE B 30 15.47 10.02 6.22
C PHE B 30 15.80 11.36 5.56
N GLU B 31 16.90 11.28 4.71
CA GLU B 31 17.29 12.48 4.09
C GLU B 31 16.10 13.10 3.32
N VAL B 32 15.36 12.27 2.65
CA VAL B 32 14.17 12.73 1.95
C VAL B 32 13.07 13.23 2.87
N LEU B 33 12.69 12.50 3.92
CA LEU B 33 11.54 12.80 4.76
C LEU B 33 11.86 13.96 5.71
N GLU B 34 13.12 14.21 6.13
CA GLU B 34 13.30 15.27 7.19
C GLU B 34 12.88 16.69 6.79
N PRO B 35 13.15 17.17 5.55
CA PRO B 35 12.81 18.50 5.11
C PRO B 35 11.28 18.61 4.89
N LEU B 36 10.65 17.40 4.56
CA LEU B 36 9.20 17.51 4.42
C LEU B 36 8.53 17.77 5.75
N HIS B 37 8.95 16.99 6.77
CA HIS B 37 8.42 17.28 8.07
C HIS B 37 8.79 18.72 8.54
N ALA B 38 9.96 19.11 8.24
CA ALA B 38 10.41 20.49 8.78
C ALA B 38 9.55 21.55 8.15
N MET B 39 9.17 21.39 6.89
CA MET B 39 8.12 22.36 6.43
C MET B 39 6.83 22.29 7.14
N MET B 40 6.20 21.18 7.48
CA MET B 40 5.00 21.17 8.31
C MET B 40 5.31 21.88 9.63
N GLU B 41 6.46 21.57 10.24
CA GLU B 41 6.80 22.25 11.49
C GLU B 41 6.72 23.76 11.40
N ARG B 42 7.17 24.30 10.30
CA ARG B 42 7.10 25.77 10.18
C ARG B 42 5.65 26.25 10.14
N GLY B 43 4.69 25.52 9.60
CA GLY B 43 3.29 25.94 9.64
C GLY B 43 2.76 26.31 8.27
N PRO B 44 1.45 26.18 7.98
CA PRO B 44 0.90 26.51 6.71
C PRO B 44 0.89 28.01 6.46
N GLN B 45 1.15 28.51 5.31
CA GLN B 45 1.05 29.93 4.97
C GLN B 45 0.10 30.26 3.79
N THR B 46 -0.56 29.21 3.21
CA THR B 46 -1.61 29.44 2.25
C THR B 46 -2.89 28.71 2.65
N LEU B 47 -4.01 29.10 2.07
CA LEU B 47 -5.28 28.33 2.36
C LEU B 47 -5.08 26.83 1.96
N LYS B 48 -4.50 26.50 0.82
CA LYS B 48 -4.22 25.17 0.32
C LYS B 48 -3.21 24.44 1.23
N GLU B 49 -2.33 25.15 1.81
CA GLU B 49 -1.37 24.53 2.76
C GLU B 49 -2.14 24.19 4.03
N THR B 50 -3.07 25.14 4.38
CA THR B 50 -3.79 24.97 5.67
C THR B 50 -4.75 23.73 5.57
N SER B 51 -5.38 23.63 4.43
CA SER B 51 -6.40 22.50 4.36
C SER B 51 -5.58 21.18 4.25
N PHE B 52 -4.41 21.16 3.57
CA PHE B 52 -3.59 19.95 3.57
C PHE B 52 -3.15 19.62 5.02
N ASN B 53 -2.73 20.65 5.76
CA ASN B 53 -2.33 20.42 7.17
C ASN B 53 -3.51 19.98 8.00
N GLN B 54 -4.70 20.56 7.86
CA GLN B 54 -5.90 20.03 8.54
C GLN B 54 -6.21 18.49 8.26
N ALA B 55 -6.09 18.10 6.99
CA ALA B 55 -6.45 16.69 6.69
C ALA B 55 -5.34 15.72 7.05
N TYR B 56 -4.07 16.06 6.82
CA TYR B 56 -2.99 15.07 6.96
C TYR B 56 -2.00 15.46 8.06
N GLY B 57 -2.15 16.55 8.77
CA GLY B 57 -1.01 17.03 9.62
C GLY B 57 -0.76 15.99 10.75
N ARG B 58 -1.89 15.65 11.43
CA ARG B 58 -1.76 14.73 12.55
C ARG B 58 -1.18 13.37 12.13
N ASP B 59 -1.66 12.76 11.02
CA ASP B 59 -1.07 11.48 10.59
C ASP B 59 0.42 11.63 10.33
N LEU B 60 0.80 12.74 9.64
CA LEU B 60 2.22 12.87 9.32
C LEU B 60 3.04 13.09 10.58
N MET B 61 2.52 13.87 11.54
CA MET B 61 3.21 14.04 12.81
C MET B 61 3.35 12.66 13.53
N GLU B 62 2.30 11.87 13.59
CA GLU B 62 2.40 10.48 14.10
C GLU B 62 3.41 9.62 13.34
N ALA B 63 3.46 9.69 12.00
CA ALA B 63 4.48 8.89 11.26
C ALA B 63 5.88 9.34 11.73
N GLN B 64 6.11 10.70 11.83
CA GLN B 64 7.35 11.13 12.41
C GLN B 64 7.59 10.65 13.83
N GLU B 65 6.59 10.56 14.77
CA GLU B 65 6.91 10.02 16.08
C GLU B 65 7.37 8.54 15.95
N TRP B 66 6.73 7.75 15.11
CA TRP B 66 7.23 6.37 14.95
C TRP B 66 8.67 6.35 14.42
N CYS B 67 8.90 7.20 13.36
CA CYS B 67 10.33 7.20 12.90
C CYS B 67 11.29 7.55 14.05
N ARG B 68 10.94 8.59 14.84
CA ARG B 68 11.80 8.96 15.96
C ARG B 68 11.86 7.79 16.96
N LYS B 69 10.79 6.98 17.11
CA LYS B 69 10.88 5.85 17.98
C LYS B 69 11.95 4.84 17.56
N TYR B 70 11.98 4.63 16.27
CA TYR B 70 12.94 3.77 15.63
C TYR B 70 14.43 4.25 15.80
N MET B 71 14.54 5.57 15.72
CA MET B 71 15.89 6.15 15.89
C MET B 71 16.44 5.69 17.21
N LYS B 72 15.62 5.68 18.22
CA LYS B 72 16.10 5.38 19.55
C LYS B 72 16.02 3.85 19.76
N SER B 73 15.02 3.14 19.35
CA SER B 73 14.88 1.70 19.57
C SER B 73 15.74 0.83 18.69
N GLY B 74 16.05 1.10 17.44
CA GLY B 74 16.70 0.15 16.48
C GLY B 74 15.72 -0.97 16.06
N ASN B 75 14.44 -0.81 16.28
CA ASN B 75 13.54 -1.95 15.92
C ASN B 75 12.79 -1.62 14.60
N VAL B 76 13.01 -2.23 13.48
CA VAL B 76 12.38 -1.98 12.21
C VAL B 76 10.88 -1.99 12.22
N LYS B 77 10.15 -2.67 13.11
CA LYS B 77 8.75 -2.62 13.31
C LYS B 77 8.23 -1.21 13.66
N ASP B 78 9.11 -0.43 14.35
CA ASP B 78 8.67 0.95 14.57
C ASP B 78 8.66 1.72 13.22
N LEU B 79 9.62 1.48 12.32
CA LEU B 79 9.57 2.18 11.04
C LEU B 79 8.49 1.65 10.16
N THR B 80 8.16 0.33 10.37
CA THR B 80 7.01 -0.07 9.42
C THR B 80 5.85 0.73 9.82
N GLN B 81 5.63 0.92 11.17
CA GLN B 81 4.35 1.59 11.64
C GLN B 81 4.24 3.02 11.04
N ALA B 82 5.48 3.54 10.92
CA ALA B 82 5.47 4.91 10.23
C ALA B 82 5.04 4.79 8.78
N TRP B 83 5.46 3.65 8.05
CA TRP B 83 5.07 3.56 6.65
C TRP B 83 3.60 3.26 6.51
N ASP B 84 2.89 2.70 7.51
CA ASP B 84 1.45 2.47 7.35
C ASP B 84 0.72 3.84 7.32
N LEU B 85 1.15 4.76 8.14
CA LEU B 85 0.58 6.11 8.19
C LEU B 85 1.05 6.89 6.95
N TYR B 86 2.30 6.69 6.52
CA TYR B 86 2.67 7.41 5.29
C TYR B 86 1.84 6.93 4.08
N TYR B 87 1.60 5.63 3.99
CA TYR B 87 0.91 5.07 2.80
C TYR B 87 -0.54 5.55 2.87
N HIS B 88 -1.16 5.56 4.08
CA HIS B 88 -2.59 6.06 4.14
C HIS B 88 -2.60 7.55 3.61
N VAL B 89 -1.66 8.39 4.07
CA VAL B 89 -1.58 9.72 3.47
C VAL B 89 -1.42 9.68 1.96
N PHE B 90 -0.46 8.86 1.48
CA PHE B 90 -0.15 8.82 0.07
C PHE B 90 -1.34 8.44 -0.80
N ARG B 91 -2.10 7.40 -0.32
CA ARG B 91 -3.26 6.98 -0.99
C ARG B 91 -4.31 8.12 -0.95
N ARG B 92 -4.48 8.78 0.14
CA ARG B 92 -5.52 9.86 0.22
C ARG B 92 -5.16 10.99 -0.73
N ILE B 93 -3.90 11.36 -0.82
CA ILE B 93 -3.42 12.40 -1.74
C ILE B 93 -3.61 11.97 -3.18
N SER B 94 -3.59 10.68 -3.47
CA SER B 94 -3.60 10.14 -4.78
C SER B 94 -5.02 10.10 -5.37
TB TB C . -1.40 -35.24 -5.73
TB TB D . -6.45 -35.45 -6.96
N GLY A 1 2.22 -20.19 -10.15
CA GLY A 1 1.31 -19.25 -10.78
C GLY A 1 0.29 -18.78 -9.75
N VAL A 2 -0.93 -18.53 -10.23
CA VAL A 2 -2.06 -18.14 -9.42
C VAL A 2 -3.24 -19.02 -9.84
N GLN A 3 -3.87 -19.63 -8.87
CA GLN A 3 -5.05 -20.44 -9.11
C GLN A 3 -6.24 -19.59 -8.65
N VAL A 4 -7.34 -19.46 -9.40
CA VAL A 4 -8.48 -18.64 -9.02
C VAL A 4 -9.63 -19.63 -8.82
N GLU A 5 -10.16 -19.77 -7.62
CA GLU A 5 -11.29 -20.64 -7.36
C GLU A 5 -12.48 -19.78 -6.92
N THR A 6 -13.66 -19.85 -7.54
CA THR A 6 -14.79 -18.98 -7.23
C THR A 6 -15.47 -19.22 -5.89
N ILE A 7 -15.65 -18.18 -5.08
CA ILE A 7 -16.50 -18.29 -3.90
C ILE A 7 -17.92 -17.88 -4.29
N SER A 8 -18.13 -16.81 -5.06
CA SER A 8 -19.45 -16.37 -5.53
C SER A 8 -19.21 -15.80 -6.93
N PRO A 9 -20.04 -16.12 -7.91
CA PRO A 9 -19.86 -15.67 -9.27
C PRO A 9 -20.09 -14.17 -9.48
N GLY A 10 -19.31 -13.60 -10.38
CA GLY A 10 -19.55 -12.24 -10.82
C GLY A 10 -20.54 -12.27 -11.96
N ASP A 11 -20.60 -11.18 -12.71
CA ASP A 11 -21.54 -11.12 -13.81
C ASP A 11 -21.11 -11.88 -15.07
N GLY A 12 -19.85 -12.35 -15.12
CA GLY A 12 -19.34 -13.10 -16.25
C GLY A 12 -19.20 -12.30 -17.54
N ARG A 13 -19.23 -10.96 -17.47
CA ARG A 13 -19.22 -10.12 -18.65
C ARG A 13 -18.27 -8.95 -18.51
N THR A 14 -18.24 -8.31 -17.34
CA THR A 14 -17.44 -7.13 -17.07
C THR A 14 -16.14 -7.46 -16.36
N PHE A 15 -15.07 -7.43 -17.13
CA PHE A 15 -13.76 -7.80 -16.66
C PHE A 15 -12.88 -6.58 -16.67
N PRO A 16 -11.89 -6.39 -15.78
CA PRO A 16 -11.01 -5.23 -15.77
C PRO A 16 -10.21 -5.15 -17.06
N LYS A 17 -9.96 -3.92 -17.48
CA LYS A 17 -9.06 -3.60 -18.55
C LYS A 17 -7.80 -3.03 -17.89
N ARG A 18 -6.66 -3.19 -18.57
CA ARG A 18 -5.40 -2.56 -18.20
C ARG A 18 -5.64 -1.07 -18.08
N GLY A 19 -5.14 -0.50 -17.00
CA GLY A 19 -5.32 0.91 -16.75
C GLY A 19 -6.58 1.23 -15.96
N GLN A 20 -7.54 0.31 -15.80
CA GLN A 20 -8.69 0.61 -14.97
C GLN A 20 -8.32 0.42 -13.52
N THR A 21 -9.00 1.19 -12.68
CA THR A 21 -8.96 1.04 -11.24
C THR A 21 -9.92 -0.05 -10.82
N CYS A 22 -9.38 -1.08 -10.18
CA CYS A 22 -10.22 -2.12 -9.57
C CYS A 22 -10.44 -1.75 -8.11
N VAL A 23 -11.70 -1.88 -7.66
CA VAL A 23 -12.05 -1.62 -6.27
C VAL A 23 -12.40 -2.97 -5.65
N VAL A 24 -11.66 -3.41 -4.63
CA VAL A 24 -11.79 -4.76 -4.10
C VAL A 24 -11.88 -4.79 -2.58
N HIS A 25 -12.43 -5.84 -2.00
CA HIS A 25 -12.15 -6.16 -0.61
C HIS A 25 -11.29 -7.40 -0.58
N TYR A 26 -10.36 -7.49 0.37
CA TYR A 26 -9.51 -8.66 0.48
C TYR A 26 -9.20 -9.02 1.93
N THR A 27 -8.90 -10.30 2.12
CA THR A 27 -8.29 -10.88 3.32
C THR A 27 -7.11 -11.69 2.78
N GLY A 28 -5.94 -11.55 3.38
CA GLY A 28 -4.76 -12.30 3.00
C GLY A 28 -4.29 -13.16 4.16
N MET A 29 -3.84 -14.36 3.87
CA MET A 29 -3.23 -15.25 4.86
C MET A 29 -2.13 -16.07 4.19
N LEU A 30 -1.21 -16.55 5.03
CA LEU A 30 -0.17 -17.48 4.57
C LEU A 30 -0.84 -18.85 4.39
N GLU A 31 -0.48 -19.65 3.38
CA GLU A 31 -1.10 -20.96 3.16
C GLU A 31 -0.97 -21.80 4.41
N ASP A 32 -2.14 -22.20 4.93
CA ASP A 32 -2.26 -22.87 6.23
C ASP A 32 -1.51 -22.22 7.39
N GLY A 33 -1.72 -20.91 7.42
CA GLY A 33 -1.05 -20.06 8.38
C GLY A 33 -1.91 -18.86 8.74
N LYS A 34 -1.15 -17.85 9.17
CA LYS A 34 -1.68 -16.67 9.81
C LYS A 34 -2.37 -15.76 8.78
N LYS A 35 -3.55 -15.22 9.11
CA LYS A 35 -4.07 -14.05 8.41
C LYS A 35 -3.17 -12.87 8.75
N PHE A 36 -2.73 -12.16 7.72
CA PHE A 36 -1.84 -11.04 7.93
C PHE A 36 -2.50 -9.72 7.55
N ASP A 37 -3.60 -9.68 6.77
CA ASP A 37 -4.23 -8.41 6.41
C ASP A 37 -5.66 -8.56 5.90
N SER A 38 -6.53 -7.57 6.07
CA SER A 38 -7.85 -7.59 5.52
C SER A 38 -8.29 -6.15 5.41
N SER A 39 -8.75 -5.75 4.23
CA SER A 39 -9.35 -4.44 4.08
C SER A 39 -10.72 -4.38 4.73
N ARG A 40 -11.36 -5.53 4.97
CA ARG A 40 -12.69 -5.56 5.54
C ARG A 40 -12.69 -5.01 6.96
N ASP A 41 -11.67 -5.37 7.75
CA ASP A 41 -11.42 -4.86 9.11
C ASP A 41 -11.43 -3.35 9.18
N ARG A 42 -10.80 -2.82 8.13
CA ARG A 42 -10.56 -1.40 8.01
C ARG A 42 -11.77 -0.65 7.49
N ASN A 43 -12.80 -1.40 7.06
CA ASN A 43 -14.03 -0.85 6.52
C ASN A 43 -13.77 0.00 5.28
N LYS A 44 -12.58 -0.07 4.67
CA LYS A 44 -12.25 0.73 3.49
C LYS A 44 -11.79 -0.23 2.38
N PRO A 45 -12.32 -0.16 1.14
CA PRO A 45 -11.90 -1.00 0.03
C PRO A 45 -10.57 -0.48 -0.46
N PHE A 46 -9.84 -1.43 -1.03
CA PHE A 46 -8.53 -1.21 -1.57
C PHE A 46 -8.73 -0.95 -3.05
N LYS A 47 -7.97 -0.01 -3.61
CA LYS A 47 -8.06 0.28 -5.03
C LYS A 47 -6.64 0.20 -5.56
N PHE A 48 -6.54 -0.36 -6.76
CA PHE A 48 -5.27 -0.36 -7.47
C PHE A 48 -5.55 -0.30 -8.97
N MET A 49 -4.56 0.14 -9.72
CA MET A 49 -4.73 0.24 -11.17
C MET A 49 -4.09 -0.96 -11.81
N LEU A 50 -4.91 -1.67 -12.58
CA LEU A 50 -4.49 -2.90 -13.20
C LEU A 50 -3.46 -2.57 -14.27
N GLY A 51 -2.40 -3.36 -14.31
CA GLY A 51 -1.40 -3.26 -15.35
C GLY A 51 -0.25 -2.31 -15.04
N LYS A 52 -0.25 -1.56 -13.93
CA LYS A 52 0.82 -0.62 -13.62
C LYS A 52 1.94 -1.18 -12.75
N GLN A 53 1.95 -2.50 -12.50
CA GLN A 53 2.85 -3.14 -11.54
C GLN A 53 2.87 -2.55 -10.11
N GLU A 54 1.70 -2.08 -9.67
CA GLU A 54 1.53 -1.62 -8.31
C GLU A 54 1.47 -2.76 -7.31
N VAL A 55 0.97 -3.93 -7.76
CA VAL A 55 0.76 -5.06 -6.87
C VAL A 55 1.50 -6.30 -7.40
N ILE A 56 1.60 -7.31 -6.56
CA ILE A 56 2.24 -8.56 -6.93
C ILE A 56 1.62 -9.21 -8.15
N ARG A 57 2.42 -9.99 -8.87
CA ARG A 57 2.03 -10.57 -10.13
C ARG A 57 0.76 -11.43 -10.09
N GLY A 58 0.62 -12.20 -9.01
CA GLY A 58 -0.55 -13.03 -8.82
C GLY A 58 -1.84 -12.25 -8.73
N TRP A 59 -1.80 -11.01 -8.21
CA TRP A 59 -2.96 -10.15 -8.21
C TRP A 59 -3.18 -9.62 -9.59
N GLU A 60 -2.13 -9.18 -10.31
CA GLU A 60 -2.28 -8.68 -11.66
C GLU A 60 -2.94 -9.70 -12.59
N GLU A 61 -2.49 -10.94 -12.53
CA GLU A 61 -3.09 -11.99 -13.33
C GLU A 61 -4.37 -12.54 -12.77
N GLY A 62 -4.49 -12.60 -11.46
CA GLY A 62 -5.65 -13.17 -10.80
C GLY A 62 -6.87 -12.29 -10.99
N VAL A 63 -6.74 -11.00 -10.66
CA VAL A 63 -7.86 -10.08 -10.74
C VAL A 63 -8.30 -9.82 -12.19
N ALA A 64 -7.36 -9.82 -13.15
CA ALA A 64 -7.71 -9.69 -14.55
C ALA A 64 -8.70 -10.72 -15.10
N GLN A 65 -8.80 -11.91 -14.49
CA GLN A 65 -9.76 -12.88 -14.99
C GLN A 65 -11.04 -12.90 -14.17
N MET A 66 -11.24 -11.89 -13.32
CA MET A 66 -12.43 -11.85 -12.51
C MET A 66 -13.39 -10.86 -13.14
N SER A 67 -14.67 -11.14 -13.01
CA SER A 67 -15.65 -10.17 -13.43
C SER A 67 -16.25 -9.40 -12.25
N VAL A 68 -16.91 -8.25 -12.50
CA VAL A 68 -17.47 -7.45 -11.43
C VAL A 68 -18.47 -8.25 -10.65
N GLY A 69 -18.34 -8.23 -9.32
CA GLY A 69 -19.21 -8.93 -8.39
C GLY A 69 -18.63 -10.26 -7.91
N GLN A 70 -17.60 -10.77 -8.59
CA GLN A 70 -17.09 -12.06 -8.27
C GLN A 70 -16.31 -11.99 -6.95
N ARG A 71 -16.41 -13.06 -6.16
CA ARG A 71 -15.55 -13.24 -5.00
C ARG A 71 -14.76 -14.53 -5.27
N ALA A 72 -13.45 -14.51 -5.11
CA ALA A 72 -12.62 -15.67 -5.41
C ALA A 72 -11.48 -15.89 -4.41
N LYS A 73 -11.08 -17.14 -4.26
CA LYS A 73 -9.90 -17.51 -3.51
C LYS A 73 -8.79 -17.57 -4.55
N LEU A 74 -7.75 -16.77 -4.33
CA LEU A 74 -6.55 -16.77 -5.18
C LEU A 74 -5.44 -17.47 -4.43
N THR A 75 -4.86 -18.56 -4.92
CA THR A 75 -3.69 -19.17 -4.29
C THR A 75 -2.48 -18.80 -5.14
N ILE A 76 -1.46 -18.19 -4.55
CA ILE A 76 -0.40 -17.56 -5.30
C ILE A 76 0.91 -18.18 -4.83
N SER A 77 1.67 -18.71 -5.79
CA SER A 77 2.94 -19.33 -5.48
C SER A 77 3.94 -18.25 -5.14
N PRO A 78 5.03 -18.48 -4.43
CA PRO A 78 5.98 -17.46 -4.00
C PRO A 78 6.56 -16.67 -5.16
N ASP A 79 6.80 -17.30 -6.31
CA ASP A 79 7.32 -16.59 -7.45
C ASP A 79 6.33 -15.60 -8.07
N TYR A 80 5.04 -15.69 -7.73
CA TYR A 80 4.05 -14.72 -8.17
C TYR A 80 3.69 -13.75 -7.05
N ALA A 81 4.40 -13.83 -5.93
CA ALA A 81 4.13 -13.08 -4.73
C ALA A 81 5.48 -12.47 -4.30
N TYR A 82 6.09 -12.76 -3.17
CA TYR A 82 7.30 -12.09 -2.71
C TYR A 82 8.56 -12.94 -2.80
N GLY A 83 8.46 -14.17 -3.33
CA GLY A 83 9.64 -14.93 -3.72
C GLY A 83 10.58 -15.30 -2.60
N ALA A 84 11.87 -15.35 -2.90
CA ALA A 84 12.79 -15.87 -1.92
C ALA A 84 13.14 -14.82 -0.86
N THR A 85 12.78 -13.58 -1.07
CA THR A 85 13.12 -12.53 -0.12
C THR A 85 12.00 -12.28 0.88
N GLY A 86 10.75 -12.46 0.45
CA GLY A 86 9.61 -12.20 1.29
C GLY A 86 9.38 -10.68 1.36
N HIS A 87 8.51 -10.28 2.27
CA HIS A 87 8.21 -8.89 2.47
C HIS A 87 8.60 -8.64 3.91
N PRO A 88 9.66 -7.88 4.14
CA PRO A 88 10.30 -7.71 5.45
C PRO A 88 9.34 -7.40 6.58
N GLY A 89 9.46 -8.21 7.62
CA GLY A 89 8.64 -8.06 8.80
C GLY A 89 7.34 -8.79 8.70
N ILE A 90 6.84 -9.16 7.52
CA ILE A 90 5.47 -9.63 7.39
C ILE A 90 5.48 -11.00 6.70
N ILE A 91 6.04 -11.14 5.49
CA ILE A 91 5.90 -12.39 4.72
C ILE A 91 7.29 -13.00 4.68
N PRO A 92 7.47 -14.26 5.10
CA PRO A 92 8.76 -14.98 5.05
C PRO A 92 9.17 -15.34 3.61
N PRO A 93 10.45 -15.68 3.34
CA PRO A 93 10.88 -16.26 2.07
C PRO A 93 10.04 -17.49 1.75
N HIS A 94 9.78 -17.59 0.44
CA HIS A 94 9.15 -18.78 -0.13
C HIS A 94 7.76 -19.01 0.46
N ALA A 95 6.97 -17.98 0.75
CA ALA A 95 5.62 -18.23 1.23
C ALA A 95 4.60 -18.26 0.10
N THR A 96 3.71 -19.29 0.14
CA THR A 96 2.51 -19.35 -0.68
C THR A 96 1.41 -18.51 0.01
N LEU A 97 0.72 -17.65 -0.74
CA LEU A 97 -0.25 -16.71 -0.17
C LEU A 97 -1.62 -17.12 -0.68
N VAL A 98 -2.60 -17.05 0.21
CA VAL A 98 -3.97 -17.18 -0.22
C VAL A 98 -4.73 -15.91 0.12
N PHE A 99 -5.41 -15.36 -0.89
CA PHE A 99 -6.23 -14.18 -0.74
C PHE A 99 -7.69 -14.49 -1.06
N ASP A 100 -8.59 -13.92 -0.26
CA ASP A 100 -10.00 -13.87 -0.60
C ASP A 100 -10.25 -12.48 -1.20
N VAL A 101 -10.64 -12.34 -2.46
CA VAL A 101 -10.74 -11.08 -3.14
C VAL A 101 -12.13 -10.98 -3.72
N GLU A 102 -12.77 -9.84 -3.46
CA GLU A 102 -14.08 -9.57 -4.02
C GLU A 102 -13.99 -8.35 -4.91
N LEU A 103 -14.27 -8.47 -6.21
CA LEU A 103 -14.17 -7.33 -7.12
C LEU A 103 -15.48 -6.56 -7.08
N LEU A 104 -15.42 -5.45 -6.35
CA LEU A 104 -16.59 -4.61 -6.12
C LEU A 104 -17.04 -3.77 -7.33
N LYS A 105 -16.10 -3.10 -8.02
CA LYS A 105 -16.42 -2.01 -8.92
C LYS A 105 -15.16 -1.71 -9.71
N LEU A 106 -15.35 -1.17 -10.91
CA LEU A 106 -14.27 -0.67 -11.71
C LEU A 106 -14.48 0.85 -11.84
N GLU A 107 -13.41 1.62 -11.79
CA GLU A 107 -13.42 3.05 -12.08
C GLU A 107 -12.31 3.34 -13.10
N VAL B 1 10.84 28.63 -6.37
CA VAL B 1 10.12 27.26 -6.19
C VAL B 1 8.76 27.32 -5.49
N ALA B 2 7.79 27.00 -6.27
CA ALA B 2 6.35 27.10 -5.93
C ALA B 2 5.86 25.61 -6.07
N ILE B 3 5.47 25.03 -4.89
CA ILE B 3 4.88 23.69 -5.16
C ILE B 3 3.85 23.34 -4.06
N LEU B 4 2.75 22.71 -4.44
CA LEU B 4 1.74 22.54 -3.40
C LEU B 4 2.21 21.46 -2.41
N TRP B 5 1.73 21.56 -1.15
CA TRP B 5 2.21 20.60 -0.16
C TRP B 5 1.68 19.19 -0.56
N HIS B 6 0.59 19.00 -1.19
CA HIS B 6 0.02 17.80 -1.75
C HIS B 6 1.06 17.13 -2.67
N GLU B 7 1.68 17.97 -3.57
CA GLU B 7 2.61 17.46 -4.56
C GLU B 7 3.93 17.04 -3.88
N MET B 8 4.30 17.93 -2.92
CA MET B 8 5.77 17.71 -2.44
C MET B 8 5.70 16.39 -1.64
N TRP B 9 4.61 16.18 -0.82
CA TRP B 9 4.49 14.91 -0.11
C TRP B 9 4.28 13.68 -1.02
N HIS B 10 3.51 13.78 -2.13
CA HIS B 10 3.24 12.59 -2.93
C HIS B 10 4.57 12.15 -3.52
N GLU B 11 5.33 13.12 -4.09
CA GLU B 11 6.59 12.79 -4.65
C GLU B 11 7.62 12.35 -3.64
N GLY B 12 7.69 13.01 -2.47
CA GLY B 12 8.63 12.71 -1.43
C GLY B 12 8.42 11.28 -0.82
N LEU B 13 7.14 10.90 -0.53
CA LEU B 13 6.81 9.58 0.03
C LEU B 13 7.18 8.51 -0.97
N GLU B 14 6.91 8.65 -2.22
CA GLU B 14 7.19 7.77 -3.30
C GLU B 14 8.69 7.53 -3.37
N GLU B 15 9.50 8.64 -3.29
CA GLU B 15 10.90 8.55 -3.43
C GLU B 15 11.53 7.90 -2.14
N ALA B 16 11.06 8.29 -0.98
CA ALA B 16 11.57 7.80 0.29
C ALA B 16 11.24 6.27 0.38
N SER B 17 10.00 5.91 0.03
CA SER B 17 9.71 4.44 -0.02
C SER B 17 10.55 3.65 -0.97
N ARG B 18 10.88 4.28 -2.18
CA ARG B 18 11.81 3.55 -3.06
C ARG B 18 13.16 3.33 -2.50
N LEU B 19 13.78 4.33 -1.86
CA LEU B 19 15.04 4.18 -1.20
C LEU B 19 15.05 3.17 -0.10
N TYR B 20 13.96 3.14 0.72
CA TYR B 20 13.91 2.30 1.88
C TYR B 20 13.52 0.84 1.39
N PHE B 21 12.37 0.66 0.81
CA PHE B 21 11.91 -0.73 0.44
C PHE B 21 12.61 -1.37 -0.73
N GLY B 22 12.92 -0.59 -1.77
CA GLY B 22 13.55 -1.00 -2.96
C GLY B 22 15.06 -1.09 -2.72
N GLU B 23 15.67 -0.01 -2.22
CA GLU B 23 17.12 0.00 -2.08
C GLU B 23 17.74 -0.41 -0.76
N ARG B 24 16.91 -0.64 0.26
CA ARG B 24 17.34 -0.87 1.61
C ARG B 24 18.21 0.32 2.11
N ASN B 25 17.92 1.54 1.64
CA ASN B 25 18.72 2.66 2.07
C ASN B 25 17.96 3.55 3.06
N VAL B 26 18.09 3.34 4.38
CA VAL B 26 17.38 4.02 5.41
C VAL B 26 17.97 5.44 5.49
N LYS B 27 19.32 5.57 5.41
CA LYS B 27 19.84 6.97 5.44
C LYS B 27 19.18 7.85 4.39
N GLY B 28 19.00 7.37 3.18
CA GLY B 28 18.50 8.16 2.02
C GLY B 28 17.00 8.46 2.27
N MET B 29 16.22 7.45 2.79
CA MET B 29 14.85 7.68 3.21
C MET B 29 14.63 8.75 4.22
N PHE B 30 15.51 8.86 5.23
CA PHE B 30 15.47 10.01 6.20
C PHE B 30 15.80 11.35 5.54
N GLU B 31 16.90 11.25 4.68
CA GLU B 31 17.28 12.46 4.07
C GLU B 31 16.10 13.09 3.30
N VAL B 32 15.35 12.26 2.62
CA VAL B 32 14.16 12.72 1.93
C VAL B 32 13.07 13.22 2.85
N LEU B 33 12.69 12.49 3.91
CA LEU B 33 11.55 12.80 4.75
C LEU B 33 11.86 13.95 5.71
N GLU B 34 13.12 14.20 6.11
CA GLU B 34 13.32 15.26 7.17
C GLU B 34 12.91 16.68 6.78
N PRO B 35 13.18 17.16 5.54
CA PRO B 35 12.82 18.49 5.09
C PRO B 35 11.31 18.61 4.88
N LEU B 36 10.66 17.40 4.56
CA LEU B 36 9.21 17.52 4.43
C LEU B 36 8.56 17.77 5.76
N HIS B 37 8.97 16.99 6.78
CA HIS B 37 8.44 17.28 8.08
C HIS B 37 8.82 18.72 8.56
N ALA B 38 9.99 19.11 8.25
CA ALA B 38 10.45 20.48 8.79
C ALA B 38 9.59 21.55 8.16
N MET B 39 9.21 21.40 6.89
CA MET B 39 8.16 22.36 6.44
C MET B 39 6.87 22.29 7.16
N MET B 40 6.24 21.19 7.50
CA MET B 40 5.05 21.18 8.34
C MET B 40 5.35 21.89 9.65
N GLU B 41 6.51 21.58 10.26
CA GLU B 41 6.86 22.25 11.51
C GLU B 41 6.78 23.77 11.41
N ARG B 42 7.23 24.31 10.32
CA ARG B 42 7.16 25.78 10.20
C ARG B 42 5.71 26.26 10.17
N GLY B 43 4.75 25.53 9.63
CA GLY B 43 3.35 25.96 9.67
C GLY B 43 2.81 26.34 8.31
N PRO B 44 1.50 26.21 8.02
CA PRO B 44 0.95 26.53 6.76
C PRO B 44 0.94 28.04 6.52
N GLN B 45 1.20 28.53 5.35
CA GLN B 45 1.11 29.95 5.01
C GLN B 45 0.15 30.29 3.85
N THR B 46 -0.50 29.25 3.26
CA THR B 46 -1.56 29.48 2.31
C THR B 46 -2.85 28.75 2.72
N LEU B 47 -3.97 29.15 2.14
CA LEU B 47 -5.24 28.38 2.42
C LEU B 47 -5.04 26.87 2.03
N LYS B 48 -4.47 26.55 0.89
CA LYS B 48 -4.20 25.22 0.38
C LYS B 48 -3.19 24.48 1.28
N GLU B 49 -2.29 25.20 1.87
CA GLU B 49 -1.34 24.56 2.82
C GLU B 49 -2.10 24.22 4.09
N THR B 50 -3.04 25.18 4.44
CA THR B 50 -3.75 25.01 5.73
C THR B 50 -4.71 23.79 5.64
N SER B 51 -5.35 23.68 4.50
CA SER B 51 -6.37 22.55 4.42
C SER B 51 -5.56 21.23 4.32
N PHE B 52 -4.39 21.20 3.63
CA PHE B 52 -3.57 19.99 3.64
C PHE B 52 -3.12 19.66 5.07
N ASN B 53 -2.70 20.69 5.81
CA ASN B 53 -2.30 20.45 7.22
C ASN B 53 -3.47 20.01 8.06
N GLN B 54 -4.66 20.61 7.92
CA GLN B 54 -5.86 20.07 8.60
C GLN B 54 -6.18 18.54 8.33
N ALA B 55 -6.07 18.14 7.06
CA ALA B 55 -6.43 16.75 6.75
C ALA B 55 -5.33 15.76 7.11
N TYR B 56 -4.05 16.10 6.87
CA TYR B 56 -2.98 15.11 7.02
C TYR B 56 -1.99 15.49 8.10
N GLY B 57 -2.12 16.58 8.82
CA GLY B 57 -0.97 17.06 9.67
C GLY B 57 -0.72 16.02 10.79
N ARG B 58 -1.86 15.69 11.47
CA ARG B 58 -1.73 14.76 12.60
C ARG B 58 -1.16 13.40 12.17
N ASP B 59 -1.63 12.79 11.06
CA ASP B 59 -1.06 11.51 10.63
C ASP B 59 0.44 11.66 10.37
N LEU B 60 0.82 12.77 9.68
CA LEU B 60 2.24 12.88 9.34
C LEU B 60 3.07 13.10 10.60
N MET B 61 2.54 13.88 11.57
CA MET B 61 3.25 14.05 12.84
C MET B 61 3.37 12.67 13.55
N GLU B 62 2.34 11.89 13.61
CA GLU B 62 2.43 10.50 14.14
C GLU B 62 3.42 9.64 13.36
N ALA B 63 3.48 9.69 12.02
CA ALA B 63 4.50 8.90 11.28
C ALA B 63 5.88 9.35 11.74
N GLN B 64 6.13 10.70 11.84
CA GLN B 64 7.37 11.14 12.42
C GLN B 64 7.62 10.65 13.85
N GLU B 65 6.63 10.57 14.78
CA GLU B 65 6.95 10.03 16.08
C GLU B 65 7.41 8.55 15.95
N TRP B 66 6.75 7.75 15.13
CA TRP B 66 7.25 6.37 14.95
C TRP B 66 8.69 6.34 14.42
N CYS B 67 8.92 7.20 13.37
CA CYS B 67 10.34 7.20 12.89
C CYS B 67 11.31 7.53 14.04
N ARG B 68 10.97 8.58 14.83
CA ARG B 68 11.82 8.95 15.95
C ARG B 68 11.88 7.77 16.95
N LYS B 69 10.81 6.97 17.11
CA LYS B 69 10.92 5.83 17.97
C LYS B 69 11.98 4.83 17.54
N TYR B 70 11.99 4.61 16.25
CA TYR B 70 12.96 3.75 15.62
C TYR B 70 14.45 4.23 15.78
N MET B 71 14.56 5.54 15.69
CA MET B 71 15.92 6.13 15.85
C MET B 71 16.46 5.65 17.18
N LYS B 72 15.65 5.65 18.19
CA LYS B 72 16.14 5.34 19.52
C LYS B 72 16.04 3.82 19.73
N SER B 73 15.04 3.11 19.32
CA SER B 73 14.91 1.67 19.54
C SER B 73 15.76 0.79 18.66
N GLY B 74 16.06 1.07 17.40
CA GLY B 74 16.71 0.12 16.45
C GLY B 74 15.72 -1.00 16.02
N ASN B 75 14.44 -0.83 16.25
CA ASN B 75 13.53 -1.97 15.89
C ASN B 75 12.79 -1.64 14.58
N VAL B 76 13.00 -2.24 13.44
CA VAL B 76 12.36 -1.99 12.19
C VAL B 76 10.87 -2.00 12.21
N LYS B 77 10.14 -2.68 13.09
CA LYS B 77 8.73 -2.62 13.30
C LYS B 77 8.22 -1.21 13.65
N ASP B 78 9.10 -0.43 14.34
CA ASP B 78 8.67 0.94 14.56
C ASP B 78 8.67 1.72 13.21
N LEU B 79 9.61 1.47 12.31
CA LEU B 79 9.57 2.18 11.03
C LEU B 79 8.47 1.64 10.16
N THR B 80 8.14 0.34 10.37
CA THR B 80 6.99 -0.07 9.42
C THR B 80 5.84 0.75 9.83
N GLN B 81 5.62 0.94 11.17
CA GLN B 81 4.34 1.60 11.66
C GLN B 81 4.23 3.04 11.05
N ALA B 82 5.47 3.54 10.94
CA ALA B 82 5.47 4.92 10.24
C ALA B 82 5.02 4.80 8.79
N TRP B 83 5.44 3.66 8.06
CA TRP B 83 5.05 3.57 6.67
C TRP B 83 3.58 3.29 6.52
N ASP B 84 2.87 2.72 7.53
CA ASP B 84 1.42 2.49 7.37
C ASP B 84 0.71 3.87 7.35
N LEU B 85 1.14 4.78 8.17
CA LEU B 85 0.57 6.14 8.22
C LEU B 85 1.04 6.91 6.99
N TYR B 86 2.28 6.71 6.54
CA TYR B 86 2.65 7.44 5.31
C TYR B 86 1.82 6.95 4.11
N TYR B 87 1.58 5.65 4.02
CA TYR B 87 0.88 5.09 2.82
C TYR B 87 -0.56 5.59 2.90
N HIS B 88 -1.19 5.60 4.13
CA HIS B 88 -2.61 6.11 4.18
C HIS B 88 -2.63 7.59 3.65
N VAL B 89 -1.69 8.43 4.11
CA VAL B 89 -1.60 9.76 3.51
C VAL B 89 -1.45 9.72 2.01
N PHE B 90 -0.48 8.90 1.51
CA PHE B 90 -0.19 8.86 0.10
C PHE B 90 -1.38 8.48 -0.76
N ARG B 91 -2.14 7.44 -0.28
CA ARG B 91 -3.31 7.03 -0.94
C ARG B 91 -4.35 8.17 -0.90
N ARG B 92 -4.51 8.83 0.19
CA ARG B 92 -5.55 9.92 0.28
C ARG B 92 -5.19 11.05 -0.68
N ILE B 93 -3.92 11.40 -0.76
CA ILE B 93 -3.44 12.45 -1.69
C ILE B 93 -3.64 12.02 -3.13
N SER B 94 -3.63 10.72 -3.42
CA SER B 94 -3.65 10.20 -4.73
C SER B 94 -5.06 10.15 -5.32
TB TB C . -1.38 -35.25 -5.66
TB TB D . -6.43 -35.46 -6.89
N GLY A 1 2.30 -20.09 -10.17
CA GLY A 1 1.38 -19.17 -10.79
C GLY A 1 0.35 -18.71 -9.76
N VAL A 2 -0.87 -18.47 -10.25
CA VAL A 2 -2.00 -18.08 -9.43
C VAL A 2 -3.16 -18.98 -9.86
N GLN A 3 -3.80 -19.59 -8.89
CA GLN A 3 -4.97 -20.41 -9.13
C GLN A 3 -6.17 -19.58 -8.68
N VAL A 4 -7.26 -19.45 -9.43
CA VAL A 4 -8.42 -18.64 -9.03
C VAL A 4 -9.56 -19.64 -8.84
N GLU A 5 -10.08 -19.78 -7.63
CA GLU A 5 -11.21 -20.66 -7.37
C GLU A 5 -12.41 -19.82 -6.94
N THR A 6 -13.58 -19.89 -7.56
CA THR A 6 -14.71 -19.03 -7.24
C THR A 6 -15.40 -19.28 -5.91
N ILE A 7 -15.59 -18.25 -5.09
CA ILE A 7 -16.43 -18.37 -3.90
C ILE A 7 -17.86 -17.97 -4.29
N SER A 8 -18.08 -16.90 -5.06
CA SER A 8 -19.40 -16.47 -5.53
C SER A 8 -19.17 -15.89 -6.93
N PRO A 9 -19.99 -16.21 -7.90
CA PRO A 9 -19.83 -15.76 -9.26
C PRO A 9 -20.06 -14.26 -9.47
N GLY A 10 -19.29 -13.68 -10.37
CA GLY A 10 -19.54 -12.32 -10.80
C GLY A 10 -20.53 -12.34 -11.94
N ASP A 11 -20.60 -11.26 -12.68
CA ASP A 11 -21.54 -11.21 -13.80
C ASP A 11 -21.10 -11.96 -15.05
N GLY A 12 -19.85 -12.42 -15.10
CA GLY A 12 -19.33 -13.16 -16.24
C GLY A 12 -19.19 -12.35 -17.52
N ARG A 13 -19.23 -11.02 -17.46
CA ARG A 13 -19.23 -10.17 -18.63
C ARG A 13 -18.29 -9.01 -18.48
N THR A 14 -18.26 -8.36 -17.32
CA THR A 14 -17.47 -7.18 -17.05
C THR A 14 -16.17 -7.50 -16.34
N PHE A 15 -15.10 -7.46 -17.11
CA PHE A 15 -13.78 -7.82 -16.63
C PHE A 15 -12.91 -6.58 -16.63
N PRO A 16 -11.92 -6.40 -15.74
CA PRO A 16 -11.05 -5.23 -15.74
C PRO A 16 -10.25 -5.14 -17.03
N LYS A 17 -10.02 -3.90 -17.45
CA LYS A 17 -9.12 -3.58 -18.52
C LYS A 17 -7.86 -3.00 -17.85
N ARG A 18 -6.72 -3.14 -18.54
CA ARG A 18 -5.48 -2.51 -18.17
C ARG A 18 -5.72 -1.01 -18.04
N GLY A 19 -5.24 -0.45 -16.96
CA GLY A 19 -5.41 0.96 -16.71
C GLY A 19 -6.67 1.26 -15.92
N GLN A 20 -7.63 0.34 -15.76
CA GLN A 20 -8.77 0.63 -14.92
C GLN A 20 -8.41 0.44 -13.47
N THR A 21 -9.10 1.20 -12.63
CA THR A 21 -9.04 1.04 -11.19
C THR A 21 -10.00 -0.06 -10.76
N CYS A 22 -9.46 -1.09 -10.13
CA CYS A 22 -10.28 -2.14 -9.53
C CYS A 22 -10.51 -1.77 -8.07
N VAL A 23 -11.76 -1.90 -7.61
CA VAL A 23 -12.12 -1.65 -6.22
C VAL A 23 -12.46 -3.01 -5.61
N VAL A 24 -11.72 -3.45 -4.58
CA VAL A 24 -11.83 -4.81 -4.06
C VAL A 24 -11.91 -4.83 -2.55
N HIS A 25 -12.46 -5.89 -1.97
CA HIS A 25 -12.17 -6.22 -0.58
C HIS A 25 -11.31 -7.45 -0.55
N TYR A 26 -10.36 -7.54 0.39
CA TYR A 26 -9.51 -8.70 0.50
C TYR A 26 -9.20 -9.05 1.94
N THR A 27 -8.88 -10.33 2.14
CA THR A 27 -8.27 -10.91 3.34
C THR A 27 -7.09 -11.72 2.80
N GLY A 28 -5.91 -11.56 3.39
CA GLY A 28 -4.74 -12.31 3.00
C GLY A 28 -4.26 -13.17 4.17
N MET A 29 -3.79 -14.37 3.87
CA MET A 29 -3.17 -15.25 4.86
C MET A 29 -2.08 -16.06 4.19
N LEU A 30 -1.15 -16.53 5.02
CA LEU A 30 -0.10 -17.45 4.56
C LEU A 30 -0.75 -18.82 4.38
N GLU A 31 -0.40 -19.62 3.36
CA GLU A 31 -1.01 -20.94 3.13
C GLU A 31 -0.86 -21.78 4.38
N ASP A 32 -2.03 -22.19 4.91
CA ASP A 32 -2.14 -22.87 6.20
C ASP A 32 -1.41 -22.21 7.37
N GLY A 33 -1.62 -20.90 7.40
CA GLY A 33 -0.95 -20.06 8.36
C GLY A 33 -1.83 -18.86 8.72
N LYS A 34 -1.08 -17.85 9.16
CA LYS A 34 -1.61 -16.66 9.79
C LYS A 34 -2.31 -15.76 8.78
N LYS A 35 -3.49 -15.24 9.10
CA LYS A 35 -4.02 -14.06 8.42
C LYS A 35 -3.14 -12.87 8.76
N PHE A 36 -2.70 -12.16 7.73
CA PHE A 36 -1.81 -11.04 7.93
C PHE A 36 -2.49 -9.73 7.56
N ASP A 37 -3.59 -9.70 6.79
CA ASP A 37 -4.23 -8.43 6.43
C ASP A 37 -5.66 -8.59 5.92
N SER A 38 -6.54 -7.59 6.10
CA SER A 38 -7.86 -7.62 5.55
C SER A 38 -8.31 -6.19 5.44
N SER A 39 -8.78 -5.79 4.26
CA SER A 39 -9.38 -4.49 4.11
C SER A 39 -10.75 -4.44 4.77
N ARG A 40 -11.39 -5.59 5.00
CA ARG A 40 -12.72 -5.63 5.58
C ARG A 40 -12.72 -5.09 6.99
N ASP A 41 -11.69 -5.44 7.78
CA ASP A 41 -11.45 -4.94 9.14
C ASP A 41 -11.46 -3.43 9.21
N ARG A 42 -10.84 -2.88 8.16
CA ARG A 42 -10.62 -1.46 8.05
C ARG A 42 -11.84 -0.73 7.53
N ASN A 43 -12.86 -1.48 7.11
CA ASN A 43 -14.10 -0.93 6.57
C ASN A 43 -13.84 -0.08 5.32
N LYS A 44 -12.64 -0.14 4.71
CA LYS A 44 -12.33 0.67 3.55
C LYS A 44 -11.86 -0.29 2.43
N PRO A 45 -12.40 -0.22 1.19
CA PRO A 45 -11.97 -1.05 0.08
C PRO A 45 -10.64 -0.51 -0.42
N PHE A 46 -9.91 -1.46 -0.98
CA PHE A 46 -8.60 -1.22 -1.53
C PHE A 46 -8.79 -0.97 -3.01
N LYS A 47 -8.04 -0.02 -3.57
CA LYS A 47 -8.14 0.27 -4.98
C LYS A 47 -6.73 0.21 -5.53
N PHE A 48 -6.62 -0.34 -6.72
CA PHE A 48 -5.35 -0.33 -7.44
C PHE A 48 -5.63 -0.27 -8.93
N MET A 49 -4.65 0.17 -9.68
CA MET A 49 -4.81 0.28 -11.12
C MET A 49 -4.17 -0.92 -11.77
N LEU A 50 -4.98 -1.63 -12.55
CA LEU A 50 -4.55 -2.84 -13.17
C LEU A 50 -3.52 -2.50 -14.23
N GLY A 51 -2.46 -3.29 -14.28
CA GLY A 51 -1.47 -3.18 -15.32
C GLY A 51 -0.33 -2.23 -15.01
N LYS A 52 -0.33 -1.48 -13.90
CA LYS A 52 0.74 -0.53 -13.59
C LYS A 52 1.87 -1.08 -12.71
N GLN A 53 1.89 -2.40 -12.48
CA GLN A 53 2.79 -3.04 -11.51
C GLN A 53 2.81 -2.45 -10.08
N GLU A 54 1.63 -1.99 -9.64
CA GLU A 54 1.46 -1.54 -8.28
C GLU A 54 1.42 -2.69 -7.28
N VAL A 55 0.93 -3.85 -7.73
CA VAL A 55 0.73 -4.99 -6.85
C VAL A 55 1.46 -6.22 -7.38
N ILE A 56 1.58 -7.24 -6.55
CA ILE A 56 2.24 -8.49 -6.92
C ILE A 56 1.61 -9.13 -8.15
N ARG A 57 2.42 -9.91 -8.86
CA ARG A 57 2.03 -10.48 -10.12
C ARG A 57 0.77 -11.35 -10.09
N GLY A 58 0.64 -12.12 -9.02
CA GLY A 58 -0.52 -12.96 -8.81
C GLY A 58 -1.83 -12.19 -8.73
N TRP A 59 -1.80 -10.96 -8.21
CA TRP A 59 -2.96 -10.11 -8.19
C TRP A 59 -3.18 -9.57 -9.58
N GLU A 60 -2.14 -9.13 -10.30
CA GLU A 60 -2.29 -8.62 -11.65
C GLU A 60 -2.95 -9.64 -12.58
N GLU A 61 -2.49 -10.88 -12.52
CA GLU A 61 -3.07 -11.93 -13.32
C GLU A 61 -4.36 -12.50 -12.77
N GLY A 62 -4.47 -12.57 -11.45
CA GLY A 62 -5.63 -13.13 -10.79
C GLY A 62 -6.85 -12.27 -10.99
N VAL A 63 -6.73 -10.98 -10.64
CA VAL A 63 -7.87 -10.07 -10.73
C VAL A 63 -8.31 -9.81 -12.17
N ALA A 64 -7.38 -9.81 -13.14
CA ALA A 64 -7.73 -9.68 -14.54
C ALA A 64 -8.71 -10.70 -15.08
N GLN A 65 -8.79 -11.90 -14.48
CA GLN A 65 -9.74 -12.88 -14.99
C GLN A 65 -11.02 -12.90 -14.16
N MET A 66 -11.23 -11.90 -13.31
CA MET A 66 -12.42 -11.88 -12.50
C MET A 66 -13.38 -10.88 -13.12
N SER A 67 -14.67 -11.17 -13.00
CA SER A 67 -15.66 -10.20 -13.41
C SER A 67 -16.26 -9.45 -12.23
N VAL A 68 -16.92 -8.30 -12.47
CA VAL A 68 -17.49 -7.51 -11.40
C VAL A 68 -18.49 -8.32 -10.61
N GLY A 69 -18.36 -8.31 -9.29
CA GLY A 69 -19.23 -9.02 -8.37
C GLY A 69 -18.64 -10.34 -7.89
N GLN A 70 -17.60 -10.83 -8.56
CA GLN A 70 -17.07 -12.13 -8.25
C GLN A 70 -16.31 -12.06 -6.94
N ARG A 71 -16.38 -13.12 -6.15
CA ARG A 71 -15.53 -13.31 -4.99
C ARG A 71 -14.73 -14.58 -5.26
N ALA A 72 -13.40 -14.56 -5.10
CA ALA A 72 -12.57 -15.71 -5.41
C ALA A 72 -11.44 -15.93 -4.41
N LYS A 73 -11.02 -17.18 -4.26
CA LYS A 73 -9.84 -17.53 -3.51
C LYS A 73 -8.72 -17.58 -4.56
N LEU A 74 -7.69 -16.77 -4.34
CA LEU A 74 -6.50 -16.76 -5.18
C LEU A 74 -5.38 -17.46 -4.44
N THR A 75 -4.79 -18.54 -4.94
CA THR A 75 -3.62 -19.14 -4.31
C THR A 75 -2.40 -18.76 -5.16
N ILE A 76 -1.40 -18.14 -4.57
CA ILE A 76 -0.33 -17.50 -5.32
C ILE A 76 0.99 -18.12 -4.85
N SER A 77 1.73 -18.63 -5.82
CA SER A 77 3.01 -19.25 -5.51
C SER A 77 4.01 -18.16 -5.17
N PRO A 78 5.10 -18.38 -4.46
CA PRO A 78 6.04 -17.35 -4.03
C PRO A 78 6.61 -16.56 -5.18
N ASP A 79 6.86 -17.18 -6.33
CA ASP A 79 7.37 -16.46 -7.47
C ASP A 79 6.37 -15.49 -8.08
N TYR A 80 5.09 -15.58 -7.75
CA TYR A 80 4.08 -14.61 -8.19
C TYR A 80 3.71 -13.66 -7.06
N ALA A 81 4.43 -13.74 -5.94
CA ALA A 81 4.15 -12.99 -4.73
C ALA A 81 5.50 -12.37 -4.31
N TYR A 82 6.11 -12.65 -3.17
CA TYR A 82 7.32 -11.99 -2.71
C TYR A 82 8.59 -12.82 -2.81
N GLY A 83 8.50 -14.05 -3.33
CA GLY A 83 9.68 -14.79 -3.74
C GLY A 83 10.62 -15.16 -2.62
N ALA A 84 11.92 -15.20 -2.92
CA ALA A 84 12.84 -15.72 -1.94
C ALA A 84 13.19 -14.68 -0.88
N THR A 85 12.81 -13.43 -1.08
CA THR A 85 13.14 -12.39 -0.14
C THR A 85 12.02 -12.15 0.87
N GLY A 86 10.78 -12.34 0.44
CA GLY A 86 9.63 -12.09 1.29
C GLY A 86 9.39 -10.58 1.36
N HIS A 87 8.51 -10.18 2.27
CA HIS A 87 8.20 -8.79 2.48
C HIS A 87 8.59 -8.54 3.91
N PRO A 88 9.66 -7.77 4.15
CA PRO A 88 10.29 -7.60 5.46
C PRO A 88 9.32 -7.31 6.59
N GLY A 89 9.45 -8.12 7.63
CA GLY A 89 8.64 -7.97 8.80
C GLY A 89 7.34 -8.72 8.71
N ILE A 90 6.84 -9.09 7.52
CA ILE A 90 5.48 -9.57 7.39
C ILE A 90 5.49 -10.94 6.69
N ILE A 91 6.06 -11.07 5.50
CA ILE A 91 5.92 -12.31 4.72
C ILE A 91 7.32 -12.92 4.67
N PRO A 92 7.52 -14.17 5.10
CA PRO A 92 8.81 -14.88 5.03
C PRO A 92 9.22 -15.23 3.59
N PRO A 93 10.50 -15.56 3.32
CA PRO A 93 10.94 -16.14 2.06
C PRO A 93 10.11 -17.36 1.72
N HIS A 94 9.85 -17.47 0.41
CA HIS A 94 9.23 -18.66 -0.16
C HIS A 94 7.84 -18.92 0.44
N ALA A 95 7.03 -17.89 0.73
CA ALA A 95 5.70 -18.14 1.21
C ALA A 95 4.66 -18.18 0.07
N THR A 96 3.79 -19.21 0.11
CA THR A 96 2.60 -19.29 -0.71
C THR A 96 1.49 -18.45 -0.01
N LEU A 97 0.78 -17.60 -0.76
CA LEU A 97 -0.20 -16.68 -0.18
C LEU A 97 -1.56 -17.09 -0.69
N VAL A 98 -2.54 -17.02 0.20
CA VAL A 98 -3.91 -17.17 -0.23
C VAL A 98 -4.69 -15.90 0.11
N PHE A 99 -5.36 -15.36 -0.89
CA PHE A 99 -6.20 -14.19 -0.74
C PHE A 99 -7.65 -14.50 -1.06
N ASP A 100 -8.55 -13.95 -0.27
CA ASP A 100 -9.97 -13.91 -0.60
C ASP A 100 -10.21 -12.51 -1.19
N VAL A 101 -10.62 -12.38 -2.45
CA VAL A 101 -10.72 -11.11 -3.12
C VAL A 101 -12.12 -11.02 -3.71
N GLU A 102 -12.77 -9.89 -3.45
CA GLU A 102 -14.09 -9.63 -3.99
C GLU A 102 -13.99 -8.40 -4.89
N LEU A 103 -14.27 -8.53 -6.19
CA LEU A 103 -14.19 -7.38 -7.09
C LEU A 103 -15.51 -6.62 -7.05
N LEU A 104 -15.45 -5.50 -6.32
CA LEU A 104 -16.64 -4.69 -6.08
C LEU A 104 -17.09 -3.85 -7.29
N LYS A 105 -16.15 -3.17 -7.96
CA LYS A 105 -16.49 -2.08 -8.88
C LYS A 105 -15.23 -1.76 -9.66
N LEU A 106 -15.42 -1.21 -10.86
CA LEU A 106 -14.34 -0.70 -11.66
C LEU A 106 -14.57 0.81 -11.80
N GLU A 107 -13.50 1.60 -11.74
CA GLU A 107 -13.53 3.02 -12.02
C GLU A 107 -12.42 3.33 -13.05
N VAL B 1 10.99 28.59 -6.36
CA VAL B 1 10.27 27.23 -6.19
C VAL B 1 8.90 27.28 -5.48
N ALA B 2 7.93 26.98 -6.27
CA ALA B 2 6.48 27.09 -5.93
C ALA B 2 5.99 25.61 -6.08
N ILE B 3 5.58 25.03 -4.90
CA ILE B 3 5.00 23.70 -5.17
C ILE B 3 3.96 23.35 -4.08
N LEU B 4 2.85 22.72 -4.46
CA LEU B 4 1.83 22.57 -3.42
C LEU B 4 2.29 21.48 -2.43
N TRP B 5 1.81 21.58 -1.17
CA TRP B 5 2.28 20.61 -0.19
C TRP B 5 1.76 19.21 -0.58
N HIS B 6 0.66 19.02 -1.22
CA HIS B 6 0.08 17.83 -1.78
C HIS B 6 1.13 17.15 -2.70
N GLU B 7 1.76 18.00 -3.59
CA GLU B 7 2.68 17.47 -4.58
C GLU B 7 3.98 17.05 -3.91
N MET B 8 4.36 17.94 -2.94
CA MET B 8 5.84 17.71 -2.46
C MET B 8 5.75 16.38 -1.65
N TRP B 9 4.66 16.19 -0.83
CA TRP B 9 4.53 14.90 -0.14
C TRP B 9 4.31 13.68 -1.03
N HIS B 10 3.53 13.79 -2.15
CA HIS B 10 3.27 12.60 -2.95
C HIS B 10 4.60 12.15 -3.54
N GLU B 11 5.36 13.12 -4.10
CA GLU B 11 6.63 12.78 -4.66
C GLU B 11 7.65 12.32 -3.65
N GLY B 12 7.72 12.98 -2.48
CA GLY B 12 8.66 12.68 -1.44
C GLY B 12 8.42 11.26 -0.82
N LEU B 13 7.15 10.89 -0.55
CA LEU B 13 6.81 9.56 0.03
C LEU B 13 7.18 8.50 -0.98
N GLU B 14 6.89 8.63 -2.23
CA GLU B 14 7.19 7.75 -3.31
C GLU B 14 8.69 7.50 -3.38
N GLU B 15 9.49 8.61 -3.30
CA GLU B 15 10.91 8.50 -3.42
C GLU B 15 11.53 7.85 -2.13
N ALA B 16 11.06 8.25 -0.98
CA ALA B 16 11.56 7.75 0.28
C ALA B 16 11.21 6.22 0.38
N SER B 17 9.98 5.87 0.03
CA SER B 17 9.67 4.41 -0.01
C SER B 17 10.50 3.61 -0.97
N ARG B 18 10.85 4.23 -2.17
CA ARG B 18 11.78 3.50 -3.06
C ARG B 18 13.12 3.27 -2.49
N LEU B 19 13.74 4.27 -1.85
CA LEU B 19 15.00 4.11 -1.20
C LEU B 19 15.01 3.09 -0.08
N TYR B 20 13.91 3.08 0.73
CA TYR B 20 13.85 2.23 1.89
C TYR B 20 13.44 0.77 1.40
N PHE B 21 12.31 0.61 0.81
CA PHE B 21 11.84 -0.78 0.44
C PHE B 21 12.53 -1.43 -0.73
N GLY B 22 12.85 -0.65 -1.76
CA GLY B 22 13.48 -1.07 -2.95
C GLY B 22 14.99 -1.16 -2.71
N GLU B 23 15.60 -0.09 -2.21
CA GLU B 23 17.06 -0.08 -2.06
C GLU B 23 17.67 -0.50 -0.75
N ARG B 24 16.83 -0.73 0.27
CA ARG B 24 17.26 -0.97 1.63
C ARG B 24 18.14 0.22 2.12
N ASN B 25 17.86 1.44 1.66
CA ASN B 25 18.66 2.56 2.10
C ASN B 25 17.91 3.46 3.08
N VAL B 26 18.03 3.24 4.40
CA VAL B 26 17.32 3.92 5.42
C VAL B 26 17.92 5.35 5.51
N LYS B 27 19.26 5.47 5.44
CA LYS B 27 19.80 6.86 5.47
C LYS B 27 19.16 7.75 4.42
N GLY B 28 18.97 7.27 3.21
CA GLY B 28 18.49 8.06 2.04
C GLY B 28 16.98 8.38 2.29
N MET B 29 16.19 7.37 2.80
CA MET B 29 14.82 7.61 3.23
C MET B 29 14.61 8.67 4.23
N PHE B 30 15.49 8.79 5.25
CA PHE B 30 15.45 9.93 6.22
C PHE B 30 15.79 11.26 5.55
N GLU B 31 16.89 11.16 4.71
CA GLU B 31 17.29 12.37 4.09
C GLU B 31 16.11 13.00 3.32
N VAL B 32 15.35 12.19 2.65
CA VAL B 32 14.18 12.65 1.94
C VAL B 32 13.08 13.16 2.86
N LEU B 33 12.69 12.43 3.92
CA LEU B 33 11.55 12.75 4.76
C LEU B 33 11.87 13.90 5.72
N GLU B 34 13.13 14.14 6.12
CA GLU B 34 13.33 15.19 7.19
C GLU B 34 12.93 16.61 6.79
N PRO B 35 13.21 17.09 5.55
CA PRO B 35 12.86 18.42 5.11
C PRO B 35 11.35 18.56 4.89
N LEU B 36 10.70 17.35 4.57
CA LEU B 36 9.25 17.48 4.42
C LEU B 36 8.59 17.75 5.76
N HIS B 37 9.00 16.96 6.78
CA HIS B 37 8.47 17.25 8.07
C HIS B 37 8.86 18.69 8.56
N ALA B 38 10.04 19.07 8.25
CA ALA B 38 10.49 20.44 8.79
C ALA B 38 9.64 21.51 8.15
N MET B 39 9.27 21.35 6.89
CA MET B 39 8.22 22.33 6.44
C MET B 39 6.94 22.28 7.15
N MET B 40 6.29 21.16 7.49
CA MET B 40 5.09 21.17 8.32
C MET B 40 5.40 21.88 9.65
N GLU B 41 6.56 21.56 10.25
CA GLU B 41 6.90 22.23 11.51
C GLU B 41 6.84 23.75 11.41
N ARG B 42 7.30 24.29 10.30
CA ARG B 42 7.25 25.76 10.19
C ARG B 42 5.80 26.25 10.16
N GLY B 43 4.83 25.53 9.62
CA GLY B 43 3.43 25.95 9.66
C GLY B 43 2.90 26.34 8.29
N PRO B 44 1.60 26.23 8.00
CA PRO B 44 1.05 26.56 6.73
C PRO B 44 1.04 28.06 6.49
N GLN B 45 1.31 28.55 5.33
CA GLN B 45 1.23 29.97 4.99
C GLN B 45 0.28 30.32 3.82
N THR B 46 -0.38 29.29 3.23
CA THR B 46 -1.43 29.52 2.28
C THR B 46 -2.72 28.80 2.69
N LEU B 47 -3.84 29.20 2.10
CA LEU B 47 -5.12 28.45 2.38
C LEU B 47 -4.93 26.93 1.99
N LYS B 48 -4.36 26.61 0.85
CA LYS B 48 -4.09 25.29 0.34
C LYS B 48 -3.10 24.54 1.25
N GLU B 49 -2.20 25.24 1.84
CA GLU B 49 -1.24 24.61 2.78
C GLU B 49 -2.02 24.26 4.06
N THR B 50 -2.94 25.24 4.41
CA THR B 50 -3.66 25.07 5.69
C THR B 50 -4.63 23.85 5.60
N SER B 51 -5.26 23.75 4.45
CA SER B 51 -6.29 22.63 4.38
C SER B 51 -5.49 21.31 4.27
N PHE B 52 -4.33 21.27 3.59
CA PHE B 52 -3.51 20.04 3.59
C PHE B 52 -3.08 19.73 5.03
N ASN B 53 -2.64 20.74 5.78
CA ASN B 53 -2.26 20.50 7.18
C ASN B 53 -3.43 20.07 8.02
N GLN B 54 -4.61 20.68 7.88
CA GLN B 54 -5.82 20.15 8.55
C GLN B 54 -6.14 18.60 8.28
N ALA B 55 -6.04 18.22 7.00
CA ALA B 55 -6.40 16.83 6.71
C ALA B 55 -5.30 15.83 7.07
N TYR B 56 -4.03 16.17 6.83
CA TYR B 56 -2.96 15.16 6.97
C TYR B 56 -1.97 15.53 8.06
N GLY B 57 -2.10 16.63 8.78
CA GLY B 57 -0.96 17.10 9.63
C GLY B 57 -0.72 16.05 10.76
N ARG B 58 -1.85 15.74 11.43
CA ARG B 58 -1.74 14.80 12.56
C ARG B 58 -1.17 13.43 12.14
N ASP B 59 -1.66 12.83 11.03
CA ASP B 59 -1.07 11.55 10.60
C ASP B 59 0.42 11.68 10.34
N LEU B 60 0.80 12.79 9.65
CA LEU B 60 2.23 12.90 9.32
C LEU B 60 3.05 13.11 10.58
N MET B 61 2.54 13.89 11.55
CA MET B 61 3.24 14.06 12.82
C MET B 61 3.35 12.68 13.53
N GLU B 62 2.31 11.90 13.58
CA GLU B 62 2.39 10.51 14.11
C GLU B 62 3.38 9.64 13.33
N ALA B 63 3.44 9.71 12.00
CA ALA B 63 4.45 8.90 11.26
C ALA B 63 5.85 9.34 11.73
N GLN B 64 6.10 10.69 11.83
CA GLN B 64 7.33 11.12 12.40
C GLN B 64 7.58 10.62 13.84
N GLU B 65 6.59 10.55 14.77
CA GLU B 65 6.90 10.00 16.07
C GLU B 65 7.35 8.52 15.94
N TRP B 66 6.69 7.73 15.11
CA TRP B 66 7.18 6.35 14.94
C TRP B 66 8.61 6.31 14.41
N CYS B 67 8.86 7.16 13.36
CA CYS B 67 10.28 7.15 12.89
C CYS B 67 11.24 7.48 14.05
N ARG B 68 10.92 8.53 14.83
CA ARG B 68 11.77 8.89 15.95
C ARG B 68 11.82 7.72 16.95
N LYS B 69 10.74 6.93 17.11
CA LYS B 69 10.83 5.79 17.97
C LYS B 69 11.89 4.77 17.55
N TYR B 70 11.91 4.55 16.26
CA TYR B 70 12.87 3.69 15.61
C TYR B 70 14.36 4.15 15.80
N MET B 71 14.47 5.47 15.71
CA MET B 71 15.84 6.04 15.88
C MET B 71 16.38 5.57 17.19
N LYS B 72 15.57 5.57 18.21
CA LYS B 72 16.05 5.26 19.53
C LYS B 72 15.93 3.73 19.74
N SER B 73 14.93 3.02 19.33
CA SER B 73 14.78 1.60 19.55
C SER B 73 15.63 0.70 18.67
N GLY B 74 15.95 0.99 17.42
CA GLY B 74 16.59 0.02 16.46
C GLY B 74 15.59 -1.08 16.03
N ASN B 75 14.31 -0.91 16.26
CA ASN B 75 13.40 -2.04 15.89
C ASN B 75 12.65 -1.70 14.59
N VAL B 76 12.86 -2.31 13.45
CA VAL B 76 12.24 -2.04 12.19
C VAL B 76 10.74 -2.05 12.21
N LYS B 77 10.01 -2.73 13.09
CA LYS B 77 8.60 -2.65 13.29
C LYS B 77 8.10 -1.24 13.64
N ASP B 78 8.99 -0.47 14.33
CA ASP B 78 8.56 0.92 14.56
C ASP B 78 8.57 1.70 13.20
N LEU B 79 9.52 1.43 12.31
CA LEU B 79 9.47 2.14 11.03
C LEU B 79 8.38 1.61 10.15
N THR B 80 8.04 0.31 10.35
CA THR B 80 6.90 -0.09 9.40
C THR B 80 5.74 0.73 9.80
N GLN B 81 5.53 0.92 11.17
CA GLN B 81 4.24 1.60 11.63
C GLN B 81 4.15 3.04 11.02
N ALA B 82 5.39 3.54 10.91
CA ALA B 82 5.40 4.91 10.22
C ALA B 82 4.96 4.80 8.77
N TRP B 83 5.37 3.65 8.05
CA TRP B 83 4.97 3.56 6.64
C TRP B 83 3.51 3.29 6.50
N ASP B 84 2.80 2.73 7.50
CA ASP B 84 1.35 2.51 7.34
C ASP B 84 0.64 3.89 7.31
N LEU B 85 1.07 4.81 8.14
CA LEU B 85 0.51 6.17 8.18
C LEU B 85 0.99 6.94 6.95
N TYR B 86 2.24 6.72 6.51
CA TYR B 86 2.62 7.45 5.29
C TYR B 86 1.78 6.97 4.08
N TYR B 87 1.53 5.68 3.98
CA TYR B 87 0.83 5.12 2.79
C TYR B 87 -0.60 5.62 2.87
N HIS B 88 -1.23 5.64 4.08
CA HIS B 88 -2.65 6.16 4.14
C HIS B 88 -2.64 7.64 3.60
N VAL B 89 -1.70 8.47 4.07
CA VAL B 89 -1.61 9.80 3.47
C VAL B 89 -1.45 9.75 1.97
N PHE B 90 -0.49 8.93 1.49
CA PHE B 90 -0.19 8.89 0.07
C PHE B 90 -1.38 8.52 -0.79
N ARG B 91 -2.16 7.49 -0.32
CA ARG B 91 -3.32 7.09 -0.99
C ARG B 91 -4.36 8.23 -0.95
N ARG B 92 -4.52 8.90 0.15
CA ARG B 92 -5.55 9.99 0.22
C ARG B 92 -5.17 11.11 -0.72
N ILE B 93 -3.90 11.47 -0.81
CA ILE B 93 -3.41 12.51 -1.73
C ILE B 93 -3.62 12.08 -3.18
N SER B 94 -3.61 10.78 -3.46
CA SER B 94 -3.63 10.25 -4.78
C SER B 94 -5.05 10.22 -5.36
TB TB C . -1.18 -35.20 -5.73
TB TB D . -6.22 -35.45 -6.95
N GLY A 1 2.15 -20.19 -10.20
CA GLY A 1 1.23 -19.25 -10.82
C GLY A 1 0.21 -18.78 -9.79
N VAL A 2 -1.00 -18.52 -10.27
CA VAL A 2 -2.13 -18.13 -9.45
C VAL A 2 -3.31 -19.01 -9.87
N GLN A 3 -3.93 -19.62 -8.89
CA GLN A 3 -5.13 -20.43 -9.14
C GLN A 3 -6.32 -19.58 -8.67
N VAL A 4 -7.40 -19.42 -9.42
CA VAL A 4 -8.55 -18.61 -9.03
C VAL A 4 -9.70 -19.59 -8.82
N GLU A 5 -10.22 -19.73 -7.62
CA GLU A 5 -11.36 -20.60 -7.36
C GLU A 5 -12.54 -19.74 -6.92
N THR A 6 -13.72 -19.81 -7.53
CA THR A 6 -14.85 -18.93 -7.21
C THR A 6 -15.52 -19.17 -5.87
N ILE A 7 -15.71 -18.14 -5.05
CA ILE A 7 -16.54 -18.25 -3.87
C ILE A 7 -17.97 -17.84 -4.25
N SER A 8 -18.18 -16.77 -5.02
CA SER A 8 -19.50 -16.32 -5.48
C SER A 8 -19.27 -15.74 -6.88
N PRO A 9 -20.09 -16.05 -7.85
CA PRO A 9 -19.93 -15.59 -9.21
C PRO A 9 -20.14 -14.10 -9.41
N GLY A 10 -19.37 -13.52 -10.32
CA GLY A 10 -19.60 -12.17 -10.75
C GLY A 10 -20.60 -12.18 -11.88
N ASP A 11 -20.66 -11.09 -12.63
CA ASP A 11 -21.61 -11.03 -13.72
C ASP A 11 -21.18 -11.78 -14.98
N GLY A 12 -19.93 -12.26 -15.04
CA GLY A 12 -19.42 -13.01 -16.19
C GLY A 12 -19.29 -12.19 -17.46
N ARG A 13 -19.32 -10.87 -17.40
CA ARG A 13 -19.31 -10.01 -18.57
C ARG A 13 -18.34 -8.85 -18.43
N THR A 14 -18.31 -8.22 -17.26
CA THR A 14 -17.50 -7.03 -16.99
C THR A 14 -16.20 -7.37 -16.29
N PHE A 15 -15.13 -7.35 -17.07
CA PHE A 15 -13.83 -7.73 -16.59
C PHE A 15 -12.95 -6.50 -16.60
N PRO A 16 -11.94 -6.32 -15.71
CA PRO A 16 -11.06 -5.17 -15.71
C PRO A 16 -10.26 -5.08 -17.01
N LYS A 17 -10.02 -3.84 -17.42
CA LYS A 17 -9.11 -3.53 -18.49
C LYS A 17 -7.85 -2.97 -17.83
N ARG A 18 -6.72 -3.12 -18.52
CA ARG A 18 -5.46 -2.50 -18.15
C ARG A 18 -5.70 -1.01 -18.03
N GLY A 19 -5.19 -0.46 -16.94
CA GLY A 19 -5.35 0.96 -16.69
C GLY A 19 -6.61 1.28 -15.90
N GLN A 20 -7.57 0.36 -15.74
CA GLN A 20 -8.72 0.66 -14.89
C GLN A 20 -8.34 0.47 -13.44
N THR A 21 -9.02 1.23 -12.60
CA THR A 21 -8.97 1.08 -11.16
C THR A 21 -9.94 -0.02 -10.73
N CYS A 22 -9.40 -1.04 -10.11
CA CYS A 22 -10.23 -2.09 -9.50
C CYS A 22 -10.45 -1.71 -8.05
N VAL A 23 -11.70 -1.84 -7.58
CA VAL A 23 -12.06 -1.59 -6.18
C VAL A 23 -12.41 -2.94 -5.57
N VAL A 24 -11.67 -3.39 -4.55
CA VAL A 24 -11.79 -4.74 -4.04
C VAL A 24 -11.86 -4.77 -2.52
N HIS A 25 -12.43 -5.83 -1.94
CA HIS A 25 -12.13 -6.15 -0.55
C HIS A 25 -11.29 -7.40 -0.52
N TYR A 26 -10.34 -7.49 0.41
CA TYR A 26 -9.50 -8.67 0.52
C TYR A 26 -9.19 -9.03 1.97
N THR A 27 -8.89 -10.31 2.16
CA THR A 27 -8.26 -10.91 3.35
C THR A 27 -7.10 -11.72 2.81
N GLY A 28 -5.92 -11.57 3.40
CA GLY A 28 -4.76 -12.33 3.00
C GLY A 28 -4.28 -13.20 4.16
N MET A 29 -3.83 -14.40 3.86
CA MET A 29 -3.22 -15.28 4.85
C MET A 29 -2.13 -16.12 4.18
N LEU A 30 -1.20 -16.60 5.00
CA LEU A 30 -0.17 -17.52 4.54
C LEU A 30 -0.85 -18.89 4.35
N GLU A 31 -0.49 -19.70 3.33
CA GLU A 31 -1.11 -21.01 3.11
C GLU A 31 -0.99 -21.85 4.35
N ASP A 32 -2.15 -22.24 4.89
CA ASP A 32 -2.27 -22.93 6.17
C ASP A 32 -1.52 -22.28 7.34
N GLY A 33 -1.71 -20.96 7.38
CA GLY A 33 -1.03 -20.13 8.33
C GLY A 33 -1.89 -18.93 8.70
N LYS A 34 -1.13 -17.92 9.13
CA LYS A 34 -1.65 -16.74 9.78
C LYS A 34 -2.34 -15.83 8.76
N LYS A 35 -3.52 -15.28 9.10
CA LYS A 35 -4.04 -14.11 8.41
C LYS A 35 -3.14 -12.93 8.75
N PHE A 36 -2.70 -12.21 7.71
CA PHE A 36 -1.80 -11.11 7.92
C PHE A 36 -2.46 -9.78 7.55
N ASP A 37 -3.57 -9.74 6.78
CA ASP A 37 -4.19 -8.45 6.42
C ASP A 37 -5.63 -8.60 5.93
N SER A 38 -6.48 -7.60 6.10
CA SER A 38 -7.81 -7.62 5.56
C SER A 38 -8.25 -6.17 5.45
N SER A 39 -8.72 -5.78 4.28
CA SER A 39 -9.30 -4.46 4.14
C SER A 39 -10.67 -4.40 4.80
N ARG A 40 -11.32 -5.54 5.03
CA ARG A 40 -12.65 -5.57 5.61
C ARG A 40 -12.64 -5.03 7.03
N ASP A 41 -11.61 -5.40 7.81
CA ASP A 41 -11.36 -4.90 9.18
C ASP A 41 -11.36 -3.38 9.24
N ARG A 42 -10.73 -2.85 8.20
CA ARG A 42 -10.49 -1.43 8.08
C ARG A 42 -11.71 -0.68 7.56
N ASN A 43 -12.74 -1.42 7.15
CA ASN A 43 -13.97 -0.86 6.62
C ASN A 43 -13.71 -0.01 5.37
N LYS A 44 -12.52 -0.08 4.76
CA LYS A 44 -12.19 0.72 3.59
C LYS A 44 -11.73 -0.24 2.47
N PRO A 45 -12.28 -0.15 1.23
CA PRO A 45 -11.88 -0.99 0.11
C PRO A 45 -10.54 -0.47 -0.39
N PHE A 46 -9.82 -1.43 -0.96
CA PHE A 46 -8.51 -1.20 -1.51
C PHE A 46 -8.71 -0.94 -2.98
N LYS A 47 -7.94 0.00 -3.54
CA LYS A 47 -8.04 0.29 -4.95
C LYS A 47 -6.63 0.21 -5.50
N PHE A 48 -6.53 -0.34 -6.70
CA PHE A 48 -5.27 -0.34 -7.42
C PHE A 48 -5.57 -0.27 -8.92
N MET A 49 -4.57 0.16 -9.68
CA MET A 49 -4.75 0.27 -11.11
C MET A 49 -4.11 -0.94 -11.77
N LEU A 50 -4.93 -1.63 -12.54
CA LEU A 50 -4.52 -2.86 -13.16
C LEU A 50 -3.50 -2.53 -14.23
N GLY A 51 -2.44 -3.33 -14.29
CA GLY A 51 -1.45 -3.22 -15.33
C GLY A 51 -0.29 -2.28 -15.01
N LYS A 52 -0.29 -1.54 -13.91
CA LYS A 52 0.80 -0.60 -13.60
C LYS A 52 1.91 -1.17 -12.73
N GLN A 53 1.92 -2.49 -12.49
CA GLN A 53 2.82 -3.13 -11.53
C GLN A 53 2.85 -2.55 -10.10
N GLU A 54 1.69 -2.08 -9.66
CA GLU A 54 1.52 -1.62 -8.29
C GLU A 54 1.47 -2.77 -7.30
N VAL A 55 0.96 -3.93 -7.75
CA VAL A 55 0.76 -5.06 -6.86
C VAL A 55 1.48 -6.30 -7.41
N ILE A 56 1.58 -7.33 -6.57
CA ILE A 56 2.22 -8.58 -6.95
C ILE A 56 1.59 -9.21 -8.17
N ARG A 57 2.38 -10.00 -8.89
CA ARG A 57 1.98 -10.57 -10.15
C ARG A 57 0.71 -11.42 -10.11
N GLY A 58 0.58 -12.19 -9.03
CA GLY A 58 -0.60 -13.02 -8.83
C GLY A 58 -1.89 -12.24 -8.75
N TRP A 59 -1.84 -11.01 -8.22
CA TRP A 59 -3.00 -10.14 -8.21
C TRP A 59 -3.22 -9.60 -9.58
N GLU A 60 -2.17 -9.16 -10.30
CA GLU A 60 -2.33 -8.65 -11.66
C GLU A 60 -3.00 -9.67 -12.58
N GLU A 61 -2.56 -10.92 -12.53
CA GLU A 61 -3.15 -11.96 -13.33
C GLU A 61 -4.44 -12.52 -12.77
N GLY A 62 -4.54 -12.58 -11.45
CA GLY A 62 -5.71 -13.14 -10.80
C GLY A 62 -6.92 -12.26 -10.98
N VAL A 63 -6.78 -10.97 -10.64
CA VAL A 63 -7.91 -10.05 -10.72
C VAL A 63 -8.35 -9.78 -12.16
N ALA A 64 -7.42 -9.79 -13.12
CA ALA A 64 -7.78 -9.64 -14.52
C ALA A 64 -8.78 -10.67 -15.07
N GLN A 65 -8.87 -11.86 -14.46
CA GLN A 65 -9.83 -12.83 -14.97
C GLN A 65 -11.11 -12.84 -14.14
N MET A 66 -11.30 -11.84 -13.29
CA MET A 66 -12.49 -11.80 -12.46
C MET A 66 -13.45 -10.80 -13.09
N SER A 67 -14.73 -11.07 -12.96
CA SER A 67 -15.72 -10.09 -13.37
C SER A 67 -16.31 -9.33 -12.19
N VAL A 68 -16.96 -8.18 -12.42
CA VAL A 68 -17.52 -7.36 -11.36
C VAL A 68 -18.51 -8.18 -10.56
N GLY A 69 -18.37 -8.17 -9.24
CA GLY A 69 -19.24 -8.86 -8.31
C GLY A 69 -18.68 -10.20 -7.84
N GLN A 70 -17.64 -10.71 -8.52
CA GLN A 70 -17.13 -12.01 -8.20
C GLN A 70 -16.36 -11.95 -6.90
N ARG A 71 -16.44 -13.01 -6.11
CA ARG A 71 -15.58 -13.21 -4.96
C ARG A 71 -14.80 -14.48 -5.22
N ALA A 72 -13.48 -14.49 -5.08
CA ALA A 72 -12.65 -15.64 -5.38
C ALA A 72 -11.52 -15.87 -4.39
N LYS A 73 -11.11 -17.12 -4.25
CA LYS A 73 -9.95 -17.50 -3.50
C LYS A 73 -8.83 -17.56 -4.55
N LEU A 74 -7.79 -16.76 -4.33
CA LEU A 74 -6.60 -16.75 -5.18
C LEU A 74 -5.48 -17.47 -4.44
N THR A 75 -4.91 -18.56 -4.94
CA THR A 75 -3.74 -19.17 -4.32
C THR A 75 -2.53 -18.80 -5.18
N ILE A 76 -1.51 -18.19 -4.58
CA ILE A 76 -0.44 -17.57 -5.34
C ILE A 76 0.88 -18.21 -4.87
N SER A 77 1.61 -18.72 -5.85
CA SER A 77 2.88 -19.36 -5.54
C SER A 77 3.89 -18.27 -5.21
N PRO A 78 4.99 -18.51 -4.50
CA PRO A 78 5.94 -17.49 -4.07
C PRO A 78 6.51 -16.70 -5.22
N ASP A 79 6.75 -17.33 -6.37
CA ASP A 79 7.26 -16.62 -7.52
C ASP A 79 6.28 -15.62 -8.13
N TYR A 80 4.99 -15.71 -7.79
CA TYR A 80 3.99 -14.72 -8.22
C TYR A 80 3.64 -13.77 -7.09
N ALA A 81 4.37 -13.86 -5.97
CA ALA A 81 4.10 -13.11 -4.77
C ALA A 81 5.45 -12.51 -4.35
N TYR A 82 6.07 -12.80 -3.21
CA TYR A 82 7.29 -12.14 -2.76
C TYR A 82 8.54 -12.99 -2.86
N GLY A 83 8.44 -14.21 -3.39
CA GLY A 83 9.61 -14.98 -3.80
C GLY A 83 10.55 -15.36 -2.68
N ALA A 84 11.84 -15.41 -2.99
CA ALA A 84 12.76 -15.93 -2.00
C ALA A 84 13.12 -14.90 -0.95
N THR A 85 12.76 -13.65 -1.15
CA THR A 85 13.11 -12.61 -0.20
C THR A 85 12.00 -12.37 0.81
N GLY A 86 10.74 -12.53 0.37
CA GLY A 86 9.61 -12.27 1.24
C GLY A 86 9.38 -10.75 1.30
N HIS A 87 8.52 -10.36 2.22
CA HIS A 87 8.22 -8.97 2.43
C HIS A 87 8.62 -8.72 3.87
N PRO A 88 9.69 -7.96 4.10
CA PRO A 88 10.33 -7.80 5.40
C PRO A 88 9.38 -7.50 6.54
N GLY A 89 9.50 -8.30 7.58
CA GLY A 89 8.69 -8.15 8.76
C GLY A 89 7.39 -8.89 8.67
N ILE A 90 6.88 -9.25 7.48
CA ILE A 90 5.51 -9.72 7.36
C ILE A 90 5.51 -11.08 6.65
N ILE A 91 6.06 -11.22 5.45
CA ILE A 91 5.91 -12.46 4.68
C ILE A 91 7.30 -13.08 4.62
N PRO A 92 7.49 -14.34 5.04
CA PRO A 92 8.77 -15.07 4.98
C PRO A 92 9.17 -15.41 3.53
N PRO A 93 10.45 -15.76 3.26
CA PRO A 93 10.88 -16.33 1.99
C PRO A 93 10.03 -17.56 1.66
N HIS A 94 9.77 -17.66 0.35
CA HIS A 94 9.12 -18.84 -0.22
C HIS A 94 7.74 -19.08 0.38
N ALA A 95 6.94 -18.05 0.68
CA ALA A 95 5.60 -18.29 1.17
C ALA A 95 4.57 -18.31 0.03
N THR A 96 3.69 -19.33 0.07
CA THR A 96 2.48 -19.39 -0.75
C THR A 96 1.39 -18.55 -0.04
N LEU A 97 0.69 -17.67 -0.78
CA LEU A 97 -0.27 -16.75 -0.21
C LEU A 97 -1.64 -17.15 -0.70
N VAL A 98 -2.62 -17.08 0.19
CA VAL A 98 -4.00 -17.20 -0.24
C VAL A 98 -4.75 -15.92 0.10
N PHE A 99 -5.42 -15.37 -0.90
CA PHE A 99 -6.25 -14.19 -0.73
C PHE A 99 -7.70 -14.49 -1.05
N ASP A 100 -8.60 -13.93 -0.26
CA ASP A 100 -10.01 -13.88 -0.59
C ASP A 100 -10.25 -12.47 -1.17
N VAL A 101 -10.65 -12.33 -2.43
CA VAL A 101 -10.75 -11.06 -3.11
C VAL A 101 -12.14 -10.96 -3.68
N GLU A 102 -12.78 -9.82 -3.42
CA GLU A 102 -14.10 -9.55 -3.96
C GLU A 102 -13.99 -8.32 -4.85
N LEU A 103 -14.28 -8.43 -6.15
CA LEU A 103 -14.18 -7.30 -7.06
C LEU A 103 -15.49 -6.52 -7.00
N LEU A 104 -15.42 -5.40 -6.28
CA LEU A 104 -16.60 -4.57 -6.03
C LEU A 104 -17.05 -3.72 -7.23
N LYS A 105 -16.11 -3.06 -7.92
CA LYS A 105 -16.42 -1.96 -8.83
C LYS A 105 -15.17 -1.65 -9.62
N LEU A 106 -15.36 -1.11 -10.81
CA LEU A 106 -14.29 -0.60 -11.62
C LEU A 106 -14.49 0.91 -11.74
N GLU A 107 -13.42 1.68 -11.69
CA GLU A 107 -13.43 3.11 -11.97
C GLU A 107 -12.32 3.40 -13.00
N VAL B 1 10.87 28.70 -6.28
CA VAL B 1 10.16 27.32 -6.12
C VAL B 1 8.79 27.35 -5.44
N ALA B 2 7.83 27.04 -6.23
CA ALA B 2 6.39 27.13 -5.91
C ALA B 2 5.91 25.63 -6.06
N ILE B 3 5.51 25.05 -4.90
CA ILE B 3 4.95 23.70 -5.17
C ILE B 3 3.90 23.33 -4.09
N LEU B 4 2.81 22.68 -4.49
CA LEU B 4 1.78 22.52 -3.46
C LEU B 4 2.25 21.43 -2.46
N TRP B 5 1.75 21.52 -1.22
CA TRP B 5 2.22 20.57 -0.22
C TRP B 5 1.73 19.15 -0.63
N HIS B 6 0.64 18.95 -1.28
CA HIS B 6 0.10 17.74 -1.85
C HIS B 6 1.16 17.08 -2.76
N GLU B 7 1.78 17.94 -3.64
CA GLU B 7 2.74 17.44 -4.61
C GLU B 7 4.03 17.03 -3.92
N MET B 8 4.38 17.93 -2.96
CA MET B 8 5.86 17.72 -2.46
C MET B 8 5.77 16.39 -1.65
N TRP B 9 4.69 16.18 -0.85
CA TRP B 9 4.57 14.90 -0.15
C TRP B 9 4.39 13.66 -1.06
N HIS B 10 3.62 13.76 -2.19
CA HIS B 10 3.38 12.57 -2.99
C HIS B 10 4.73 12.15 -3.57
N GLU B 11 5.48 13.12 -4.12
CA GLU B 11 6.76 12.81 -4.66
C GLU B 11 7.78 12.37 -3.63
N GLY B 12 7.82 13.03 -2.47
CA GLY B 12 8.75 12.75 -1.42
C GLY B 12 8.54 11.32 -0.80
N LEU B 13 7.26 10.92 -0.53
CA LEU B 13 6.94 9.59 0.03
C LEU B 13 7.34 8.53 -0.98
N GLU B 14 7.08 8.67 -2.23
CA GLU B 14 7.39 7.80 -3.32
C GLU B 14 8.89 7.57 -3.36
N GLU B 15 9.68 8.69 -3.27
CA GLU B 15 11.10 8.62 -3.38
C GLU B 15 11.71 7.96 -2.08
N ALA B 16 11.22 8.35 -0.94
CA ALA B 16 11.72 7.86 0.34
C ALA B 16 11.40 6.32 0.42
N SER B 17 10.17 5.95 0.06
CA SER B 17 9.89 4.49 0.01
C SER B 17 10.75 3.70 -0.94
N ARG B 18 11.09 4.34 -2.13
CA ARG B 18 12.05 3.62 -3.02
C ARG B 18 13.40 3.42 -2.43
N LEU B 19 13.99 4.42 -1.78
CA LEU B 19 15.24 4.29 -1.10
C LEU B 19 15.25 3.26 0.00
N TYR B 20 14.14 3.22 0.80
CA TYR B 20 14.08 2.39 1.96
C TYR B 20 13.72 0.92 1.46
N PHE B 21 12.59 0.73 0.86
CA PHE B 21 12.14 -0.66 0.48
C PHE B 21 12.86 -1.29 -0.68
N GLY B 22 13.18 -0.51 -1.71
CA GLY B 22 13.83 -0.91 -2.89
C GLY B 22 15.34 -0.98 -2.63
N GLU B 23 15.93 0.10 -2.13
CA GLU B 23 17.39 0.13 -1.96
C GLU B 23 17.98 -0.28 -0.63
N ARG B 24 17.14 -0.53 0.38
CA ARG B 24 17.55 -0.76 1.73
C ARG B 24 18.40 0.44 2.25
N ASN B 25 18.11 1.66 1.78
CA ASN B 25 18.90 2.79 2.23
C ASN B 25 18.11 3.67 3.20
N VAL B 26 18.22 3.45 4.52
CA VAL B 26 17.49 4.12 5.54
C VAL B 26 18.05 5.56 5.63
N LYS B 27 19.40 5.71 5.57
CA LYS B 27 19.90 7.11 5.62
C LYS B 27 19.27 7.99 4.55
N GLY B 28 19.10 7.50 3.36
CA GLY B 28 18.62 8.28 2.18
C GLY B 28 17.10 8.58 2.42
N MET B 29 16.33 7.57 2.90
CA MET B 29 14.94 7.77 3.31
C MET B 29 14.70 8.83 4.32
N PHE B 30 15.57 8.96 5.34
CA PHE B 30 15.50 10.10 6.32
C PHE B 30 15.82 11.44 5.66
N GLU B 31 16.93 11.37 4.83
CA GLU B 31 17.32 12.57 4.22
C GLU B 31 16.13 13.19 3.43
N VAL B 32 15.40 12.35 2.75
CA VAL B 32 14.23 12.81 2.03
C VAL B 32 13.12 13.29 2.94
N LEU B 33 12.72 12.56 3.99
CA LEU B 33 11.57 12.85 4.82
C LEU B 33 11.86 14.01 5.78
N GLU B 34 13.11 14.27 6.20
CA GLU B 34 13.27 15.32 7.27
C GLU B 34 12.86 16.74 6.87
N PRO B 35 13.14 17.23 5.64
CA PRO B 35 12.78 18.55 5.19
C PRO B 35 11.27 18.65 4.96
N LEU B 36 10.64 17.44 4.62
CA LEU B 36 9.19 17.54 4.47
C LEU B 36 8.51 17.79 5.79
N HIS B 37 8.92 17.01 6.81
CA HIS B 37 8.37 17.29 8.10
C HIS B 37 8.73 18.74 8.59
N ALA B 38 9.91 19.14 8.30
CA ALA B 38 10.33 20.52 8.85
C ALA B 38 9.47 21.57 8.21
N MET B 39 9.11 21.42 6.94
CA MET B 39 8.05 22.37 6.48
C MET B 39 6.76 22.29 7.17
N MET B 40 6.12 21.18 7.50
CA MET B 40 4.93 21.16 8.32
C MET B 40 5.21 21.87 9.64
N GLU B 41 6.36 21.56 10.27
CA GLU B 41 6.67 22.24 11.53
C GLU B 41 6.59 23.76 11.43
N ARG B 42 7.06 24.30 10.33
CA ARG B 42 6.97 25.77 10.22
C ARG B 42 5.52 26.24 10.17
N GLY B 43 4.57 25.50 9.62
CA GLY B 43 3.16 25.91 9.64
C GLY B 43 2.64 26.28 8.27
N PRO B 44 1.34 26.15 7.96
CA PRO B 44 0.81 26.47 6.69
C PRO B 44 0.77 27.98 6.45
N GLN B 45 1.05 28.48 5.29
CA GLN B 45 0.94 29.89 4.96
C GLN B 45 0.01 30.23 3.77
N THR B 46 -0.62 29.18 3.19
CA THR B 46 -1.68 29.40 2.22
C THR B 46 -2.96 28.65 2.60
N LEU B 47 -4.07 29.04 2.00
CA LEU B 47 -5.34 28.26 2.27
C LEU B 47 -5.12 26.76 1.88
N LYS B 48 -4.52 26.45 0.74
CA LYS B 48 -4.24 25.11 0.24
C LYS B 48 -3.24 24.39 1.15
N GLU B 49 -2.35 25.11 1.75
CA GLU B 49 -1.40 24.49 2.71
C GLU B 49 -2.18 24.13 3.97
N THR B 50 -3.13 25.08 4.31
CA THR B 50 -3.87 24.90 5.59
C THR B 50 -4.82 23.66 5.48
N SER B 51 -5.42 23.56 4.33
CA SER B 51 -6.45 22.42 4.24
C SER B 51 -5.61 21.11 4.13
N PHE B 52 -4.44 21.09 3.47
CA PHE B 52 -3.60 19.89 3.49
C PHE B 52 -3.17 19.57 4.93
N ASN B 53 -2.77 20.59 5.68
CA ASN B 53 -2.40 20.36 7.08
C ASN B 53 -3.58 19.90 7.91
N GLN B 54 -4.76 20.49 7.75
CA GLN B 54 -5.97 19.93 8.41
C GLN B 54 -6.26 18.39 8.13
N ALA B 55 -6.14 18.01 6.85
CA ALA B 55 -6.47 16.61 6.56
C ALA B 55 -5.37 15.64 6.93
N TYR B 56 -4.09 15.99 6.71
CA TYR B 56 -3.02 15.01 6.87
C TYR B 56 -2.03 15.39 7.97
N GLY B 57 -2.20 16.48 8.68
CA GLY B 57 -1.07 16.97 9.55
C GLY B 57 -0.83 15.93 10.67
N ARG B 58 -1.97 15.58 11.34
CA ARG B 58 -1.85 14.66 12.47
C ARG B 58 -1.25 13.30 12.05
N ASP B 59 -1.71 12.70 10.93
CA ASP B 59 -1.10 11.41 10.50
C ASP B 59 0.39 11.58 10.27
N LEU B 60 0.77 12.70 9.58
CA LEU B 60 2.19 12.83 9.27
C LEU B 60 3.00 13.06 10.54
N MET B 61 2.46 13.82 11.50
CA MET B 61 3.13 14.00 12.78
C MET B 61 3.27 12.62 13.49
N GLU B 62 2.24 11.83 13.53
CA GLU B 62 2.34 10.44 14.05
C GLU B 62 3.35 9.58 13.29
N ALA B 63 3.43 9.65 11.96
CA ALA B 63 4.45 8.87 11.23
C ALA B 63 5.84 9.33 11.72
N GLN B 64 6.07 10.68 11.81
CA GLN B 64 7.30 11.13 12.41
C GLN B 64 7.52 10.64 13.85
N GLU B 65 6.53 10.54 14.77
CA GLU B 65 6.83 9.99 16.07
C GLU B 65 7.30 8.53 15.95
N TRP B 66 6.67 7.72 15.10
CA TRP B 66 7.19 6.35 14.93
C TRP B 66 8.63 6.34 14.43
N CYS B 67 8.87 7.20 13.38
CA CYS B 67 10.30 7.22 12.92
C CYS B 67 11.24 7.56 14.09
N ARG B 68 10.89 8.61 14.87
CA ARG B 68 11.72 8.97 16.01
C ARG B 68 11.77 7.80 17.01
N LYS B 69 10.71 6.99 17.14
CA LYS B 69 10.81 5.85 18.02
C LYS B 69 11.89 4.85 17.60
N TYR B 70 11.93 4.64 16.31
CA TYR B 70 12.91 3.80 15.67
C TYR B 70 14.39 4.28 15.88
N MET B 71 14.48 5.60 15.79
CA MET B 71 15.84 6.19 15.97
C MET B 71 16.37 5.73 17.29
N LYS B 72 15.54 5.72 18.30
CA LYS B 72 16.02 5.41 19.63
C LYS B 72 15.93 3.89 19.84
N SER B 73 14.95 3.16 19.42
CA SER B 73 14.82 1.72 19.63
C SER B 73 15.70 0.85 18.76
N GLY B 74 16.02 1.14 17.51
CA GLY B 74 16.68 0.20 16.56
C GLY B 74 15.70 -0.93 16.12
N ASN B 75 14.43 -0.78 16.33
CA ASN B 75 13.54 -1.93 15.95
C ASN B 75 12.80 -1.59 14.63
N VAL B 76 13.04 -2.20 13.50
CA VAL B 76 12.43 -1.95 12.23
C VAL B 76 10.93 -1.97 12.23
N LYS B 77 10.20 -2.66 13.10
CA LYS B 77 8.79 -2.61 13.29
C LYS B 77 8.26 -1.22 13.63
N ASP B 78 9.12 -0.43 14.34
CA ASP B 78 8.67 0.94 14.56
C ASP B 78 8.68 1.73 13.20
N LEU B 79 9.65 1.49 12.32
CA LEU B 79 9.60 2.19 11.04
C LEU B 79 8.53 1.65 10.15
N THR B 80 8.21 0.34 10.35
CA THR B 80 7.08 -0.08 9.39
C THR B 80 5.91 0.73 9.78
N GLN B 81 5.67 0.91 11.13
CA GLN B 81 4.37 1.56 11.58
C GLN B 81 4.26 3.00 10.97
N ALA B 82 5.50 3.53 10.89
CA ALA B 82 5.49 4.89 10.19
C ALA B 82 5.07 4.77 8.75
N TRP B 83 5.51 3.65 8.02
CA TRP B 83 5.14 3.55 6.60
C TRP B 83 3.67 3.25 6.44
N ASP B 84 2.95 2.67 7.43
CA ASP B 84 1.51 2.43 7.26
C ASP B 84 0.79 3.80 7.22
N LEU B 85 1.20 4.72 8.06
CA LEU B 85 0.60 6.07 8.11
C LEU B 85 1.09 6.86 6.88
N TYR B 86 2.35 6.66 6.45
CA TYR B 86 2.72 7.40 5.23
C TYR B 86 1.91 6.91 4.01
N TYR B 87 1.69 5.61 3.92
CA TYR B 87 1.01 5.04 2.71
C TYR B 87 -0.44 5.52 2.77
N HIS B 88 -1.08 5.52 3.98
CA HIS B 88 -2.51 6.02 4.02
C HIS B 88 -2.52 7.50 3.49
N VAL B 89 -1.60 8.35 3.97
CA VAL B 89 -1.52 9.68 3.36
C VAL B 89 -1.35 9.64 1.86
N PHE B 90 -0.36 8.84 1.39
CA PHE B 90 -0.04 8.80 -0.02
C PHE B 90 -1.22 8.40 -0.89
N ARG B 91 -1.98 7.36 -0.44
CA ARG B 91 -3.14 6.94 -1.12
C ARG B 91 -4.19 8.07 -1.09
N ARG B 92 -4.38 8.73 0.01
CA ARG B 92 -5.43 9.81 0.07
C ARG B 92 -5.06 10.93 -0.86
N ILE B 93 -3.79 11.31 -0.93
CA ILE B 93 -3.31 12.36 -1.85
C ILE B 93 -3.50 11.93 -3.30
N SER B 94 -3.45 10.63 -3.59
CA SER B 94 -3.45 10.11 -4.91
C SER B 94 -4.87 10.05 -5.51
TB TB C . -1.48 -35.25 -5.77
TB TB D . -6.54 -35.45 -6.98
N GLY A 1 2.12 -20.22 -10.20
CA GLY A 1 1.21 -19.28 -10.82
C GLY A 1 0.19 -18.81 -9.79
N VAL A 2 -1.03 -18.55 -10.26
CA VAL A 2 -2.16 -18.15 -9.44
C VAL A 2 -3.33 -19.03 -9.87
N GLN A 3 -3.97 -19.64 -8.88
CA GLN A 3 -5.16 -20.44 -9.13
C GLN A 3 -6.35 -19.59 -8.66
N VAL A 4 -7.43 -19.44 -9.41
CA VAL A 4 -8.58 -18.62 -9.01
C VAL A 4 -9.72 -19.60 -8.81
N GLU A 5 -10.25 -19.74 -7.60
CA GLU A 5 -11.39 -20.61 -7.34
C GLU A 5 -12.57 -19.75 -6.90
N THR A 6 -13.75 -19.81 -7.50
CA THR A 6 -14.87 -18.93 -7.19
C THR A 6 -15.55 -19.17 -5.84
N ILE A 7 -15.72 -18.14 -5.02
CA ILE A 7 -16.55 -18.24 -3.84
C ILE A 7 -17.98 -17.83 -4.22
N SER A 8 -18.19 -16.75 -4.99
CA SER A 8 -19.51 -16.30 -5.45
C SER A 8 -19.28 -15.73 -6.85
N PRO A 9 -20.12 -16.04 -7.83
CA PRO A 9 -19.94 -15.58 -9.19
C PRO A 9 -20.16 -14.09 -9.39
N GLY A 10 -19.39 -13.52 -10.30
CA GLY A 10 -19.61 -12.16 -10.73
C GLY A 10 -20.62 -12.17 -11.86
N ASP A 11 -20.67 -11.09 -12.61
CA ASP A 11 -21.62 -11.02 -13.71
C ASP A 11 -21.19 -11.78 -14.97
N GLY A 12 -19.95 -12.25 -15.03
CA GLY A 12 -19.44 -13.01 -16.17
C GLY A 12 -19.30 -12.19 -17.45
N ARG A 13 -19.33 -10.87 -17.39
CA ARG A 13 -19.32 -10.02 -18.56
C ARG A 13 -18.36 -8.86 -18.43
N THR A 14 -18.33 -8.22 -17.25
CA THR A 14 -17.52 -7.05 -16.99
C THR A 14 -16.21 -7.39 -16.29
N PHE A 15 -15.15 -7.36 -17.07
CA PHE A 15 -13.83 -7.75 -16.60
C PHE A 15 -12.95 -6.52 -16.60
N PRO A 16 -11.95 -6.34 -15.72
CA PRO A 16 -11.06 -5.19 -15.72
C PRO A 16 -10.27 -5.11 -17.02
N LYS A 17 -10.02 -3.88 -17.43
CA LYS A 17 -9.12 -3.56 -18.51
C LYS A 17 -7.85 -3.00 -17.84
N ARG A 18 -6.73 -3.16 -18.54
CA ARG A 18 -5.46 -2.54 -18.18
C ARG A 18 -5.69 -1.05 -18.06
N GLY A 19 -5.19 -0.50 -16.96
CA GLY A 19 -5.34 0.92 -16.72
C GLY A 19 -6.60 1.24 -15.92
N GLN A 20 -7.57 0.34 -15.76
CA GLN A 20 -8.71 0.63 -14.91
C GLN A 20 -8.33 0.46 -13.47
N THR A 21 -9.01 1.21 -12.62
CA THR A 21 -8.95 1.06 -11.18
C THR A 21 -9.92 -0.02 -10.76
N CYS A 22 -9.38 -1.06 -10.12
CA CYS A 22 -10.22 -2.09 -9.52
C CYS A 22 -10.43 -1.72 -8.06
N VAL A 23 -11.69 -1.84 -7.60
CA VAL A 23 -12.04 -1.58 -6.20
C VAL A 23 -12.39 -2.94 -5.59
N VAL A 24 -11.65 -3.38 -4.57
CA VAL A 24 -11.77 -4.74 -4.04
C VAL A 24 -11.85 -4.77 -2.53
N HIS A 25 -12.41 -5.82 -1.94
CA HIS A 25 -12.13 -6.14 -0.56
C HIS A 25 -11.27 -7.39 -0.52
N TYR A 26 -10.33 -7.48 0.41
CA TYR A 26 -9.50 -8.66 0.52
C TYR A 26 -9.18 -9.02 1.96
N THR A 27 -8.88 -10.30 2.16
CA THR A 27 -8.26 -10.90 3.35
C THR A 27 -7.10 -11.71 2.81
N GLY A 28 -5.91 -11.57 3.39
CA GLY A 28 -4.76 -12.33 3.00
C GLY A 28 -4.27 -13.19 4.16
N MET A 29 -3.83 -14.40 3.86
CA MET A 29 -3.22 -15.28 4.85
C MET A 29 -2.14 -16.11 4.18
N LEU A 30 -1.21 -16.60 5.01
CA LEU A 30 -0.18 -17.53 4.54
C LEU A 30 -0.86 -18.90 4.36
N GLU A 31 -0.51 -19.70 3.34
CA GLU A 31 -1.13 -21.01 3.12
C GLU A 31 -1.00 -21.86 4.37
N ASP A 32 -2.17 -22.24 4.91
CA ASP A 32 -2.29 -22.92 6.19
C ASP A 32 -1.54 -22.27 7.35
N GLY A 33 -1.73 -20.97 7.39
CA GLY A 33 -1.05 -20.12 8.34
C GLY A 33 -1.90 -18.92 8.71
N LYS A 34 -1.13 -17.92 9.14
CA LYS A 34 -1.66 -16.72 9.79
C LYS A 34 -2.34 -15.81 8.77
N LYS A 35 -3.52 -15.27 9.10
CA LYS A 35 -4.03 -14.09 8.41
C LYS A 35 -3.13 -12.91 8.75
N PHE A 36 -2.69 -12.21 7.71
CA PHE A 36 -1.79 -11.10 7.91
C PHE A 36 -2.45 -9.77 7.54
N ASP A 37 -3.55 -9.72 6.77
CA ASP A 37 -4.18 -8.45 6.41
C ASP A 37 -5.61 -8.59 5.93
N SER A 38 -6.47 -7.58 6.09
CA SER A 38 -7.80 -7.60 5.55
C SER A 38 -8.23 -6.16 5.44
N SER A 39 -8.70 -5.77 4.26
CA SER A 39 -9.28 -4.45 4.13
C SER A 39 -10.65 -4.38 4.79
N ARG A 40 -11.30 -5.52 5.03
CA ARG A 40 -12.63 -5.55 5.61
C ARG A 40 -12.62 -5.01 7.02
N ASP A 41 -11.59 -5.38 7.80
CA ASP A 41 -11.33 -4.87 9.16
C ASP A 41 -11.33 -3.35 9.23
N ARG A 42 -10.70 -2.81 8.19
CA ARG A 42 -10.47 -1.41 8.06
C ARG A 42 -11.67 -0.65 7.55
N ASN A 43 -12.71 -1.39 7.14
CA ASN A 43 -13.94 -0.83 6.60
C ASN A 43 -13.68 0.02 5.35
N LYS A 44 -12.49 -0.06 4.74
CA LYS A 44 -12.16 0.73 3.56
C LYS A 44 -11.72 -0.21 2.45
N PRO A 45 -12.26 -0.14 1.22
CA PRO A 45 -11.85 -0.98 0.10
C PRO A 45 -10.52 -0.46 -0.40
N PHE A 46 -9.79 -1.42 -0.97
CA PHE A 46 -8.48 -1.20 -1.52
C PHE A 46 -8.69 -0.94 -3.01
N LYS A 47 -7.93 -0.01 -3.57
CA LYS A 47 -8.03 0.29 -4.98
C LYS A 47 -6.62 0.20 -5.53
N PHE A 48 -6.52 -0.35 -6.73
CA PHE A 48 -5.25 -0.36 -7.45
C PHE A 48 -5.55 -0.29 -8.94
N MET A 49 -4.56 0.13 -9.70
CA MET A 49 -4.73 0.24 -11.14
C MET A 49 -4.10 -0.97 -11.78
N LEU A 50 -4.93 -1.66 -12.56
CA LEU A 50 -4.52 -2.88 -13.19
C LEU A 50 -3.49 -2.56 -14.25
N GLY A 51 -2.43 -3.37 -14.30
CA GLY A 51 -1.45 -3.27 -15.35
C GLY A 51 -0.29 -2.33 -15.04
N LYS A 52 -0.28 -1.58 -13.93
CA LYS A 52 0.80 -0.64 -13.63
C LYS A 52 1.92 -1.21 -12.76
N GLN A 53 1.93 -2.53 -12.52
CA GLN A 53 2.82 -3.18 -11.56
C GLN A 53 2.85 -2.59 -10.13
N GLU A 54 1.69 -2.12 -9.69
CA GLU A 54 1.54 -1.66 -8.32
C GLU A 54 1.48 -2.80 -7.32
N VAL A 55 0.97 -3.96 -7.77
CA VAL A 55 0.76 -5.10 -6.88
C VAL A 55 1.47 -6.33 -7.42
N ILE A 56 1.59 -7.37 -6.59
CA ILE A 56 2.22 -8.61 -6.96
C ILE A 56 1.59 -9.25 -8.18
N ARG A 57 2.38 -10.03 -8.90
CA ARG A 57 1.97 -10.61 -10.17
C ARG A 57 0.70 -11.46 -10.13
N GLY A 58 0.56 -12.22 -9.04
CA GLY A 58 -0.60 -13.05 -8.84
C GLY A 58 -1.90 -12.26 -8.74
N TRP A 59 -1.85 -11.03 -8.23
CA TRP A 59 -3.00 -10.16 -8.21
C TRP A 59 -3.22 -9.63 -9.59
N GLU A 60 -2.17 -9.20 -10.32
CA GLU A 60 -2.33 -8.68 -11.67
C GLU A 60 -3.00 -9.70 -12.59
N GLU A 61 -2.56 -10.95 -12.54
CA GLU A 61 -3.17 -12.00 -13.34
C GLU A 61 -4.46 -12.54 -12.77
N GLY A 62 -4.56 -12.61 -11.46
CA GLY A 62 -5.72 -13.16 -10.80
C GLY A 62 -6.93 -12.28 -10.98
N VAL A 63 -6.80 -10.98 -10.64
CA VAL A 63 -7.91 -10.06 -10.72
C VAL A 63 -8.36 -9.80 -12.16
N ALA A 64 -7.44 -9.80 -13.13
CA ALA A 64 -7.79 -9.67 -14.53
C ALA A 64 -8.79 -10.69 -15.07
N GLN A 65 -8.89 -11.88 -14.46
CA GLN A 65 -9.85 -12.85 -14.96
C GLN A 65 -11.12 -12.86 -14.13
N MET A 66 -11.32 -11.85 -13.28
CA MET A 66 -12.51 -11.81 -12.46
C MET A 66 -13.46 -10.81 -13.08
N SER A 67 -14.75 -11.08 -12.95
CA SER A 67 -15.73 -10.10 -13.36
C SER A 67 -16.32 -9.33 -12.18
N VAL A 68 -16.97 -8.18 -12.41
CA VAL A 68 -17.52 -7.36 -11.36
C VAL A 68 -18.52 -8.18 -10.55
N GLY A 69 -18.37 -8.15 -9.23
CA GLY A 69 -19.24 -8.85 -8.30
C GLY A 69 -18.68 -10.19 -7.83
N GLN A 70 -17.64 -10.70 -8.51
CA GLN A 70 -17.14 -11.99 -8.19
C GLN A 70 -16.36 -11.94 -6.89
N ARG A 71 -16.45 -13.00 -6.10
CA ARG A 71 -15.59 -13.20 -4.95
C ARG A 71 -14.81 -14.48 -5.22
N ALA A 72 -13.49 -14.48 -5.06
CA ALA A 72 -12.67 -15.64 -5.37
C ALA A 72 -11.53 -15.86 -4.38
N LYS A 73 -11.13 -17.12 -4.24
CA LYS A 73 -9.95 -17.50 -3.48
C LYS A 73 -8.85 -17.56 -4.54
N LEU A 74 -7.80 -16.76 -4.32
CA LEU A 74 -6.61 -16.77 -5.17
C LEU A 74 -5.50 -17.48 -4.43
N THR A 75 -4.93 -18.57 -4.93
CA THR A 75 -3.75 -19.19 -4.31
C THR A 75 -2.54 -18.83 -5.17
N ILE A 76 -1.52 -18.21 -4.58
CA ILE A 76 -0.46 -17.60 -5.33
C ILE A 76 0.85 -18.23 -4.87
N SER A 77 1.59 -18.75 -5.84
CA SER A 77 2.86 -19.38 -5.54
C SER A 77 3.87 -18.31 -5.20
N PRO A 78 4.97 -18.54 -4.50
CA PRO A 78 5.92 -17.53 -4.08
C PRO A 78 6.50 -16.74 -5.23
N ASP A 79 6.74 -17.37 -6.38
CA ASP A 79 7.24 -16.65 -7.52
C ASP A 79 6.26 -15.67 -8.14
N TYR A 80 4.98 -15.75 -7.79
CA TYR A 80 3.98 -14.76 -8.23
C TYR A 80 3.63 -13.81 -7.10
N ALA A 81 4.35 -13.89 -5.98
CA ALA A 81 4.09 -13.14 -4.77
C ALA A 81 5.44 -12.54 -4.36
N TYR A 82 6.07 -12.83 -3.23
CA TYR A 82 7.28 -12.18 -2.78
C TYR A 82 8.54 -13.02 -2.88
N GLY A 83 8.43 -14.25 -3.41
CA GLY A 83 9.60 -15.02 -3.81
C GLY A 83 10.54 -15.40 -2.69
N ALA A 84 11.83 -15.46 -3.01
CA ALA A 84 12.76 -15.98 -2.02
C ALA A 84 13.11 -14.94 -0.97
N THR A 85 12.75 -13.70 -1.16
CA THR A 85 13.11 -12.64 -0.22
C THR A 85 12.00 -12.40 0.79
N GLY A 86 10.74 -12.57 0.36
CA GLY A 86 9.61 -12.31 1.21
C GLY A 86 9.39 -10.79 1.29
N HIS A 87 8.53 -10.38 2.21
CA HIS A 87 8.23 -9.00 2.40
C HIS A 87 8.63 -8.74 3.85
N PRO A 88 9.71 -7.99 4.07
CA PRO A 88 10.34 -7.82 5.38
C PRO A 88 9.39 -7.51 6.52
N GLY A 89 9.52 -8.32 7.56
CA GLY A 89 8.71 -8.17 8.73
C GLY A 89 7.40 -8.90 8.64
N ILE A 90 6.90 -9.27 7.47
CA ILE A 90 5.52 -9.73 7.34
C ILE A 90 5.51 -11.10 6.64
N ILE A 91 6.07 -11.24 5.44
CA ILE A 91 5.92 -12.48 4.66
C ILE A 91 7.30 -13.10 4.61
N PRO A 92 7.49 -14.36 5.03
CA PRO A 92 8.76 -15.08 4.97
C PRO A 92 9.17 -15.44 3.52
N PRO A 93 10.45 -15.79 3.25
CA PRO A 93 10.87 -16.36 1.98
C PRO A 93 10.02 -17.59 1.65
N HIS A 94 9.76 -17.70 0.35
CA HIS A 94 9.11 -18.87 -0.22
C HIS A 94 7.72 -19.11 0.38
N ALA A 95 6.93 -18.08 0.68
CA ALA A 95 5.59 -18.30 1.17
C ALA A 95 4.55 -18.34 0.03
N THR A 96 3.67 -19.35 0.08
CA THR A 96 2.47 -19.41 -0.74
C THR A 96 1.38 -18.56 -0.04
N LEU A 97 0.68 -17.69 -0.78
CA LEU A 97 -0.29 -16.77 -0.21
C LEU A 97 -1.66 -17.15 -0.70
N VAL A 98 -2.64 -17.08 0.19
CA VAL A 98 -4.01 -17.21 -0.23
C VAL A 98 -4.76 -15.93 0.11
N PHE A 99 -5.44 -15.38 -0.89
CA PHE A 99 -6.25 -14.20 -0.73
C PHE A 99 -7.71 -14.49 -1.04
N ASP A 100 -8.61 -13.92 -0.25
CA ASP A 100 -10.03 -13.86 -0.58
C ASP A 100 -10.25 -12.47 -1.17
N VAL A 101 -10.65 -12.33 -2.43
CA VAL A 101 -10.75 -11.06 -3.11
C VAL A 101 -12.14 -10.95 -3.68
N GLU A 102 -12.78 -9.82 -3.42
CA GLU A 102 -14.10 -9.54 -3.96
C GLU A 102 -13.99 -8.31 -4.85
N LEU A 103 -14.28 -8.43 -6.15
CA LEU A 103 -14.18 -7.29 -7.06
C LEU A 103 -15.49 -6.51 -7.00
N LEU A 104 -15.42 -5.39 -6.28
CA LEU A 104 -16.59 -4.56 -6.04
C LEU A 104 -17.04 -3.71 -7.24
N LYS A 105 -16.10 -3.05 -7.93
CA LYS A 105 -16.42 -1.95 -8.84
C LYS A 105 -15.16 -1.65 -9.62
N LEU A 106 -15.36 -1.10 -10.82
CA LEU A 106 -14.27 -0.61 -11.63
C LEU A 106 -14.48 0.91 -11.76
N GLU A 107 -13.40 1.67 -11.71
CA GLU A 107 -13.41 3.10 -11.99
C GLU A 107 -12.31 3.39 -13.03
N VAL B 1 10.87 28.74 -6.24
CA VAL B 1 10.16 27.36 -6.07
C VAL B 1 8.78 27.39 -5.39
N ALA B 2 7.84 27.08 -6.19
CA ALA B 2 6.38 27.16 -5.88
C ALA B 2 5.92 25.66 -6.03
N ILE B 3 5.51 25.07 -4.86
CA ILE B 3 4.95 23.73 -5.15
C ILE B 3 3.90 23.37 -4.07
N LEU B 4 2.82 22.71 -4.47
CA LEU B 4 1.79 22.54 -3.44
C LEU B 4 2.25 21.46 -2.45
N TRP B 5 1.75 21.54 -1.20
CA TRP B 5 2.22 20.59 -0.21
C TRP B 5 1.72 19.17 -0.61
N HIS B 6 0.64 18.97 -1.28
CA HIS B 6 0.10 17.76 -1.84
C HIS B 6 1.17 17.11 -2.75
N GLU B 7 1.79 17.96 -3.63
CA GLU B 7 2.74 17.47 -4.61
C GLU B 7 4.04 17.06 -3.91
N MET B 8 4.39 17.96 -2.94
CA MET B 8 5.87 17.75 -2.44
C MET B 8 5.79 16.42 -1.64
N TRP B 9 4.69 16.20 -0.84
CA TRP B 9 4.58 14.92 -0.14
C TRP B 9 4.39 13.69 -1.05
N HIS B 10 3.63 13.79 -2.19
CA HIS B 10 3.40 12.60 -2.99
C HIS B 10 4.75 12.18 -3.56
N GLU B 11 5.50 13.16 -4.11
CA GLU B 11 6.78 12.84 -4.65
C GLU B 11 7.80 12.41 -3.62
N GLY B 12 7.83 13.07 -2.46
CA GLY B 12 8.77 12.77 -1.41
C GLY B 12 8.55 11.34 -0.79
N LEU B 13 7.28 10.95 -0.53
CA LEU B 13 6.95 9.61 0.03
C LEU B 13 7.36 8.56 -0.97
N GLU B 14 7.09 8.70 -2.24
CA GLU B 14 7.41 7.82 -3.31
C GLU B 14 8.92 7.60 -3.36
N GLU B 15 9.71 8.72 -3.27
CA GLU B 15 11.12 8.65 -3.37
C GLU B 15 11.73 8.00 -2.07
N ALA B 16 11.24 8.38 -0.93
CA ALA B 16 11.73 7.89 0.34
C ALA B 16 11.41 6.36 0.43
N SER B 17 10.19 5.99 0.06
CA SER B 17 9.91 4.52 0.01
C SER B 17 10.77 3.74 -0.94
N ARG B 18 11.12 4.38 -2.14
CA ARG B 18 12.08 3.66 -3.02
C ARG B 18 13.42 3.45 -2.43
N LEU B 19 14.01 4.47 -1.78
CA LEU B 19 15.27 4.32 -1.10
C LEU B 19 15.27 3.30 0.01
N TYR B 20 14.16 3.26 0.80
CA TYR B 20 14.11 2.41 1.96
C TYR B 20 13.74 0.94 1.46
N PHE B 21 12.61 0.76 0.86
CA PHE B 21 12.17 -0.64 0.47
C PHE B 21 12.89 -1.26 -0.69
N GLY B 22 13.21 -0.47 -1.72
CA GLY B 22 13.86 -0.88 -2.90
C GLY B 22 15.38 -0.95 -2.64
N GLU B 23 15.96 0.14 -2.12
CA GLU B 23 17.41 0.17 -1.96
C GLU B 23 18.01 -0.24 -0.63
N ARG B 24 17.17 -0.49 0.37
CA ARG B 24 17.58 -0.72 1.73
C ARG B 24 18.42 0.48 2.25
N ASN B 25 18.13 1.70 1.78
CA ASN B 25 18.92 2.83 2.24
C ASN B 25 18.12 3.70 3.21
N VAL B 26 18.23 3.49 4.53
CA VAL B 26 17.50 4.15 5.54
C VAL B 26 18.06 5.59 5.65
N LYS B 27 19.42 5.74 5.58
CA LYS B 27 19.91 7.14 5.64
C LYS B 27 19.28 8.02 4.57
N GLY B 28 19.11 7.53 3.38
CA GLY B 28 18.63 8.32 2.20
C GLY B 28 17.11 8.61 2.43
N MET B 29 16.34 7.60 2.92
CA MET B 29 14.95 7.80 3.32
C MET B 29 14.71 8.86 4.33
N PHE B 30 15.58 8.99 5.36
CA PHE B 30 15.50 10.12 6.33
C PHE B 30 15.83 11.46 5.68
N GLU B 31 16.94 11.39 4.85
CA GLU B 31 17.33 12.60 4.24
C GLU B 31 16.14 13.22 3.46
N VAL B 32 15.41 12.39 2.77
CA VAL B 32 14.24 12.84 2.05
C VAL B 32 13.13 13.32 2.96
N LEU B 33 12.73 12.58 4.01
CA LEU B 33 11.57 12.88 4.83
C LEU B 33 11.85 14.03 5.80
N GLU B 34 13.11 14.28 6.23
CA GLU B 34 13.27 15.34 7.29
C GLU B 34 12.85 16.76 6.90
N PRO B 35 13.13 17.24 5.66
CA PRO B 35 12.77 18.57 5.22
C PRO B 35 11.26 18.67 4.98
N LEU B 36 10.64 17.46 4.65
CA LEU B 36 9.18 17.56 4.49
C LEU B 36 8.51 17.81 5.81
N HIS B 37 8.91 17.02 6.83
CA HIS B 37 8.36 17.31 8.12
C HIS B 37 8.72 18.75 8.62
N ALA B 38 9.89 19.15 8.33
CA ALA B 38 10.32 20.52 8.87
C ALA B 38 9.46 21.58 8.23
N MET B 39 9.10 21.43 6.97
CA MET B 39 8.04 22.39 6.50
C MET B 39 6.74 22.30 7.21
N MET B 40 6.11 21.18 7.52
CA MET B 40 4.91 21.17 8.34
C MET B 40 5.18 21.87 9.66
N GLU B 41 6.34 21.57 10.29
CA GLU B 41 6.66 22.23 11.55
C GLU B 41 6.57 23.76 11.46
N ARG B 42 7.03 24.31 10.36
CA ARG B 42 6.95 25.77 10.25
C ARG B 42 5.50 26.24 10.21
N GLY B 43 4.55 25.50 9.64
CA GLY B 43 3.14 25.91 9.67
C GLY B 43 2.62 26.29 8.30
N PRO B 44 1.32 26.15 7.98
CA PRO B 44 0.78 26.47 6.71
C PRO B 44 0.76 27.98 6.48
N GLN B 45 1.04 28.48 5.32
CA GLN B 45 0.93 29.90 4.99
C GLN B 45 -0.01 30.24 3.80
N THR B 46 -0.65 29.18 3.21
CA THR B 46 -1.70 29.41 2.24
C THR B 46 -2.97 28.66 2.62
N LEU B 47 -4.08 29.05 2.02
CA LEU B 47 -5.35 28.26 2.29
C LEU B 47 -5.13 26.76 1.89
N LYS B 48 -4.53 26.45 0.76
CA LYS B 48 -4.24 25.13 0.25
C LYS B 48 -3.24 24.40 1.16
N GLU B 49 -2.36 25.12 1.77
CA GLU B 49 -1.42 24.50 2.73
C GLU B 49 -2.20 24.14 3.98
N THR B 50 -3.14 25.08 4.33
CA THR B 50 -3.88 24.91 5.60
C THR B 50 -4.83 23.65 5.49
N SER B 51 -5.44 23.56 4.34
CA SER B 51 -6.45 22.42 4.24
C SER B 51 -5.62 21.11 4.14
N PHE B 52 -4.45 21.09 3.47
CA PHE B 52 -3.60 19.89 3.49
C PHE B 52 -3.18 19.57 4.93
N ASN B 53 -2.78 20.58 5.69
CA ASN B 53 -2.41 20.35 7.10
C ASN B 53 -3.59 19.90 7.91
N GLN B 54 -4.78 20.49 7.76
CA GLN B 54 -5.98 19.93 8.42
C GLN B 54 -6.27 18.38 8.13
N ALA B 55 -6.14 18.00 6.85
CA ALA B 55 -6.48 16.60 6.55
C ALA B 55 -5.37 15.63 6.92
N TYR B 56 -4.10 15.99 6.70
CA TYR B 56 -3.01 15.00 6.86
C TYR B 56 -2.04 15.40 7.96
N GLY B 57 -2.21 16.48 8.68
CA GLY B 57 -1.08 16.96 9.55
C GLY B 57 -0.83 15.92 10.68
N ARG B 58 -1.98 15.58 11.33
CA ARG B 58 -1.86 14.65 12.46
C ARG B 58 -1.26 13.30 12.04
N ASP B 59 -1.71 12.68 10.93
CA ASP B 59 -1.11 11.41 10.50
C ASP B 59 0.39 11.58 10.25
N LEU B 60 0.77 12.69 9.58
CA LEU B 60 2.18 12.83 9.27
C LEU B 60 3.00 13.06 10.54
N MET B 61 2.44 13.81 11.50
CA MET B 61 3.12 14.00 12.79
C MET B 61 3.26 12.61 13.49
N GLU B 62 2.22 11.82 13.53
CA GLU B 62 2.33 10.43 14.05
C GLU B 62 3.35 9.57 13.29
N ALA B 63 3.42 9.65 11.96
CA ALA B 63 4.45 8.86 11.23
C ALA B 63 5.84 9.34 11.71
N GLN B 64 6.06 10.68 11.82
CA GLN B 64 7.28 11.13 12.42
C GLN B 64 7.52 10.63 13.85
N GLU B 65 6.51 10.54 14.77
CA GLU B 65 6.82 9.99 16.08
C GLU B 65 7.29 8.52 15.95
N TRP B 66 6.66 7.72 15.10
CA TRP B 66 7.17 6.35 14.92
C TRP B 66 8.62 6.34 14.43
N CYS B 67 8.87 7.20 13.38
CA CYS B 67 10.29 7.22 12.93
C CYS B 67 11.24 7.56 14.10
N ARG B 68 10.88 8.60 14.88
CA ARG B 68 11.71 8.98 16.01
C ARG B 68 11.77 7.80 17.02
N LYS B 69 10.70 6.99 17.15
CA LYS B 69 10.80 5.84 18.01
C LYS B 69 11.88 4.85 17.60
N TYR B 70 11.92 4.64 16.31
CA TYR B 70 12.91 3.80 15.67
C TYR B 70 14.39 4.29 15.87
N MET B 71 14.48 5.60 15.80
CA MET B 71 15.84 6.19 15.99
C MET B 71 16.36 5.74 17.31
N LYS B 72 15.54 5.72 18.31
CA LYS B 72 16.01 5.41 19.64
C LYS B 72 15.93 3.88 19.85
N SER B 73 14.93 3.16 19.42
CA SER B 73 14.82 1.72 19.63
C SER B 73 15.70 0.85 18.76
N GLY B 74 16.02 1.14 17.51
CA GLY B 74 16.68 0.20 16.56
C GLY B 74 15.71 -0.92 16.11
N ASN B 75 14.43 -0.78 16.32
CA ASN B 75 13.55 -1.92 15.94
C ASN B 75 12.81 -1.60 14.63
N VAL B 76 13.05 -2.19 13.49
CA VAL B 76 12.43 -1.94 12.22
C VAL B 76 10.94 -1.96 12.21
N LYS B 77 10.21 -2.66 13.08
CA LYS B 77 8.79 -2.62 13.27
C LYS B 77 8.26 -1.22 13.62
N ASP B 78 9.12 -0.42 14.33
CA ASP B 78 8.67 0.94 14.55
C ASP B 78 8.68 1.73 13.19
N LEU B 79 9.65 1.49 12.31
CA LEU B 79 9.60 2.19 11.03
C LEU B 79 8.54 1.66 10.14
N THR B 80 8.22 0.35 10.34
CA THR B 80 7.09 -0.08 9.37
C THR B 80 5.92 0.73 9.75
N GLN B 81 5.68 0.91 11.11
CA GLN B 81 4.38 1.56 11.56
C GLN B 81 4.27 3.00 10.96
N ALA B 82 5.51 3.52 10.87
CA ALA B 82 5.49 4.90 10.19
C ALA B 82 5.08 4.78 8.74
N TRP B 83 5.52 3.65 8.01
CA TRP B 83 5.15 3.55 6.60
C TRP B 83 3.69 3.25 6.42
N ASP B 84 2.97 2.68 7.42
CA ASP B 84 1.53 2.43 7.24
C ASP B 84 0.80 3.81 7.20
N LEU B 85 1.20 4.73 8.05
CA LEU B 85 0.61 6.07 8.09
C LEU B 85 1.09 6.85 6.86
N TYR B 86 2.35 6.67 6.44
CA TYR B 86 2.73 7.40 5.22
C TYR B 86 1.92 6.91 4.00
N TYR B 87 1.70 5.62 3.90
CA TYR B 87 1.03 5.05 2.70
C TYR B 87 -0.42 5.53 2.75
N HIS B 88 -1.06 5.53 3.96
CA HIS B 88 -2.49 6.02 4.00
C HIS B 88 -2.51 7.51 3.47
N VAL B 89 -1.59 8.35 3.95
CA VAL B 89 -1.51 9.68 3.35
C VAL B 89 -1.33 9.65 1.85
N PHE B 90 -0.36 8.84 1.38
CA PHE B 90 -0.03 8.81 -0.03
C PHE B 90 -1.20 8.42 -0.91
N ARG B 91 -1.97 7.37 -0.46
CA ARG B 91 -3.12 6.95 -1.13
C ARG B 91 -4.18 8.08 -1.11
N ARG B 92 -4.36 8.74 -0.01
CA ARG B 92 -5.41 9.81 0.06
C ARG B 92 -5.05 10.95 -0.88
N ILE B 93 -3.78 11.32 -0.94
CA ILE B 93 -3.30 12.37 -1.86
C ILE B 93 -3.48 11.95 -3.30
N SER B 94 -3.44 10.66 -3.60
CA SER B 94 -3.43 10.12 -4.93
C SER B 94 -4.84 10.07 -5.52
TB TB C . -1.55 -35.28 -5.72
TB TB D . -6.60 -35.46 -6.93
N GLY A 1 1.92 -20.51 -10.12
CA GLY A 1 1.03 -19.56 -10.76
C GLY A 1 0.03 -19.06 -9.73
N VAL A 2 -1.19 -18.79 -10.20
CA VAL A 2 -2.30 -18.36 -9.38
C VAL A 2 -3.50 -19.22 -9.79
N GLN A 3 -4.15 -19.80 -8.80
CA GLN A 3 -5.35 -20.59 -9.03
C GLN A 3 -6.52 -19.71 -8.58
N VAL A 4 -7.61 -19.55 -9.32
CA VAL A 4 -8.74 -18.70 -8.93
C VAL A 4 -9.90 -19.66 -8.71
N GLU A 5 -10.42 -19.77 -7.51
CA GLU A 5 -11.58 -20.62 -7.23
C GLU A 5 -12.74 -19.73 -6.79
N THR A 6 -13.92 -19.78 -7.41
CA THR A 6 -15.03 -18.87 -7.10
C THR A 6 -15.70 -19.09 -5.75
N ILE A 7 -15.86 -18.04 -4.94
CA ILE A 7 -16.70 -18.12 -3.76
C ILE A 7 -18.12 -17.68 -4.14
N SER A 8 -18.31 -16.61 -4.92
CA SER A 8 -19.61 -16.15 -5.40
C SER A 8 -19.38 -15.59 -6.80
N PRO A 9 -20.22 -15.90 -7.77
CA PRO A 9 -20.04 -15.46 -9.14
C PRO A 9 -20.23 -13.97 -9.36
N GLY A 10 -19.45 -13.43 -10.27
CA GLY A 10 -19.65 -12.07 -10.72
C GLY A 10 -20.66 -12.08 -11.84
N ASP A 11 -20.70 -11.00 -12.61
CA ASP A 11 -21.64 -10.94 -13.71
C ASP A 11 -21.24 -11.71 -14.95
N GLY A 12 -20.01 -12.22 -15.02
CA GLY A 12 -19.51 -12.99 -16.15
C GLY A 12 -19.36 -12.20 -17.44
N ARG A 13 -19.36 -10.87 -17.39
CA ARG A 13 -19.34 -10.04 -18.58
C ARG A 13 -18.36 -8.90 -18.45
N THR A 14 -18.31 -8.24 -17.29
CA THR A 14 -17.48 -7.07 -17.05
C THR A 14 -16.18 -7.43 -16.34
N PHE A 15 -15.12 -7.43 -17.13
CA PHE A 15 -13.82 -7.83 -16.65
C PHE A 15 -12.91 -6.62 -16.66
N PRO A 16 -11.90 -6.45 -15.79
CA PRO A 16 -11.00 -5.32 -15.81
C PRO A 16 -10.20 -5.27 -17.11
N LYS A 17 -9.93 -4.04 -17.54
CA LYS A 17 -9.03 -3.76 -18.62
C LYS A 17 -7.74 -3.21 -17.97
N ARG A 18 -6.63 -3.40 -18.66
CA ARG A 18 -5.36 -2.80 -18.31
C ARG A 18 -5.56 -1.30 -18.20
N GLY A 19 -5.04 -0.74 -17.12
CA GLY A 19 -5.17 0.68 -16.89
C GLY A 19 -6.42 1.03 -16.10
N GLN A 20 -7.40 0.14 -15.93
CA GLN A 20 -8.54 0.49 -15.08
C GLN A 20 -8.15 0.30 -13.63
N THR A 21 -8.82 1.09 -12.80
CA THR A 21 -8.76 0.96 -11.36
C THR A 21 -9.76 -0.11 -10.91
N CYS A 22 -9.24 -1.15 -10.27
CA CYS A 22 -10.09 -2.16 -9.65
C CYS A 22 -10.29 -1.76 -8.19
N VAL A 23 -11.54 -1.86 -7.73
CA VAL A 23 -11.89 -1.58 -6.33
C VAL A 23 -12.27 -2.91 -5.71
N VAL A 24 -11.53 -3.36 -4.68
CA VAL A 24 -11.68 -4.71 -4.14
C VAL A 24 -11.75 -4.71 -2.62
N HIS A 25 -12.33 -5.74 -2.02
CA HIS A 25 -12.04 -6.06 -0.63
C HIS A 25 -11.22 -7.32 -0.59
N TYR A 26 -10.28 -7.42 0.35
CA TYR A 26 -9.46 -8.61 0.46
C TYR A 26 -9.15 -8.96 1.92
N THR A 27 -8.87 -10.25 2.12
CA THR A 27 -8.26 -10.82 3.32
C THR A 27 -7.11 -11.67 2.79
N GLY A 28 -5.93 -11.54 3.37
CA GLY A 28 -4.78 -12.33 2.99
C GLY A 28 -4.31 -13.19 4.16
N MET A 29 -3.89 -14.41 3.88
CA MET A 29 -3.30 -15.28 4.87
C MET A 29 -2.23 -16.15 4.21
N LEU A 30 -1.31 -16.63 5.04
CA LEU A 30 -0.30 -17.59 4.59
C LEU A 30 -0.99 -18.95 4.42
N GLU A 31 -0.66 -19.77 3.42
CA GLU A 31 -1.31 -21.07 3.21
C GLU A 31 -1.19 -21.90 4.48
N ASP A 32 -2.36 -22.26 5.01
CA ASP A 32 -2.49 -22.92 6.32
C ASP A 32 -1.73 -22.27 7.46
N GLY A 33 -1.89 -20.96 7.49
CA GLY A 33 -1.20 -20.12 8.43
C GLY A 33 -2.03 -18.90 8.78
N LYS A 34 -1.25 -17.90 9.19
CA LYS A 34 -1.75 -16.68 9.83
C LYS A 34 -2.42 -15.78 8.80
N LYS A 35 -3.58 -15.22 9.13
CA LYS A 35 -4.08 -14.03 8.43
C LYS A 35 -3.16 -12.87 8.73
N PHE A 36 -2.70 -12.18 7.70
CA PHE A 36 -1.78 -11.09 7.88
C PHE A 36 -2.42 -9.76 7.50
N ASP A 37 -3.52 -9.70 6.73
CA ASP A 37 -4.13 -8.41 6.35
C ASP A 37 -5.57 -8.54 5.86
N SER A 38 -6.40 -7.52 6.03
CA SER A 38 -7.73 -7.52 5.49
C SER A 38 -8.14 -6.07 5.36
N SER A 39 -8.60 -5.68 4.18
CA SER A 39 -9.16 -4.36 4.02
C SER A 39 -10.53 -4.25 4.69
N ARG A 40 -11.20 -5.38 4.94
CA ARG A 40 -12.53 -5.38 5.52
C ARG A 40 -12.50 -4.82 6.93
N ASP A 41 -11.49 -5.19 7.72
CA ASP A 41 -11.21 -4.67 9.06
C ASP A 41 -11.18 -3.16 9.11
N ARG A 42 -10.55 -2.65 8.06
CA ARG A 42 -10.28 -1.24 7.93
C ARG A 42 -11.48 -0.47 7.40
N ASN A 43 -12.53 -1.20 7.00
CA ASN A 43 -13.76 -0.63 6.47
C ASN A 43 -13.48 0.21 5.20
N LYS A 44 -12.30 0.10 4.58
CA LYS A 44 -11.96 0.87 3.40
C LYS A 44 -11.52 -0.10 2.29
N PRO A 45 -12.06 -0.03 1.06
CA PRO A 45 -11.67 -0.89 -0.05
C PRO A 45 -10.34 -0.41 -0.55
N PHE A 46 -9.63 -1.38 -1.11
CA PHE A 46 -8.32 -1.20 -1.67
C PHE A 46 -8.52 -0.95 -3.15
N LYS A 47 -7.74 -0.03 -3.73
CA LYS A 47 -7.84 0.24 -5.14
C LYS A 47 -6.43 0.12 -5.70
N PHE A 48 -6.34 -0.45 -6.89
CA PHE A 48 -5.09 -0.48 -7.61
C PHE A 48 -5.39 -0.44 -9.10
N MET A 49 -4.38 -0.03 -9.87
CA MET A 49 -4.56 0.06 -11.31
C MET A 49 -3.95 -1.17 -11.94
N LEU A 50 -4.79 -1.86 -12.70
CA LEU A 50 -4.41 -3.10 -13.32
C LEU A 50 -3.37 -2.80 -14.39
N GLY A 51 -2.34 -3.63 -14.43
CA GLY A 51 -1.35 -3.56 -15.48
C GLY A 51 -0.18 -2.64 -15.19
N LYS A 52 -0.14 -1.88 -14.09
CA LYS A 52 0.96 -0.95 -13.80
C LYS A 52 2.06 -1.53 -12.92
N GLN A 53 2.05 -2.85 -12.66
CA GLN A 53 2.93 -3.50 -11.70
C GLN A 53 2.97 -2.89 -10.27
N GLU A 54 1.82 -2.39 -9.84
CA GLU A 54 1.68 -1.91 -8.48
C GLU A 54 1.60 -3.05 -7.46
N VAL A 55 1.07 -4.20 -7.90
CA VAL A 55 0.84 -5.32 -6.99
C VAL A 55 1.54 -6.58 -7.52
N ILE A 56 1.63 -7.60 -6.67
CA ILE A 56 2.24 -8.86 -7.03
C ILE A 56 1.59 -9.50 -8.24
N ARG A 57 2.37 -10.32 -8.95
CA ARG A 57 1.95 -10.90 -10.21
C ARG A 57 0.67 -11.73 -10.15
N GLY A 58 0.52 -12.48 -9.07
CA GLY A 58 -0.67 -13.28 -8.85
C GLY A 58 -1.95 -12.46 -8.76
N TRP A 59 -1.86 -11.22 -8.26
CA TRP A 59 -3.01 -10.34 -8.24
C TRP A 59 -3.22 -9.81 -9.64
N GLU A 60 -2.17 -9.41 -10.37
CA GLU A 60 -2.32 -8.92 -11.72
C GLU A 60 -3.01 -9.93 -12.64
N GLU A 61 -2.60 -11.19 -12.56
CA GLU A 61 -3.21 -12.23 -13.35
C GLU A 61 -4.51 -12.75 -12.78
N GLY A 62 -4.61 -12.79 -11.46
CA GLY A 62 -5.79 -13.31 -10.79
C GLY A 62 -6.98 -12.41 -10.99
N VAL A 63 -6.83 -11.13 -10.67
CA VAL A 63 -7.92 -10.18 -10.76
C VAL A 63 -8.37 -9.93 -12.19
N ALA A 64 -7.44 -9.97 -13.16
CA ALA A 64 -7.80 -9.83 -14.56
C ALA A 64 -8.82 -10.85 -15.09
N GLN A 65 -8.94 -12.03 -14.47
CA GLN A 65 -9.91 -12.99 -14.95
C GLN A 65 -11.19 -12.96 -14.12
N MET A 66 -11.36 -11.95 -13.28
CA MET A 66 -12.55 -11.87 -12.46
C MET A 66 -13.48 -10.85 -13.10
N SER A 67 -14.77 -11.11 -12.97
CA SER A 67 -15.74 -10.11 -13.39
C SER A 67 -16.32 -9.31 -12.21
N VAL A 68 -16.94 -8.15 -12.46
CA VAL A 68 -17.47 -7.32 -11.40
C VAL A 68 -18.49 -8.11 -10.59
N GLY A 69 -18.34 -8.07 -9.28
CA GLY A 69 -19.23 -8.74 -8.33
C GLY A 69 -18.68 -10.08 -7.84
N GLN A 70 -17.66 -10.62 -8.51
CA GLN A 70 -17.17 -11.92 -8.18
C GLN A 70 -16.39 -11.86 -6.88
N ARG A 71 -16.50 -12.91 -6.08
CA ARG A 71 -15.64 -13.11 -4.93
C ARG A 71 -14.89 -14.40 -5.18
N ALA A 72 -13.56 -14.43 -5.03
CA ALA A 72 -12.76 -15.60 -5.32
C ALA A 72 -11.64 -15.84 -4.33
N LYS A 73 -11.26 -17.10 -4.17
CA LYS A 73 -10.08 -17.48 -3.42
C LYS A 73 -8.98 -17.58 -4.47
N LEU A 74 -7.91 -16.80 -4.27
CA LEU A 74 -6.73 -16.84 -5.12
C LEU A 74 -5.63 -17.56 -4.37
N THR A 75 -5.08 -18.67 -4.86
CA THR A 75 -3.92 -19.29 -4.24
C THR A 75 -2.70 -18.96 -5.10
N ILE A 76 -1.67 -18.36 -4.52
CA ILE A 76 -0.60 -17.78 -5.28
C ILE A 76 0.71 -18.43 -4.81
N SER A 77 1.43 -18.97 -5.78
CA SER A 77 2.69 -19.62 -5.47
C SER A 77 3.73 -18.56 -5.15
N PRO A 78 4.82 -18.81 -4.45
CA PRO A 78 5.80 -17.80 -4.04
C PRO A 78 6.38 -17.05 -5.20
N ASP A 79 6.61 -17.69 -6.34
CA ASP A 79 7.12 -17.00 -7.50
C ASP A 79 6.15 -16.00 -8.12
N TYR A 80 4.87 -16.06 -7.78
CA TYR A 80 3.89 -15.06 -8.22
C TYR A 80 3.56 -14.08 -7.10
N ALA A 81 4.28 -14.16 -5.99
CA ALA A 81 4.04 -13.40 -4.79
C ALA A 81 5.40 -12.81 -4.39
N TYR A 82 6.02 -13.09 -3.25
CA TYR A 82 7.25 -12.46 -2.81
C TYR A 82 8.48 -13.34 -2.90
N GLY A 83 8.35 -14.57 -3.41
CA GLY A 83 9.51 -15.35 -3.81
C GLY A 83 10.45 -15.74 -2.69
N ALA A 84 11.73 -15.82 -3.00
CA ALA A 84 12.65 -16.34 -2.01
C ALA A 84 13.03 -15.31 -0.97
N THR A 85 12.70 -14.06 -1.18
CA THR A 85 13.07 -13.00 -0.26
C THR A 85 11.97 -12.73 0.75
N GLY A 86 10.70 -12.88 0.32
CA GLY A 86 9.58 -12.58 1.18
C GLY A 86 9.39 -11.06 1.23
N HIS A 87 8.53 -10.63 2.15
CA HIS A 87 8.26 -9.23 2.33
C HIS A 87 8.67 -8.97 3.76
N PRO A 88 9.76 -8.23 3.99
CA PRO A 88 10.40 -8.06 5.28
C PRO A 88 9.46 -7.72 6.42
N GLY A 89 9.57 -8.52 7.47
CA GLY A 89 8.77 -8.33 8.65
C GLY A 89 7.45 -9.05 8.57
N ILE A 90 6.94 -9.41 7.39
CA ILE A 90 5.55 -9.86 7.28
C ILE A 90 5.52 -11.23 6.60
N ILE A 91 6.07 -11.40 5.39
CA ILE A 91 5.89 -12.64 4.63
C ILE A 91 7.27 -13.30 4.58
N PRO A 92 7.43 -14.55 5.03
CA PRO A 92 8.69 -15.29 4.97
C PRO A 92 9.08 -15.68 3.53
N PRO A 93 10.36 -16.05 3.26
CA PRO A 93 10.77 -16.66 2.00
C PRO A 93 9.90 -17.87 1.68
N HIS A 94 9.63 -17.98 0.38
CA HIS A 94 8.96 -19.15 -0.17
C HIS A 94 7.57 -19.36 0.44
N ALA A 95 6.80 -18.31 0.72
CA ALA A 95 5.46 -18.52 1.21
C ALA A 95 4.41 -18.54 0.08
N THR A 96 3.52 -19.53 0.14
CA THR A 96 2.31 -19.59 -0.67
C THR A 96 1.23 -18.70 0.02
N LEU A 97 0.55 -17.84 -0.73
CA LEU A 97 -0.39 -16.88 -0.17
C LEU A 97 -1.78 -17.25 -0.65
N VAL A 98 -2.75 -17.15 0.24
CA VAL A 98 -4.12 -17.25 -0.19
C VAL A 98 -4.85 -15.97 0.15
N PHE A 99 -5.51 -15.41 -0.86
CA PHE A 99 -6.32 -14.21 -0.71
C PHE A 99 -7.78 -14.49 -1.02
N ASP A 100 -8.66 -13.89 -0.23
CA ASP A 100 -10.08 -13.81 -0.56
C ASP A 100 -10.28 -12.42 -1.17
N VAL A 101 -10.69 -12.29 -2.43
CA VAL A 101 -10.76 -11.03 -3.12
C VAL A 101 -12.16 -10.90 -3.69
N GLU A 102 -12.77 -9.75 -3.45
CA GLU A 102 -14.08 -9.46 -3.98
C GLU A 102 -13.96 -8.25 -4.90
N LEU A 103 -14.26 -8.37 -6.19
CA LEU A 103 -14.13 -7.25 -7.11
C LEU A 103 -15.43 -6.45 -7.06
N LEU A 104 -15.34 -5.33 -6.36
CA LEU A 104 -16.49 -4.47 -6.12
C LEU A 104 -16.93 -3.63 -7.34
N LYS A 105 -15.98 -2.98 -8.04
CA LYS A 105 -16.28 -1.90 -8.96
C LYS A 105 -15.02 -1.63 -9.76
N LEU A 106 -15.21 -1.10 -10.95
CA LEU A 106 -14.12 -0.63 -11.77
C LEU A 106 -14.30 0.88 -11.92
N GLU A 107 -13.20 1.64 -11.88
CA GLU A 107 -13.19 3.06 -12.18
C GLU A 107 -12.08 3.32 -13.22
N VAL B 1 10.71 28.97 -6.06
CA VAL B 1 10.02 27.58 -5.91
C VAL B 1 8.65 27.60 -5.23
N ALA B 2 7.69 27.29 -6.02
CA ALA B 2 6.24 27.36 -5.70
C ALA B 2 5.78 25.85 -5.87
N ILE B 3 5.38 25.26 -4.70
CA ILE B 3 4.84 23.91 -4.99
C ILE B 3 3.80 23.52 -3.92
N LEU B 4 2.71 22.87 -4.33
CA LEU B 4 1.68 22.68 -3.29
C LEU B 4 2.15 21.58 -2.31
N TRP B 5 1.66 21.66 -1.06
CA TRP B 5 2.14 20.70 -0.08
C TRP B 5 1.67 19.28 -0.50
N HIS B 6 0.57 19.07 -1.16
CA HIS B 6 0.04 17.87 -1.73
C HIS B 6 1.11 17.24 -2.66
N GLU B 7 1.72 18.10 -3.53
CA GLU B 7 2.68 17.62 -4.51
C GLU B 7 3.98 17.22 -3.82
N MET B 8 4.32 18.12 -2.84
CA MET B 8 5.80 17.91 -2.35
C MET B 8 5.74 16.57 -1.56
N TRP B 9 4.64 16.34 -0.76
CA TRP B 9 4.55 15.05 -0.07
C TRP B 9 4.37 13.83 -1.00
N HIS B 10 3.60 13.93 -2.13
CA HIS B 10 3.38 12.74 -2.93
C HIS B 10 4.72 12.34 -3.51
N GLU B 11 5.46 13.33 -4.06
CA GLU B 11 6.75 13.03 -4.60
C GLU B 11 7.77 12.60 -3.58
N GLY B 12 7.81 13.25 -2.42
CA GLY B 12 8.75 12.95 -1.37
C GLY B 12 8.54 11.51 -0.77
N LEU B 13 7.27 11.10 -0.50
CA LEU B 13 6.96 9.76 0.04
C LEU B 13 7.37 8.72 -0.97
N GLU B 14 7.10 8.87 -2.23
CA GLU B 14 7.43 8.01 -3.31
C GLU B 14 8.92 7.79 -3.36
N GLU B 15 9.71 8.92 -3.26
CA GLU B 15 11.12 8.86 -3.37
C GLU B 15 11.74 8.20 -2.08
N ALA B 16 11.25 8.57 -0.93
CA ALA B 16 11.76 8.07 0.33
C ALA B 16 11.45 6.54 0.40
N SER B 17 10.22 6.16 0.03
CA SER B 17 9.96 4.69 -0.03
C SER B 17 10.82 3.93 -0.98
N ARG B 18 11.17 4.57 -2.18
CA ARG B 18 12.12 3.88 -3.07
C ARG B 18 13.47 3.67 -2.48
N LEU B 19 14.05 4.68 -1.83
CA LEU B 19 15.32 4.55 -1.15
C LEU B 19 15.33 3.52 -0.05
N TYR B 20 14.22 3.46 0.75
CA TYR B 20 14.17 2.61 1.89
C TYR B 20 13.82 1.13 1.38
N PHE B 21 12.69 0.94 0.78
CA PHE B 21 12.26 -0.45 0.39
C PHE B 21 12.98 -1.06 -0.78
N GLY B 22 13.29 -0.26 -1.81
CA GLY B 22 13.95 -0.64 -3.00
C GLY B 22 15.46 -0.71 -2.74
N GLU B 23 16.03 0.38 -2.22
CA GLU B 23 17.49 0.43 -2.05
C GLU B 23 18.10 0.00 -0.73
N ARG B 24 17.26 -0.27 0.28
CA ARG B 24 17.67 -0.50 1.63
C ARG B 24 18.51 0.69 2.16
N ASN B 25 18.21 1.92 1.70
CA ASN B 25 18.97 3.05 2.16
C ASN B 25 18.19 3.92 3.15
N VAL B 26 18.30 3.68 4.46
CA VAL B 26 17.57 4.33 5.49
C VAL B 26 18.12 5.77 5.60
N LYS B 27 19.47 5.93 5.54
CA LYS B 27 19.96 7.34 5.60
C LYS B 27 19.30 8.22 4.54
N GLY B 28 19.15 7.75 3.34
CA GLY B 28 18.65 8.54 2.17
C GLY B 28 17.13 8.82 2.41
N MET B 29 16.36 7.79 2.90
CA MET B 29 14.98 7.98 3.30
C MET B 29 14.74 9.03 4.33
N PHE B 30 15.59 9.15 5.36
CA PHE B 30 15.52 10.27 6.33
C PHE B 30 15.83 11.63 5.69
N GLU B 31 16.95 11.57 4.86
CA GLU B 31 17.32 12.79 4.26
C GLU B 31 16.12 13.41 3.48
N VAL B 32 15.40 12.57 2.79
CA VAL B 32 14.22 13.03 2.07
C VAL B 32 13.11 13.49 2.99
N LEU B 33 12.72 12.74 4.04
CA LEU B 33 11.57 13.02 4.87
C LEU B 33 11.84 14.16 5.84
N GLU B 34 13.10 14.43 6.27
CA GLU B 34 13.26 15.48 7.34
C GLU B 34 12.82 16.89 6.96
N PRO B 35 13.10 17.40 5.74
CA PRO B 35 12.73 18.71 5.30
C PRO B 35 11.21 18.81 5.07
N LEU B 36 10.59 17.59 4.72
CA LEU B 36 9.15 17.69 4.57
C LEU B 36 8.46 17.91 5.89
N HIS B 37 8.87 17.13 6.90
CA HIS B 37 8.33 17.39 8.20
C HIS B 37 8.68 18.84 8.71
N ALA B 38 9.85 19.25 8.42
CA ALA B 38 10.27 20.62 8.98
C ALA B 38 9.39 21.67 8.35
N MET B 39 9.03 21.53 7.09
CA MET B 39 7.97 22.49 6.63
C MET B 39 6.67 22.39 7.33
N MET B 40 6.05 21.25 7.65
CA MET B 40 4.85 21.22 8.47
C MET B 40 5.13 21.91 9.80
N GLU B 41 6.29 21.62 10.41
CA GLU B 41 6.59 22.28 11.68
C GLU B 41 6.49 23.80 11.60
N ARG B 42 6.95 24.37 10.52
CA ARG B 42 6.85 25.83 10.41
C ARG B 42 5.40 26.29 10.38
N GLY B 43 4.45 25.55 9.81
CA GLY B 43 3.05 25.94 9.84
C GLY B 43 2.53 26.32 8.47
N PRO B 44 1.21 26.18 8.16
CA PRO B 44 0.68 26.51 6.90
C PRO B 44 0.64 28.02 6.67
N GLN B 45 0.90 28.54 5.52
CA GLN B 45 0.79 29.96 5.20
C GLN B 45 -0.15 30.30 4.03
N THR B 46 -0.78 29.25 3.42
CA THR B 46 -1.84 29.47 2.45
C THR B 46 -3.11 28.70 2.83
N LEU B 47 -4.23 29.09 2.23
CA LEU B 47 -5.49 28.30 2.50
C LEU B 47 -5.25 26.80 2.09
N LYS B 48 -4.66 26.50 0.95
CA LYS B 48 -4.35 25.18 0.44
C LYS B 48 -3.35 24.46 1.34
N GLU B 49 -2.48 25.18 1.95
CA GLU B 49 -1.52 24.56 2.89
C GLU B 49 -2.29 24.17 4.15
N THR B 50 -3.25 25.11 4.51
CA THR B 50 -3.97 24.91 5.79
C THR B 50 -4.92 23.67 5.66
N SER B 51 -5.54 23.57 4.51
CA SER B 51 -6.52 22.42 4.41
C SER B 51 -5.69 21.12 4.30
N PHE B 52 -4.52 21.12 3.63
CA PHE B 52 -3.68 19.92 3.63
C PHE B 52 -3.24 19.59 5.06
N ASN B 53 -2.85 20.61 5.83
CA ASN B 53 -2.47 20.36 7.23
C ASN B 53 -3.64 19.89 8.05
N GLN B 54 -4.84 20.47 7.90
CA GLN B 54 -6.03 19.90 8.56
C GLN B 54 -6.31 18.35 8.26
N ALA B 55 -6.19 17.98 6.98
CA ALA B 55 -6.51 16.58 6.67
C ALA B 55 -5.39 15.62 7.03
N TYR B 56 -4.12 15.99 6.81
CA TYR B 56 -3.03 15.01 6.95
C TYR B 56 -2.06 15.40 8.06
N GLY B 57 -2.22 16.48 8.79
CA GLY B 57 -1.10 16.96 9.65
C GLY B 57 -0.85 15.92 10.77
N ARG B 58 -1.99 15.55 11.43
CA ARG B 58 -1.85 14.62 12.55
C ARG B 58 -1.25 13.27 12.11
N ASP B 59 -1.69 12.67 10.99
CA ASP B 59 -1.09 11.40 10.55
C ASP B 59 0.41 11.58 10.31
N LEU B 60 0.77 12.71 9.64
CA LEU B 60 2.19 12.86 9.33
C LEU B 60 3.01 13.08 10.60
N MET B 61 2.45 13.83 11.57
CA MET B 61 3.13 14.00 12.85
C MET B 61 3.28 12.61 13.54
N GLU B 62 2.25 11.82 13.58
CA GLU B 62 2.37 10.42 14.08
C GLU B 62 3.38 9.57 13.31
N ALA B 63 3.46 9.67 11.98
CA ALA B 63 4.50 8.89 11.25
C ALA B 63 5.88 9.36 11.73
N GLN B 64 6.09 10.72 11.85
CA GLN B 64 7.31 11.17 12.45
C GLN B 64 7.56 10.67 13.88
N GLU B 65 6.56 10.55 14.79
CA GLU B 65 6.87 10.00 16.10
C GLU B 65 7.35 8.53 15.95
N TRP B 66 6.73 7.73 15.11
CA TRP B 66 7.25 6.37 14.91
C TRP B 66 8.70 6.38 14.41
N CYS B 67 8.93 7.26 13.37
CA CYS B 67 10.36 7.28 12.91
C CYS B 67 11.30 7.63 14.09
N ARG B 68 10.94 8.66 14.88
CA ARG B 68 11.76 9.02 16.01
C ARG B 68 11.83 7.83 17.00
N LYS B 69 10.77 7.01 17.13
CA LYS B 69 10.88 5.86 17.99
C LYS B 69 11.98 4.89 17.56
N TYR B 70 12.02 4.69 16.26
CA TYR B 70 13.00 3.86 15.63
C TYR B 70 14.48 4.36 15.83
N MET B 71 14.56 5.68 15.76
CA MET B 71 15.91 6.28 15.94
C MET B 71 16.45 5.81 17.26
N LYS B 72 15.62 5.77 18.27
CA LYS B 72 16.10 5.45 19.59
C LYS B 72 16.02 3.92 19.79
N SER B 73 15.04 3.20 19.36
CA SER B 73 14.93 1.76 19.56
C SER B 73 15.81 0.91 18.67
N GLY B 74 16.14 1.21 17.43
CA GLY B 74 16.81 0.29 16.47
C GLY B 74 15.85 -0.84 16.01
N ASN B 75 14.56 -0.71 16.23
CA ASN B 75 13.68 -1.86 15.84
C ASN B 75 12.94 -1.53 14.52
N VAL B 76 13.18 -2.11 13.38
CA VAL B 76 12.56 -1.85 12.12
C VAL B 76 11.07 -1.89 12.12
N LYS B 77 10.35 -2.60 12.99
CA LYS B 77 8.93 -2.58 13.18
C LYS B 77 8.40 -1.17 13.53
N ASP B 78 9.25 -0.38 14.25
CA ASP B 78 8.78 0.98 14.48
C ASP B 78 8.78 1.78 13.14
N LEU B 79 9.75 1.55 12.25
CA LEU B 79 9.70 2.27 10.97
C LEU B 79 8.63 1.73 10.09
N THR B 80 8.33 0.42 10.27
CA THR B 80 7.19 0.00 9.30
C THR B 80 6.02 0.78 9.70
N GLN B 81 5.78 0.95 11.06
CA GLN B 81 4.48 1.59 11.52
C GLN B 81 4.36 3.03 10.93
N ALA B 82 5.59 3.56 10.84
CA ALA B 82 5.57 4.95 10.17
C ALA B 82 5.15 4.84 8.71
N TRP B 83 5.60 3.72 7.97
CA TRP B 83 5.22 3.63 6.56
C TRP B 83 3.76 3.32 6.40
N ASP B 84 3.05 2.73 7.38
CA ASP B 84 1.61 2.47 7.21
C ASP B 84 0.87 3.84 7.18
N LEU B 85 1.26 4.75 8.03
CA LEU B 85 0.67 6.10 8.09
C LEU B 85 1.14 6.90 6.87
N TYR B 86 2.40 6.72 6.45
CA TYR B 86 2.77 7.47 5.23
C TYR B 86 1.96 6.99 4.01
N TYR B 87 1.75 5.69 3.89
CA TYR B 87 1.07 5.13 2.69
C TYR B 87 -0.38 5.60 2.75
N HIS B 88 -1.02 5.58 3.97
CA HIS B 88 -2.45 6.06 4.01
C HIS B 88 -2.48 7.55 3.49
N VAL B 89 -1.57 8.40 3.98
CA VAL B 89 -1.50 9.74 3.39
C VAL B 89 -1.32 9.72 1.90
N PHE B 90 -0.34 8.93 1.41
CA PHE B 90 -0.01 8.91 0.00
C PHE B 90 -1.19 8.51 -0.88
N ARG B 91 -1.94 7.46 -0.44
CA ARG B 91 -3.09 7.02 -1.12
C ARG B 91 -4.16 8.15 -1.07
N ARG B 92 -4.34 8.79 0.03
CA ARG B 92 -5.41 9.86 0.10
C ARG B 92 -5.05 11.01 -0.82
N ILE B 93 -3.80 11.40 -0.88
CA ILE B 93 -3.32 12.45 -1.79
C ILE B 93 -3.50 12.05 -3.24
N SER B 94 -3.45 10.76 -3.55
CA SER B 94 -3.44 10.24 -4.87
C SER B 94 -4.85 10.17 -5.47
TB TB C . -1.99 -35.44 -5.45
TB TB D . -7.04 -35.55 -6.65
N GLY A 1 1.71 -20.76 -10.06
CA GLY A 1 0.83 -19.80 -10.70
C GLY A 1 -0.17 -19.27 -9.68
N VAL A 2 -1.38 -18.98 -10.15
CA VAL A 2 -2.48 -18.52 -9.33
C VAL A 2 -3.69 -19.37 -9.74
N GLN A 3 -4.34 -19.93 -8.73
CA GLN A 3 -5.56 -20.69 -8.95
C GLN A 3 -6.71 -19.79 -8.50
N VAL A 4 -7.80 -19.61 -9.24
CA VAL A 4 -8.91 -18.76 -8.85
C VAL A 4 -10.10 -19.69 -8.62
N GLU A 5 -10.61 -19.78 -7.42
CA GLU A 5 -11.78 -20.60 -7.12
C GLU A 5 -12.93 -19.69 -6.70
N THR A 6 -14.11 -19.72 -7.30
CA THR A 6 -15.20 -18.79 -6.99
C THR A 6 -15.88 -18.98 -5.64
N ILE A 7 -16.02 -17.92 -4.85
CA ILE A 7 -16.85 -17.97 -3.66
C ILE A 7 -18.26 -17.51 -4.05
N SER A 8 -18.44 -16.46 -4.84
CA SER A 8 -19.73 -15.96 -5.31
C SER A 8 -19.50 -15.43 -6.72
N PRO A 9 -20.35 -15.73 -7.68
CA PRO A 9 -20.16 -15.32 -9.05
C PRO A 9 -20.33 -13.82 -9.28
N GLY A 10 -19.55 -13.30 -10.21
CA GLY A 10 -19.72 -11.94 -10.68
C GLY A 10 -20.73 -11.95 -11.80
N ASP A 11 -20.75 -10.88 -12.57
CA ASP A 11 -21.70 -10.80 -13.67
C ASP A 11 -21.32 -11.60 -14.91
N GLY A 12 -20.09 -12.13 -14.96
CA GLY A 12 -19.61 -12.93 -16.09
C GLY A 12 -19.45 -12.15 -17.39
N ARG A 13 -19.44 -10.82 -17.36
CA ARG A 13 -19.41 -10.00 -18.55
C ARG A 13 -18.40 -8.87 -18.45
N THR A 14 -18.34 -8.20 -17.29
CA THR A 14 -17.48 -7.05 -17.06
C THR A 14 -16.19 -7.42 -16.35
N PHE A 15 -15.12 -7.45 -17.13
CA PHE A 15 -13.83 -7.87 -16.67
C PHE A 15 -12.90 -6.67 -16.70
N PRO A 16 -11.89 -6.52 -15.83
CA PRO A 16 -10.97 -5.40 -15.86
C PRO A 16 -10.17 -5.37 -17.16
N LYS A 17 -9.89 -4.16 -17.61
CA LYS A 17 -8.98 -3.90 -18.70
C LYS A 17 -7.69 -3.37 -18.05
N ARG A 18 -6.57 -3.58 -18.75
CA ARG A 18 -5.29 -3.00 -18.41
C ARG A 18 -5.46 -1.50 -18.31
N GLY A 19 -4.93 -0.94 -17.24
CA GLY A 19 -5.03 0.48 -17.03
C GLY A 19 -6.28 0.87 -16.23
N GLN A 20 -7.27 0.00 -16.05
CA GLN A 20 -8.39 0.36 -15.20
C GLN A 20 -8.02 0.20 -13.75
N THR A 21 -8.67 1.00 -12.92
CA THR A 21 -8.60 0.88 -11.47
C THR A 21 -9.61 -0.16 -11.02
N CYS A 22 -9.10 -1.20 -10.37
CA CYS A 22 -9.98 -2.19 -9.73
C CYS A 22 -10.17 -1.78 -8.28
N VAL A 23 -11.42 -1.85 -7.82
CA VAL A 23 -11.75 -1.55 -6.42
C VAL A 23 -12.15 -2.87 -5.78
N VAL A 24 -11.42 -3.32 -4.75
CA VAL A 24 -11.59 -4.66 -4.19
C VAL A 24 -11.66 -4.64 -2.68
N HIS A 25 -12.26 -5.66 -2.07
CA HIS A 25 -11.97 -5.96 -0.68
C HIS A 25 -11.16 -7.24 -0.62
N TYR A 26 -10.22 -7.35 0.31
CA TYR A 26 -9.42 -8.55 0.44
C TYR A 26 -9.11 -8.89 1.89
N THR A 27 -8.85 -10.18 2.11
CA THR A 27 -8.26 -10.76 3.32
C THR A 27 -7.12 -11.63 2.79
N GLY A 28 -5.93 -11.52 3.36
CA GLY A 28 -4.80 -12.33 2.99
C GLY A 28 -4.35 -13.19 4.17
N MET A 29 -3.94 -14.41 3.88
CA MET A 29 -3.37 -15.29 4.89
C MET A 29 -2.31 -16.18 4.24
N LEU A 30 -1.40 -16.67 5.06
CA LEU A 30 -0.41 -17.65 4.62
C LEU A 30 -1.13 -19.00 4.48
N GLU A 31 -0.82 -19.84 3.48
CA GLU A 31 -1.49 -21.12 3.29
C GLU A 31 -1.38 -21.94 4.55
N ASP A 32 -2.55 -22.28 5.11
CA ASP A 32 -2.69 -22.92 6.41
C ASP A 32 -1.91 -22.28 7.55
N GLY A 33 -2.05 -20.96 7.56
CA GLY A 33 -1.34 -20.12 8.48
C GLY A 33 -2.14 -18.88 8.83
N LYS A 34 -1.35 -17.90 9.24
CA LYS A 34 -1.82 -16.67 9.85
C LYS A 34 -2.48 -15.76 8.82
N LYS A 35 -3.64 -15.17 9.15
CA LYS A 35 -4.11 -13.99 8.43
C LYS A 35 -3.17 -12.84 8.73
N PHE A 36 -2.71 -12.17 7.68
CA PHE A 36 -1.77 -11.10 7.85
C PHE A 36 -2.38 -9.76 7.46
N ASP A 37 -3.49 -9.68 6.68
CA ASP A 37 -4.07 -8.40 6.30
C ASP A 37 -5.50 -8.49 5.82
N SER A 38 -6.33 -7.46 5.99
CA SER A 38 -7.65 -7.43 5.44
C SER A 38 -8.04 -5.99 5.30
N SER A 39 -8.51 -5.60 4.13
CA SER A 39 -9.04 -4.27 3.95
C SER A 39 -10.40 -4.14 4.62
N ARG A 40 -11.09 -5.25 4.88
CA ARG A 40 -12.42 -5.21 5.48
C ARG A 40 -12.38 -4.64 6.88
N ASP A 41 -11.35 -5.03 7.66
CA ASP A 41 -11.08 -4.50 9.01
C ASP A 41 -11.02 -2.98 9.04
N ARG A 42 -10.38 -2.50 7.99
CA ARG A 42 -10.09 -1.10 7.83
C ARG A 42 -11.28 -0.32 7.31
N ASN A 43 -12.34 -1.02 6.91
CA ASN A 43 -13.56 -0.44 6.37
C ASN A 43 -13.28 0.38 5.11
N LYS A 44 -12.09 0.25 4.48
CA LYS A 44 -11.74 1.01 3.28
C LYS A 44 -11.33 0.01 2.19
N PRO A 45 -11.88 0.07 0.96
CA PRO A 45 -11.50 -0.80 -0.14
C PRO A 45 -10.17 -0.34 -0.65
N PHE A 46 -9.48 -1.34 -1.21
CA PHE A 46 -8.17 -1.18 -1.77
C PHE A 46 -8.36 -0.95 -3.26
N LYS A 47 -7.58 -0.04 -3.84
CA LYS A 47 -7.67 0.21 -5.26
C LYS A 47 -6.26 0.06 -5.81
N PHE A 48 -6.20 -0.52 -7.00
CA PHE A 48 -4.94 -0.59 -7.73
C PHE A 48 -5.25 -0.55 -9.22
N MET A 49 -4.24 -0.17 -9.99
CA MET A 49 -4.41 -0.08 -11.43
C MET A 49 -3.84 -1.34 -12.06
N LEU A 50 -4.69 -2.02 -12.81
CA LEU A 50 -4.33 -3.27 -13.41
C LEU A 50 -3.30 -3.01 -14.49
N GLY A 51 -2.27 -3.85 -14.53
CA GLY A 51 -1.28 -3.80 -15.58
C GLY A 51 -0.09 -2.90 -15.30
N LYS A 52 -0.05 -2.13 -14.21
CA LYS A 52 1.07 -1.22 -13.93
C LYS A 52 2.17 -1.81 -13.06
N GLN A 53 2.14 -3.13 -12.79
CA GLN A 53 3.01 -3.78 -11.81
C GLN A 53 3.08 -3.16 -10.40
N GLU A 54 1.94 -2.64 -9.97
CA GLU A 54 1.80 -2.14 -8.61
C GLU A 54 1.70 -3.26 -7.58
N VAL A 55 1.15 -4.41 -8.00
CA VAL A 55 0.91 -5.52 -7.10
C VAL A 55 1.58 -6.79 -7.61
N ILE A 56 1.65 -7.81 -6.74
CA ILE A 56 2.24 -9.08 -7.10
C ILE A 56 1.58 -9.73 -8.29
N ARG A 57 2.34 -10.56 -9.00
CA ARG A 57 1.90 -11.14 -10.25
C ARG A 57 0.61 -11.95 -10.18
N GLY A 58 0.45 -12.69 -9.08
CA GLY A 58 -0.75 -13.46 -8.85
C GLY A 58 -2.02 -12.63 -8.78
N TRP A 59 -1.91 -11.38 -8.28
CA TRP A 59 -3.04 -10.48 -8.27
C TRP A 59 -3.25 -9.97 -9.67
N GLU A 60 -2.19 -9.59 -10.41
CA GLU A 60 -2.34 -9.10 -11.78
C GLU A 60 -3.05 -10.12 -12.67
N GLU A 61 -2.65 -11.38 -12.59
CA GLU A 61 -3.29 -12.41 -13.37
C GLU A 61 -4.60 -12.91 -12.78
N GLY A 62 -4.70 -12.93 -11.46
CA GLY A 62 -5.88 -13.43 -10.78
C GLY A 62 -7.06 -12.52 -10.98
N VAL A 63 -6.88 -11.23 -10.68
CA VAL A 63 -7.96 -10.26 -10.76
C VAL A 63 -8.40 -10.01 -12.20
N ALA A 64 -7.48 -10.07 -13.18
CA ALA A 64 -7.85 -9.96 -14.58
C ALA A 64 -8.89 -10.96 -15.10
N GLN A 65 -9.01 -12.13 -14.46
CA GLN A 65 -10.02 -13.08 -14.93
C GLN A 65 -11.29 -13.02 -14.10
N MET A 66 -11.45 -11.99 -13.27
CA MET A 66 -12.62 -11.88 -12.44
C MET A 66 -13.53 -10.86 -13.08
N SER A 67 -14.83 -11.08 -12.95
CA SER A 67 -15.78 -10.08 -13.38
C SER A 67 -16.34 -9.26 -12.20
N VAL A 68 -16.95 -8.10 -12.47
CA VAL A 68 -17.46 -7.24 -11.41
C VAL A 68 -18.49 -8.00 -10.59
N GLY A 69 -18.33 -7.96 -9.27
CA GLY A 69 -19.23 -8.60 -8.33
C GLY A 69 -18.70 -9.94 -7.82
N GLN A 70 -17.69 -10.51 -8.49
CA GLN A 70 -17.23 -11.81 -8.15
C GLN A 70 -16.44 -11.75 -6.85
N ARG A 71 -16.57 -12.79 -6.04
CA ARG A 71 -15.71 -13.00 -4.88
C ARG A 71 -14.97 -14.30 -5.13
N ALA A 72 -13.66 -14.34 -4.98
CA ALA A 72 -12.88 -15.54 -5.27
C ALA A 72 -11.74 -15.78 -4.28
N LYS A 73 -11.39 -17.05 -4.10
CA LYS A 73 -10.22 -17.45 -3.35
C LYS A 73 -9.12 -17.58 -4.41
N LEU A 74 -8.05 -16.82 -4.22
CA LEU A 74 -6.86 -16.88 -5.07
C LEU A 74 -5.77 -17.62 -4.33
N THR A 75 -5.24 -18.74 -4.81
CA THR A 75 -4.09 -19.37 -4.17
C THR A 75 -2.87 -19.08 -5.03
N ILE A 76 -1.82 -18.49 -4.47
CA ILE A 76 -0.74 -17.93 -5.25
C ILE A 76 0.55 -18.60 -4.78
N SER A 77 1.26 -19.17 -5.74
CA SER A 77 2.51 -19.84 -5.43
C SER A 77 3.56 -18.79 -5.12
N PRO A 78 4.65 -19.05 -4.42
CA PRO A 78 5.65 -18.05 -4.02
C PRO A 78 6.24 -17.33 -5.20
N ASP A 79 6.45 -17.99 -6.33
CA ASP A 79 6.98 -17.31 -7.50
C ASP A 79 6.02 -16.31 -8.13
N TYR A 80 4.74 -16.33 -7.77
CA TYR A 80 3.77 -15.33 -8.23
C TYR A 80 3.47 -14.33 -7.12
N ALA A 81 4.19 -14.41 -6.01
CA ALA A 81 3.97 -13.63 -4.81
C ALA A 81 5.34 -13.07 -4.42
N TYR A 82 5.96 -13.34 -3.29
CA TYR A 82 7.20 -12.74 -2.85
C TYR A 82 8.42 -13.63 -2.95
N GLY A 83 8.27 -14.86 -3.44
CA GLY A 83 9.41 -15.67 -3.83
C GLY A 83 10.35 -16.07 -2.71
N ALA A 84 11.63 -16.17 -3.02
CA ALA A 84 12.54 -16.70 -2.04
C ALA A 84 12.94 -15.66 -1.01
N THR A 85 12.63 -14.40 -1.24
CA THR A 85 13.02 -13.35 -0.31
C THR A 85 11.92 -13.04 0.69
N GLY A 86 10.67 -13.18 0.27
CA GLY A 86 9.54 -12.85 1.13
C GLY A 86 9.37 -11.33 1.17
N HIS A 87 8.53 -10.87 2.08
CA HIS A 87 8.29 -9.47 2.25
C HIS A 87 8.71 -9.20 3.68
N PRO A 88 9.81 -8.48 3.88
CA PRO A 88 10.46 -8.31 5.18
C PRO A 88 9.53 -7.94 6.32
N GLY A 89 9.63 -8.73 7.37
CA GLY A 89 8.83 -8.51 8.55
C GLY A 89 7.50 -9.21 8.49
N ILE A 90 6.98 -9.58 7.31
CA ILE A 90 5.58 -10.00 7.22
C ILE A 90 5.53 -11.37 6.55
N ILE A 91 6.07 -11.56 5.34
CA ILE A 91 5.87 -12.81 4.59
C ILE A 91 7.23 -13.49 4.54
N PRO A 92 7.37 -14.74 5.00
CA PRO A 92 8.62 -15.52 4.95
C PRO A 92 9.00 -15.92 3.51
N PRO A 93 10.26 -16.32 3.24
CA PRO A 93 10.66 -16.94 1.98
C PRO A 93 9.77 -18.13 1.68
N HIS A 94 9.49 -18.26 0.38
CA HIS A 94 8.81 -19.42 -0.15
C HIS A 94 7.41 -19.60 0.45
N ALA A 95 6.66 -18.54 0.73
CA ALA A 95 5.31 -18.71 1.23
C ALA A 95 4.27 -18.73 0.11
N THR A 96 3.35 -19.70 0.18
CA THR A 96 2.14 -19.74 -0.63
C THR A 96 1.09 -18.84 0.06
N LEU A 97 0.41 -17.97 -0.70
CA LEU A 97 -0.51 -16.99 -0.14
C LEU A 97 -1.90 -17.34 -0.62
N VAL A 98 -2.86 -17.21 0.28
CA VAL A 98 -4.25 -17.30 -0.14
C VAL A 98 -4.95 -15.99 0.18
N PHE A 99 -5.61 -15.43 -0.84
CA PHE A 99 -6.39 -14.21 -0.69
C PHE A 99 -7.85 -14.47 -1.00
N ASP A 100 -8.72 -13.85 -0.20
CA ASP A 100 -10.14 -13.76 -0.53
C ASP A 100 -10.33 -12.37 -1.15
N VAL A 101 -10.73 -12.23 -2.42
CA VAL A 101 -10.78 -10.98 -3.11
C VAL A 101 -12.18 -10.84 -3.68
N GLU A 102 -12.77 -9.68 -3.44
CA GLU A 102 -14.08 -9.37 -3.98
C GLU A 102 -13.94 -8.16 -4.91
N LEU A 103 -14.24 -8.30 -6.21
CA LEU A 103 -14.10 -7.18 -7.13
C LEU A 103 -15.39 -6.36 -7.09
N LEU A 104 -15.27 -5.24 -6.39
CA LEU A 104 -16.41 -4.35 -6.16
C LEU A 104 -16.83 -3.52 -7.38
N LYS A 105 -15.87 -2.90 -8.09
CA LYS A 105 -16.16 -1.82 -9.03
C LYS A 105 -14.90 -1.57 -9.83
N LEU A 106 -15.08 -1.05 -11.03
CA LEU A 106 -13.98 -0.61 -11.86
C LEU A 106 -14.14 0.91 -12.03
N GLU A 107 -13.03 1.64 -12.00
CA GLU A 107 -12.99 3.05 -12.31
C GLU A 107 -11.89 3.28 -13.35
N VAL B 1 10.55 29.22 -5.84
CA VAL B 1 9.88 27.83 -5.71
C VAL B 1 8.51 27.81 -5.03
N ALA B 2 7.57 27.49 -5.83
CA ALA B 2 6.10 27.53 -5.53
C ALA B 2 5.67 26.03 -5.70
N ILE B 3 5.28 25.41 -4.55
CA ILE B 3 4.75 24.07 -4.87
C ILE B 3 3.71 23.66 -3.80
N LEU B 4 2.64 22.99 -4.22
CA LEU B 4 1.60 22.77 -3.20
C LEU B 4 2.09 21.67 -2.22
N TRP B 5 1.58 21.73 -0.97
CA TRP B 5 2.07 20.77 0.00
C TRP B 5 1.61 19.34 -0.43
N HIS B 6 0.53 19.13 -1.10
CA HIS B 6 0.02 17.93 -1.69
C HIS B 6 1.11 17.31 -2.61
N GLU B 7 1.72 18.20 -3.47
CA GLU B 7 2.68 17.73 -4.46
C GLU B 7 3.98 17.35 -3.76
N MET B 8 4.31 18.24 -2.76
CA MET B 8 5.78 18.05 -2.27
C MET B 8 5.74 16.71 -1.49
N TRP B 9 4.64 16.44 -0.70
CA TRP B 9 4.56 15.14 -0.04
C TRP B 9 4.40 13.94 -0.96
N HIS B 10 3.64 14.04 -2.10
CA HIS B 10 3.44 12.86 -2.92
C HIS B 10 4.80 12.48 -3.49
N GLU B 11 5.52 13.48 -4.02
CA GLU B 11 6.82 13.21 -4.56
C GLU B 11 7.84 12.78 -3.54
N GLY B 12 7.86 13.42 -2.36
CA GLY B 12 8.79 13.12 -1.31
C GLY B 12 8.61 11.69 -0.73
N LEU B 13 7.34 11.25 -0.48
CA LEU B 13 7.04 9.90 0.05
C LEU B 13 7.48 8.87 -0.97
N GLU B 14 7.21 9.03 -2.23
CA GLU B 14 7.56 8.18 -3.32
C GLU B 14 9.06 8.00 -3.36
N GLU B 15 9.83 9.13 -3.24
CA GLU B 15 11.24 9.09 -3.35
C GLU B 15 11.87 8.43 -2.06
N ALA B 16 11.36 8.78 -0.91
CA ALA B 16 11.86 8.28 0.35
C ALA B 16 11.57 6.74 0.40
N SER B 17 10.36 6.34 0.02
CA SER B 17 10.12 4.87 -0.05
C SER B 17 11.00 4.13 -1.01
N ARG B 18 11.34 4.79 -2.19
CA ARG B 18 12.32 4.12 -3.09
C ARG B 18 13.66 3.93 -2.49
N LEU B 19 14.22 4.94 -1.82
CA LEU B 19 15.48 4.82 -1.14
C LEU B 19 15.51 3.77 -0.05
N TYR B 20 14.39 3.69 0.73
CA TYR B 20 14.35 2.83 1.87
C TYR B 20 14.02 1.36 1.35
N PHE B 21 12.90 1.16 0.73
CA PHE B 21 12.49 -0.24 0.33
C PHE B 21 13.23 -0.82 -0.85
N GLY B 22 13.54 -0.01 -1.86
CA GLY B 22 14.20 -0.38 -3.04
C GLY B 22 15.72 -0.42 -2.78
N GLU B 23 16.27 0.67 -2.24
CA GLU B 23 17.72 0.73 -2.07
C GLU B 23 18.33 0.31 -0.76
N ARG B 24 17.48 0.02 0.25
CA ARG B 24 17.89 -0.22 1.60
C ARG B 24 18.71 0.98 2.15
N ASN B 25 18.40 2.20 1.70
CA ASN B 25 19.14 3.34 2.18
C ASN B 25 18.33 4.18 3.17
N VAL B 26 18.45 3.94 4.48
CA VAL B 26 17.69 4.57 5.51
C VAL B 26 18.23 6.01 5.64
N LYS B 27 19.57 6.20 5.59
CA LYS B 27 20.04 7.61 5.66
C LYS B 27 19.38 8.49 4.62
N GLY B 28 19.24 8.03 3.40
CA GLY B 28 18.75 8.82 2.24
C GLY B 28 17.21 9.08 2.47
N MET B 29 16.46 8.04 2.94
CA MET B 29 15.07 8.20 3.35
C MET B 29 14.81 9.24 4.37
N PHE B 30 15.65 9.36 5.40
CA PHE B 30 15.55 10.47 6.40
C PHE B 30 15.86 11.84 5.77
N GLU B 31 16.98 11.81 4.95
CA GLU B 31 17.33 13.03 4.36
C GLU B 31 16.14 13.65 3.58
N VAL B 32 15.43 12.81 2.88
CA VAL B 32 14.25 13.25 2.16
C VAL B 32 13.12 13.68 3.08
N LEU B 33 12.74 12.91 4.10
CA LEU B 33 11.57 13.17 4.93
C LEU B 33 11.83 14.31 5.92
N GLU B 34 13.08 14.59 6.36
CA GLU B 34 13.21 15.62 7.45
C GLU B 34 12.75 17.04 7.08
N PRO B 35 13.04 17.56 5.85
CA PRO B 35 12.65 18.89 5.43
C PRO B 35 11.13 18.96 5.19
N LEU B 36 10.54 17.73 4.83
CA LEU B 36 9.09 17.81 4.67
C LEU B 36 8.40 18.01 5.99
N HIS B 37 8.81 17.22 6.99
CA HIS B 37 8.25 17.47 8.29
C HIS B 37 8.57 18.90 8.82
N ALA B 38 9.74 19.34 8.54
CA ALA B 38 10.14 20.71 9.12
C ALA B 38 9.26 21.76 8.49
N MET B 39 8.90 21.62 7.23
CA MET B 39 7.83 22.57 6.76
C MET B 39 6.53 22.44 7.46
N MET B 40 5.93 21.30 7.76
CA MET B 40 4.72 21.24 8.57
C MET B 40 4.98 21.93 9.91
N GLU B 41 6.13 21.64 10.53
CA GLU B 41 6.43 22.30 11.82
C GLU B 41 6.30 23.82 11.75
N ARG B 42 6.76 24.40 10.66
CA ARG B 42 6.64 25.86 10.58
C ARG B 42 5.18 26.29 10.53
N GLY B 43 4.25 25.55 9.95
CA GLY B 43 2.84 25.92 9.98
C GLY B 43 2.31 26.30 8.61
N PRO B 44 1.01 26.15 8.29
CA PRO B 44 0.48 26.49 7.03
C PRO B 44 0.42 27.99 6.82
N GLN B 45 0.69 28.53 5.67
CA GLN B 45 0.55 29.95 5.37
C GLN B 45 -0.39 30.29 4.19
N THR B 46 -1.00 29.23 3.57
CA THR B 46 -2.06 29.45 2.60
C THR B 46 -3.31 28.67 2.96
N LEU B 47 -4.43 29.04 2.37
CA LEU B 47 -5.68 28.22 2.61
C LEU B 47 -5.42 26.74 2.18
N LYS B 48 -4.82 26.46 1.04
CA LYS B 48 -4.49 25.15 0.53
C LYS B 48 -3.49 24.43 1.43
N GLU B 49 -2.62 25.15 2.05
CA GLU B 49 -1.66 24.54 3.00
C GLU B 49 -2.44 24.13 4.25
N THR B 50 -3.40 25.05 4.60
CA THR B 50 -4.14 24.84 5.86
C THR B 50 -5.06 23.57 5.73
N SER B 51 -5.67 23.48 4.57
CA SER B 51 -6.66 22.32 4.45
C SER B 51 -5.79 21.03 4.33
N PHE B 52 -4.62 21.05 3.67
CA PHE B 52 -3.75 19.87 3.66
C PHE B 52 -3.33 19.53 5.10
N ASN B 53 -2.95 20.54 5.88
CA ASN B 53 -2.58 20.29 7.28
C ASN B 53 -3.74 19.80 8.09
N GLN B 54 -4.95 20.36 7.93
CA GLN B 54 -6.14 19.76 8.58
C GLN B 54 -6.40 18.22 8.27
N ALA B 55 -6.26 17.86 6.98
CA ALA B 55 -6.56 16.46 6.64
C ALA B 55 -5.43 15.51 7.01
N TYR B 56 -4.17 15.90 6.80
CA TYR B 56 -3.06 14.94 6.95
C TYR B 56 -2.10 15.32 8.06
N GLY B 57 -2.30 16.39 8.80
CA GLY B 57 -1.18 16.89 9.68
C GLY B 57 -0.92 15.83 10.79
N ARG B 58 -2.05 15.45 11.43
CA ARG B 58 -1.92 14.50 12.54
C ARG B 58 -1.29 13.17 12.09
N ASP B 59 -1.72 12.57 10.97
CA ASP B 59 -1.09 11.31 10.51
C ASP B 59 0.40 11.52 10.29
N LEU B 60 0.76 12.66 9.63
CA LEU B 60 2.18 12.83 9.33
C LEU B 60 2.97 13.05 10.61
N MET B 61 2.41 13.78 11.58
CA MET B 61 3.07 13.95 12.87
C MET B 61 3.24 12.56 13.55
N GLU B 62 2.22 11.74 13.57
CA GLU B 62 2.36 10.35 14.07
C GLU B 62 3.39 9.52 13.30
N ALA B 63 3.47 9.63 11.96
CA ALA B 63 4.53 8.89 11.22
C ALA B 63 5.90 9.37 11.72
N GLN B 64 6.09 10.73 11.86
CA GLN B 64 7.30 11.19 12.47
C GLN B 64 7.54 10.67 13.89
N GLU B 65 6.54 10.53 14.81
CA GLU B 65 6.85 9.97 16.10
C GLU B 65 7.36 8.52 15.95
N TRP B 66 6.75 7.71 15.09
CA TRP B 66 7.29 6.36 14.89
C TRP B 66 8.74 6.39 14.39
N CYS B 67 8.97 7.28 13.36
CA CYS B 67 10.40 7.34 12.92
C CYS B 67 11.33 7.68 14.09
N ARG B 68 10.94 8.70 14.89
CA ARG B 68 11.76 9.07 16.04
C ARG B 68 11.84 7.87 17.02
N LYS B 69 10.79 7.03 17.14
CA LYS B 69 10.91 5.87 17.98
C LYS B 69 12.02 4.91 17.55
N TYR B 70 12.07 4.73 16.25
CA TYR B 70 13.07 3.92 15.61
C TYR B 70 14.54 4.44 15.82
N MET B 71 14.61 5.77 15.77
CA MET B 71 15.95 6.38 15.97
C MET B 71 16.48 5.91 17.29
N LYS B 72 15.65 5.85 18.28
CA LYS B 72 16.12 5.52 19.61
C LYS B 72 16.07 3.99 19.79
N SER B 73 15.11 3.26 19.35
CA SER B 73 15.00 1.81 19.53
C SER B 73 15.92 0.98 18.64
N GLY B 74 16.23 1.30 17.41
CA GLY B 74 16.93 0.40 16.44
C GLY B 74 15.98 -0.74 15.97
N ASN B 75 14.69 -0.63 16.18
CA ASN B 75 13.84 -1.78 15.77
C ASN B 75 13.11 -1.45 14.45
N VAL B 76 13.36 -2.02 13.31
CA VAL B 76 12.75 -1.76 12.05
C VAL B 76 11.24 -1.82 12.03
N LYS B 77 10.53 -2.54 12.88
CA LYS B 77 9.11 -2.54 13.06
C LYS B 77 8.55 -1.16 13.43
N ASP B 78 9.39 -0.36 14.17
CA ASP B 78 8.91 1.00 14.41
C ASP B 78 8.90 1.80 13.07
N LEU B 79 9.88 1.61 12.19
CA LEU B 79 9.82 2.33 10.92
C LEU B 79 8.77 1.79 10.01
N THR B 80 8.48 0.47 10.19
CA THR B 80 7.37 0.05 9.20
C THR B 80 6.18 0.81 9.61
N GLN B 81 5.93 0.96 10.97
CA GLN B 81 4.62 1.57 11.42
C GLN B 81 4.47 3.02 10.85
N ALA B 82 5.70 3.58 10.76
CA ALA B 82 5.66 4.96 10.11
C ALA B 82 5.25 4.87 8.66
N TRP B 83 5.72 3.75 7.91
CA TRP B 83 5.35 3.68 6.50
C TRP B 83 3.89 3.35 6.31
N ASP B 84 3.20 2.74 7.29
CA ASP B 84 1.76 2.47 7.10
C ASP B 84 0.99 3.82 7.09
N LEU B 85 1.38 4.73 7.95
CA LEU B 85 0.76 6.06 8.01
C LEU B 85 1.22 6.89 6.81
N TYR B 86 2.49 6.73 6.39
CA TYR B 86 2.86 7.50 5.18
C TYR B 86 2.07 7.01 3.95
N TYR B 87 1.87 5.71 3.83
CA TYR B 87 1.22 5.15 2.60
C TYR B 87 -0.24 5.60 2.67
N HIS B 88 -0.89 5.56 3.87
CA HIS B 88 -2.33 6.01 3.92
C HIS B 88 -2.38 7.51 3.41
N VAL B 89 -1.49 8.37 3.91
CA VAL B 89 -1.43 9.72 3.35
C VAL B 89 -1.25 9.72 1.84
N PHE B 90 -0.24 8.94 1.36
CA PHE B 90 0.08 8.95 -0.05
C PHE B 90 -1.08 8.54 -0.94
N ARG B 91 -1.82 7.47 -0.51
CA ARG B 91 -2.96 7.04 -1.21
C ARG B 91 -4.04 8.14 -1.16
N ARG B 92 -4.24 8.77 -0.05
CA ARG B 92 -5.32 9.82 0.03
C ARG B 92 -4.97 10.98 -0.88
N ILE B 93 -3.72 11.38 -0.93
CA ILE B 93 -3.26 12.47 -1.82
C ILE B 93 -3.42 12.07 -3.28
N SER B 94 -3.35 10.78 -3.60
CA SER B 94 -3.32 10.27 -4.93
C SER B 94 -4.74 10.20 -5.54
TB TB C . -2.46 -35.57 -5.23
TB TB D . -7.51 -35.60 -6.40
N GLY A 1 1.60 -20.76 -10.15
CA GLY A 1 0.71 -19.80 -10.78
C GLY A 1 -0.26 -19.27 -9.74
N VAL A 2 -1.48 -18.98 -10.20
CA VAL A 2 -2.58 -18.51 -9.37
C VAL A 2 -3.80 -19.35 -9.76
N GLN A 3 -4.43 -19.91 -8.77
CA GLN A 3 -5.66 -20.68 -8.98
C GLN A 3 -6.80 -19.77 -8.51
N VAL A 4 -7.90 -19.59 -9.25
CA VAL A 4 -9.00 -18.72 -8.84
C VAL A 4 -10.19 -19.66 -8.61
N GLU A 5 -10.70 -19.75 -7.39
CA GLU A 5 -11.87 -20.57 -7.10
C GLU A 5 -13.00 -19.65 -6.65
N THR A 6 -14.20 -19.68 -7.25
CA THR A 6 -15.28 -18.75 -6.93
C THR A 6 -15.95 -18.94 -5.57
N ILE A 7 -16.08 -17.88 -4.77
CA ILE A 7 -16.89 -17.94 -3.58
C ILE A 7 -18.31 -17.48 -3.94
N SER A 8 -18.49 -16.41 -4.73
CA SER A 8 -19.79 -15.91 -5.19
C SER A 8 -19.56 -15.37 -6.59
N PRO A 9 -20.42 -15.67 -7.56
CA PRO A 9 -20.25 -15.24 -8.93
C PRO A 9 -20.42 -13.75 -9.15
N GLY A 10 -19.63 -13.22 -10.08
CA GLY A 10 -19.81 -11.87 -10.53
C GLY A 10 -20.83 -11.86 -11.65
N ASP A 11 -20.85 -10.78 -12.42
CA ASP A 11 -21.81 -10.70 -13.51
C ASP A 11 -21.43 -11.50 -14.75
N GLY A 12 -20.21 -12.02 -14.83
CA GLY A 12 -19.74 -12.82 -15.96
C GLY A 12 -19.60 -12.03 -17.26
N ARG A 13 -19.57 -10.70 -17.22
CA ARG A 13 -19.54 -9.87 -18.40
C ARG A 13 -18.54 -8.76 -18.30
N THR A 14 -18.46 -8.09 -17.14
CA THR A 14 -17.60 -6.94 -16.91
C THR A 14 -16.31 -7.32 -16.22
N PHE A 15 -15.25 -7.36 -17.02
CA PHE A 15 -13.94 -7.79 -16.55
C PHE A 15 -13.02 -6.59 -16.59
N PRO A 16 -12.00 -6.44 -15.72
CA PRO A 16 -11.06 -5.32 -15.76
C PRO A 16 -10.28 -5.30 -17.07
N LYS A 17 -10.00 -4.08 -17.51
CA LYS A 17 -9.10 -3.82 -18.61
C LYS A 17 -7.80 -3.29 -17.97
N ARG A 18 -6.69 -3.51 -18.67
CA ARG A 18 -5.41 -2.93 -18.34
C ARG A 18 -5.57 -1.43 -18.25
N GLY A 19 -5.03 -0.88 -17.17
CA GLY A 19 -5.13 0.54 -16.95
C GLY A 19 -6.36 0.93 -16.14
N GLN A 20 -7.36 0.06 -15.95
CA GLN A 20 -8.47 0.43 -15.10
C GLN A 20 -8.09 0.25 -13.65
N THR A 21 -8.72 1.05 -12.81
CA THR A 21 -8.64 0.92 -11.37
C THR A 21 -9.66 -0.12 -10.90
N CYS A 22 -9.15 -1.16 -10.26
CA CYS A 22 -10.02 -2.15 -9.63
C CYS A 22 -10.20 -1.75 -8.17
N VAL A 23 -11.44 -1.82 -7.69
CA VAL A 23 -11.76 -1.52 -6.30
C VAL A 23 -12.16 -2.84 -5.65
N VAL A 24 -11.42 -3.31 -4.64
CA VAL A 24 -11.59 -4.64 -4.08
C VAL A 24 -11.65 -4.63 -2.57
N HIS A 25 -12.24 -5.66 -1.95
CA HIS A 25 -11.94 -5.97 -0.57
C HIS A 25 -11.15 -7.24 -0.53
N TYR A 26 -10.19 -7.37 0.40
CA TYR A 26 -9.41 -8.57 0.51
C TYR A 26 -9.07 -8.92 1.96
N THR A 27 -8.83 -10.21 2.17
CA THR A 27 -8.21 -10.79 3.36
C THR A 27 -7.09 -11.67 2.82
N GLY A 28 -5.90 -11.56 3.39
CA GLY A 28 -4.77 -12.37 3.00
C GLY A 28 -4.31 -13.24 4.17
N MET A 29 -3.91 -14.46 3.88
CA MET A 29 -3.33 -15.36 4.88
C MET A 29 -2.28 -16.25 4.21
N LEU A 30 -1.37 -16.75 5.03
CA LEU A 30 -0.38 -17.72 4.56
C LEU A 30 -1.11 -19.06 4.42
N GLU A 31 -0.81 -19.90 3.42
CA GLU A 31 -1.49 -21.18 3.22
C GLU A 31 -1.38 -22.01 4.48
N ASP A 32 -2.55 -22.35 5.05
CA ASP A 32 -2.68 -23.00 6.35
C ASP A 32 -1.88 -22.36 7.48
N GLY A 33 -2.02 -21.05 7.50
CA GLY A 33 -1.30 -20.21 8.43
C GLY A 33 -2.09 -18.97 8.79
N LYS A 34 -1.29 -17.99 9.19
CA LYS A 34 -1.75 -16.77 9.81
C LYS A 34 -2.42 -15.85 8.79
N LYS A 35 -3.56 -15.26 9.13
CA LYS A 35 -4.05 -14.07 8.43
C LYS A 35 -3.10 -12.92 8.73
N PHE A 36 -2.64 -12.25 7.67
CA PHE A 36 -1.69 -11.18 7.85
C PHE A 36 -2.31 -9.84 7.47
N ASP A 37 -3.42 -9.76 6.71
CA ASP A 37 -4.00 -8.46 6.34
C ASP A 37 -5.44 -8.56 5.86
N SER A 38 -6.26 -7.52 6.03
CA SER A 38 -7.59 -7.48 5.51
C SER A 38 -7.98 -6.04 5.37
N SER A 39 -8.44 -5.64 4.20
CA SER A 39 -8.98 -4.31 4.04
C SER A 39 -10.33 -4.17 4.73
N ARG A 40 -11.02 -5.28 4.99
CA ARG A 40 -12.34 -5.25 5.59
C ARG A 40 -12.29 -4.67 6.99
N ASP A 41 -11.26 -5.07 7.77
CA ASP A 41 -10.96 -4.56 9.11
C ASP A 41 -10.90 -3.03 9.15
N ARG A 42 -10.27 -2.55 8.10
CA ARG A 42 -9.98 -1.15 7.94
C ARG A 42 -11.17 -0.36 7.43
N ASN A 43 -12.23 -1.07 7.04
CA ASN A 43 -13.45 -0.47 6.52
C ASN A 43 -13.18 0.35 5.25
N LYS A 44 -12.00 0.22 4.62
CA LYS A 44 -11.66 0.98 3.43
C LYS A 44 -11.26 -0.01 2.33
N PRO A 45 -11.82 0.07 1.09
CA PRO A 45 -11.46 -0.81 -0.01
C PRO A 45 -10.12 -0.35 -0.53
N PHE A 46 -9.45 -1.35 -1.11
CA PHE A 46 -8.13 -1.19 -1.68
C PHE A 46 -8.35 -0.95 -3.16
N LYS A 47 -7.56 -0.05 -3.75
CA LYS A 47 -7.66 0.22 -5.16
C LYS A 47 -6.26 0.07 -5.73
N PHE A 48 -6.21 -0.51 -6.93
CA PHE A 48 -4.96 -0.57 -7.66
C PHE A 48 -5.27 -0.53 -9.15
N MET A 49 -4.28 -0.15 -9.92
CA MET A 49 -4.46 -0.06 -11.36
C MET A 49 -3.89 -1.31 -12.00
N LEU A 50 -4.75 -1.99 -12.75
CA LEU A 50 -4.40 -3.24 -13.35
C LEU A 50 -3.38 -2.97 -14.44
N GLY A 51 -2.35 -3.81 -14.50
CA GLY A 51 -1.38 -3.77 -15.56
C GLY A 51 -0.18 -2.88 -15.28
N LYS A 52 -0.13 -2.10 -14.19
CA LYS A 52 1.00 -1.21 -13.91
C LYS A 52 2.11 -1.80 -13.05
N GLN A 53 2.07 -3.12 -12.78
CA GLN A 53 2.94 -3.79 -11.82
C GLN A 53 3.02 -3.17 -10.41
N GLU A 54 1.88 -2.64 -9.96
CA GLU A 54 1.76 -2.15 -8.60
C GLU A 54 1.67 -3.28 -7.58
N VAL A 55 1.12 -4.43 -8.00
CA VAL A 55 0.87 -5.54 -7.09
C VAL A 55 1.54 -6.81 -7.61
N ILE A 56 1.61 -7.83 -6.77
CA ILE A 56 2.19 -9.11 -7.13
C ILE A 56 1.52 -9.74 -8.33
N ARG A 57 2.28 -10.57 -9.04
CA ARG A 57 1.82 -11.15 -10.29
C ARG A 57 0.53 -11.95 -10.21
N GLY A 58 0.38 -12.69 -9.12
CA GLY A 58 -0.83 -13.47 -8.88
C GLY A 58 -2.09 -12.63 -8.78
N TRP A 59 -1.98 -11.38 -8.29
CA TRP A 59 -3.10 -10.48 -8.27
C TRP A 59 -3.32 -9.95 -9.67
N GLU A 60 -2.26 -9.58 -10.40
CA GLU A 60 -2.42 -9.09 -11.77
C GLU A 60 -3.15 -10.09 -12.66
N GLU A 61 -2.75 -11.36 -12.59
CA GLU A 61 -3.41 -12.38 -13.36
C GLU A 61 -4.71 -12.88 -12.77
N GLY A 62 -4.79 -12.91 -11.46
CA GLY A 62 -5.97 -13.41 -10.76
C GLY A 62 -7.15 -12.48 -10.95
N VAL A 63 -6.95 -11.19 -10.63
CA VAL A 63 -8.04 -10.23 -10.72
C VAL A 63 -8.49 -9.97 -12.16
N ALA A 64 -7.58 -10.03 -13.14
CA ALA A 64 -7.95 -9.90 -14.53
C ALA A 64 -9.00 -10.90 -15.04
N GLN A 65 -9.13 -12.07 -14.41
CA GLN A 65 -10.14 -13.01 -14.89
C GLN A 65 -11.40 -12.96 -14.04
N MET A 66 -11.55 -11.93 -13.19
CA MET A 66 -12.72 -11.82 -12.36
C MET A 66 -13.64 -10.79 -12.99
N SER A 67 -14.94 -11.02 -12.84
CA SER A 67 -15.88 -10.00 -13.25
C SER A 67 -16.42 -9.19 -12.08
N VAL A 68 -17.03 -8.02 -12.33
CA VAL A 68 -17.54 -7.17 -11.26
C VAL A 68 -18.56 -7.92 -10.44
N GLY A 69 -18.39 -7.89 -9.13
CA GLY A 69 -19.28 -8.53 -8.17
C GLY A 69 -18.75 -9.88 -7.67
N GLN A 70 -17.75 -10.44 -8.36
CA GLN A 70 -17.29 -11.76 -8.03
C GLN A 70 -16.49 -11.71 -6.74
N ARG A 71 -16.61 -12.75 -5.92
CA ARG A 71 -15.74 -12.96 -4.78
C ARG A 71 -15.02 -14.27 -5.04
N ALA A 72 -13.70 -14.32 -4.90
CA ALA A 72 -12.93 -15.51 -5.21
C ALA A 72 -11.79 -15.77 -4.22
N LYS A 73 -11.44 -17.04 -4.06
CA LYS A 73 -10.27 -17.44 -3.32
C LYS A 73 -9.17 -17.57 -4.39
N LEU A 74 -8.09 -16.82 -4.20
CA LEU A 74 -6.91 -16.88 -5.06
C LEU A 74 -5.82 -17.62 -4.33
N THR A 75 -5.30 -18.74 -4.83
CA THR A 75 -4.15 -19.39 -4.21
C THR A 75 -2.94 -19.10 -5.07
N ILE A 76 -1.88 -18.51 -4.52
CA ILE A 76 -0.81 -17.96 -5.30
C ILE A 76 0.48 -18.62 -4.84
N SER A 77 1.19 -19.19 -5.81
CA SER A 77 2.43 -19.87 -5.51
C SER A 77 3.50 -18.82 -5.21
N PRO A 78 4.59 -19.10 -4.52
CA PRO A 78 5.59 -18.11 -4.13
C PRO A 78 6.18 -17.37 -5.30
N ASP A 79 6.38 -18.03 -6.44
CA ASP A 79 6.90 -17.35 -7.61
C ASP A 79 5.94 -16.33 -8.22
N TYR A 80 4.66 -16.36 -7.86
CA TYR A 80 3.70 -15.35 -8.30
C TYR A 80 3.41 -14.35 -7.18
N ALA A 81 4.14 -14.45 -6.08
CA ALA A 81 3.92 -13.67 -4.88
C ALA A 81 5.30 -13.12 -4.49
N TYR A 82 5.92 -13.40 -3.36
CA TYR A 82 7.18 -12.79 -2.94
C TYR A 82 8.39 -13.69 -3.05
N GLY A 83 8.23 -14.92 -3.55
CA GLY A 83 9.37 -15.74 -3.96
C GLY A 83 10.31 -16.14 -2.85
N ALA A 84 11.59 -16.25 -3.17
CA ALA A 84 12.50 -16.79 -2.19
C ALA A 84 12.92 -15.76 -1.17
N THR A 85 12.61 -14.50 -1.38
CA THR A 85 13.01 -13.44 -0.46
C THR A 85 11.94 -13.14 0.56
N GLY A 86 10.67 -13.27 0.15
CA GLY A 86 9.56 -12.94 1.02
C GLY A 86 9.39 -11.42 1.07
N HIS A 87 8.56 -10.96 1.98
CA HIS A 87 8.32 -9.56 2.16
C HIS A 87 8.76 -9.31 3.60
N PRO A 88 9.86 -8.59 3.79
CA PRO A 88 10.52 -8.42 5.09
C PRO A 88 9.60 -8.06 6.23
N GLY A 89 9.71 -8.85 7.28
CA GLY A 89 8.92 -8.64 8.47
C GLY A 89 7.58 -9.33 8.41
N ILE A 90 7.05 -9.69 7.25
CA ILE A 90 5.66 -10.10 7.14
C ILE A 90 5.59 -11.48 6.48
N ILE A 91 6.13 -11.67 5.26
CA ILE A 91 5.91 -12.91 4.52
C ILE A 91 7.27 -13.59 4.45
N PRO A 92 7.41 -14.84 4.90
CA PRO A 92 8.65 -15.62 4.83
C PRO A 92 9.02 -16.02 3.39
N PRO A 93 10.28 -16.42 3.10
CA PRO A 93 10.67 -17.04 1.83
C PRO A 93 9.77 -18.24 1.54
N HIS A 94 9.48 -18.35 0.24
CA HIS A 94 8.78 -19.51 -0.29
C HIS A 94 7.39 -19.68 0.33
N ALA A 95 6.65 -18.61 0.62
CA ALA A 95 5.31 -18.78 1.12
C ALA A 95 4.25 -18.80 0.02
N THR A 96 3.33 -19.77 0.08
CA THR A 96 2.11 -19.80 -0.71
C THR A 96 1.07 -18.89 -0.01
N LEU A 97 0.39 -18.01 -0.76
CA LEU A 97 -0.52 -17.03 -0.19
C LEU A 97 -1.92 -17.38 -0.66
N VAL A 98 -2.88 -17.25 0.25
CA VAL A 98 -4.26 -17.34 -0.16
C VAL A 98 -4.96 -16.02 0.18
N PHE A 99 -5.62 -15.46 -0.83
CA PHE A 99 -6.40 -14.24 -0.68
C PHE A 99 -7.88 -14.49 -0.97
N ASP A 100 -8.73 -13.88 -0.17
CA ASP A 100 -10.14 -13.76 -0.48
C ASP A 100 -10.33 -12.37 -1.09
N VAL A 101 -10.75 -12.24 -2.34
CA VAL A 101 -10.80 -10.98 -3.04
C VAL A 101 -12.20 -10.83 -3.60
N GLU A 102 -12.78 -9.66 -3.35
CA GLU A 102 -14.10 -9.35 -3.88
C GLU A 102 -13.96 -8.13 -4.80
N LEU A 103 -14.28 -8.27 -6.09
CA LEU A 103 -14.13 -7.15 -7.02
C LEU A 103 -15.42 -6.31 -6.96
N LEU A 104 -15.29 -5.19 -6.25
CA LEU A 104 -16.42 -4.31 -6.02
C LEU A 104 -16.86 -3.46 -7.23
N LYS A 105 -15.90 -2.85 -7.93
CA LYS A 105 -16.19 -1.76 -8.86
C LYS A 105 -14.93 -1.52 -9.68
N LEU A 106 -15.13 -0.99 -10.87
CA LEU A 106 -14.04 -0.55 -11.71
C LEU A 106 -14.18 0.96 -11.87
N GLU A 107 -13.07 1.69 -11.84
CA GLU A 107 -13.03 3.12 -12.15
C GLU A 107 -11.94 3.35 -13.20
N VAL B 1 10.67 29.37 -5.62
CA VAL B 1 10.00 27.97 -5.52
C VAL B 1 8.61 27.93 -4.87
N ALA B 2 7.70 27.60 -5.71
CA ALA B 2 6.23 27.63 -5.44
C ALA B 2 5.82 26.12 -5.64
N ILE B 3 5.41 25.49 -4.51
CA ILE B 3 4.90 24.13 -4.84
C ILE B 3 3.84 23.69 -3.80
N LEU B 4 2.78 23.02 -4.26
CA LEU B 4 1.73 22.78 -3.26
C LEU B 4 2.20 21.69 -2.28
N TRP B 5 1.66 21.73 -1.06
CA TRP B 5 2.14 20.76 -0.07
C TRP B 5 1.71 19.34 -0.53
N HIS B 6 0.65 19.11 -1.23
CA HIS B 6 0.17 17.91 -1.85
C HIS B 6 1.29 17.32 -2.74
N GLU B 7 1.91 18.21 -3.58
CA GLU B 7 2.91 17.78 -4.54
C GLU B 7 4.20 17.40 -3.81
N MET B 8 4.48 18.28 -2.80
CA MET B 8 5.95 18.11 -2.27
C MET B 8 5.90 16.76 -1.51
N TRP B 9 4.79 16.48 -0.74
CA TRP B 9 4.70 15.17 -0.09
C TRP B 9 4.59 13.97 -1.03
N HIS B 10 3.86 14.07 -2.18
CA HIS B 10 3.68 12.90 -3.02
C HIS B 10 5.07 12.54 -3.57
N GLU B 11 5.80 13.56 -4.06
CA GLU B 11 7.11 13.31 -4.57
C GLU B 11 8.10 12.88 -3.53
N GLY B 12 8.09 13.51 -2.34
CA GLY B 12 8.99 13.22 -1.27
C GLY B 12 8.81 11.77 -0.71
N LEU B 13 7.55 11.31 -0.49
CA LEU B 13 7.25 9.95 0.01
C LEU B 13 7.73 8.94 -0.99
N GLU B 14 7.50 9.11 -2.26
CA GLU B 14 7.89 8.27 -3.35
C GLU B 14 9.39 8.11 -3.35
N GLU B 15 10.14 9.26 -3.21
CA GLU B 15 11.55 9.23 -3.27
C GLU B 15 12.15 8.57 -1.98
N ALA B 16 11.61 8.91 -0.83
CA ALA B 16 12.09 8.40 0.45
C ALA B 16 11.82 6.84 0.47
N SER B 17 10.62 6.45 0.05
CA SER B 17 10.39 4.97 -0.04
C SER B 17 11.31 4.25 -0.98
N ARG B 18 11.67 4.93 -2.15
CA ARG B 18 12.69 4.27 -3.01
C ARG B 18 14.02 4.10 -2.40
N LEU B 19 14.55 5.11 -1.69
CA LEU B 19 15.79 5.00 -0.98
C LEU B 19 15.79 3.95 0.10
N TYR B 20 14.66 3.85 0.85
CA TYR B 20 14.60 2.97 1.99
C TYR B 20 14.30 1.50 1.43
N PHE B 21 13.20 1.29 0.80
CA PHE B 21 12.82 -0.11 0.37
C PHE B 21 13.61 -0.67 -0.79
N GLY B 22 13.92 0.16 -1.79
CA GLY B 22 14.62 -0.20 -2.96
C GLY B 22 16.14 -0.22 -2.65
N GLU B 23 16.66 0.87 -2.10
CA GLU B 23 18.11 0.95 -1.88
C GLU B 23 18.68 0.52 -0.55
N ARG B 24 17.81 0.22 0.42
CA ARG B 24 18.19 -0.04 1.79
C ARG B 24 18.98 1.18 2.36
N ASN B 25 18.66 2.39 1.92
CA ASN B 25 19.38 3.55 2.43
C ASN B 25 18.53 4.37 3.40
N VAL B 26 18.61 4.11 4.72
CA VAL B 26 17.82 4.73 5.73
C VAL B 26 18.33 6.17 5.89
N LYS B 27 19.67 6.37 5.86
CA LYS B 27 20.13 7.79 5.97
C LYS B 27 19.48 8.68 4.91
N GLY B 28 19.38 8.22 3.69
CA GLY B 28 18.90 9.02 2.52
C GLY B 28 17.37 9.25 2.71
N MET B 29 16.62 8.20 3.15
CA MET B 29 15.21 8.34 3.52
C MET B 29 14.91 9.36 4.55
N PHE B 30 15.73 9.50 5.61
CA PHE B 30 15.59 10.59 6.60
C PHE B 30 15.89 11.96 6.00
N GLU B 31 17.03 11.95 5.20
CA GLU B 31 17.38 13.20 4.64
C GLU B 31 16.19 13.79 3.83
N VAL B 32 15.52 12.95 3.10
CA VAL B 32 14.35 13.38 2.36
C VAL B 32 13.20 13.80 3.24
N LEU B 33 12.80 13.02 4.25
CA LEU B 33 11.61 13.24 5.05
C LEU B 33 11.83 14.39 6.06
N GLU B 34 13.05 14.67 6.53
CA GLU B 34 13.14 15.71 7.63
C GLU B 34 12.68 17.12 7.26
N PRO B 35 12.98 17.65 6.05
CA PRO B 35 12.59 18.97 5.63
C PRO B 35 11.08 19.03 5.34
N LEU B 36 10.51 17.80 4.95
CA LEU B 36 9.06 17.85 4.76
C LEU B 36 8.34 18.04 6.07
N HIS B 37 8.73 17.24 7.07
CA HIS B 37 8.14 17.47 8.36
C HIS B 37 8.43 18.91 8.89
N ALA B 38 9.59 19.37 8.65
CA ALA B 38 9.95 20.74 9.26
C ALA B 38 9.08 21.78 8.61
N MET B 39 8.76 21.64 7.33
CA MET B 39 7.69 22.58 6.86
C MET B 39 6.36 22.43 7.51
N MET B 40 5.77 21.28 7.79
CA MET B 40 4.55 21.19 8.56
C MET B 40 4.76 21.88 9.92
N GLU B 41 5.90 21.60 10.57
CA GLU B 41 6.16 22.25 11.86
C GLU B 41 6.01 23.76 11.80
N ARG B 42 6.49 24.36 10.73
CA ARG B 42 6.35 25.82 10.67
C ARG B 42 4.89 26.24 10.58
N GLY B 43 3.99 25.49 9.98
CA GLY B 43 2.56 25.84 9.96
C GLY B 43 2.08 26.23 8.58
N PRO B 44 0.78 26.06 8.22
CA PRO B 44 0.28 26.40 6.95
C PRO B 44 0.21 27.92 6.75
N GLN B 45 0.49 28.46 5.61
CA GLN B 45 0.35 29.87 5.32
C GLN B 45 -0.55 30.20 4.12
N THR B 46 -1.14 29.16 3.48
CA THR B 46 -2.16 29.37 2.48
C THR B 46 -3.42 28.56 2.80
N LEU B 47 -4.53 28.93 2.18
CA LEU B 47 -5.78 28.09 2.38
C LEU B 47 -5.49 26.61 1.95
N LYS B 48 -4.85 26.35 0.82
CA LYS B 48 -4.49 25.05 0.30
C LYS B 48 -3.50 24.33 1.23
N GLU B 49 -2.67 25.06 1.88
CA GLU B 49 -1.72 24.46 2.84
C GLU B 49 -2.53 24.03 4.08
N THR B 50 -3.52 24.93 4.41
CA THR B 50 -4.29 24.70 5.66
C THR B 50 -5.18 23.42 5.48
N SER B 51 -5.76 23.33 4.30
CA SER B 51 -6.73 22.16 4.15
C SER B 51 -5.84 20.88 4.04
N PHE B 52 -4.65 20.93 3.41
CA PHE B 52 -3.77 19.75 3.42
C PHE B 52 -3.38 19.41 4.87
N ASN B 53 -3.03 20.42 5.66
CA ASN B 53 -2.70 20.16 7.07
C ASN B 53 -3.88 19.65 7.85
N GLN B 54 -5.09 20.19 7.65
CA GLN B 54 -6.29 19.58 8.27
C GLN B 54 -6.52 18.03 7.94
N ALA B 55 -6.33 17.69 6.66
CA ALA B 55 -6.61 16.29 6.30
C ALA B 55 -5.48 15.34 6.69
N TYR B 56 -4.22 15.75 6.51
CA TYR B 56 -3.11 14.80 6.67
C TYR B 56 -2.18 15.20 7.83
N GLY B 57 -2.40 16.25 8.57
CA GLY B 57 -1.33 16.76 9.48
C GLY B 57 -1.08 15.69 10.58
N ARG B 58 -2.22 15.29 11.19
CA ARG B 58 -2.10 14.34 12.30
C ARG B 58 -1.44 13.02 11.86
N ASP B 59 -1.85 12.43 10.72
CA ASP B 59 -1.18 11.18 10.28
C ASP B 59 0.32 11.40 10.09
N LEU B 60 0.67 12.56 9.44
CA LEU B 60 2.09 12.75 9.20
C LEU B 60 2.85 12.97 10.49
N MET B 61 2.26 13.68 11.46
CA MET B 61 2.88 13.86 12.77
C MET B 61 3.05 12.46 13.44
N GLU B 62 2.04 11.63 13.43
CA GLU B 62 2.19 10.23 13.91
C GLU B 62 3.25 9.43 13.16
N ALA B 63 3.37 9.54 11.84
CA ALA B 63 4.45 8.82 11.12
C ALA B 63 5.80 9.32 11.65
N GLN B 64 5.97 10.67 11.80
CA GLN B 64 7.15 11.15 12.45
C GLN B 64 7.36 10.62 13.88
N GLU B 65 6.34 10.46 14.76
CA GLU B 65 6.62 9.89 16.06
C GLU B 65 7.16 8.45 15.91
N TRP B 66 6.58 7.64 15.02
CA TRP B 66 7.15 6.30 14.83
C TRP B 66 8.61 6.36 14.38
N CYS B 67 8.85 7.26 13.36
CA CYS B 67 10.29 7.33 12.95
C CYS B 67 11.19 7.68 14.16
N ARG B 68 10.76 8.69 14.96
CA ARG B 68 11.55 9.05 16.13
C ARG B 68 11.62 7.86 17.09
N LYS B 69 10.57 7.00 17.17
CA LYS B 69 10.69 5.84 18.01
C LYS B 69 11.82 4.90 17.61
N TYR B 70 11.92 4.72 16.31
CA TYR B 70 12.94 3.93 15.69
C TYR B 70 14.40 4.47 15.95
N MET B 71 14.45 5.79 15.91
CA MET B 71 15.77 6.42 16.15
C MET B 71 16.27 5.94 17.47
N LYS B 72 15.41 5.87 18.46
CA LYS B 72 15.86 5.55 19.79
C LYS B 72 15.82 4.01 19.96
N SER B 73 14.88 3.27 19.48
CA SER B 73 14.80 1.82 19.65
C SER B 73 15.74 1.01 18.77
N GLY B 74 16.09 1.34 17.56
CA GLY B 74 16.82 0.45 16.60
C GLY B 74 15.90 -0.69 16.09
N ASN B 75 14.61 -0.60 16.26
CA ASN B 75 13.78 -1.76 15.83
C ASN B 75 13.07 -1.43 14.50
N VAL B 76 13.37 -1.98 13.35
CA VAL B 76 12.79 -1.72 12.08
C VAL B 76 11.29 -1.79 12.03
N LYS B 77 10.55 -2.55 12.85
CA LYS B 77 9.14 -2.56 12.99
C LYS B 77 8.55 -1.19 13.36
N ASP B 78 9.36 -0.39 14.11
CA ASP B 78 8.85 0.97 14.35
C ASP B 78 8.87 1.78 13.03
N LEU B 79 9.87 1.60 12.17
CA LEU B 79 9.85 2.35 10.91
C LEU B 79 8.83 1.80 9.97
N THR B 80 8.55 0.47 10.12
CA THR B 80 7.46 0.03 9.10
C THR B 80 6.24 0.78 9.49
N GLN B 81 5.96 0.92 10.83
CA GLN B 81 4.64 1.51 11.27
C GLN B 81 4.48 2.96 10.69
N ALA B 82 5.70 3.53 10.65
CA ALA B 82 5.66 4.92 10.00
C ALA B 82 5.30 4.82 8.53
N TRP B 83 5.80 3.73 7.79
CA TRP B 83 5.48 3.67 6.37
C TRP B 83 4.02 3.32 6.15
N ASP B 84 3.30 2.68 7.11
CA ASP B 84 1.88 2.40 6.87
C ASP B 84 1.10 3.74 6.85
N LEU B 85 1.44 4.65 7.73
CA LEU B 85 0.81 5.98 7.79
C LEU B 85 1.30 6.81 6.59
N TYR B 86 2.57 6.67 6.21
CA TYR B 86 2.96 7.46 5.03
C TYR B 86 2.21 6.98 3.77
N TYR B 87 2.04 5.68 3.63
CA TYR B 87 1.42 5.11 2.39
C TYR B 87 -0.05 5.54 2.40
N HIS B 88 -0.72 5.49 3.60
CA HIS B 88 -2.17 5.92 3.60
C HIS B 88 -2.22 7.42 3.11
N VAL B 89 -1.36 8.29 3.64
CA VAL B 89 -1.30 9.63 3.08
C VAL B 89 -1.08 9.65 1.59
N PHE B 90 -0.05 8.89 1.13
CA PHE B 90 0.31 8.91 -0.27
C PHE B 90 -0.82 8.50 -1.19
N ARG B 91 -1.55 7.41 -0.79
CA ARG B 91 -2.67 6.98 -1.53
C ARG B 91 -3.77 8.06 -1.50
N ARG B 92 -4.01 8.68 -0.39
CA ARG B 92 -5.10 9.71 -0.32
C ARG B 92 -4.75 10.88 -1.23
N ILE B 93 -3.50 11.31 -1.24
CA ILE B 93 -3.03 12.40 -2.10
C ILE B 93 -3.14 12.01 -3.57
N SER B 94 -3.05 10.72 -3.90
CA SER B 94 -2.99 10.24 -5.23
C SER B 94 -4.38 10.15 -5.88
TB TB C . -2.58 -35.58 -5.36
TB TB D . -7.65 -35.59 -6.49
#